data_8AB7
#
_entry.id   8AB7
#
_cell.length_a   1.00
_cell.length_b   1.00
_cell.length_c   1.00
_cell.angle_alpha   90.00
_cell.angle_beta   90.00
_cell.angle_gamma   90.00
#
_symmetry.space_group_name_H-M   'P 1'
#
loop_
_entity.id
_entity.type
_entity.pdbx_description
1 polymer 'Cytochrome b'
2 polymer 'Cytochrome b-c1 complex subunit Rieske, mitochondrial'
3 polymer 'Cytochrome b-c1 complex subunit 7'
4 polymer YALI0F24673p
5 polymer YALI0A14806p
6 polymer 'Cytochrome b-c1 complex subunit 2, mitochondrial'
7 polymer YALI0A17468p
8 polymer 'Cytochrome b-c1 complex subunit 8'
9 polymer 'Complex III subunit 9'
10 polymer YALI0C12210p
11 non-polymer 'PROTOPORPHYRIN IX CONTAINING FE'
12 non-polymer 1,2-DIACYL-SN-GLYCERO-3-PHOSPHOCHOLINE
13 non-polymer PHOSPHATIDYLETHANOLAMINE
14 non-polymer CARDIOLIPIN
15 non-polymer DODECYL-BETA-D-MALTOSIDE
16 non-polymer '[(2R,3S,6S,7R,8R)-3-[(3-formamido-2-oxidanyl-phenyl)carbonylamino]-8-hexyl-2,6-dimethyl-4,9-bis(oxidanylidene)-1,5-dioxonan-7-yl] 3-methylbutanoate'
17 non-polymer 2-[trans-4-(4-chlorophenyl)cyclohexyl]-3-hydroxynaphthalene-1,4-dione
18 non-polymer 'FE2/S2 (INORGANIC) CLUSTER'
19 non-polymer 1,2-DIMYRISTOYL-SN-GLYCERO-3-PHOSPHATE
20 non-polymer 'HEME C'
#
loop_
_entity_poly.entity_id
_entity_poly.type
_entity_poly.pdbx_seq_one_letter_code
_entity_poly.pdbx_strand_id
1 'polypeptide(L)'
;MALRKKNSLLNMANSYVLDSPQPSNLNYFWNFGSLLALCLVIQLATGITLAMHYTSHASLAFDSVEHIMRDVNFGWFIRY
AHANTASFFFICIYAHMGRNIYYGSYKTPRVLPWSIGVIIFLLLIITAFMGYVLVFGQMSLWGATVICNLVSAIPWLGED
IVHFLWGGFSVGNPTLQRFFALHYLMPFVLAVFALLHLIALHTAGSSNPLGITSNVDKLSMHPYYSFKDLITVFAFLLMF
TLFVFFSPDKLGHPDNYIPANPMVTPASIVPEWYLLPFYAILRAIPDKLGGVIAMVAAILILLILPIVDRSIIRGNAFKP
ISKLLFGFFICNFLLLGVLGQVHIEPPFIVLGQICTIFYFSYFLILLPMVSTIENIFFYIGSLRK
;
C,N
2 'polypeptide(L)'
;MSLLRTAAQAVKAPKAYTPLVAAKAFAQTRSVSSQPIGGKSTYKIPDFTPYLKKDRNTDANRLFSYFMIGSFGMLSAAGA
KATVQDFLSNMSASADVLAMAKVEVKLGAIPLGKNVIIKWRGKPIFIRHRTSEEIEEANEVNVATLRDPQTDDERVQKPE
WLVMIGVCTHLGCVPIGEAGDFGGWFCPCHGSHYDISGRIRRGPAPLNLEIPEYDFADAETLVIG
;
P,E
3 'polypeptide(L)'
;MASITSVVKTSELILKSPLLSKIVVPLAKTYVKFSGYRQLGFKMNDLIIEETPNMQLALRRLPPTESYDRVYRLIRATQF
SLSHKLATGNDITKPEEDDHYLIPYILDVEAEAFEKDALDNLEVVKRK
;
G,R
4 'polypeptide(L)'
;MSYFLTLASEVAESLLPTVAFASEEEKEQDEPVEVESDDDESEEKEDDDEEEDEDDDDDDDDDEVPDPAIALHEAAAEGP
CHDFKHHFDECVERVTKAQEAEDYDHAEYKEDCVEEFFHLQHCINDNTADKLFRVLK
;
F,Q
5 'polypeptide(L)'
;MNSLLRLPALKRGVFTMSKRGLATTVSPKTRTSNLKNGLTIASESNPLVQTATVGVWIDAGSRNENAYNNGTAHFFEHLA
FKGTDKRSQHQLELDIENMGGHLNAYTSRESTVYYAKSFKDDVPKSVEILADILQHSKLAESAIDREREVITRELEEVNK
QYEEVVFDHLHATAFMNQPLGRTILGPRENIQTITNTELRKFITENYTADRMVLVGAGAVDHDALVELAEKYFSHLPSSQ
SPVPLGTPRSSGEDANQNPIPNFVGSEVRLRDDTMPVAHIAIAVEGVSWTSEDYYTALVAQAIIGNYDRAVGTSRHQGSR
LSNIVSENNLANSFQSFSTSYSDTGLWGIYLTSENTTQIDDLVHFTLKEWNRLSTSVSNLQVERAKSQLKAGLLLSLDGT
TYVAEDIGRQLTTLGRRVTPAEVEAKLEAVTEHDVRAWAQKTLYDKDIALVGLGPIEGLYDYNRIRNDMSMMRW
;
A,L
6 'polypeptide(L)'
;MTRGVPRLAVAARHFSTAEAAGVKVAAQDGQSPISDLSVVLRGGSRYATVPGVSHILEKFAFQNTVPKSALRFVRELELF
GGKLYTHTTREHIVLRTQFLKQDLPYFVDAFANVLKETKFQQFELTERVAPVAELDLLKRESDPAFTALEAAHEVAFRTG
LGNSVYAQGYSPVTLEDVKEFARQVYAKQNVAVVGNNVVPADLQQLVGTAFADLQEGSKVTQAGTTTLHGGEARVRTSTG
NALTIALPIAEPKPVYHALASFLGGPASMPWSVGASPLAQATVGTHTSVKATYHNYGDAGLFAITIKGDSPAEISQVAHK
AVQALKDTGAEVTEEQAARAYAKSKFAAAEAFENPDSSASVIGMELLSGVSRIAPENVQKFTPAELSEAAAQLSASAKPV
VAAVGQVHALPFADELF
;
B,M
7 'polypeptide(L)'
;MRRRRIGVWPENRRVSRLWVSLSPRSCVTCPVPTNQNPPINNHHTPILTQMFKAIPLRQALLGISSAVCAGATTTYYYTT
KAEAMTAAEHGLHPAEYPWPQNGMLSTFDHASLRRGYQVYKEVCAACHSLDRIAWRNLVGVTHTTDEAKAFAEELEYDDE
PDDEGNPRKRPGKLADYIPGPYPNEQAARAANQGALPPDLSLIAKARHGGADYIFALLTGYPDEPPAGVVLAPGMNYNPY
FPGGGIGMARTLFDGVVEYEDGTPATTSQMAKDVAAFLTWAAEPEHDERKKLGLKAIIVISAMLGLSVYIKKFKWSPIKN
RKFIYNPPKN
;
D,O
8 'polypeptide(L)'
;MGGNGHYMGWWGHMGSPPQKGIAGYTISPFAARPFAGVVHAAIFNTFRRTKNQALFVILPVSFFYYVWTQASEKNEWLYT
KAGRHELAKALAE
;
H,S
9 'polypeptide(L)' MAWATTFYNVFVKRNSAFVATILASAFVFDMTFETAIDNFWDRINAGKQWKDIRHKYIEAAGDDDEDDE I,T
10 'polypeptide(L)'
;MICGEGDYVKKPSYKIVPHFLGFNIPTVSKWIPIFGIWGAAAGIGALFLIEGVPRTRQDILSKIPIIGEHWIREIPASDN
PF
;
J,U
#
# COMPACT_ATOMS: atom_id res chain seq x y z
N MET A 1 16.55 -7.41 -5.81
CA MET A 1 15.66 -6.93 -4.68
C MET A 1 15.02 -8.11 -3.95
N ALA A 2 15.00 -8.01 -2.60
CA ALA A 2 14.58 -9.07 -1.68
C ALA A 2 13.14 -9.45 -1.97
N LEU A 3 12.85 -10.75 -1.93
CA LEU A 3 11.51 -11.22 -2.17
C LEU A 3 10.51 -10.50 -1.27
N ARG A 4 10.91 -10.28 -0.01
CA ARG A 4 9.99 -9.70 0.95
C ARG A 4 9.58 -8.29 0.51
N LYS A 5 10.35 -7.70 -0.42
CA LYS A 5 10.06 -6.36 -0.87
C LYS A 5 9.39 -6.39 -2.24
N LYS A 6 9.67 -7.45 -3.02
CA LYS A 6 9.28 -7.56 -4.42
C LYS A 6 7.82 -7.96 -4.50
N ASN A 7 7.47 -9.01 -3.75
CA ASN A 7 6.17 -9.63 -3.82
C ASN A 7 5.15 -8.74 -3.10
N SER A 8 4.05 -8.43 -3.77
CA SER A 8 3.10 -7.46 -3.24
C SER A 8 2.51 -7.90 -1.90
N LEU A 9 2.17 -9.18 -1.78
CA LEU A 9 1.56 -9.63 -0.54
C LEU A 9 2.59 -9.59 0.59
N LEU A 10 3.76 -10.21 0.38
CA LEU A 10 4.80 -10.23 1.38
C LEU A 10 5.16 -8.82 1.75
N ASN A 11 5.10 -7.90 0.78
CA ASN A 11 5.54 -6.53 1.00
C ASN A 11 4.62 -5.84 1.98
N MET A 12 3.35 -6.18 1.94
CA MET A 12 2.47 -5.61 2.93
C MET A 12 2.78 -6.17 4.32
N ALA A 13 3.03 -7.49 4.44
CA ALA A 13 3.37 -8.06 5.73
C ALA A 13 4.67 -7.43 6.22
N ASN A 14 5.64 -7.37 5.31
CA ASN A 14 6.95 -6.84 5.59
C ASN A 14 6.80 -5.44 6.17
N SER A 15 5.94 -4.65 5.55
CA SER A 15 5.86 -3.28 5.96
C SER A 15 5.28 -3.13 7.36
N TYR A 16 4.68 -4.20 7.89
CA TYR A 16 3.99 -4.07 9.16
C TYR A 16 4.78 -4.77 10.25
N VAL A 17 5.42 -5.88 9.90
CA VAL A 17 5.91 -6.68 11.00
C VAL A 17 7.41 -6.89 10.90
N LEU A 18 8.02 -6.43 9.81
CA LEU A 18 9.41 -6.75 9.72
C LEU A 18 10.23 -5.48 9.48
N ASP A 19 10.12 -4.89 8.29
CA ASP A 19 10.89 -3.70 8.01
C ASP A 19 10.29 -2.45 8.62
N SER A 20 9.10 -2.53 9.22
CA SER A 20 8.44 -1.31 9.67
C SER A 20 9.38 -0.45 10.51
N PRO A 21 9.74 0.81 10.17
CA PRO A 21 10.71 1.54 10.96
C PRO A 21 10.06 2.14 12.19
N GLN A 22 10.56 1.72 13.35
CA GLN A 22 10.00 2.21 14.59
C GLN A 22 10.99 3.10 15.32
N PRO A 23 10.54 3.99 16.21
CA PRO A 23 11.48 4.83 16.95
C PRO A 23 12.30 3.89 17.82
N SER A 24 13.53 4.28 18.14
CA SER A 24 14.36 3.29 18.80
C SER A 24 14.18 3.30 20.32
N ASN A 25 13.31 4.17 20.82
CA ASN A 25 13.29 4.32 22.24
C ASN A 25 11.91 4.02 22.83
N LEU A 26 11.07 3.23 22.16
CA LEU A 26 9.74 2.93 22.69
C LEU A 26 9.93 2.14 23.98
N ASN A 27 9.18 2.51 25.03
CA ASN A 27 9.35 1.84 26.31
C ASN A 27 8.30 0.75 26.43
N TYR A 28 8.13 0.15 27.61
CA TYR A 28 7.26 -1.01 27.71
C TYR A 28 5.79 -0.68 27.53
N PHE A 29 5.45 0.59 27.64
CA PHE A 29 4.07 0.90 27.40
C PHE A 29 3.72 0.82 25.92
N TRP A 30 4.71 0.65 25.05
CA TRP A 30 4.38 0.47 23.63
C TRP A 30 4.08 -0.99 23.38
N ASN A 31 4.06 -1.78 24.44
CA ASN A 31 3.85 -3.19 24.20
C ASN A 31 2.38 -3.56 24.26
N PHE A 32 1.51 -2.62 24.63
CA PHE A 32 0.12 -3.01 24.83
C PHE A 32 -0.54 -3.27 23.50
N GLY A 33 -0.08 -2.60 22.46
CA GLY A 33 -0.62 -2.79 21.14
C GLY A 33 -0.53 -4.26 20.75
N SER A 34 0.66 -4.85 20.92
CA SER A 34 0.76 -6.24 20.59
C SER A 34 0.06 -7.11 21.62
N LEU A 35 -0.01 -6.72 22.90
CA LEU A 35 -0.81 -7.56 23.76
C LEU A 35 -2.26 -7.52 23.34
N LEU A 36 -2.79 -6.37 22.92
CA LEU A 36 -4.16 -6.34 22.50
C LEU A 36 -4.29 -7.20 21.27
N ALA A 37 -3.26 -7.26 20.43
CA ALA A 37 -3.35 -8.17 19.30
C ALA A 37 -3.39 -9.62 19.76
N LEU A 38 -2.57 -9.96 20.75
CA LEU A 38 -2.60 -11.30 21.30
C LEU A 38 -3.93 -11.62 21.98
N CYS A 39 -4.50 -10.67 22.73
CA CYS A 39 -5.79 -10.89 23.33
C CYS A 39 -6.77 -11.15 22.21
N LEU A 40 -6.67 -10.38 21.14
CA LEU A 40 -7.65 -10.53 20.10
C LEU A 40 -7.51 -11.89 19.45
N VAL A 41 -6.28 -12.35 19.28
CA VAL A 41 -6.11 -13.69 18.75
C VAL A 41 -6.60 -14.77 19.73
N ILE A 42 -6.33 -14.62 21.03
CA ILE A 42 -6.83 -15.59 21.98
C ILE A 42 -8.36 -15.62 21.97
N GLN A 43 -8.95 -14.43 21.96
CA GLN A 43 -10.38 -14.35 21.98
C GLN A 43 -10.93 -14.99 20.72
N LEU A 44 -10.27 -14.80 19.57
CA LEU A 44 -10.87 -15.43 18.41
C LEU A 44 -10.75 -16.94 18.54
N ALA A 45 -9.62 -17.43 19.06
CA ALA A 45 -9.46 -18.86 19.07
C ALA A 45 -10.40 -19.45 20.09
N THR A 46 -10.41 -18.89 21.29
CA THR A 46 -11.27 -19.52 22.27
C THR A 46 -12.72 -19.27 21.93
N GLY A 47 -13.01 -18.08 21.41
CA GLY A 47 -14.39 -17.74 21.08
C GLY A 47 -14.95 -18.68 20.02
N ILE A 48 -14.21 -18.89 18.93
CA ILE A 48 -14.76 -19.71 17.87
C ILE A 48 -14.91 -21.10 18.45
N THR A 49 -13.98 -21.51 19.30
CA THR A 49 -14.10 -22.82 19.91
C THR A 49 -15.33 -22.91 20.80
N LEU A 50 -15.60 -21.90 21.63
CA LEU A 50 -16.82 -21.95 22.42
C LEU A 50 -18.01 -21.97 21.50
N ALA A 51 -17.96 -21.26 20.38
CA ALA A 51 -19.11 -21.26 19.50
C ALA A 51 -19.36 -22.65 18.96
N MET A 52 -18.35 -23.50 18.96
CA MET A 52 -18.62 -24.84 18.49
C MET A 52 -19.36 -25.66 19.53
N HIS A 53 -19.59 -25.11 20.73
CA HIS A 53 -20.10 -25.95 21.80
C HIS A 53 -21.28 -25.28 22.46
N TYR A 54 -21.50 -24.03 22.07
CA TYR A 54 -22.46 -23.24 22.82
C TYR A 54 -23.77 -23.21 22.06
N THR A 55 -24.88 -23.14 22.76
CA THR A 55 -26.11 -23.16 22.01
C THR A 55 -26.83 -21.88 22.32
N SER A 56 -27.27 -21.15 21.30
CA SER A 56 -27.65 -19.77 21.51
C SER A 56 -29.08 -19.68 22.01
N HIS A 57 -29.82 -20.78 21.91
CA HIS A 57 -31.21 -20.78 22.32
C HIS A 57 -31.34 -20.54 23.82
N ALA A 58 -32.20 -19.63 24.26
CA ALA A 58 -32.30 -19.28 25.68
C ALA A 58 -32.61 -20.49 26.57
N SER A 59 -33.28 -21.49 26.02
CA SER A 59 -33.63 -22.62 26.85
C SER A 59 -32.39 -23.48 27.11
N LEU A 60 -31.33 -23.26 26.34
CA LEU A 60 -30.21 -24.16 26.39
C LEU A 60 -28.90 -23.44 26.68
N ALA A 61 -28.89 -22.10 26.67
CA ALA A 61 -27.65 -21.34 26.58
C ALA A 61 -26.87 -21.56 27.84
N PHE A 62 -27.52 -21.28 28.98
CA PHE A 62 -26.83 -21.41 30.24
C PHE A 62 -26.37 -22.85 30.43
N ASP A 63 -27.23 -23.79 30.08
CA ASP A 63 -26.87 -25.18 30.21
C ASP A 63 -25.74 -25.53 29.27
N SER A 64 -25.65 -24.87 28.11
CA SER A 64 -24.58 -25.26 27.20
C SER A 64 -23.27 -24.72 27.75
N VAL A 65 -23.34 -23.64 28.51
CA VAL A 65 -22.12 -23.16 29.11
C VAL A 65 -21.72 -24.10 30.23
N GLU A 66 -22.68 -24.66 30.96
CA GLU A 66 -22.30 -25.64 31.97
C GLU A 66 -21.76 -26.90 31.32
N HIS A 67 -22.29 -27.25 30.16
CA HIS A 67 -21.84 -28.44 29.48
C HIS A 67 -20.41 -28.21 29.02
N ILE A 68 -20.11 -26.97 28.64
CA ILE A 68 -18.76 -26.63 28.21
C ILE A 68 -17.83 -26.81 29.40
N MET A 69 -18.22 -26.28 30.55
CA MET A 69 -17.40 -26.38 31.74
C MET A 69 -17.16 -27.85 32.12
N ARG A 70 -18.20 -28.67 31.98
CA ARG A 70 -18.19 -29.96 32.64
C ARG A 70 -17.82 -31.12 31.72
N ASP A 71 -18.27 -31.08 30.44
CA ASP A 71 -18.27 -32.28 29.62
C ASP A 71 -17.25 -32.19 28.48
N VAL A 72 -17.16 -31.02 27.86
CA VAL A 72 -16.20 -30.77 26.80
C VAL A 72 -14.77 -30.91 27.32
N ASN A 73 -13.90 -31.65 26.62
CA ASN A 73 -12.53 -31.78 27.08
C ASN A 73 -11.85 -30.42 27.03
N PHE A 74 -11.26 -30.01 28.15
CA PHE A 74 -10.62 -28.72 28.27
C PHE A 74 -11.62 -27.59 28.11
N GLY A 75 -12.89 -27.91 28.28
CA GLY A 75 -13.87 -26.86 28.09
C GLY A 75 -13.68 -25.80 29.15
N TRP A 76 -13.27 -26.23 30.35
CA TRP A 76 -13.13 -25.28 31.43
C TRP A 76 -12.07 -24.27 31.06
N PHE A 77 -11.03 -24.77 30.42
CA PHE A 77 -9.93 -23.90 30.11
C PHE A 77 -10.41 -22.93 29.07
N ILE A 78 -11.05 -23.44 28.04
CA ILE A 78 -11.42 -22.58 26.94
C ILE A 78 -12.39 -21.55 27.44
N ARG A 79 -13.27 -21.93 28.36
CA ARG A 79 -14.27 -20.97 28.77
C ARG A 79 -13.60 -19.91 29.64
N TYR A 80 -12.77 -20.34 30.58
CA TYR A 80 -12.19 -19.37 31.48
C TYR A 80 -11.18 -18.53 30.74
N ALA A 81 -10.51 -19.11 29.76
CA ALA A 81 -9.55 -18.35 29.02
C ALA A 81 -10.30 -17.27 28.28
N HIS A 82 -11.48 -17.60 27.76
CA HIS A 82 -12.18 -16.61 26.99
C HIS A 82 -12.67 -15.53 27.91
N ALA A 83 -13.17 -15.93 29.07
CA ALA A 83 -13.73 -14.94 29.97
C ALA A 83 -12.63 -14.07 30.55
N ASN A 84 -11.49 -14.67 30.86
CA ASN A 84 -10.49 -13.91 31.55
C ASN A 84 -9.77 -13.02 30.56
N THR A 85 -9.57 -13.52 29.36
CA THR A 85 -8.91 -12.68 28.38
C THR A 85 -9.76 -11.46 28.08
N ALA A 86 -11.08 -11.59 28.21
CA ALA A 86 -11.89 -10.41 28.01
C ALA A 86 -11.51 -9.37 29.05
N SER A 87 -11.18 -9.78 30.29
CA SER A 87 -10.76 -8.82 31.29
C SER A 87 -9.37 -8.28 30.97
N PHE A 88 -8.49 -9.15 30.50
CA PHE A 88 -7.15 -8.70 30.20
C PHE A 88 -7.18 -7.77 29.01
N PHE A 89 -8.08 -8.04 28.08
CA PHE A 89 -8.25 -7.17 26.94
C PHE A 89 -8.56 -5.77 27.47
N PHE A 90 -9.34 -5.66 28.52
CA PHE A 90 -9.64 -4.31 28.93
C PHE A 90 -8.53 -3.70 29.74
N ILE A 91 -7.81 -4.54 30.47
CA ILE A 91 -6.69 -3.95 31.17
C ILE A 91 -5.80 -3.38 30.08
N CYS A 92 -5.50 -4.18 29.05
CA CYS A 92 -4.54 -3.75 28.07
C CYS A 92 -5.08 -2.56 27.30
N ILE A 93 -6.37 -2.47 27.07
CA ILE A 93 -6.83 -1.40 26.20
C ILE A 93 -6.88 -0.10 26.98
N TYR A 94 -7.15 -0.18 28.27
CA TYR A 94 -7.08 1.03 29.05
C TYR A 94 -5.62 1.44 29.16
N ALA A 95 -4.71 0.47 29.30
CA ALA A 95 -3.29 0.77 29.39
C ALA A 95 -2.84 1.43 28.09
N HIS A 96 -3.33 0.90 26.98
CA HIS A 96 -2.94 1.38 25.70
C HIS A 96 -3.52 2.76 25.51
N MET A 97 -4.77 2.98 25.89
CA MET A 97 -5.28 4.33 25.73
C MET A 97 -4.62 5.27 26.72
N GLY A 98 -4.31 4.75 27.92
CA GLY A 98 -3.55 5.52 28.88
C GLY A 98 -2.23 5.98 28.26
N ARG A 99 -1.51 5.04 27.66
CA ARG A 99 -0.23 5.37 27.09
C ARG A 99 -0.47 6.46 26.07
N ASN A 100 -1.49 6.28 25.25
CA ASN A 100 -1.67 7.26 24.21
C ASN A 100 -1.99 8.62 24.77
N ILE A 101 -2.75 8.67 25.88
CA ILE A 101 -3.11 10.00 26.36
C ILE A 101 -1.90 10.64 27.03
N TYR A 102 -1.12 9.84 27.74
CA TYR A 102 0.02 10.39 28.43
C TYR A 102 1.07 10.89 27.44
N TYR A 103 1.30 10.15 26.37
CA TYR A 103 2.36 10.60 25.51
C TYR A 103 1.84 11.36 24.31
N GLY A 104 0.59 11.81 24.37
CA GLY A 104 0.16 12.76 23.38
C GLY A 104 0.11 12.08 22.03
N SER A 105 -0.18 10.78 22.04
CA SER A 105 -0.30 10.07 20.77
C SER A 105 -1.53 10.55 20.04
N TYR A 106 -2.41 11.26 20.71
CA TYR A 106 -3.58 11.68 19.99
C TYR A 106 -3.29 12.94 19.18
N LYS A 107 -2.14 13.60 19.36
CA LYS A 107 -1.97 14.86 18.66
C LYS A 107 -1.57 14.59 17.22
N THR A 108 -1.76 15.62 16.38
CA THR A 108 -1.27 15.58 15.00
C THR A 108 0.18 15.13 15.02
N PRO A 109 0.62 14.25 14.10
CA PRO A 109 -0.20 13.81 12.98
C PRO A 109 -0.91 12.49 13.24
N ARG A 110 -1.32 12.23 14.47
CA ARG A 110 -1.89 10.92 14.70
C ARG A 110 -3.33 11.05 15.12
N VAL A 111 -4.03 12.07 14.67
CA VAL A 111 -5.39 12.17 15.14
C VAL A 111 -6.23 11.07 14.52
N LEU A 112 -5.87 10.64 13.31
CA LEU A 112 -6.72 9.64 12.71
C LEU A 112 -6.62 8.31 13.46
N PRO A 113 -5.45 7.70 13.72
CA PRO A 113 -5.41 6.44 14.43
C PRO A 113 -6.04 6.59 15.79
N TRP A 114 -5.99 7.79 16.36
CA TRP A 114 -6.56 7.98 17.67
C TRP A 114 -8.07 7.87 17.57
N SER A 115 -8.61 8.55 16.57
CA SER A 115 -10.05 8.61 16.43
C SER A 115 -10.62 7.27 16.01
N ILE A 116 -9.90 6.53 15.17
CA ILE A 116 -10.33 5.20 14.85
C ILE A 116 -10.23 4.36 16.11
N GLY A 117 -9.21 4.62 16.89
CA GLY A 117 -9.07 3.89 18.14
C GLY A 117 -10.28 4.12 19.02
N VAL A 118 -10.81 5.33 19.06
CA VAL A 118 -11.93 5.54 19.96
C VAL A 118 -13.09 4.69 19.54
N ILE A 119 -13.21 4.47 18.24
CA ILE A 119 -14.27 3.59 17.82
C ILE A 119 -13.96 2.13 18.17
N ILE A 120 -12.69 1.73 18.12
CA ILE A 120 -12.37 0.38 18.52
C ILE A 120 -12.77 0.21 19.98
N PHE A 121 -12.62 1.26 20.77
CA PHE A 121 -12.88 1.15 22.19
C PHE A 121 -14.38 0.93 22.39
N LEU A 122 -15.20 1.68 21.64
CA LEU A 122 -16.62 1.47 21.72
C LEU A 122 -17.00 0.09 21.22
N LEU A 123 -16.40 -0.37 20.12
CA LEU A 123 -16.75 -1.70 19.65
C LEU A 123 -16.34 -2.74 20.67
N LEU A 124 -15.24 -2.53 21.39
CA LEU A 124 -14.82 -3.56 22.32
C LEU A 124 -15.86 -3.62 23.42
N ILE A 125 -16.33 -2.46 23.86
CA ILE A 125 -17.33 -2.47 24.92
C ILE A 125 -18.53 -3.24 24.41
N ILE A 126 -19.01 -2.96 23.21
CA ILE A 126 -20.21 -3.62 22.75
C ILE A 126 -19.96 -5.12 22.55
N THR A 127 -18.77 -5.49 22.06
CA THR A 127 -18.45 -6.88 21.83
C THR A 127 -18.45 -7.59 23.17
N ALA A 128 -17.61 -7.17 24.10
CA ALA A 128 -17.47 -7.85 25.36
C ALA A 128 -18.82 -7.90 26.07
N PHE A 129 -19.67 -6.87 25.89
CA PHE A 129 -20.96 -6.87 26.54
C PHE A 129 -21.86 -7.94 25.94
N MET A 130 -21.99 -7.91 24.63
CA MET A 130 -22.81 -8.90 23.95
C MET A 130 -22.35 -10.30 24.31
N GLY A 131 -21.08 -10.42 24.69
CA GLY A 131 -20.53 -11.71 25.00
C GLY A 131 -20.96 -12.09 26.39
N TYR A 132 -20.94 -11.12 27.29
CA TYR A 132 -21.45 -11.31 28.64
C TYR A 132 -22.87 -11.86 28.62
N VAL A 133 -23.69 -11.30 27.75
CA VAL A 133 -25.08 -11.70 27.73
C VAL A 133 -25.21 -13.15 27.31
N LEU A 134 -24.27 -13.68 26.54
CA LEU A 134 -24.57 -15.00 26.01
C LEU A 134 -24.65 -16.07 27.07
N VAL A 135 -24.04 -15.87 28.25
CA VAL A 135 -24.10 -16.88 29.29
C VAL A 135 -25.53 -17.10 29.73
N PHE A 136 -26.31 -16.02 29.71
CA PHE A 136 -27.70 -15.99 30.12
C PHE A 136 -27.86 -16.43 31.56
N GLY A 137 -26.91 -15.99 32.39
CA GLY A 137 -27.06 -16.00 33.84
C GLY A 137 -27.85 -14.76 34.29
N GLN A 138 -27.95 -14.51 35.59
CA GLN A 138 -28.76 -13.40 36.07
C GLN A 138 -28.17 -12.10 35.62
N MET A 139 -26.86 -11.90 35.80
CA MET A 139 -26.33 -10.61 35.37
C MET A 139 -26.45 -10.42 33.87
N SER A 140 -26.31 -11.51 33.10
CA SER A 140 -26.42 -11.44 31.66
C SER A 140 -27.78 -10.90 31.27
N LEU A 141 -28.85 -11.42 31.83
CA LEU A 141 -30.16 -11.04 31.35
C LEU A 141 -30.37 -9.60 31.72
N TRP A 142 -29.93 -9.20 32.91
CA TRP A 142 -30.22 -7.83 33.27
C TRP A 142 -29.38 -6.86 32.49
N GLY A 143 -28.17 -7.28 32.22
CA GLY A 143 -27.30 -6.47 31.43
C GLY A 143 -27.98 -6.21 30.10
N ALA A 144 -28.55 -7.26 29.49
CA ALA A 144 -29.15 -7.10 28.19
C ALA A 144 -30.28 -6.10 28.29
N THR A 145 -31.10 -6.22 29.33
CA THR A 145 -32.19 -5.27 29.50
C THR A 145 -31.69 -3.85 29.55
N VAL A 146 -30.67 -3.65 30.36
CA VAL A 146 -30.20 -2.29 30.52
C VAL A 146 -29.66 -1.70 29.22
N ILE A 147 -28.83 -2.45 28.50
CA ILE A 147 -28.18 -1.86 27.36
C ILE A 147 -29.16 -1.59 26.24
N CYS A 148 -30.08 -2.52 26.05
CA CYS A 148 -31.04 -2.26 24.99
C CYS A 148 -32.00 -1.13 25.34
N ASN A 149 -32.12 -0.83 26.61
CA ASN A 149 -32.95 0.27 26.99
C ASN A 149 -32.17 1.57 26.96
N LEU A 150 -30.89 1.54 26.58
CA LEU A 150 -30.25 2.83 26.54
C LEU A 150 -30.75 3.59 25.34
N VAL A 151 -31.42 2.85 24.45
CA VAL A 151 -31.95 3.46 23.26
C VAL A 151 -33.31 4.10 23.59
N SER A 152 -33.91 3.65 24.70
CA SER A 152 -35.13 4.27 25.19
C SER A 152 -34.91 5.75 25.50
N ALA A 153 -33.64 6.11 25.79
CA ALA A 153 -33.26 7.49 25.99
C ALA A 153 -33.64 8.31 24.76
N ILE A 154 -33.30 7.82 23.56
CA ILE A 154 -33.69 8.43 22.29
C ILE A 154 -35.21 8.60 22.35
N PRO A 155 -35.75 9.84 22.15
CA PRO A 155 -37.18 10.10 22.37
C PRO A 155 -38.06 9.51 21.28
N TRP A 156 -39.39 9.44 21.49
CA TRP A 156 -40.31 9.03 20.44
C TRP A 156 -40.06 7.59 19.97
N LEU A 157 -39.33 7.39 18.86
CA LEU A 157 -38.93 6.11 18.29
C LEU A 157 -38.17 5.22 19.29
N GLY A 158 -37.50 5.84 20.26
CA GLY A 158 -36.61 5.16 21.19
C GLY A 158 -37.14 3.84 21.74
N GLU A 159 -38.39 3.88 22.23
CA GLU A 159 -39.05 2.77 22.90
C GLU A 159 -39.33 1.65 21.91
N ASP A 160 -39.74 2.00 20.67
CA ASP A 160 -39.95 1.04 19.60
C ASP A 160 -38.63 0.37 19.22
N ILE A 161 -37.53 1.14 19.23
CA ILE A 161 -36.19 0.59 18.94
C ILE A 161 -35.85 -0.48 19.96
N VAL A 162 -36.16 -0.20 21.22
CA VAL A 162 -35.85 -1.16 22.27
C VAL A 162 -36.50 -2.49 21.92
N HIS A 163 -37.78 -2.44 21.57
CA HIS A 163 -38.51 -3.65 21.26
C HIS A 163 -37.93 -4.36 20.04
N PHE A 164 -37.52 -3.56 19.06
CA PHE A 164 -36.91 -4.07 17.85
C PHE A 164 -35.59 -4.76 18.18
N LEU A 165 -34.81 -4.20 19.10
CA LEU A 165 -33.54 -4.83 19.43
C LEU A 165 -33.76 -6.11 20.18
N TRP A 166 -34.77 -6.15 21.04
CA TRP A 166 -35.02 -7.35 21.81
C TRP A 166 -35.63 -8.44 20.94
N GLY A 167 -36.39 -7.98 19.94
CA GLY A 167 -37.17 -8.87 19.13
C GLY A 167 -38.32 -9.42 19.96
N GLY A 168 -38.84 -8.60 20.86
CA GLY A 168 -39.83 -9.11 21.79
C GLY A 168 -40.24 -7.96 22.69
N PHE A 169 -40.92 -8.30 23.78
CA PHE A 169 -41.35 -7.28 24.71
C PHE A 169 -40.41 -7.20 25.89
N SER A 170 -39.49 -8.15 25.89
CA SER A 170 -38.56 -8.31 26.98
C SER A 170 -37.35 -9.01 26.42
N VAL A 171 -36.28 -9.05 27.20
CA VAL A 171 -35.17 -9.83 26.75
C VAL A 171 -35.52 -11.29 26.93
N GLY A 172 -35.34 -12.02 25.84
CA GLY A 172 -35.65 -13.43 25.87
C GLY A 172 -34.86 -14.15 24.81
N ASN A 173 -35.45 -15.24 24.34
CA ASN A 173 -34.75 -16.09 23.41
C ASN A 173 -34.29 -15.29 22.20
N PRO A 174 -35.16 -14.48 21.57
CA PRO A 174 -34.81 -13.77 20.34
C PRO A 174 -33.59 -12.91 20.57
N THR A 175 -33.49 -12.39 21.80
CA THR A 175 -32.46 -11.41 22.07
C THR A 175 -31.15 -12.16 22.17
N LEU A 176 -31.23 -13.31 22.80
CA LEU A 176 -30.02 -14.02 23.07
C LEU A 176 -29.45 -14.54 21.76
N GLN A 177 -30.30 -15.00 20.86
CA GLN A 177 -29.78 -15.52 19.62
C GLN A 177 -29.20 -14.39 18.78
N ARG A 178 -29.74 -13.20 18.86
CA ARG A 178 -29.18 -12.11 18.07
C ARG A 178 -27.92 -11.59 18.71
N PHE A 179 -27.82 -11.68 20.03
CA PHE A 179 -26.55 -11.30 20.62
C PHE A 179 -25.50 -12.32 20.25
N PHE A 180 -25.88 -13.58 20.11
CA PHE A 180 -24.88 -14.52 19.75
C PHE A 180 -24.35 -14.18 18.37
N ALA A 181 -25.26 -13.86 17.44
CA ALA A 181 -24.82 -13.60 16.08
C ALA A 181 -23.89 -12.41 16.08
N LEU A 182 -24.29 -11.37 16.80
CA LEU A 182 -23.49 -10.17 16.74
C LEU A 182 -22.25 -10.29 17.57
N HIS A 183 -22.28 -11.02 18.67
CA HIS A 183 -21.05 -11.18 19.39
C HIS A 183 -20.06 -11.94 18.55
N TYR A 184 -20.49 -12.88 17.72
CA TYR A 184 -19.51 -13.58 16.92
C TYR A 184 -18.96 -12.60 15.88
N LEU A 185 -19.84 -11.76 15.32
CA LEU A 185 -19.47 -10.87 14.23
C LEU A 185 -18.56 -9.74 14.70
N MET A 186 -18.94 -9.04 15.78
CA MET A 186 -18.33 -7.81 16.27
C MET A 186 -16.81 -7.90 16.37
N PRO A 187 -16.21 -8.96 16.91
CA PRO A 187 -14.77 -9.12 16.89
C PRO A 187 -14.12 -9.09 15.53
N PHE A 188 -14.80 -9.56 14.49
CA PHE A 188 -14.13 -9.43 13.21
C PHE A 188 -14.17 -8.00 12.74
N VAL A 189 -15.26 -7.30 13.02
CA VAL A 189 -15.32 -5.88 12.73
C VAL A 189 -14.25 -5.16 13.52
N LEU A 190 -14.04 -5.57 14.75
CA LEU A 190 -13.08 -4.92 15.62
C LEU A 190 -11.68 -5.21 15.11
N ALA A 191 -11.41 -6.41 14.60
CA ALA A 191 -10.10 -6.63 14.03
C ALA A 191 -9.90 -5.79 12.77
N VAL A 192 -10.94 -5.53 11.99
CA VAL A 192 -10.79 -4.62 10.86
C VAL A 192 -10.41 -3.25 11.36
N PHE A 193 -11.11 -2.76 12.37
CA PHE A 193 -10.81 -1.42 12.82
C PHE A 193 -9.44 -1.37 13.45
N ALA A 194 -9.01 -2.47 14.08
CA ALA A 194 -7.71 -2.47 14.71
C ALA A 194 -6.68 -2.35 13.60
N LEU A 195 -6.95 -3.06 12.50
CA LEU A 195 -6.02 -3.01 11.41
C LEU A 195 -6.03 -1.62 10.82
N LEU A 196 -7.21 -1.03 10.68
CA LEU A 196 -7.29 0.28 10.09
C LEU A 196 -6.57 1.27 10.97
N HIS A 197 -6.64 1.16 12.30
CA HIS A 197 -5.97 2.26 12.94
C HIS A 197 -4.47 2.11 12.80
N LEU A 198 -4.00 0.91 12.54
CA LEU A 198 -2.57 0.78 12.26
C LEU A 198 -2.21 1.34 10.90
N ILE A 199 -3.09 1.12 9.93
CA ILE A 199 -2.80 1.64 8.61
C ILE A 199 -2.80 3.16 8.69
N ALA A 200 -3.71 3.73 9.49
CA ALA A 200 -3.68 5.17 9.64
C ALA A 200 -2.41 5.61 10.33
N LEU A 201 -1.94 4.80 11.27
CA LEU A 201 -0.75 5.20 11.98
C LEU A 201 0.48 5.09 11.08
N HIS A 202 0.39 4.33 10.01
CA HIS A 202 1.62 4.01 9.31
C HIS A 202 2.11 5.21 8.54
N THR A 203 1.26 6.22 8.38
CA THR A 203 1.74 7.43 7.75
C THR A 203 2.70 8.20 8.64
N ALA A 204 2.46 8.23 9.96
CA ALA A 204 3.24 9.07 10.84
C ALA A 204 4.28 8.24 11.57
N GLY A 205 4.02 6.94 11.63
CA GLY A 205 4.81 6.07 12.48
C GLY A 205 4.43 6.24 13.94
N SER A 206 4.95 5.31 14.74
CA SER A 206 4.68 5.37 16.16
C SER A 206 5.22 6.68 16.71
N SER A 207 4.51 7.21 17.70
CA SER A 207 5.09 8.23 18.53
C SER A 207 6.16 7.59 19.40
N ASN A 208 6.85 8.40 20.20
CA ASN A 208 7.81 7.79 21.09
C ASN A 208 7.71 8.47 22.44
N PRO A 209 8.30 7.94 23.50
CA PRO A 209 8.12 8.55 24.79
C PRO A 209 8.74 9.93 24.91
N LEU A 210 9.60 10.37 23.98
CA LEU A 210 10.05 11.75 24.17
C LEU A 210 9.11 12.74 23.49
N GLY A 211 8.32 12.21 22.56
CA GLY A 211 7.46 13.07 21.76
C GLY A 211 8.20 13.89 20.71
N ILE A 212 9.45 13.55 20.45
CA ILE A 212 10.19 14.22 19.40
C ILE A 212 10.04 13.34 18.17
N THR A 213 10.47 13.85 17.02
CA THR A 213 10.55 13.03 15.83
C THR A 213 11.49 11.86 16.06
N SER A 214 11.17 10.71 15.45
CA SER A 214 12.11 9.61 15.51
C SER A 214 12.74 9.39 14.14
N ASN A 215 12.43 10.28 13.21
CA ASN A 215 12.92 10.15 11.85
C ASN A 215 14.44 10.11 11.83
N VAL A 216 15.06 10.62 12.89
CA VAL A 216 16.51 10.69 12.98
C VAL A 216 17.11 9.33 13.36
N ASP A 217 16.32 8.41 13.92
CA ASP A 217 16.88 7.23 14.55
C ASP A 217 15.89 6.06 14.60
N LYS A 218 15.82 5.30 13.52
CA LYS A 218 14.78 4.29 13.46
C LYS A 218 15.38 2.90 13.57
N LEU A 219 14.55 1.96 13.98
CA LEU A 219 14.97 0.60 14.22
C LEU A 219 13.92 -0.29 13.58
N SER A 220 14.34 -1.37 12.95
CA SER A 220 13.37 -2.24 12.29
C SER A 220 12.47 -2.87 13.34
N MET A 221 11.18 -3.01 13.04
CA MET A 221 10.24 -3.64 13.94
C MET A 221 10.79 -4.99 14.40
N HIS A 222 11.36 -5.79 13.50
CA HIS A 222 11.98 -7.03 13.90
C HIS A 222 13.45 -6.93 13.54
N PRO A 223 14.42 -7.39 14.35
CA PRO A 223 14.13 -8.16 15.56
C PRO A 223 13.80 -7.40 16.83
N TYR A 224 13.94 -6.09 16.83
CA TYR A 224 13.97 -5.43 18.12
C TYR A 224 12.64 -5.45 18.84
N TYR A 225 11.59 -5.09 18.14
CA TYR A 225 10.37 -5.01 18.88
C TYR A 225 9.68 -6.35 18.89
N SER A 226 9.99 -7.22 17.95
CA SER A 226 9.45 -8.57 18.04
C SER A 226 9.89 -9.23 19.33
N PHE A 227 11.18 -9.09 19.67
CA PHE A 227 11.69 -9.75 20.84
C PHE A 227 11.27 -9.02 22.10
N LYS A 228 11.02 -7.72 21.96
CA LYS A 228 10.61 -6.92 23.09
C LYS A 228 9.17 -7.26 23.42
N ASP A 229 8.38 -7.51 22.39
CA ASP A 229 6.98 -7.89 22.57
C ASP A 229 6.85 -9.29 23.14
N LEU A 230 7.81 -10.18 22.91
CA LEU A 230 7.77 -11.47 23.59
C LEU A 230 7.86 -11.34 25.10
N ILE A 231 8.62 -10.38 25.62
CA ILE A 231 8.70 -10.28 27.05
C ILE A 231 7.31 -10.04 27.57
N THR A 232 6.56 -9.15 26.94
CA THR A 232 5.27 -8.89 27.53
C THR A 232 4.31 -10.02 27.20
N VAL A 233 4.48 -10.70 26.07
CA VAL A 233 3.64 -11.86 25.83
C VAL A 233 3.78 -12.83 26.99
N PHE A 234 5.01 -13.15 27.40
CA PHE A 234 5.21 -14.09 28.48
C PHE A 234 4.79 -13.51 29.82
N ALA A 235 4.92 -12.20 30.00
CA ALA A 235 4.46 -11.64 31.26
C ALA A 235 2.93 -11.66 31.30
N PHE A 236 2.33 -11.44 30.14
CA PHE A 236 0.88 -11.46 30.06
C PHE A 236 0.41 -12.87 30.34
N LEU A 237 1.06 -13.88 29.73
CA LEU A 237 0.64 -15.26 29.90
C LEU A 237 0.83 -15.73 31.33
N LEU A 238 1.79 -15.16 32.05
CA LEU A 238 1.96 -15.47 33.46
C LEU A 238 0.75 -14.98 34.23
N MET A 239 0.33 -13.74 33.96
CA MET A 239 -0.83 -13.19 34.64
C MET A 239 -2.08 -13.95 34.19
N PHE A 240 -2.16 -14.28 32.89
CA PHE A 240 -3.27 -15.04 32.36
C PHE A 240 -3.34 -16.36 33.08
N THR A 241 -2.21 -17.06 33.21
CA THR A 241 -2.16 -18.35 33.86
C THR A 241 -2.62 -18.25 35.30
N LEU A 242 -2.20 -17.22 36.02
CA LEU A 242 -2.63 -17.12 37.40
C LEU A 242 -4.13 -16.97 37.53
N PHE A 243 -4.76 -16.32 36.56
CA PHE A 243 -6.20 -16.17 36.66
C PHE A 243 -6.87 -17.42 36.13
N VAL A 244 -6.48 -17.83 34.95
CA VAL A 244 -7.17 -18.91 34.31
C VAL A 244 -7.06 -20.20 35.10
N PHE A 245 -5.89 -20.48 35.67
CA PHE A 245 -5.75 -21.81 36.25
C PHE A 245 -5.95 -21.79 37.75
N PHE A 246 -5.71 -20.64 38.39
CA PHE A 246 -5.64 -20.64 39.83
C PHE A 246 -6.81 -19.92 40.44
N SER A 247 -7.31 -18.90 39.74
CA SER A 247 -8.41 -18.18 40.34
C SER A 247 -9.40 -17.77 39.24
N PRO A 248 -9.98 -18.72 38.49
CA PRO A 248 -10.67 -18.34 37.24
C PRO A 248 -11.89 -17.45 37.47
N ASP A 249 -12.36 -17.36 38.71
CA ASP A 249 -13.61 -16.69 38.99
C ASP A 249 -13.39 -15.43 39.81
N LYS A 250 -12.13 -14.98 39.94
CA LYS A 250 -11.87 -13.80 40.74
C LYS A 250 -12.44 -12.57 40.03
N LEU A 251 -12.42 -12.61 38.71
CA LEU A 251 -12.82 -11.40 38.00
C LEU A 251 -14.31 -11.45 37.65
N GLY A 252 -14.97 -12.54 38.03
CA GLY A 252 -16.37 -12.77 37.68
C GLY A 252 -17.34 -12.35 38.78
N HIS A 253 -18.63 -12.30 38.41
CA HIS A 253 -19.70 -12.06 39.35
C HIS A 253 -20.42 -13.38 39.60
N PRO A 254 -20.51 -13.80 40.88
CA PRO A 254 -21.22 -15.02 41.26
C PRO A 254 -22.59 -15.13 40.64
N ASP A 255 -23.24 -13.98 40.45
CA ASP A 255 -24.63 -14.02 40.06
C ASP A 255 -24.77 -14.53 38.65
N ASN A 256 -23.68 -14.51 37.90
CA ASN A 256 -23.83 -15.03 36.57
C ASN A 256 -23.80 -16.56 36.55
N TYR A 257 -23.75 -17.19 37.73
CA TYR A 257 -23.86 -18.63 37.74
C TYR A 257 -25.24 -19.02 38.22
N ILE A 258 -26.11 -18.03 38.27
CA ILE A 258 -27.50 -18.32 38.51
C ILE A 258 -28.18 -18.21 37.16
N PRO A 259 -28.97 -19.17 36.63
CA PRO A 259 -29.64 -18.94 35.35
C PRO A 259 -30.58 -17.73 35.37
N ALA A 260 -30.78 -17.10 34.20
CA ALA A 260 -31.54 -15.85 34.09
C ALA A 260 -32.97 -16.06 34.57
N ASN A 261 -33.42 -15.22 35.51
CA ASN A 261 -34.80 -15.25 35.97
C ASN A 261 -35.38 -13.86 35.78
N PRO A 262 -36.28 -13.61 34.81
CA PRO A 262 -36.62 -12.23 34.44
C PRO A 262 -37.50 -11.60 35.49
N MET A 263 -37.82 -12.35 36.54
CA MET A 263 -38.76 -11.86 37.51
C MET A 263 -38.02 -11.10 38.60
N VAL A 264 -36.72 -11.33 38.74
CA VAL A 264 -35.97 -10.80 39.87
C VAL A 264 -34.66 -10.24 39.36
N THR A 265 -34.31 -9.05 39.82
CA THR A 265 -32.99 -8.54 39.52
C THR A 265 -32.15 -8.64 40.79
N PRO A 266 -30.95 -9.22 40.73
CA PRO A 266 -30.05 -9.34 41.86
C PRO A 266 -30.01 -8.04 42.67
N ALA A 267 -30.14 -8.14 43.99
CA ALA A 267 -30.06 -6.93 44.80
C ALA A 267 -28.73 -6.19 44.57
N SER A 268 -27.63 -6.93 44.38
CA SER A 268 -26.31 -6.37 44.17
C SER A 268 -25.97 -6.35 42.68
N ILE A 269 -26.44 -5.31 41.99
CA ILE A 269 -26.13 -5.19 40.59
C ILE A 269 -24.81 -4.44 40.44
N VAL A 270 -23.80 -5.12 39.88
CA VAL A 270 -22.54 -4.46 39.59
C VAL A 270 -21.94 -5.10 38.33
N PRO A 271 -21.80 -4.35 37.22
CA PRO A 271 -21.30 -4.90 35.95
C PRO A 271 -19.83 -5.29 35.98
N GLU A 272 -19.30 -5.61 34.79
CA GLU A 272 -17.92 -6.05 34.66
C GLU A 272 -17.00 -4.96 35.18
N TRP A 273 -15.84 -5.36 35.73
CA TRP A 273 -14.96 -4.39 36.36
C TRP A 273 -14.66 -3.25 35.38
N TYR A 274 -14.62 -3.54 34.07
CA TYR A 274 -14.21 -2.55 33.08
C TYR A 274 -15.32 -1.60 32.68
N LEU A 275 -16.55 -1.98 32.94
CA LEU A 275 -17.59 -1.05 32.61
C LEU A 275 -17.89 -0.16 33.80
N LEU A 276 -17.24 -0.41 34.95
CA LEU A 276 -17.65 0.18 36.20
C LEU A 276 -17.52 1.68 36.11
N PRO A 277 -16.41 2.21 35.54
CA PRO A 277 -16.24 3.66 35.48
C PRO A 277 -17.40 4.35 34.81
N PHE A 278 -17.89 3.81 33.69
CA PHE A 278 -18.99 4.44 32.97
C PHE A 278 -20.32 4.13 33.67
N TYR A 279 -20.40 3.01 34.37
CA TYR A 279 -21.61 2.70 35.12
C TYR A 279 -21.79 3.69 36.25
N ALA A 280 -20.67 4.06 36.89
CA ALA A 280 -20.76 5.05 37.94
C ALA A 280 -21.19 6.39 37.35
N ILE A 281 -20.70 6.70 36.15
CA ILE A 281 -21.14 7.90 35.47
C ILE A 281 -22.66 7.88 35.25
N LEU A 282 -23.19 6.76 34.80
CA LEU A 282 -24.60 6.62 34.53
C LEU A 282 -25.41 6.76 35.82
N ARG A 283 -24.97 6.09 36.88
CA ARG A 283 -25.60 6.24 38.18
C ARG A 283 -25.58 7.67 38.69
N ALA A 284 -24.46 8.39 38.49
CA ALA A 284 -24.32 9.76 38.96
C ALA A 284 -25.41 10.65 38.40
N ILE A 285 -25.60 10.62 37.08
CA ILE A 285 -26.55 11.56 36.51
C ILE A 285 -27.98 11.12 36.85
N PRO A 286 -28.82 11.98 37.48
CA PRO A 286 -30.19 11.57 37.78
C PRO A 286 -31.13 11.52 36.56
N ASP A 287 -30.89 12.24 35.46
CA ASP A 287 -31.84 12.16 34.34
C ASP A 287 -31.57 10.90 33.53
N LYS A 288 -32.62 10.28 32.95
CA LYS A 288 -32.52 9.09 32.10
C LYS A 288 -31.63 9.41 30.92
N LEU A 289 -32.06 10.41 30.14
CA LEU A 289 -31.34 10.72 28.92
C LEU A 289 -29.99 11.34 29.26
N GLY A 290 -29.96 12.18 30.29
CA GLY A 290 -28.72 12.73 30.81
C GLY A 290 -27.69 11.64 31.09
N GLY A 291 -28.11 10.59 31.82
CA GLY A 291 -27.24 9.53 32.31
C GLY A 291 -26.61 8.76 31.18
N VAL A 292 -27.43 8.54 30.14
CA VAL A 292 -26.99 7.80 28.99
C VAL A 292 -26.01 8.65 28.22
N ILE A 293 -26.37 9.92 28.00
CA ILE A 293 -25.54 10.83 27.22
C ILE A 293 -24.17 10.91 27.87
N ALA A 294 -24.17 11.13 29.18
CA ALA A 294 -22.93 11.33 29.92
C ALA A 294 -22.07 10.08 29.76
N MET A 295 -22.72 8.92 29.79
CA MET A 295 -21.95 7.70 29.81
C MET A 295 -21.28 7.51 28.45
N VAL A 296 -22.03 7.83 27.38
CA VAL A 296 -21.49 7.66 26.05
C VAL A 296 -20.45 8.74 25.78
N ALA A 297 -20.77 9.96 26.22
CA ALA A 297 -19.91 11.11 26.10
C ALA A 297 -18.59 10.86 26.81
N ALA A 298 -18.58 10.01 27.85
CA ALA A 298 -17.33 9.77 28.55
C ALA A 298 -16.33 9.05 27.65
N ILE A 299 -16.87 8.35 26.66
CA ILE A 299 -15.99 7.75 25.68
C ILE A 299 -15.80 8.69 24.52
N LEU A 300 -16.88 9.30 24.04
CA LEU A 300 -16.76 10.09 22.84
C LEU A 300 -15.94 11.35 23.08
N ILE A 301 -15.84 11.77 24.35
CA ILE A 301 -15.12 13.00 24.63
C ILE A 301 -13.63 12.82 24.39
N LEU A 302 -13.16 11.57 24.36
CA LEU A 302 -11.78 11.35 24.01
C LEU A 302 -11.51 11.87 22.62
N LEU A 303 -12.55 11.92 21.77
CA LEU A 303 -12.34 12.39 20.42
C LEU A 303 -11.89 13.85 20.38
N ILE A 304 -12.07 14.60 21.46
CA ILE A 304 -11.75 16.00 21.37
C ILE A 304 -10.37 16.29 21.94
N LEU A 305 -9.69 15.29 22.47
CA LEU A 305 -8.36 15.58 22.98
C LEU A 305 -7.50 16.28 21.94
N PRO A 306 -7.54 15.91 20.63
CA PRO A 306 -6.72 16.59 19.64
C PRO A 306 -6.93 18.10 19.60
N ILE A 307 -8.13 18.56 19.99
CA ILE A 307 -8.46 19.97 19.94
C ILE A 307 -8.08 20.67 21.24
N VAL A 308 -8.43 20.04 22.36
CA VAL A 308 -8.39 20.73 23.64
C VAL A 308 -7.00 20.70 24.23
N ASP A 309 -6.15 19.77 23.83
CA ASP A 309 -4.76 19.87 24.22
C ASP A 309 -4.10 20.97 23.37
N ARG A 310 -3.76 22.09 24.01
CA ARG A 310 -3.24 23.20 23.25
C ARG A 310 -1.71 23.22 23.33
N SER A 311 -1.08 22.11 23.69
CA SER A 311 0.35 22.15 23.93
C SER A 311 1.15 22.24 22.63
N ILE A 312 2.29 22.91 22.69
CA ILE A 312 3.16 22.94 21.52
C ILE A 312 4.12 21.76 21.60
N ILE A 313 3.99 21.00 22.70
CA ILE A 313 4.90 19.92 22.96
C ILE A 313 4.12 18.62 23.02
N ARG A 314 4.68 17.55 22.43
CA ARG A 314 3.86 16.37 22.32
C ARG A 314 4.09 15.53 23.57
N GLY A 315 3.02 15.25 24.33
CA GLY A 315 3.09 14.29 25.43
C GLY A 315 3.65 14.86 26.73
N ASN A 316 3.69 14.02 27.78
CA ASN A 316 3.78 14.55 29.12
C ASN A 316 5.14 14.28 29.71
N ALA A 317 6.04 13.62 28.98
CA ALA A 317 7.33 13.33 29.61
C ALA A 317 7.94 14.60 30.19
N PHE A 318 7.75 15.72 29.49
CA PHE A 318 8.50 16.89 29.89
C PHE A 318 7.62 17.94 30.52
N LYS A 319 6.41 17.58 30.90
CA LYS A 319 5.51 18.58 31.41
C LYS A 319 5.10 18.18 32.81
N PRO A 320 5.84 18.62 33.85
CA PRO A 320 5.46 18.29 35.21
C PRO A 320 4.03 18.61 35.57
N ILE A 321 3.50 19.76 35.16
CA ILE A 321 2.13 20.07 35.55
C ILE A 321 1.13 19.14 34.87
N SER A 322 1.31 18.91 33.57
CA SER A 322 0.44 17.99 32.87
C SER A 322 0.54 16.59 33.45
N LYS A 323 1.72 16.18 33.91
CA LYS A 323 1.81 14.82 34.42
C LYS A 323 1.00 14.72 35.70
N LEU A 324 0.95 15.79 36.49
CA LEU A 324 0.24 15.73 37.75
C LEU A 324 -1.26 15.71 37.45
N LEU A 325 -1.67 16.52 36.49
CA LEU A 325 -3.06 16.55 36.08
C LEU A 325 -3.48 15.19 35.56
N PHE A 326 -2.59 14.53 34.83
CA PHE A 326 -2.90 13.24 34.24
C PHE A 326 -2.99 12.21 35.35
N GLY A 327 -2.13 12.34 36.37
CA GLY A 327 -2.19 11.42 37.49
C GLY A 327 -3.54 11.52 38.20
N PHE A 328 -4.04 12.74 38.41
CA PHE A 328 -5.31 12.93 39.08
C PHE A 328 -6.44 12.45 38.20
N PHE A 329 -6.33 12.66 36.89
CA PHE A 329 -7.35 12.18 35.99
C PHE A 329 -7.40 10.66 36.03
N ILE A 330 -6.24 10.00 36.04
CA ILE A 330 -6.28 8.55 36.01
C ILE A 330 -6.85 8.01 37.31
N CYS A 331 -6.46 8.64 38.42
CA CYS A 331 -6.90 8.18 39.72
C CYS A 331 -8.38 8.42 39.88
N ASN A 332 -8.88 9.49 39.27
CA ASN A 332 -10.30 9.76 39.28
C ASN A 332 -11.04 8.73 38.45
N PHE A 333 -10.43 8.31 37.34
CA PHE A 333 -11.08 7.29 36.54
C PHE A 333 -11.13 5.99 37.34
N LEU A 334 -10.11 5.72 38.16
CA LEU A 334 -10.14 4.54 39.02
C LEU A 334 -11.13 4.74 40.15
N LEU A 335 -11.22 5.93 40.72
CA LEU A 335 -12.25 6.20 41.73
C LEU A 335 -13.65 5.95 41.17
N LEU A 336 -13.96 6.49 39.98
CA LEU A 336 -15.21 6.17 39.32
C LEU A 336 -15.41 4.66 39.25
N GLY A 337 -14.37 3.93 38.83
CA GLY A 337 -14.43 2.48 38.82
C GLY A 337 -14.89 1.94 40.18
N VAL A 338 -14.25 2.40 41.27
CA VAL A 338 -14.59 1.95 42.60
C VAL A 338 -16.01 2.32 42.95
N LEU A 339 -16.44 3.53 42.58
CA LEU A 339 -17.76 3.96 42.99
C LEU A 339 -18.84 3.23 42.22
N GLY A 340 -18.40 2.58 41.14
CA GLY A 340 -19.29 1.82 40.32
C GLY A 340 -19.73 0.57 41.07
N GLN A 341 -18.99 0.18 42.12
CA GLN A 341 -19.29 -1.11 42.71
C GLN A 341 -19.68 -1.01 44.19
N VAL A 342 -19.76 0.20 44.74
CA VAL A 342 -20.33 0.36 46.07
C VAL A 342 -21.86 0.39 45.93
N HIS A 343 -22.55 0.38 47.06
CA HIS A 343 -24.00 0.49 47.02
C HIS A 343 -24.39 1.92 46.78
N ILE A 344 -25.55 2.10 46.15
CA ILE A 344 -26.01 3.43 45.85
C ILE A 344 -26.55 4.06 47.12
N GLU A 345 -25.64 4.64 47.90
CA GLU A 345 -25.95 5.08 49.24
C GLU A 345 -25.16 6.34 49.51
N PRO A 346 -25.53 7.13 50.54
CA PRO A 346 -24.64 8.20 51.00
C PRO A 346 -23.39 7.58 51.62
N PRO A 347 -22.21 8.19 51.46
CA PRO A 347 -22.09 9.48 50.79
C PRO A 347 -21.63 9.30 49.34
N PHE A 348 -21.76 8.10 48.82
CA PHE A 348 -21.08 7.84 47.57
C PHE A 348 -21.88 8.39 46.41
N ILE A 349 -23.11 8.84 46.67
CA ILE A 349 -23.89 9.37 45.57
C ILE A 349 -23.28 10.69 45.15
N VAL A 350 -23.04 11.60 46.12
CA VAL A 350 -22.45 12.91 45.89
C VAL A 350 -21.02 12.75 45.38
N LEU A 351 -20.26 11.82 45.98
CA LEU A 351 -18.89 11.57 45.57
C LEU A 351 -18.83 11.18 44.10
N GLY A 352 -19.77 10.33 43.66
CA GLY A 352 -19.76 9.83 42.30
C GLY A 352 -20.03 10.96 41.31
N GLN A 353 -20.79 11.95 41.77
CA GLN A 353 -21.12 13.09 40.96
C GLN A 353 -19.92 14.00 40.85
N ILE A 354 -19.22 14.19 41.97
CA ILE A 354 -18.03 15.02 41.93
C ILE A 354 -17.00 14.39 41.01
N CYS A 355 -16.76 13.08 41.14
CA CYS A 355 -15.85 12.39 40.24
C CYS A 355 -16.28 12.47 38.79
N THR A 356 -17.59 12.47 38.53
CA THR A 356 -18.06 12.60 37.16
C THR A 356 -17.74 13.99 36.62
N ILE A 357 -17.97 15.02 37.42
CA ILE A 357 -17.63 16.37 36.98
C ILE A 357 -16.13 16.48 36.76
N PHE A 358 -15.32 15.89 37.65
CA PHE A 358 -13.89 16.00 37.47
C PHE A 358 -13.47 15.30 36.19
N TYR A 359 -14.12 14.17 35.88
CA TYR A 359 -13.75 13.44 34.68
C TYR A 359 -13.92 14.33 33.46
N PHE A 360 -15.05 15.01 33.37
CA PHE A 360 -15.34 15.81 32.18
C PHE A 360 -14.55 17.09 32.19
N SER A 361 -14.25 17.63 33.37
CA SER A 361 -13.56 18.90 33.46
C SER A 361 -12.10 18.76 33.04
N TYR A 362 -11.56 17.55 33.14
CA TYR A 362 -10.24 17.33 32.59
C TYR A 362 -10.22 17.66 31.10
N PHE A 363 -11.17 17.15 30.32
CA PHE A 363 -11.15 17.44 28.89
C PHE A 363 -11.58 18.86 28.58
N LEU A 364 -12.46 19.43 29.40
CA LEU A 364 -13.12 20.63 28.92
C LEU A 364 -12.47 21.88 29.48
N ILE A 365 -11.80 21.74 30.61
CA ILE A 365 -11.34 22.92 31.32
C ILE A 365 -9.86 22.78 31.57
N LEU A 366 -9.49 21.72 32.30
CA LEU A 366 -8.18 21.66 32.92
C LEU A 366 -7.14 21.46 31.86
N LEU A 367 -7.35 20.48 30.97
CA LEU A 367 -6.35 20.20 29.96
C LEU A 367 -6.10 21.43 29.09
N PRO A 368 -7.15 22.07 28.54
CA PRO A 368 -6.92 23.29 27.77
C PRO A 368 -6.20 24.36 28.59
N MET A 369 -6.49 24.47 29.89
CA MET A 369 -5.88 25.55 30.64
C MET A 369 -4.42 25.24 30.97
N VAL A 370 -4.18 24.02 31.43
CA VAL A 370 -2.88 23.63 31.89
C VAL A 370 -1.94 23.63 30.69
N SER A 371 -2.44 23.15 29.55
CA SER A 371 -1.59 23.02 28.40
C SER A 371 -1.19 24.40 27.88
N THR A 372 -2.10 25.37 27.98
CA THR A 372 -1.82 26.75 27.63
C THR A 372 -0.74 27.36 28.53
N ILE A 373 -0.91 27.20 29.84
CA ILE A 373 0.03 27.70 30.82
C ILE A 373 1.39 27.05 30.67
N GLU A 374 1.44 25.76 30.39
CA GLU A 374 2.77 25.16 30.29
C GLU A 374 3.48 25.61 29.04
N ASN A 375 2.74 25.89 27.96
CA ASN A 375 3.37 26.46 26.78
C ASN A 375 4.13 27.70 27.20
N ILE A 376 3.48 28.55 27.99
CA ILE A 376 4.06 29.82 28.34
C ILE A 376 5.23 29.61 29.28
N PHE A 377 5.10 28.63 30.17
CA PHE A 377 6.19 28.36 31.10
C PHE A 377 7.41 27.82 30.37
N PHE A 378 7.23 27.07 29.29
CA PHE A 378 8.39 26.60 28.57
C PHE A 378 9.14 27.74 27.90
N TYR A 379 8.37 28.68 27.38
CA TYR A 379 8.97 29.75 26.62
C TYR A 379 9.65 30.73 27.58
N ILE A 380 8.93 31.12 28.62
CA ILE A 380 9.49 32.07 29.57
C ILE A 380 10.64 31.43 30.33
N GLY A 381 10.42 30.18 30.68
CA GLY A 381 11.34 29.48 31.55
C GLY A 381 12.67 29.18 30.88
N SER A 382 12.69 29.24 29.55
CA SER A 382 13.95 28.88 28.91
C SER A 382 14.69 30.11 28.38
N LEU A 383 14.08 31.30 28.47
CA LEU A 383 14.56 32.43 27.70
C LEU A 383 16.06 32.70 27.90
N GLY B 39 -5.98 10.81 -40.84
CA GLY B 39 -4.84 10.25 -41.63
C GLY B 39 -3.53 11.03 -41.44
N LYS B 40 -3.63 12.38 -41.42
CA LYS B 40 -2.48 13.26 -41.26
C LYS B 40 -2.77 14.49 -40.39
N SER B 41 -3.69 15.37 -40.80
CA SER B 41 -3.82 16.59 -40.02
C SER B 41 -4.49 16.32 -38.69
N THR B 42 -3.94 16.84 -37.58
CA THR B 42 -4.60 16.61 -36.31
C THR B 42 -5.61 17.71 -36.01
N TYR B 43 -5.74 18.69 -36.90
CA TYR B 43 -6.70 19.75 -36.68
C TYR B 43 -7.99 19.41 -37.42
N LYS B 44 -7.95 18.39 -38.25
CA LYS B 44 -9.18 17.94 -38.85
C LYS B 44 -9.77 16.89 -37.91
N ILE B 45 -10.66 17.32 -37.02
CA ILE B 45 -11.22 16.38 -36.06
C ILE B 45 -11.93 15.29 -36.84
N PRO B 46 -11.75 14.00 -36.50
CA PRO B 46 -12.46 12.91 -37.18
C PRO B 46 -13.96 13.17 -37.22
N ASP B 47 -14.64 12.48 -38.14
CA ASP B 47 -16.07 12.72 -38.33
C ASP B 47 -16.85 12.17 -37.13
N PHE B 48 -17.57 13.06 -36.47
CA PHE B 48 -18.37 12.68 -35.33
C PHE B 48 -19.86 12.88 -35.58
N THR B 49 -20.23 13.21 -36.82
CA THR B 49 -21.61 13.60 -37.14
C THR B 49 -22.58 12.46 -36.85
N PRO B 50 -22.23 11.17 -37.11
CA PRO B 50 -23.08 10.05 -36.70
C PRO B 50 -23.47 9.98 -35.22
N TYR B 51 -22.76 10.72 -34.35
CA TYR B 51 -23.01 10.61 -32.92
C TYR B 51 -23.43 11.93 -32.28
N LEU B 52 -23.01 13.05 -32.87
CA LEU B 52 -23.22 14.36 -32.29
C LEU B 52 -24.69 14.71 -32.30
N LYS B 53 -25.20 15.19 -31.17
CA LYS B 53 -26.54 15.72 -31.07
C LYS B 53 -26.53 17.16 -31.55
N LYS B 54 -27.56 17.58 -32.29
CA LYS B 54 -27.58 18.95 -32.78
C LYS B 54 -27.83 19.88 -31.60
N ASP B 55 -28.71 19.47 -30.69
CA ASP B 55 -29.07 20.35 -29.59
C ASP B 55 -28.35 19.93 -28.32
N ARG B 56 -27.05 19.71 -28.44
CA ARG B 56 -26.20 19.23 -27.37
C ARG B 56 -26.08 20.27 -26.26
N ASN B 57 -26.29 21.54 -26.59
CA ASN B 57 -25.98 22.57 -25.61
C ASN B 57 -27.23 23.13 -24.95
N THR B 58 -28.38 22.55 -25.29
CA THR B 58 -29.63 23.00 -24.69
C THR B 58 -29.76 22.47 -23.27
N ASP B 59 -30.58 23.17 -22.49
CA ASP B 59 -30.79 22.70 -21.11
C ASP B 59 -31.71 21.48 -21.16
N ALA B 60 -32.58 21.43 -22.17
CA ALA B 60 -33.44 20.27 -22.43
C ALA B 60 -32.57 19.03 -22.60
N ASN B 61 -31.43 19.19 -23.30
CA ASN B 61 -30.57 18.05 -23.56
C ASN B 61 -29.94 17.52 -22.28
N ARG B 62 -29.39 18.40 -21.44
CA ARG B 62 -28.82 17.89 -20.19
C ARG B 62 -29.93 17.29 -19.34
N LEU B 63 -31.06 18.00 -19.30
CA LEU B 63 -32.13 17.63 -18.39
C LEU B 63 -32.60 16.22 -18.70
N PHE B 64 -32.60 15.85 -19.98
CA PHE B 64 -33.05 14.51 -20.30
C PHE B 64 -32.12 13.47 -19.67
N SER B 65 -30.82 13.67 -19.81
CA SER B 65 -29.95 12.65 -19.23
C SER B 65 -30.03 12.66 -17.71
N TYR B 66 -30.25 13.82 -17.10
CA TYR B 66 -30.39 13.84 -15.66
C TYR B 66 -31.71 13.25 -15.22
N PHE B 67 -32.70 13.21 -16.12
CA PHE B 67 -33.96 12.56 -15.82
C PHE B 67 -33.70 11.07 -15.73
N MET B 68 -32.83 10.56 -16.61
CA MET B 68 -32.53 9.14 -16.56
C MET B 68 -31.75 8.78 -15.29
N ILE B 69 -30.75 9.60 -14.99
CA ILE B 69 -29.95 9.37 -13.80
C ILE B 69 -30.80 9.54 -12.53
N GLY B 70 -31.66 10.55 -12.53
CA GLY B 70 -32.57 10.79 -11.42
C GLY B 70 -33.63 9.68 -11.27
N SER B 71 -34.16 9.17 -12.38
CA SER B 71 -35.10 8.05 -12.30
C SER B 71 -34.42 6.84 -11.70
N PHE B 72 -33.16 6.66 -12.10
CA PHE B 72 -32.43 5.51 -11.63
C PHE B 72 -32.15 5.68 -10.14
N GLY B 73 -31.88 6.93 -9.73
CA GLY B 73 -31.73 7.25 -8.32
C GLY B 73 -33.06 7.07 -7.59
N MET B 74 -34.17 7.33 -8.28
CA MET B 74 -35.46 7.27 -7.61
C MET B 74 -35.84 5.81 -7.39
N LEU B 75 -35.63 4.96 -8.40
CA LEU B 75 -35.93 3.55 -8.23
C LEU B 75 -34.94 2.88 -7.27
N SER B 76 -33.69 3.36 -7.27
CA SER B 76 -32.72 2.84 -6.31
C SER B 76 -33.14 3.22 -4.90
N ALA B 77 -33.64 4.44 -4.74
CA ALA B 77 -34.05 4.88 -3.42
C ALA B 77 -35.33 4.13 -2.99
N ALA B 78 -36.27 3.91 -3.91
CA ALA B 78 -37.50 3.19 -3.55
C ALA B 78 -37.14 1.75 -3.22
N GLY B 79 -36.28 1.17 -4.06
CA GLY B 79 -35.80 -0.19 -3.89
C GLY B 79 -34.99 -0.37 -2.61
N ALA B 80 -34.13 0.59 -2.26
CA ALA B 80 -33.29 0.52 -1.07
C ALA B 80 -34.17 0.56 0.17
N LYS B 81 -35.09 1.51 0.14
CA LYS B 81 -35.95 1.65 1.28
C LYS B 81 -36.75 0.37 1.46
N ALA B 82 -37.31 -0.17 0.38
CA ALA B 82 -38.10 -1.39 0.45
C ALA B 82 -37.25 -2.55 0.94
N THR B 83 -36.01 -2.61 0.47
CA THR B 83 -35.13 -3.72 0.81
C THR B 83 -34.81 -3.62 2.30
N VAL B 84 -34.35 -2.45 2.75
CA VAL B 84 -33.97 -2.26 4.13
C VAL B 84 -35.17 -2.50 5.03
N GLN B 85 -36.33 -1.96 4.66
CA GLN B 85 -37.48 -2.06 5.52
C GLN B 85 -37.87 -3.53 5.67
N ASP B 86 -37.94 -4.24 4.56
CA ASP B 86 -38.44 -5.60 4.63
C ASP B 86 -37.42 -6.48 5.32
N PHE B 87 -36.18 -6.28 4.95
CA PHE B 87 -35.09 -7.08 5.46
C PHE B 87 -34.93 -6.88 6.96
N LEU B 88 -34.91 -5.64 7.44
CA LEU B 88 -34.65 -5.42 8.85
C LEU B 88 -35.84 -5.81 9.69
N SER B 89 -37.01 -5.90 9.08
CA SER B 89 -38.16 -6.28 9.85
C SER B 89 -37.99 -7.67 10.44
N ASN B 90 -37.03 -8.46 9.92
CA ASN B 90 -36.85 -9.80 10.46
C ASN B 90 -36.50 -9.70 11.94
N MET B 91 -35.97 -8.56 12.36
CA MET B 91 -35.48 -8.48 13.72
C MET B 91 -36.60 -8.08 14.68
N SER B 92 -37.67 -7.49 14.15
CA SER B 92 -38.87 -7.15 14.91
C SER B 92 -39.52 -8.43 15.41
N ALA B 93 -40.34 -8.34 16.47
CA ALA B 93 -40.87 -9.54 17.10
C ALA B 93 -41.55 -10.43 16.07
N SER B 94 -41.13 -11.70 16.08
CA SER B 94 -41.70 -12.68 15.18
C SER B 94 -43.12 -13.04 15.62
N ALA B 95 -43.83 -13.69 14.70
CA ALA B 95 -45.24 -13.98 14.86
C ALA B 95 -45.48 -14.82 16.10
N ASP B 96 -44.52 -15.72 16.39
CA ASP B 96 -44.72 -16.62 17.51
C ASP B 96 -44.60 -15.86 18.84
N VAL B 97 -43.77 -14.83 18.85
CA VAL B 97 -43.53 -14.05 20.05
C VAL B 97 -44.75 -13.18 20.30
N LEU B 98 -45.30 -12.64 19.20
CA LEU B 98 -46.42 -11.72 19.29
C LEU B 98 -47.69 -12.37 19.88
N ALA B 99 -47.63 -13.56 20.45
CA ALA B 99 -48.75 -14.09 21.24
C ALA B 99 -49.00 -13.26 22.51
N MET B 100 -50.25 -12.76 22.65
CA MET B 100 -50.68 -12.04 23.85
C MET B 100 -51.12 -13.00 24.95
N ALA B 101 -51.22 -12.46 26.17
CA ALA B 101 -51.27 -13.29 27.37
C ALA B 101 -52.72 -13.42 27.83
N LYS B 102 -53.25 -12.31 28.37
CA LYS B 102 -54.42 -12.24 29.23
C LYS B 102 -54.21 -13.13 30.46
N VAL B 103 -53.64 -12.57 31.53
CA VAL B 103 -53.32 -13.40 32.68
C VAL B 103 -54.26 -13.06 33.83
N GLU B 104 -54.86 -14.12 34.36
CA GLU B 104 -55.82 -14.05 35.42
C GLU B 104 -55.11 -14.47 36.70
N VAL B 105 -55.28 -13.66 37.74
CA VAL B 105 -54.67 -13.91 39.02
C VAL B 105 -55.73 -13.81 40.11
N LYS B 106 -55.66 -14.75 41.08
CA LYS B 106 -56.50 -14.73 42.26
C LYS B 106 -56.00 -13.63 43.20
N LEU B 107 -56.79 -13.32 44.22
CA LEU B 107 -56.39 -12.31 45.18
C LEU B 107 -56.63 -12.76 46.61
N GLY B 108 -57.32 -13.90 46.77
CA GLY B 108 -57.59 -14.46 48.09
C GLY B 108 -56.31 -14.88 48.80
N ALA B 109 -55.33 -15.33 47.99
CA ALA B 109 -54.04 -15.89 48.40
C ALA B 109 -53.17 -14.83 49.08
N ILE B 110 -53.30 -13.61 48.57
CA ILE B 110 -52.38 -12.51 48.85
C ILE B 110 -52.75 -11.88 50.19
N PRO B 111 -51.87 -11.96 51.21
CA PRO B 111 -52.15 -11.37 52.53
C PRO B 111 -51.93 -9.86 52.49
N LEU B 112 -52.40 -9.17 53.54
CA LEU B 112 -52.18 -7.73 53.66
C LEU B 112 -50.69 -7.46 53.85
N GLY B 113 -50.21 -6.38 53.21
CA GLY B 113 -48.84 -5.89 53.33
C GLY B 113 -47.85 -6.77 52.56
N LYS B 114 -48.28 -7.23 51.40
CA LYS B 114 -47.44 -8.10 50.60
C LYS B 114 -47.51 -7.64 49.16
N ASN B 115 -46.45 -7.96 48.40
CA ASN B 115 -46.38 -7.75 46.96
C ASN B 115 -46.08 -9.08 46.26
N VAL B 116 -46.91 -9.42 45.27
CA VAL B 116 -46.68 -10.57 44.42
C VAL B 116 -46.00 -10.11 43.13
N ILE B 117 -45.53 -11.10 42.34
CA ILE B 117 -44.96 -10.89 41.02
C ILE B 117 -45.57 -11.91 40.09
N ILE B 118 -46.39 -11.42 39.15
CA ILE B 118 -47.05 -12.27 38.19
C ILE B 118 -46.38 -12.06 36.85
N LYS B 119 -45.93 -13.13 36.17
CA LYS B 119 -45.38 -12.85 34.85
C LYS B 119 -46.51 -12.63 33.85
N TRP B 120 -46.32 -11.62 33.01
CA TRP B 120 -47.31 -11.28 32.04
C TRP B 120 -46.50 -10.70 30.91
N ARG B 121 -46.43 -11.42 29.79
CA ARG B 121 -45.69 -10.91 28.65
C ARG B 121 -44.21 -10.79 29.03
N GLY B 122 -43.75 -11.77 29.83
CA GLY B 122 -42.38 -11.86 30.32
C GLY B 122 -41.99 -10.77 31.33
N LYS B 123 -42.66 -9.61 31.25
CA LYS B 123 -42.48 -8.56 32.22
C LYS B 123 -43.16 -8.98 33.52
N PRO B 124 -42.59 -8.69 34.68
CA PRO B 124 -43.25 -8.94 35.95
C PRO B 124 -44.30 -7.90 36.28
N ILE B 125 -45.37 -8.37 36.93
CA ILE B 125 -46.44 -7.53 37.44
C ILE B 125 -46.37 -7.60 38.96
N PHE B 126 -46.13 -6.43 39.57
CA PHE B 126 -46.20 -6.34 41.01
C PHE B 126 -47.65 -6.15 41.42
N ILE B 127 -48.13 -7.07 42.25
CA ILE B 127 -49.43 -6.87 42.87
C ILE B 127 -49.22 -6.80 44.36
N ARG B 128 -49.52 -5.61 44.90
CA ARG B 128 -49.40 -5.37 46.32
C ARG B 128 -50.80 -5.28 46.93
N HIS B 129 -51.02 -5.99 48.04
CA HIS B 129 -52.22 -5.86 48.84
C HIS B 129 -51.97 -4.83 49.92
N ARG B 130 -52.25 -3.56 49.59
CA ARG B 130 -51.86 -2.43 50.42
C ARG B 130 -52.80 -2.36 51.62
N THR B 131 -52.21 -2.05 52.79
CA THR B 131 -52.95 -1.79 54.01
C THR B 131 -53.52 -0.38 53.97
N SER B 132 -54.45 -0.11 54.90
CA SER B 132 -55.08 1.18 55.01
C SER B 132 -54.05 2.30 55.18
N GLU B 133 -53.05 2.10 56.07
CA GLU B 133 -52.09 3.14 56.42
C GLU B 133 -51.06 3.36 55.30
N GLU B 134 -50.87 2.34 54.46
CA GLU B 134 -50.02 2.43 53.28
C GLU B 134 -50.65 3.38 52.26
N ILE B 135 -51.97 3.22 52.04
CA ILE B 135 -52.78 4.04 51.14
C ILE B 135 -52.73 5.48 51.61
N GLU B 136 -52.82 5.67 52.93
CA GLU B 136 -52.78 6.98 53.55
C GLU B 136 -51.43 7.64 53.25
N GLU B 137 -50.34 6.87 53.42
CA GLU B 137 -48.98 7.35 53.23
C GLU B 137 -48.80 7.84 51.79
N ALA B 138 -49.46 7.15 50.85
CA ALA B 138 -49.37 7.42 49.42
C ALA B 138 -50.14 8.69 49.08
N ASN B 139 -51.25 8.93 49.78
CA ASN B 139 -52.12 10.03 49.43
C ASN B 139 -51.59 11.37 49.97
N GLU B 140 -50.41 11.33 50.61
CA GLU B 140 -49.89 12.46 51.38
C GLU B 140 -49.07 13.38 50.49
N VAL B 141 -48.04 12.81 49.83
CA VAL B 141 -47.08 13.56 49.04
C VAL B 141 -47.84 14.54 48.16
N ASN B 142 -47.46 15.84 48.22
CA ASN B 142 -48.03 16.82 47.31
C ASN B 142 -47.64 16.43 45.88
N VAL B 143 -48.65 16.33 45.03
CA VAL B 143 -48.48 15.87 43.66
C VAL B 143 -47.53 16.80 42.92
N ALA B 144 -47.52 18.08 43.33
CA ALA B 144 -46.67 19.10 42.73
C ALA B 144 -45.22 18.62 42.62
N THR B 145 -44.67 18.08 43.70
CA THR B 145 -43.27 17.68 43.74
C THR B 145 -43.12 16.19 43.41
N LEU B 146 -43.24 15.86 42.12
CA LEU B 146 -43.21 14.49 41.63
C LEU B 146 -42.81 14.54 40.17
N ARG B 147 -41.66 13.95 39.84
CA ARG B 147 -41.21 13.93 38.46
C ARG B 147 -42.40 13.66 37.54
N ASP B 148 -43.12 12.57 37.84
CA ASP B 148 -44.32 12.17 37.10
C ASP B 148 -45.52 12.41 38.02
N PRO B 149 -46.21 13.57 37.92
CA PRO B 149 -47.26 13.93 38.88
C PRO B 149 -48.55 13.15 38.63
N GLN B 150 -48.85 12.28 39.58
CA GLN B 150 -50.05 11.45 39.55
C GLN B 150 -50.40 11.16 41.00
N THR B 151 -51.70 11.02 41.29
CA THR B 151 -52.14 10.58 42.60
C THR B 151 -52.55 9.12 42.52
N ASP B 152 -52.59 8.44 43.67
CA ASP B 152 -52.81 7.00 43.74
C ASP B 152 -54.13 6.63 43.04
N ASP B 153 -55.08 7.56 43.12
CA ASP B 153 -56.43 7.43 42.59
C ASP B 153 -56.38 7.23 41.08
N GLU B 154 -55.41 7.87 40.43
CA GLU B 154 -55.23 7.80 38.99
C GLU B 154 -54.61 6.45 38.63
N ARG B 155 -53.78 5.92 39.54
CA ARG B 155 -52.98 4.73 39.31
C ARG B 155 -53.82 3.48 39.53
N VAL B 156 -54.36 3.32 40.74
CA VAL B 156 -55.17 2.15 41.04
C VAL B 156 -56.63 2.43 40.71
N GLN B 157 -57.35 1.37 40.35
CA GLN B 157 -58.78 1.47 40.18
C GLN B 157 -59.46 0.94 41.43
N LYS B 158 -58.67 0.34 42.33
CA LYS B 158 -59.14 -0.15 43.60
C LYS B 158 -58.02 0.06 44.61
N PRO B 159 -58.20 0.92 45.63
CA PRO B 159 -57.10 1.31 46.53
C PRO B 159 -56.34 0.18 47.21
N GLU B 160 -56.89 -1.04 47.19
CA GLU B 160 -56.34 -2.16 47.92
C GLU B 160 -55.56 -3.04 46.98
N TRP B 161 -55.56 -2.69 45.69
CA TRP B 161 -54.83 -3.48 44.71
C TRP B 161 -53.93 -2.60 43.83
N LEU B 162 -52.72 -2.34 44.31
CA LEU B 162 -51.72 -1.72 43.46
C LEU B 162 -51.24 -2.74 42.44
N VAL B 163 -51.65 -2.51 41.20
CA VAL B 163 -51.19 -3.36 40.11
C VAL B 163 -50.31 -2.52 39.20
N MET B 164 -49.05 -2.97 39.02
CA MET B 164 -48.10 -2.26 38.18
C MET B 164 -47.28 -3.25 37.38
N ILE B 165 -46.81 -2.75 36.22
CA ILE B 165 -45.77 -3.42 35.48
C ILE B 165 -44.48 -3.10 36.18
N GLY B 166 -43.93 -4.14 36.81
CA GLY B 166 -42.88 -4.00 37.78
C GLY B 166 -41.52 -3.88 37.14
N VAL B 167 -41.46 -3.11 36.05
CA VAL B 167 -40.20 -2.88 35.41
C VAL B 167 -39.90 -1.43 35.62
N CYS B 168 -38.67 -1.20 36.05
CA CYS B 168 -38.25 0.14 36.42
C CYS B 168 -38.19 0.97 35.16
N THR B 169 -38.70 2.19 35.29
CA THR B 169 -38.93 3.00 34.13
C THR B 169 -37.62 3.62 33.66
N HIS B 170 -36.55 3.45 34.44
CA HIS B 170 -35.26 3.96 34.00
C HIS B 170 -34.70 3.13 32.85
N LEU B 171 -34.12 1.98 33.18
CA LEU B 171 -33.49 1.21 32.13
C LEU B 171 -34.05 -0.20 32.08
N GLY B 172 -34.69 -0.67 33.15
CA GLY B 172 -35.64 -1.72 32.91
C GLY B 172 -35.35 -2.90 33.82
N CYS B 173 -34.78 -2.63 34.98
CA CYS B 173 -34.62 -3.71 35.92
C CYS B 173 -35.93 -3.89 36.66
N VAL B 174 -36.01 -4.89 37.54
CA VAL B 174 -37.24 -4.99 38.30
C VAL B 174 -36.94 -4.57 39.72
N PRO B 175 -37.60 -3.53 40.23
CA PRO B 175 -37.22 -2.98 41.53
C PRO B 175 -37.51 -4.01 42.61
N ILE B 176 -36.69 -4.00 43.64
CA ILE B 176 -36.86 -4.87 44.78
C ILE B 176 -37.87 -4.14 45.65
N GLY B 177 -38.99 -4.81 45.91
CA GLY B 177 -40.03 -4.21 46.74
C GLY B 177 -39.67 -4.15 48.22
N GLU B 178 -40.42 -3.32 48.96
CA GLU B 178 -40.31 -3.13 50.39
C GLU B 178 -39.03 -2.36 50.74
N ALA B 179 -37.97 -2.54 49.95
CA ALA B 179 -36.82 -1.65 50.02
C ALA B 179 -37.13 -0.29 49.39
N GLY B 180 -36.15 0.62 49.50
CA GLY B 180 -36.31 1.97 48.99
C GLY B 180 -35.92 3.00 50.05
N ASP B 181 -36.58 4.15 50.02
CA ASP B 181 -36.35 5.24 50.95
C ASP B 181 -37.69 5.94 51.08
N PHE B 182 -38.60 5.44 50.26
CA PHE B 182 -39.96 5.90 50.25
C PHE B 182 -40.80 4.66 50.49
N GLY B 183 -40.09 3.68 51.08
CA GLY B 183 -40.48 2.30 51.39
C GLY B 183 -41.52 1.71 50.45
N GLY B 184 -41.23 1.67 49.15
CA GLY B 184 -42.11 1.02 48.19
C GLY B 184 -41.32 -0.02 47.43
N TRP B 185 -40.45 0.48 46.58
CA TRP B 185 -39.67 -0.33 45.69
C TRP B 185 -38.41 0.44 45.44
N PHE B 186 -37.33 -0.30 45.29
CA PHE B 186 -36.08 0.34 44.97
C PHE B 186 -35.46 -0.45 43.84
N CYS B 187 -35.17 0.26 42.76
CA CYS B 187 -34.49 -0.38 41.66
C CYS B 187 -33.02 -0.45 42.04
N PRO B 188 -32.45 -1.65 42.10
CA PRO B 188 -31.09 -1.80 42.59
C PRO B 188 -30.11 -1.42 41.50
N CYS B 189 -30.57 -1.36 40.25
CA CYS B 189 -29.65 -1.08 39.16
C CYS B 189 -29.09 0.33 39.21
N HIS B 190 -29.91 1.37 39.32
CA HIS B 190 -29.31 2.70 39.34
C HIS B 190 -29.89 3.51 40.48
N GLY B 191 -30.55 2.80 41.39
CA GLY B 191 -30.95 3.43 42.63
C GLY B 191 -32.05 4.46 42.41
N SER B 192 -33.18 3.98 41.90
CA SER B 192 -34.35 4.81 41.79
C SER B 192 -35.42 4.28 42.75
N HIS B 193 -36.07 5.19 43.46
CA HIS B 193 -36.95 4.76 44.53
C HIS B 193 -38.38 4.98 44.10
N TYR B 194 -39.19 3.94 44.23
CA TYR B 194 -40.60 4.09 43.94
C TYR B 194 -41.36 4.08 45.26
N ASP B 195 -42.60 4.59 45.20
CA ASP B 195 -43.44 4.83 46.35
C ASP B 195 -44.40 3.68 46.56
N ILE B 196 -45.42 3.89 47.40
CA ILE B 196 -46.37 2.85 47.66
C ILE B 196 -47.46 2.94 46.62
N SER B 197 -47.42 4.02 45.85
CA SER B 197 -48.26 4.15 44.67
C SER B 197 -47.43 3.65 43.52
N GLY B 198 -46.14 3.40 43.79
CA GLY B 198 -45.24 3.07 42.70
C GLY B 198 -44.92 4.30 41.85
N ARG B 199 -44.90 5.46 42.51
CA ARG B 199 -44.47 6.69 41.87
C ARG B 199 -42.98 6.88 42.13
N ILE B 200 -42.30 7.47 41.16
CA ILE B 200 -40.87 7.63 41.28
C ILE B 200 -40.63 8.84 42.18
N ARG B 201 -39.70 8.70 43.13
CA ARG B 201 -39.44 9.77 44.07
C ARG B 201 -37.98 10.20 43.97
N ARG B 202 -37.08 9.23 43.92
CA ARG B 202 -35.68 9.61 43.84
C ARG B 202 -34.99 8.69 42.86
N GLY B 203 -34.00 9.23 42.14
CA GLY B 203 -33.18 8.42 41.24
C GLY B 203 -33.54 8.62 39.77
N PRO B 204 -32.83 7.97 38.83
CA PRO B 204 -32.85 8.38 37.44
C PRO B 204 -34.15 8.11 36.71
N ALA B 205 -34.99 7.23 37.25
CA ALA B 205 -36.16 6.80 36.54
C ALA B 205 -37.06 8.01 36.29
N PRO B 206 -37.55 8.17 35.05
CA PRO B 206 -38.28 9.37 34.68
C PRO B 206 -39.77 9.28 34.94
N LEU B 207 -40.32 8.08 34.80
CA LEU B 207 -41.75 7.88 34.94
C LEU B 207 -42.09 6.99 36.14
N ASN B 208 -43.37 7.01 36.53
CA ASN B 208 -43.81 6.12 37.59
C ASN B 208 -44.05 4.77 36.96
N LEU B 209 -43.98 3.71 37.79
CA LEU B 209 -44.12 2.34 37.30
C LEU B 209 -45.44 2.20 36.55
N GLU B 210 -45.38 1.83 35.26
CA GLU B 210 -46.53 1.71 34.37
C GLU B 210 -47.62 0.82 34.96
N ILE B 211 -48.87 1.16 34.65
CA ILE B 211 -49.99 0.38 35.12
C ILE B 211 -50.52 -0.35 33.91
N PRO B 212 -50.70 -1.67 34.00
CA PRO B 212 -51.20 -2.39 32.82
C PRO B 212 -52.69 -2.12 32.71
N GLU B 213 -53.29 -2.63 31.63
CA GLU B 213 -54.74 -2.67 31.51
C GLU B 213 -55.28 -3.88 32.27
N TYR B 214 -55.84 -3.58 33.45
CA TYR B 214 -56.32 -4.65 34.29
C TYR B 214 -57.75 -4.34 34.69
N ASP B 215 -58.55 -5.41 34.78
CA ASP B 215 -59.95 -5.34 35.14
C ASP B 215 -60.24 -6.37 36.22
N PHE B 216 -61.02 -5.96 37.22
CA PHE B 216 -61.55 -6.90 38.20
C PHE B 216 -62.81 -7.55 37.64
N ALA B 217 -62.65 -8.77 37.11
CA ALA B 217 -63.75 -9.60 36.61
C ALA B 217 -64.64 -10.00 37.78
N ASP B 218 -64.03 -10.59 38.81
CA ASP B 218 -64.61 -10.79 40.12
C ASP B 218 -63.90 -9.84 41.08
N ALA B 219 -64.32 -9.82 42.35
CA ALA B 219 -63.67 -8.99 43.34
C ALA B 219 -62.45 -9.72 43.92
N GLU B 220 -62.25 -10.97 43.49
CA GLU B 220 -61.23 -11.84 44.06
C GLU B 220 -60.26 -12.29 42.96
N THR B 221 -60.55 -11.89 41.72
CA THR B 221 -59.69 -12.18 40.57
C THR B 221 -59.63 -10.98 39.64
N LEU B 222 -58.42 -10.64 39.22
CA LEU B 222 -58.21 -9.67 38.17
C LEU B 222 -57.51 -10.32 36.98
N VAL B 223 -57.85 -9.82 35.78
CA VAL B 223 -57.24 -10.19 34.52
C VAL B 223 -56.36 -9.03 34.06
N ILE B 224 -55.25 -9.34 33.37
CA ILE B 224 -54.33 -8.30 32.95
C ILE B 224 -54.22 -8.27 31.42
N ALA C 2 -1.91 24.44 19.64
CA ALA C 2 -1.74 25.94 19.69
C ALA C 2 -0.51 26.37 18.89
N SER C 3 -0.54 27.63 18.43
CA SER C 3 0.50 28.11 17.56
C SER C 3 1.65 28.69 18.37
N ILE C 4 2.86 28.62 17.82
CA ILE C 4 3.99 29.18 18.53
C ILE C 4 3.82 30.69 18.65
N THR C 5 3.20 31.31 17.64
CA THR C 5 2.97 32.73 17.66
C THR C 5 2.18 33.12 18.90
N SER C 6 1.11 32.36 19.18
CA SER C 6 0.25 32.60 20.34
C SER C 6 1.08 32.59 21.61
N VAL C 7 1.90 31.54 21.73
CA VAL C 7 2.68 31.30 22.92
C VAL C 7 3.68 32.44 23.09
N VAL C 8 4.26 32.88 21.99
CA VAL C 8 5.27 33.89 22.08
C VAL C 8 4.64 35.24 22.40
N LYS C 9 3.49 35.55 21.82
CA LYS C 9 2.91 36.85 22.10
C LYS C 9 2.44 36.92 23.55
N THR C 10 1.83 35.83 24.02
CA THR C 10 1.34 35.78 25.37
C THR C 10 2.51 35.91 26.34
N SER C 11 3.60 35.21 26.07
CA SER C 11 4.79 35.33 26.89
C SER C 11 5.30 36.77 26.93
N GLU C 12 5.21 37.49 25.81
CA GLU C 12 5.68 38.86 25.77
C GLU C 12 4.77 39.77 26.60
N LEU C 13 3.45 39.51 26.61
CA LEU C 13 2.53 40.25 27.46
C LEU C 13 2.90 40.11 28.93
N ILE C 14 3.38 38.92 29.30
CA ILE C 14 3.71 38.66 30.68
C ILE C 14 5.02 39.37 31.04
N LEU C 15 6.03 39.22 30.20
CA LEU C 15 7.30 39.86 30.47
C LEU C 15 7.19 41.39 30.52
N LYS C 16 6.26 42.00 29.75
CA LYS C 16 6.00 43.43 29.80
C LYS C 16 5.55 43.86 31.20
N SER C 17 4.46 43.24 31.70
CA SER C 17 3.83 43.60 32.96
C SER C 17 4.79 43.32 34.11
N PRO C 18 5.20 44.34 34.90
CA PRO C 18 6.18 44.15 35.96
C PRO C 18 5.72 43.12 36.99
N LEU C 19 4.49 43.31 37.51
CA LEU C 19 3.85 42.43 38.47
C LEU C 19 3.87 41.00 37.95
N LEU C 20 3.39 40.82 36.70
CA LEU C 20 3.24 39.51 36.10
C LEU C 20 4.59 38.82 36.00
N SER C 21 5.59 39.52 35.45
CA SER C 21 6.91 38.94 35.31
C SER C 21 7.49 38.57 36.68
N LYS C 22 7.26 39.42 37.69
CA LYS C 22 7.80 39.21 39.03
C LYS C 22 7.33 37.88 39.60
N ILE C 23 6.11 37.45 39.23
CA ILE C 23 5.56 36.24 39.82
C ILE C 23 5.68 35.06 38.86
N VAL C 24 5.77 35.32 37.55
CA VAL C 24 5.70 34.26 36.55
C VAL C 24 7.10 33.78 36.18
N VAL C 25 8.04 34.70 35.97
CA VAL C 25 9.38 34.30 35.56
C VAL C 25 9.98 33.29 36.54
N PRO C 26 9.94 33.49 37.88
CA PRO C 26 10.48 32.49 38.80
C PRO C 26 9.78 31.14 38.73
N LEU C 27 8.44 31.16 38.55
CA LEU C 27 7.66 29.95 38.37
C LEU C 27 8.14 29.20 37.14
N ALA C 28 8.30 29.95 36.05
CA ALA C 28 8.58 29.32 34.78
C ALA C 28 9.99 28.75 34.84
N LYS C 29 10.88 29.39 35.59
CA LYS C 29 12.23 28.89 35.68
C LYS C 29 12.29 27.61 36.50
N THR C 30 11.42 27.49 37.51
CA THR C 30 11.45 26.22 38.23
C THR C 30 10.74 25.13 37.44
N TYR C 31 9.66 25.51 36.77
CA TYR C 31 8.96 24.59 35.90
C TYR C 31 9.97 23.98 34.92
N VAL C 32 10.78 24.83 34.32
CA VAL C 32 11.72 24.29 33.35
C VAL C 32 12.76 23.40 34.01
N LYS C 33 13.16 23.71 35.23
CA LYS C 33 14.13 22.87 35.92
C LYS C 33 13.50 21.50 36.17
N PHE C 34 12.25 21.48 36.65
CA PHE C 34 11.62 20.21 36.94
C PHE C 34 11.21 19.48 35.68
N SER C 35 11.02 20.21 34.57
CA SER C 35 10.62 19.59 33.32
C SER C 35 11.63 18.52 32.94
N GLY C 36 12.89 18.92 33.03
CA GLY C 36 14.02 18.01 33.03
C GLY C 36 14.40 17.66 31.60
N TYR C 37 13.98 18.49 30.64
CA TYR C 37 14.40 18.17 29.30
C TYR C 37 15.88 18.48 29.17
N ARG C 38 16.39 19.39 29.99
CA ARG C 38 17.80 19.70 29.89
C ARG C 38 18.64 18.50 30.31
N GLN C 39 18.06 17.59 31.09
CA GLN C 39 18.80 16.42 31.55
C GLN C 39 18.91 15.36 30.46
N LEU C 40 18.28 15.57 29.30
CA LEU C 40 18.51 14.68 28.17
C LEU C 40 19.25 15.43 27.07
N GLY C 41 19.65 16.65 27.40
CA GLY C 41 20.55 17.39 26.54
C GLY C 41 19.76 18.08 25.44
N PHE C 42 18.50 18.35 25.74
CA PHE C 42 17.66 19.01 24.76
C PHE C 42 17.67 20.50 25.00
N LYS C 43 17.54 21.27 23.93
CA LYS C 43 17.10 22.65 24.07
C LYS C 43 15.58 22.67 24.04
N MET C 44 14.98 23.69 24.65
CA MET C 44 13.52 23.73 24.74
C MET C 44 12.94 23.51 23.36
N ASN C 45 13.54 24.16 22.37
CA ASN C 45 12.95 24.17 21.07
C ASN C 45 12.96 22.80 20.41
N ASP C 46 13.82 21.88 20.86
CA ASP C 46 13.86 20.53 20.30
C ASP C 46 12.55 19.79 20.55
N LEU C 47 11.79 20.26 21.53
CA LEU C 47 10.62 19.53 21.96
C LEU C 47 9.38 20.02 21.23
N ILE C 48 9.49 21.09 20.42
CA ILE C 48 8.31 21.55 19.69
C ILE C 48 7.91 20.53 18.62
N ILE C 49 6.59 20.22 18.56
CA ILE C 49 6.01 19.28 17.62
C ILE C 49 6.37 19.73 16.21
N GLU C 50 6.97 18.85 15.41
CA GLU C 50 7.41 19.30 14.10
C GLU C 50 6.63 18.67 12.96
N GLU C 51 5.73 17.74 13.28
CA GLU C 51 4.93 17.11 12.25
C GLU C 51 3.73 18.00 11.96
N THR C 52 4.03 19.17 11.41
CA THR C 52 3.04 20.00 10.77
C THR C 52 3.69 20.65 9.57
N PRO C 53 2.90 21.14 8.59
CA PRO C 53 3.46 21.85 7.44
C PRO C 53 4.39 22.99 7.87
N ASN C 54 3.88 23.81 8.79
CA ASN C 54 4.51 25.04 9.22
C ASN C 54 5.85 24.69 9.81
N MET C 55 5.88 23.69 10.69
CA MET C 55 7.12 23.41 11.37
C MET C 55 8.13 22.77 10.43
N GLN C 56 7.62 22.02 9.45
CA GLN C 56 8.54 21.39 8.53
C GLN C 56 9.26 22.50 7.77
N LEU C 57 8.50 23.50 7.34
CA LEU C 57 9.05 24.64 6.64
C LEU C 57 10.08 25.35 7.53
N ALA C 58 9.78 25.56 8.81
CA ALA C 58 10.71 26.25 9.68
C ALA C 58 12.00 25.43 9.83
N LEU C 59 11.87 24.11 9.88
CA LEU C 59 13.05 23.32 10.13
C LEU C 59 13.95 23.30 8.91
N ARG C 60 13.34 23.34 7.72
CA ARG C 60 14.07 23.44 6.45
C ARG C 60 14.82 24.78 6.34
N ARG C 61 14.39 25.77 7.10
CA ARG C 61 14.99 27.09 7.05
C ARG C 61 16.16 27.19 8.02
N LEU C 62 16.36 26.19 8.88
CA LEU C 62 17.45 26.28 9.82
C LEU C 62 18.79 26.31 9.08
N PRO C 63 19.79 27.10 9.55
CA PRO C 63 21.14 27.05 8.98
C PRO C 63 21.69 25.63 9.12
N PRO C 64 22.50 25.14 8.16
CA PRO C 64 23.01 23.77 8.20
C PRO C 64 23.63 23.38 9.53
N THR C 65 24.46 24.26 10.11
CA THR C 65 25.05 23.96 11.41
C THR C 65 23.98 23.67 12.45
N GLU C 66 23.05 24.62 12.64
CA GLU C 66 22.02 24.45 13.64
C GLU C 66 21.22 23.17 13.39
N SER C 67 20.98 22.88 12.11
CA SER C 67 20.19 21.72 11.76
C SER C 67 20.95 20.46 12.11
N TYR C 68 22.25 20.43 11.83
CA TYR C 68 22.99 19.21 12.09
C TYR C 68 23.06 19.02 13.59
N ASP C 69 23.14 20.12 14.33
CA ASP C 69 23.33 19.95 15.75
C ASP C 69 22.03 19.47 16.34
N ARG C 70 20.90 19.89 15.76
CA ARG C 70 19.60 19.48 16.27
C ARG C 70 19.48 17.99 16.06
N VAL C 71 19.85 17.50 14.87
CA VAL C 71 19.76 16.08 14.64
C VAL C 71 20.60 15.36 15.69
N TYR C 72 21.78 15.87 15.98
CA TYR C 72 22.61 15.17 16.94
C TYR C 72 21.93 15.18 18.30
N ARG C 73 21.41 16.32 18.74
CA ARG C 73 20.83 16.30 20.06
C ARG C 73 19.66 15.34 20.12
N LEU C 74 18.91 15.17 19.01
CA LEU C 74 17.76 14.29 19.09
C LEU C 74 18.21 12.86 19.11
N ILE C 75 19.28 12.56 18.36
CA ILE C 75 19.77 11.20 18.32
C ILE C 75 20.30 10.84 19.69
N ARG C 76 21.05 11.77 20.27
CA ARG C 76 21.66 11.51 21.54
C ARG C 76 20.56 11.37 22.57
N ALA C 77 19.52 12.19 22.51
CA ALA C 77 18.48 12.09 23.53
C ALA C 77 17.72 10.80 23.35
N THR C 78 17.47 10.40 22.10
CA THR C 78 16.81 9.13 21.89
C THR C 78 17.61 7.99 22.53
N GLN C 79 18.94 8.10 22.44
CA GLN C 79 19.78 7.06 22.97
C GLN C 79 19.72 7.10 24.49
N PHE C 80 19.67 8.30 25.09
CA PHE C 80 19.53 8.34 26.54
C PHE C 80 18.20 7.73 26.97
N SER C 81 17.18 8.04 26.20
CA SER C 81 15.86 7.59 26.56
C SER C 81 15.83 6.07 26.56
N LEU C 82 16.38 5.46 25.51
CA LEU C 82 16.17 4.03 25.42
C LEU C 82 17.05 3.31 26.42
N SER C 83 18.16 3.93 26.83
CA SER C 83 19.04 3.33 27.83
C SER C 83 18.56 3.60 29.25
N HIS C 84 17.57 4.49 29.40
CA HIS C 84 17.06 4.97 30.67
C HIS C 84 18.18 5.64 31.45
N LYS C 85 19.09 6.32 30.76
CA LYS C 85 20.12 7.12 31.41
C LYS C 85 19.80 8.59 31.24
N LEU C 86 20.45 9.42 32.05
CA LEU C 86 20.36 10.84 31.81
C LEU C 86 21.69 11.31 31.24
N ALA C 87 21.69 12.50 30.64
CA ALA C 87 22.92 13.15 30.25
C ALA C 87 23.81 13.38 31.47
N THR C 88 25.12 13.37 31.26
CA THR C 88 26.03 13.79 32.30
C THR C 88 27.03 14.76 31.69
N GLY C 89 27.61 15.59 32.55
CA GLY C 89 28.69 16.46 32.14
C GLY C 89 28.26 17.45 31.06
N ASN C 90 28.91 17.36 29.90
CA ASN C 90 28.76 18.37 28.87
C ASN C 90 27.47 18.13 28.09
N ASP C 91 26.86 16.97 28.29
CA ASP C 91 25.66 16.63 27.52
C ASP C 91 24.46 17.31 28.16
N ILE C 92 24.56 17.65 29.45
CA ILE C 92 23.44 18.34 30.09
C ILE C 92 23.38 19.74 29.50
N THR C 93 22.17 20.18 29.13
CA THR C 93 22.01 21.53 28.61
C THR C 93 22.08 22.50 29.77
N LYS C 94 23.08 23.38 29.70
CA LYS C 94 23.25 24.44 30.68
C LYS C 94 22.28 25.54 30.29
N PRO C 95 21.71 26.28 31.25
CA PRO C 95 20.73 27.34 30.95
C PRO C 95 21.15 28.34 29.87
N GLU C 96 22.46 28.60 29.76
CA GLU C 96 23.06 29.53 28.80
C GLU C 96 23.09 28.97 27.39
N GLU C 97 23.00 27.64 27.27
CA GLU C 97 23.00 27.00 25.97
C GLU C 97 21.57 26.78 25.50
N ASP C 98 20.56 27.07 26.34
CA ASP C 98 19.20 26.75 25.95
C ASP C 98 18.65 27.92 25.12
N ASP C 99 19.18 28.06 23.91
CA ASP C 99 18.81 29.17 23.04
C ASP C 99 17.63 28.76 22.17
N HIS C 100 16.75 29.73 21.94
CA HIS C 100 15.58 29.56 21.11
C HIS C 100 16.01 29.65 19.64
N TYR C 101 16.69 28.61 19.16
CA TYR C 101 17.28 28.67 17.82
C TYR C 101 16.13 28.60 16.83
N LEU C 102 15.00 28.03 17.22
CA LEU C 102 14.02 27.75 16.20
C LEU C 102 12.93 28.79 16.20
N ILE C 103 12.71 29.43 17.34
CA ILE C 103 11.57 30.31 17.49
C ILE C 103 11.55 31.36 16.39
N PRO C 104 12.65 32.06 16.04
CA PRO C 104 12.63 33.04 14.94
C PRO C 104 12.17 32.49 13.61
N TYR C 105 12.55 31.26 13.31
CA TYR C 105 12.16 30.65 12.05
C TYR C 105 10.68 30.31 12.04
N ILE C 106 10.16 29.74 13.14
CA ILE C 106 8.76 29.35 13.12
C ILE C 106 7.90 30.61 13.21
N LEU C 107 8.38 31.63 13.90
CA LEU C 107 7.58 32.83 13.97
C LEU C 107 7.47 33.47 12.61
N ASP C 108 8.52 33.34 11.77
CA ASP C 108 8.42 33.91 10.42
C ASP C 108 7.49 33.10 9.54
N VAL C 109 7.56 31.77 9.66
CA VAL C 109 6.70 30.89 8.90
C VAL C 109 5.25 31.18 9.24
N GLU C 110 4.97 31.25 10.53
CA GLU C 110 3.59 31.42 10.97
C GLU C 110 3.12 32.84 10.66
N ALA C 111 4.01 33.82 10.77
CA ALA C 111 3.62 35.18 10.46
C ALA C 111 3.04 35.23 9.06
N GLU C 112 3.77 34.64 8.10
CA GLU C 112 3.29 34.59 6.73
C GLU C 112 2.01 33.78 6.61
N ALA C 113 1.93 32.63 7.27
CA ALA C 113 0.74 31.79 7.18
C ALA C 113 -0.49 32.52 7.70
N PHE C 114 -0.32 33.29 8.78
CA PHE C 114 -1.47 33.97 9.36
C PHE C 114 -1.82 35.20 8.55
N GLU C 115 -0.83 35.87 7.97
CA GLU C 115 -1.11 36.98 7.08
C GLU C 115 -1.87 36.46 5.87
N LYS C 116 -1.46 35.29 5.39
CA LYS C 116 -2.09 34.70 4.22
C LYS C 116 -3.57 34.43 4.51
N ASP C 117 -3.86 33.83 5.68
CA ASP C 117 -5.24 33.60 6.09
C ASP C 117 -6.02 34.91 6.19
N ALA C 118 -5.39 35.94 6.76
CA ALA C 118 -6.05 37.21 6.92
C ALA C 118 -6.35 37.82 5.56
N LEU C 119 -5.37 37.77 4.66
CA LEU C 119 -5.56 38.50 3.41
C LEU C 119 -6.47 37.72 2.47
N ASP C 120 -6.69 36.42 2.74
CA ASP C 120 -7.63 35.62 1.99
C ASP C 120 -9.06 36.05 2.31
N ASN C 121 -9.20 36.81 3.41
CA ASN C 121 -10.49 37.25 3.90
C ASN C 121 -10.59 38.76 3.90
N LEU C 122 -9.86 39.44 3.02
CA LEU C 122 -9.96 40.89 2.99
C LEU C 122 -11.18 41.33 2.20
N GLU C 123 -11.74 42.47 2.60
CA GLU C 123 -12.89 43.04 1.94
C GLU C 123 -12.54 44.44 1.46
N VAL C 124 -12.53 44.62 0.14
CA VAL C 124 -12.36 45.94 -0.44
C VAL C 124 -13.50 46.82 0.05
N VAL C 125 -13.14 47.95 0.67
CA VAL C 125 -14.11 48.86 1.25
C VAL C 125 -14.66 49.89 0.24
N PRO D 66 -18.75 -35.08 70.41
CA PRO D 66 -19.53 -33.81 70.31
C PRO D 66 -18.88 -32.75 69.43
N ASP D 67 -19.68 -31.72 69.09
CA ASP D 67 -19.31 -30.78 68.04
C ASP D 67 -18.15 -29.92 68.54
N PRO D 68 -16.98 -29.90 67.83
CA PRO D 68 -15.83 -29.13 68.25
C PRO D 68 -16.15 -27.64 68.30
N ALA D 69 -17.00 -27.18 67.38
CA ALA D 69 -17.32 -25.78 67.25
C ALA D 69 -17.83 -25.19 68.57
N ILE D 70 -18.73 -25.94 69.23
CA ILE D 70 -19.40 -25.49 70.45
C ILE D 70 -18.34 -24.99 71.44
N ALA D 71 -17.38 -25.87 71.74
CA ALA D 71 -16.31 -25.61 72.68
C ALA D 71 -15.45 -24.41 72.24
N LEU D 72 -15.04 -24.41 70.96
CA LEU D 72 -14.17 -23.36 70.45
C LEU D 72 -14.84 -22.00 70.48
N HIS D 73 -16.15 -21.97 70.17
CA HIS D 73 -16.90 -20.74 70.14
C HIS D 73 -17.03 -20.18 71.54
N GLU D 74 -17.21 -21.08 72.51
CA GLU D 74 -17.43 -20.65 73.88
C GLU D 74 -16.14 -20.07 74.46
N ALA D 75 -15.02 -20.73 74.14
CA ALA D 75 -13.68 -20.38 74.54
C ALA D 75 -13.30 -19.00 74.00
N ALA D 76 -13.62 -18.77 72.73
CA ALA D 76 -13.28 -17.54 72.04
C ALA D 76 -14.16 -16.40 72.53
N ALA D 77 -15.35 -16.71 73.04
CA ALA D 77 -16.25 -15.68 73.53
C ALA D 77 -15.78 -15.17 74.88
N GLU D 78 -15.31 -16.09 75.74
CA GLU D 78 -14.91 -15.75 77.09
C GLU D 78 -13.55 -15.07 77.11
N GLY D 79 -12.75 -15.41 76.09
CA GLY D 79 -11.35 -15.04 75.95
C GLY D 79 -11.14 -13.83 75.04
N PRO D 80 -10.66 -14.02 73.78
CA PRO D 80 -10.28 -12.90 72.89
C PRO D 80 -11.41 -12.01 72.40
N CYS D 81 -12.65 -12.49 72.52
CA CYS D 81 -13.78 -11.73 72.04
C CYS D 81 -14.70 -11.41 73.21
N HIS D 82 -14.09 -11.09 74.36
CA HIS D 82 -14.87 -10.87 75.56
C HIS D 82 -15.56 -9.53 75.49
N ASP D 83 -14.86 -8.52 74.96
CA ASP D 83 -15.42 -7.19 74.86
C ASP D 83 -16.72 -7.26 74.05
N PHE D 84 -16.66 -7.90 72.89
CA PHE D 84 -17.82 -8.02 72.01
C PHE D 84 -18.93 -8.87 72.60
N LYS D 85 -18.56 -9.94 73.34
CA LYS D 85 -19.52 -10.86 73.97
C LYS D 85 -20.39 -10.02 74.87
N HIS D 86 -19.69 -9.16 75.59
CA HIS D 86 -20.31 -8.50 76.68
C HIS D 86 -21.07 -7.26 76.21
N HIS D 87 -20.63 -6.68 75.07
CA HIS D 87 -21.42 -5.71 74.31
C HIS D 87 -22.75 -6.28 73.82
N PHE D 88 -22.68 -7.46 73.19
CA PHE D 88 -23.86 -8.16 72.72
C PHE D 88 -24.80 -8.41 73.91
N ASP D 89 -24.24 -8.90 75.02
CA ASP D 89 -25.05 -9.25 76.18
C ASP D 89 -25.82 -8.02 76.66
N GLU D 90 -25.10 -6.92 76.82
CA GLU D 90 -25.70 -5.71 77.31
C GLU D 90 -26.77 -5.21 76.34
N CYS D 91 -26.48 -5.24 75.03
CA CYS D 91 -27.49 -4.96 73.99
C CYS D 91 -28.77 -5.78 74.23
N VAL D 92 -28.61 -7.11 74.35
CA VAL D 92 -29.77 -7.99 74.47
C VAL D 92 -30.63 -7.54 75.65
N GLU D 93 -29.99 -7.36 76.82
CA GLU D 93 -30.65 -6.89 78.03
C GLU D 93 -31.50 -5.66 77.73
N ARG D 94 -30.92 -4.66 77.07
CA ARG D 94 -31.58 -3.40 76.76
C ARG D 94 -32.83 -3.63 75.92
N VAL D 95 -32.67 -4.45 74.87
CA VAL D 95 -33.73 -4.63 73.88
C VAL D 95 -34.89 -5.44 74.48
N THR D 96 -34.56 -6.51 75.19
CA THR D 96 -35.59 -7.34 75.82
C THR D 96 -36.41 -6.52 76.81
N LYS D 97 -35.71 -5.65 77.58
CA LYS D 97 -36.33 -4.77 78.55
C LYS D 97 -37.24 -3.78 77.83
N ALA D 98 -36.81 -3.37 76.63
CA ALA D 98 -37.54 -2.39 75.85
C ALA D 98 -38.80 -3.01 75.26
N GLN D 99 -38.73 -4.31 74.96
CA GLN D 99 -39.85 -5.07 74.42
C GLN D 99 -40.88 -5.35 75.52
N GLU D 100 -40.38 -5.48 76.75
CA GLU D 100 -41.16 -5.74 77.94
C GLU D 100 -42.06 -4.55 78.27
N ALA D 101 -41.53 -3.33 78.07
CA ALA D 101 -42.25 -2.08 78.29
C ALA D 101 -43.40 -1.96 77.30
N GLU D 102 -44.54 -1.43 77.76
CA GLU D 102 -45.75 -1.40 76.95
C GLU D 102 -45.70 -0.22 75.99
N ASP D 103 -46.50 -0.32 74.91
CA ASP D 103 -46.51 0.62 73.79
C ASP D 103 -45.15 0.60 73.09
N TYR D 104 -44.54 -0.58 73.08
CA TYR D 104 -43.35 -0.83 72.28
C TYR D 104 -43.75 -1.14 70.84
N ASP D 105 -44.90 -1.80 70.68
CA ASP D 105 -45.42 -2.19 69.37
C ASP D 105 -45.79 -0.95 68.55
N HIS D 106 -46.18 0.13 69.24
CA HIS D 106 -46.54 1.40 68.64
C HIS D 106 -45.41 2.41 68.84
N ALA D 107 -44.17 1.93 68.65
CA ALA D 107 -43.01 2.80 68.66
C ALA D 107 -42.50 2.98 67.24
N GLU D 108 -41.74 4.05 67.03
CA GLU D 108 -41.20 4.34 65.72
C GLU D 108 -40.00 3.43 65.45
N TYR D 109 -39.03 3.49 66.37
CA TYR D 109 -37.75 2.81 66.22
C TYR D 109 -37.65 1.65 67.20
N LYS D 110 -37.52 0.45 66.65
CA LYS D 110 -37.31 -0.76 67.43
C LYS D 110 -35.85 -1.19 67.29
N GLU D 111 -35.08 -1.04 68.38
CA GLU D 111 -33.68 -1.39 68.40
C GLU D 111 -33.53 -2.90 68.27
N ASP D 112 -32.53 -3.35 67.50
CA ASP D 112 -32.12 -4.75 67.43
C ASP D 112 -30.71 -4.91 67.98
N CYS D 113 -30.19 -6.13 67.91
CA CYS D 113 -28.84 -6.42 68.37
C CYS D 113 -28.03 -7.11 67.29
N VAL D 114 -28.45 -6.95 66.05
CA VAL D 114 -27.82 -7.63 64.94
C VAL D 114 -26.39 -7.11 64.83
N GLU D 115 -26.23 -5.78 64.96
CA GLU D 115 -24.94 -5.17 64.76
C GLU D 115 -23.92 -5.79 65.72
N GLU D 116 -24.30 -5.86 67.00
CA GLU D 116 -23.42 -6.35 68.07
C GLU D 116 -23.15 -7.83 67.86
N PHE D 117 -24.19 -8.53 67.37
CA PHE D 117 -24.07 -9.94 67.12
C PHE D 117 -23.06 -10.16 66.00
N PHE D 118 -23.17 -9.38 64.94
CA PHE D 118 -22.22 -9.53 63.85
C PHE D 118 -20.81 -9.18 64.33
N HIS D 119 -20.63 -8.17 65.20
CA HIS D 119 -19.28 -7.87 65.64
C HIS D 119 -18.70 -9.04 66.41
N LEU D 120 -19.56 -9.66 67.24
CA LEU D 120 -19.17 -10.82 68.02
C LEU D 120 -18.83 -11.99 67.11
N GLN D 121 -19.69 -12.28 66.14
CA GLN D 121 -19.55 -13.49 65.34
C GLN D 121 -18.35 -13.32 64.44
N HIS D 122 -18.19 -12.11 63.91
CA HIS D 122 -17.06 -11.83 63.04
C HIS D 122 -15.76 -12.03 63.80
N CYS D 123 -15.75 -11.61 65.06
CA CYS D 123 -14.61 -11.78 65.94
C CYS D 123 -14.39 -13.28 66.21
N ILE D 124 -15.46 -13.98 66.61
CA ILE D 124 -15.30 -15.38 66.96
C ILE D 124 -14.74 -16.13 65.77
N ASN D 125 -15.21 -15.77 64.57
CA ASN D 125 -14.84 -16.50 63.38
C ASN D 125 -13.35 -16.34 63.09
N ASP D 126 -12.85 -15.12 63.31
CA ASP D 126 -11.45 -14.81 63.09
C ASP D 126 -10.55 -15.61 64.03
N ASN D 127 -11.05 -15.94 65.23
CA ASN D 127 -10.21 -16.58 66.23
C ASN D 127 -10.43 -18.08 66.32
N THR D 128 -11.15 -18.65 65.36
CA THR D 128 -11.66 -19.99 65.54
C THR D 128 -11.48 -20.78 64.25
N ALA D 129 -11.70 -20.09 63.12
CA ALA D 129 -11.73 -20.74 61.82
C ALA D 129 -10.61 -21.75 61.68
N ASP D 130 -9.36 -21.32 61.93
CA ASP D 130 -8.19 -22.13 61.71
C ASP D 130 -8.15 -23.30 62.68
N LYS D 131 -8.56 -23.01 63.93
CA LYS D 131 -8.52 -23.99 64.99
C LYS D 131 -9.54 -25.11 64.72
N LEU D 132 -10.70 -24.73 64.21
CA LEU D 132 -11.79 -25.66 64.00
C LEU D 132 -11.40 -26.64 62.89
N PHE D 133 -10.92 -26.09 61.78
CA PHE D 133 -10.62 -26.92 60.64
C PHE D 133 -9.42 -27.83 60.92
N ARG D 134 -8.65 -27.49 61.95
CA ARG D 134 -7.50 -28.30 62.31
C ARG D 134 -7.94 -29.59 62.99
N VAL D 135 -9.15 -29.61 63.58
CA VAL D 135 -9.66 -30.77 64.30
C VAL D 135 -10.75 -31.51 63.52
N LEU D 136 -10.75 -31.34 62.19
CA LEU D 136 -11.69 -32.06 61.32
C LEU D 136 -10.93 -32.89 60.27
N VAL E 26 57.92 -19.33 -17.61
CA VAL E 26 58.77 -19.64 -16.39
C VAL E 26 59.64 -18.43 -16.06
N SER E 27 59.34 -17.79 -14.93
CA SER E 27 60.06 -16.61 -14.48
C SER E 27 61.46 -16.98 -13.99
N PRO E 28 62.48 -16.08 -14.10
CA PRO E 28 63.81 -16.37 -13.55
C PRO E 28 63.73 -16.49 -12.03
N LYS E 29 64.65 -17.31 -11.53
CA LYS E 29 64.86 -17.68 -10.14
C LYS E 29 65.11 -16.45 -9.27
N THR E 30 64.45 -16.42 -8.10
CA THR E 30 64.73 -15.35 -7.15
C THR E 30 65.93 -15.73 -6.31
N ARG E 31 67.05 -15.02 -6.48
CA ARG E 31 68.21 -15.32 -5.67
C ARG E 31 68.12 -14.60 -4.33
N THR E 32 68.66 -15.23 -3.28
CA THR E 32 68.58 -14.75 -1.93
C THR E 32 69.93 -14.93 -1.25
N SER E 33 70.45 -13.85 -0.68
CA SER E 33 71.63 -13.91 0.16
C SER E 33 71.37 -13.15 1.45
N ASN E 34 72.16 -13.50 2.47
CA ASN E 34 72.18 -12.77 3.72
C ASN E 34 73.51 -12.06 3.88
N LEU E 35 73.52 -11.04 4.73
CA LEU E 35 74.73 -10.47 5.29
C LEU E 35 74.95 -11.04 6.68
N LYS E 36 76.05 -10.60 7.31
CA LYS E 36 76.46 -11.01 8.64
C LYS E 36 75.49 -10.49 9.70
N ASN E 37 75.08 -9.23 9.53
CA ASN E 37 74.16 -8.58 10.46
C ASN E 37 72.78 -9.25 10.39
N GLY E 38 72.43 -9.78 9.22
CA GLY E 38 71.19 -10.51 9.09
C GLY E 38 70.26 -9.87 8.06
N LEU E 39 70.80 -8.91 7.29
CA LEU E 39 70.04 -8.28 6.22
C LEU E 39 69.89 -9.30 5.11
N THR E 40 68.64 -9.49 4.68
CA THR E 40 68.35 -10.34 3.54
C THR E 40 68.42 -9.52 2.25
N ILE E 41 69.09 -10.07 1.24
CA ILE E 41 69.10 -9.47 -0.09
C ILE E 41 68.44 -10.45 -1.03
N ALA E 42 67.40 -9.96 -1.72
CA ALA E 42 66.65 -10.84 -2.60
C ALA E 42 66.44 -10.13 -3.93
N SER E 43 66.64 -10.89 -5.00
CA SER E 43 66.71 -10.22 -6.27
C SER E 43 66.05 -11.08 -7.34
N GLU E 44 65.35 -10.43 -8.28
CA GLU E 44 64.92 -11.15 -9.45
C GLU E 44 65.23 -10.34 -10.70
N SER E 45 66.24 -10.81 -11.44
CA SER E 45 66.71 -10.19 -12.66
C SER E 45 65.78 -10.48 -13.83
N ASN E 46 65.64 -9.45 -14.68
CA ASN E 46 64.87 -9.50 -15.91
C ASN E 46 65.68 -8.79 -17.00
N PRO E 47 66.51 -9.50 -17.78
CA PRO E 47 67.43 -8.83 -18.72
C PRO E 47 66.74 -8.26 -19.96
N LEU E 48 65.40 -8.19 -19.88
CA LEU E 48 64.54 -7.73 -20.96
C LEU E 48 64.12 -6.27 -20.72
N VAL E 49 64.31 -5.78 -19.49
CA VAL E 49 63.99 -4.41 -19.12
C VAL E 49 65.28 -3.64 -18.87
N GLN E 50 65.15 -2.31 -18.76
CA GLN E 50 66.31 -1.43 -18.70
C GLN E 50 66.27 -0.62 -17.40
N THR E 51 65.15 -0.69 -16.68
CA THR E 51 65.10 -0.04 -15.38
C THR E 51 65.20 -1.11 -14.29
N ALA E 52 65.36 -0.63 -13.07
CA ALA E 52 65.54 -1.50 -11.93
C ALA E 52 64.94 -0.85 -10.70
N THR E 53 64.21 -1.63 -9.92
CA THR E 53 63.68 -1.14 -8.67
C THR E 53 64.44 -1.80 -7.54
N VAL E 54 65.32 -1.04 -6.87
CA VAL E 54 65.88 -1.52 -5.61
C VAL E 54 65.14 -0.85 -4.47
N GLY E 55 64.95 -1.60 -3.40
CA GLY E 55 64.43 -0.95 -2.21
C GLY E 55 64.57 -1.83 -0.99
N VAL E 56 64.15 -1.26 0.13
CA VAL E 56 64.25 -1.93 1.40
C VAL E 56 62.84 -2.14 1.93
N TRP E 57 62.50 -3.41 2.10
CA TRP E 57 61.23 -3.76 2.71
C TRP E 57 61.52 -4.02 4.16
N ILE E 58 60.76 -3.41 5.05
CA ILE E 58 61.01 -3.59 6.47
C ILE E 58 59.80 -4.27 7.09
N ASP E 59 60.06 -5.27 7.92
CA ASP E 59 58.99 -5.91 8.65
C ASP E 59 58.75 -5.09 9.91
N ALA E 60 58.24 -3.88 9.74
CA ALA E 60 57.92 -2.96 10.82
C ALA E 60 56.93 -1.98 10.26
N GLY E 61 55.99 -1.51 11.07
CA GLY E 61 55.09 -0.51 10.56
C GLY E 61 54.41 0.13 11.75
N SER E 62 53.21 0.67 11.52
CA SER E 62 52.48 1.34 12.57
C SER E 62 52.18 0.41 13.74
N ARG E 63 52.06 -0.88 13.45
CA ARG E 63 51.73 -1.85 14.48
C ARG E 63 52.80 -1.90 15.56
N ASN E 64 53.98 -1.38 15.25
CA ASN E 64 55.11 -1.56 16.14
C ASN E 64 55.20 -0.42 17.14
N GLU E 65 54.31 0.56 16.97
CA GLU E 65 54.19 1.63 17.94
C GLU E 65 53.31 1.16 19.11
N ASN E 66 53.45 1.84 20.25
CA ASN E 66 52.44 1.80 21.29
C ASN E 66 51.49 2.99 21.12
N ALA E 67 50.70 3.28 22.14
CA ALA E 67 49.65 4.26 21.95
C ALA E 67 50.21 5.68 22.03
N TYR E 68 51.36 5.84 22.69
CA TYR E 68 51.96 7.15 22.92
C TYR E 68 52.72 7.63 21.70
N ASN E 69 53.38 6.71 21.00
CA ASN E 69 54.15 7.09 19.84
C ASN E 69 53.45 6.63 18.55
N ASN E 70 52.11 6.49 18.59
CA ASN E 70 51.41 6.08 17.39
C ASN E 70 51.44 7.23 16.39
N GLY E 71 51.96 6.93 15.21
CA GLY E 71 52.08 7.93 14.16
C GLY E 71 53.54 8.19 13.84
N THR E 72 54.42 7.61 14.65
CA THR E 72 55.85 7.78 14.52
C THR E 72 56.34 7.22 13.19
N ALA E 73 55.85 6.04 12.83
CA ALA E 73 56.33 5.37 11.64
C ALA E 73 55.99 6.20 10.41
N HIS E 74 54.81 6.83 10.42
CA HIS E 74 54.44 7.62 9.27
C HIS E 74 55.22 8.93 9.29
N PHE E 75 55.46 9.41 10.51
CA PHE E 75 56.18 10.65 10.69
C PHE E 75 57.56 10.50 10.07
N PHE E 76 58.19 9.34 10.35
CA PHE E 76 59.54 9.07 9.91
C PHE E 76 59.61 9.07 8.39
N GLU E 77 58.60 8.47 7.77
CA GLU E 77 58.57 8.42 6.31
C GLU E 77 58.74 9.80 5.71
N HIS E 78 58.14 10.84 6.31
CA HIS E 78 58.29 12.20 5.84
C HIS E 78 59.70 12.72 6.08
N LEU E 79 60.23 12.42 7.26
CA LEU E 79 61.52 12.92 7.67
C LEU E 79 62.66 12.20 6.97
N ALA E 80 62.38 11.03 6.39
CA ALA E 80 63.42 10.28 5.73
C ALA E 80 63.99 11.09 4.56
N PHE E 81 63.12 11.94 4.00
CA PHE E 81 63.46 12.71 2.82
C PHE E 81 63.71 14.17 3.17
N LYS E 82 63.98 14.41 4.45
CA LYS E 82 64.15 15.76 4.96
C LYS E 82 65.63 16.06 5.23
N GLY E 83 66.52 15.12 4.82
CA GLY E 83 67.94 15.34 4.76
C GLY E 83 68.69 14.44 5.73
N THR E 84 69.95 14.20 5.40
CA THR E 84 70.79 13.29 6.14
C THR E 84 71.98 14.08 6.68
N ASP E 85 72.84 13.37 7.43
CA ASP E 85 74.04 13.96 7.99
C ASP E 85 74.95 14.56 6.90
N LYS E 86 74.99 13.92 5.72
CA LYS E 86 75.79 14.38 4.57
C LYS E 86 74.98 15.35 3.73
N ARG E 87 74.10 14.80 2.89
CA ARG E 87 73.31 15.61 1.99
C ARG E 87 72.19 16.29 2.78
N SER E 88 71.99 17.60 2.52
CA SER E 88 70.85 18.33 3.04
C SER E 88 69.58 17.93 2.28
N GLN E 89 68.45 18.54 2.63
CA GLN E 89 67.17 18.26 1.98
C GLN E 89 67.29 18.56 0.48
N HIS E 90 67.93 19.69 0.17
CA HIS E 90 68.05 20.18 -1.18
C HIS E 90 69.04 19.32 -1.96
N GLN E 91 70.16 18.97 -1.31
CA GLN E 91 71.15 18.11 -1.93
C GLN E 91 70.53 16.75 -2.26
N LEU E 92 69.73 16.22 -1.32
CA LEU E 92 69.02 14.96 -1.52
C LEU E 92 68.17 15.04 -2.77
N GLU E 93 67.33 16.08 -2.87
CA GLU E 93 66.47 16.32 -4.02
C GLU E 93 67.29 16.25 -5.31
N LEU E 94 68.38 17.03 -5.33
CA LEU E 94 69.20 17.11 -6.53
C LEU E 94 69.84 15.78 -6.90
N ASP E 95 70.31 15.02 -5.89
CA ASP E 95 70.98 13.76 -6.14
C ASP E 95 70.06 12.78 -6.85
N ILE E 96 68.79 12.74 -6.41
CA ILE E 96 67.79 11.85 -7.00
C ILE E 96 67.36 12.35 -8.37
N GLU E 97 67.18 13.67 -8.52
CA GLU E 97 66.84 14.23 -9.82
C GLU E 97 67.93 13.83 -10.83
N ASN E 98 69.19 13.85 -10.39
CA ASN E 98 70.31 13.59 -11.28
C ASN E 98 70.43 12.10 -11.61
N MET E 99 69.95 11.26 -10.71
CA MET E 99 69.86 9.83 -10.93
C MET E 99 68.90 9.57 -12.09
N GLY E 100 67.75 10.25 -12.07
CA GLY E 100 66.87 10.16 -13.22
C GLY E 100 65.54 9.52 -12.85
N GLY E 101 65.60 8.50 -11.98
CA GLY E 101 64.40 7.85 -11.50
C GLY E 101 63.81 8.55 -10.29
N HIS E 102 63.03 7.82 -9.50
CA HIS E 102 62.38 8.41 -8.35
C HIS E 102 62.48 7.48 -7.14
N LEU E 103 62.26 8.07 -5.97
CA LEU E 103 62.19 7.35 -4.73
C LEU E 103 60.75 7.38 -4.26
N ASN E 104 60.34 6.32 -3.58
CA ASN E 104 58.99 6.26 -3.07
C ASN E 104 59.01 5.43 -1.81
N ALA E 105 58.08 5.74 -0.92
CA ALA E 105 57.99 5.07 0.36
C ALA E 105 56.52 4.90 0.73
N TYR E 106 56.17 3.83 1.41
CA TYR E 106 54.90 3.80 2.09
C TYR E 106 54.99 3.02 3.37
N THR E 107 54.28 3.52 4.37
CA THR E 107 54.18 2.87 5.65
C THR E 107 52.77 2.30 5.74
N SER E 108 52.70 1.00 5.99
CA SER E 108 51.45 0.36 6.28
C SER E 108 51.48 -0.08 7.73
N ARG E 109 50.56 -0.98 8.06
CA ARG E 109 50.46 -1.30 9.46
C ARG E 109 51.61 -2.21 9.82
N GLU E 110 52.03 -3.06 8.89
CA GLU E 110 52.96 -4.10 9.27
C GLU E 110 54.25 -4.04 8.47
N SER E 111 54.27 -3.14 7.50
CA SER E 111 55.36 -3.14 6.54
C SER E 111 55.69 -1.73 6.15
N THR E 112 56.97 -1.39 6.15
CA THR E 112 57.39 -0.11 5.61
C THR E 112 58.27 -0.41 4.42
N VAL E 113 58.10 0.36 3.34
CA VAL E 113 58.89 0.13 2.15
C VAL E 113 59.53 1.43 1.74
N TYR E 114 60.75 1.32 1.20
CA TYR E 114 61.45 2.48 0.70
C TYR E 114 62.16 2.02 -0.56
N TYR E 115 61.66 2.40 -1.72
CA TYR E 115 62.30 1.89 -2.91
C TYR E 115 62.74 3.01 -3.84
N ALA E 116 63.53 2.64 -4.84
CA ALA E 116 64.08 3.60 -5.77
C ALA E 116 64.07 2.95 -7.15
N LYS E 117 63.20 3.47 -8.01
CA LYS E 117 63.17 3.05 -9.40
C LYS E 117 64.16 3.90 -10.17
N SER E 118 65.06 3.28 -10.93
CA SER E 118 66.08 4.05 -11.62
C SER E 118 66.39 3.37 -12.94
N PHE E 119 67.47 3.81 -13.56
CA PHE E 119 68.03 3.14 -14.71
C PHE E 119 68.96 2.02 -14.25
N LYS E 120 69.38 1.15 -15.16
CA LYS E 120 70.18 -0.02 -14.84
C LYS E 120 71.48 0.35 -14.11
N ASP E 121 72.12 1.44 -14.55
CA ASP E 121 73.49 1.70 -14.14
C ASP E 121 73.51 2.80 -13.09
N ASP E 122 72.30 3.18 -12.67
CA ASP E 122 72.05 4.16 -11.62
C ASP E 122 71.69 3.46 -10.32
N VAL E 123 71.90 2.15 -10.29
CA VAL E 123 71.47 1.39 -9.13
C VAL E 123 72.44 1.62 -7.97
N PRO E 124 73.77 1.66 -8.17
CA PRO E 124 74.69 1.98 -7.08
C PRO E 124 74.45 3.33 -6.41
N LYS E 125 73.92 4.31 -7.16
CA LYS E 125 73.61 5.62 -6.60
C LYS E 125 72.41 5.48 -5.65
N SER E 126 71.40 4.77 -6.13
CA SER E 126 70.13 4.64 -5.44
C SER E 126 70.27 3.82 -4.16
N VAL E 127 71.07 2.75 -4.20
CA VAL E 127 71.24 1.96 -2.99
C VAL E 127 71.95 2.82 -1.96
N GLU E 128 72.86 3.67 -2.43
CA GLU E 128 73.65 4.53 -1.58
C GLU E 128 72.74 5.57 -0.93
N ILE E 129 71.80 6.10 -1.71
CA ILE E 129 70.88 7.11 -1.22
C ILE E 129 69.92 6.46 -0.20
N LEU E 130 69.42 5.25 -0.49
CA LEU E 130 68.51 4.58 0.43
C LEU E 130 69.22 4.25 1.74
N ALA E 131 70.48 3.83 1.65
CA ALA E 131 71.20 3.45 2.85
C ALA E 131 71.42 4.67 3.73
N ASP E 132 71.56 5.82 3.07
CA ASP E 132 71.83 7.07 3.75
C ASP E 132 70.59 7.55 4.50
N ILE E 133 69.42 7.48 3.85
CA ILE E 133 68.21 8.05 4.41
C ILE E 133 67.70 7.18 5.54
N LEU E 134 68.10 5.89 5.54
CA LEU E 134 67.60 4.99 6.56
C LEU E 134 68.52 4.97 7.77
N GLN E 135 69.83 5.17 7.56
CA GLN E 135 70.75 5.01 8.66
C GLN E 135 71.10 6.36 9.25
N HIS E 136 71.17 7.37 8.38
CA HIS E 136 71.88 8.59 8.76
C HIS E 136 70.99 9.81 8.54
N SER E 137 69.71 9.66 8.89
CA SER E 137 68.75 10.75 8.77
C SER E 137 68.96 11.77 9.87
N LYS E 138 68.80 13.06 9.52
CA LYS E 138 69.13 14.11 10.46
C LYS E 138 68.07 14.16 11.55
N LEU E 139 66.79 14.17 11.15
CA LEU E 139 65.68 14.34 12.08
C LEU E 139 65.97 15.58 12.92
N ALA E 140 66.07 16.71 12.24
CA ALA E 140 66.41 17.97 12.88
C ALA E 140 65.14 18.59 13.44
N GLU E 141 65.19 19.11 14.67
CA GLU E 141 64.07 19.69 15.40
C GLU E 141 63.30 20.65 14.51
N SER E 142 64.02 21.41 13.68
CA SER E 142 63.43 22.36 12.75
C SER E 142 62.55 21.66 11.70
N ALA E 143 62.94 20.44 11.29
CA ALA E 143 62.24 19.70 10.26
C ALA E 143 61.07 18.93 10.86
N ILE E 144 61.24 18.42 12.07
CA ILE E 144 60.17 17.80 12.82
C ILE E 144 59.04 18.82 12.98
N ASP E 145 59.40 20.09 13.25
CA ASP E 145 58.41 21.10 13.55
C ASP E 145 57.69 21.53 12.28
N ARG E 146 58.42 21.55 11.15
CA ARG E 146 57.88 21.86 9.84
C ARG E 146 56.89 20.79 9.36
N GLU E 147 57.22 19.49 9.56
CA GLU E 147 56.41 18.39 9.06
C GLU E 147 55.20 18.17 9.94
N ARG E 148 55.30 18.62 11.19
CA ARG E 148 54.26 18.48 12.19
C ARG E 148 53.00 19.20 11.71
N GLU E 149 53.17 20.19 10.81
CA GLU E 149 52.04 20.91 10.27
C GLU E 149 51.52 20.17 9.04
N VAL E 150 52.47 19.65 8.26
CA VAL E 150 52.18 18.99 7.00
C VAL E 150 51.37 17.72 7.29
N ILE E 151 51.78 17.00 8.33
CA ILE E 151 51.12 15.76 8.70
C ILE E 151 49.79 16.07 9.38
N THR E 152 49.73 17.19 10.10
CA THR E 152 48.47 17.55 10.70
C THR E 152 47.42 17.84 9.62
N ARG E 153 47.87 18.44 8.52
CA ARG E 153 47.01 18.74 7.40
C ARG E 153 46.62 17.48 6.64
N GLU E 154 47.40 16.40 6.79
CA GLU E 154 47.08 15.16 6.10
C GLU E 154 45.92 14.44 6.76
N LEU E 155 45.75 14.65 8.07
CA LEU E 155 44.58 14.19 8.79
C LEU E 155 43.27 14.72 8.21
N GLU E 156 43.24 15.96 7.69
CA GLU E 156 42.00 16.46 7.11
C GLU E 156 41.97 16.47 5.58
N GLU E 157 42.65 15.52 4.92
CA GLU E 157 42.66 15.45 3.45
C GLU E 157 42.54 14.01 2.98
N VAL E 158 42.81 13.05 3.89
CA VAL E 158 42.47 11.65 3.73
C VAL E 158 40.95 11.53 3.73
N ASN E 159 40.27 12.47 4.42
CA ASN E 159 38.83 12.63 4.56
C ASN E 159 38.11 12.44 3.23
N LYS E 160 38.85 12.69 2.14
CA LYS E 160 38.30 12.67 0.79
C LYS E 160 38.39 11.27 0.19
N GLN E 161 39.46 10.53 0.54
CA GLN E 161 39.71 9.19 0.03
C GLN E 161 38.80 8.19 0.75
N TYR E 162 37.60 8.00 0.21
CA TYR E 162 36.57 7.35 1.00
C TYR E 162 36.96 5.91 1.23
N GLU E 163 37.57 5.31 0.22
CA GLU E 163 37.98 3.93 0.42
C GLU E 163 38.85 3.85 1.67
N GLU E 164 39.82 4.76 1.78
CA GLU E 164 40.75 4.68 2.89
C GLU E 164 40.05 5.02 4.19
N VAL E 165 39.09 5.95 4.18
CA VAL E 165 38.37 6.28 5.40
C VAL E 165 37.61 5.05 5.88
N VAL E 166 36.98 4.35 4.93
CA VAL E 166 36.24 3.17 5.31
C VAL E 166 37.22 2.15 5.85
N PHE E 167 38.30 1.88 5.14
CA PHE E 167 39.15 0.84 5.70
C PHE E 167 39.87 1.25 6.98
N ASP E 168 40.12 2.54 7.18
CA ASP E 168 40.74 2.87 8.44
C ASP E 168 39.75 2.67 9.58
N HIS E 169 38.47 2.98 9.34
CA HIS E 169 37.50 2.74 10.39
C HIS E 169 37.32 1.25 10.57
N LEU E 170 37.43 0.50 9.47
CA LEU E 170 37.18 -0.93 9.58
C LEU E 170 38.24 -1.58 10.44
N HIS E 171 39.49 -1.13 10.33
CA HIS E 171 40.50 -1.72 11.18
C HIS E 171 40.31 -1.24 12.61
N ALA E 172 39.90 0.02 12.75
CA ALA E 172 39.78 0.59 14.07
C ALA E 172 38.72 -0.19 14.83
N THR E 173 37.69 -0.65 14.11
CA THR E 173 36.58 -1.26 14.81
C THR E 173 36.83 -2.75 14.97
N ALA E 174 37.28 -3.39 13.91
CA ALA E 174 37.53 -4.81 13.95
C ALA E 174 38.57 -5.13 15.01
N PHE E 175 39.58 -4.28 15.15
CA PHE E 175 40.59 -4.60 16.13
C PHE E 175 40.59 -3.52 17.17
N MET E 176 39.44 -3.33 17.80
CA MET E 176 39.19 -2.24 18.71
C MET E 176 40.23 -2.25 19.82
N ASN E 177 40.89 -1.09 20.00
CA ASN E 177 41.93 -0.84 21.01
C ASN E 177 43.04 -1.88 20.98
N GLN E 178 43.38 -2.37 19.79
CA GLN E 178 44.52 -3.26 19.65
C GLN E 178 45.48 -2.60 18.67
N PRO E 179 46.78 -2.99 18.62
CA PRO E 179 47.73 -2.38 17.69
C PRO E 179 47.34 -2.28 16.22
N LEU E 180 46.73 -3.33 15.68
CA LEU E 180 46.24 -3.25 14.31
C LEU E 180 45.10 -2.26 14.16
N GLY E 181 44.46 -1.89 15.26
CA GLY E 181 43.29 -1.02 15.16
C GLY E 181 43.69 0.44 14.99
N ARG E 182 44.96 0.75 15.27
CA ARG E 182 45.44 2.11 15.21
C ARG E 182 45.56 2.53 13.75
N THR E 183 45.40 3.82 13.48
CA THR E 183 45.65 4.30 12.14
C THR E 183 47.16 4.43 11.96
N ILE E 184 47.53 4.76 10.72
CA ILE E 184 48.92 4.95 10.35
C ILE E 184 49.35 6.37 10.67
N LEU E 185 48.46 7.33 10.42
CA LEU E 185 48.78 8.72 10.65
C LEU E 185 48.88 8.98 12.14
N GLY E 186 48.08 8.29 12.94
CA GLY E 186 48.10 8.43 14.38
C GLY E 186 47.17 9.58 14.78
N PRO E 187 46.84 9.73 16.08
CA PRO E 187 45.97 10.83 16.50
C PRO E 187 46.68 12.16 16.41
N ARG E 188 45.89 13.24 16.30
CA ARG E 188 46.38 14.61 16.23
C ARG E 188 47.32 14.91 17.41
N GLU E 189 46.98 14.38 18.58
CA GLU E 189 47.65 14.62 19.84
C GLU E 189 49.11 14.18 19.76
N ASN E 190 49.36 13.07 19.06
CA ASN E 190 50.68 12.45 19.00
C ASN E 190 51.56 13.24 18.05
N ILE E 191 50.95 13.65 16.93
CA ILE E 191 51.69 14.39 15.94
C ILE E 191 52.27 15.65 16.58
N GLN E 192 51.54 16.26 17.52
CA GLN E 192 51.97 17.48 18.18
C GLN E 192 53.09 17.21 19.18
N THR E 193 53.26 15.95 19.60
CA THR E 193 54.19 15.64 20.67
C THR E 193 55.30 14.69 20.25
N ILE E 194 55.42 14.37 18.95
CA ILE E 194 56.47 13.48 18.48
C ILE E 194 57.80 14.26 18.48
N THR E 195 58.81 13.72 19.17
CA THR E 195 60.12 14.35 19.25
C THR E 195 61.11 13.58 18.39
N ASN E 196 62.22 14.24 18.02
CA ASN E 196 63.30 13.59 17.31
C ASN E 196 63.87 12.42 18.12
N THR E 197 63.76 12.49 19.45
CA THR E 197 64.23 11.45 20.36
C THR E 197 63.44 10.17 20.11
N GLU E 198 62.11 10.28 20.10
CA GLU E 198 61.29 9.09 19.98
C GLU E 198 61.24 8.61 18.54
N LEU E 199 61.49 9.52 17.58
CA LEU E 199 61.67 9.07 16.21
C LEU E 199 62.92 8.22 16.06
N ARG E 200 64.03 8.70 16.66
CA ARG E 200 65.31 8.02 16.59
C ARG E 200 65.17 6.66 17.27
N LYS E 201 64.48 6.66 18.41
CA LYS E 201 64.33 5.46 19.20
C LYS E 201 63.54 4.44 18.39
N PHE E 202 62.57 4.93 17.63
CA PHE E 202 61.69 4.04 16.88
C PHE E 202 62.50 3.32 15.81
N ILE E 203 63.28 4.09 15.06
CA ILE E 203 63.99 3.52 13.92
C ILE E 203 65.22 2.73 14.37
N THR E 204 65.60 2.88 15.63
CA THR E 204 66.75 2.15 16.14
C THR E 204 66.28 0.79 16.64
N GLU E 205 65.06 0.77 17.16
CA GLU E 205 64.48 -0.43 17.70
C GLU E 205 63.91 -1.30 16.59
N ASN E 206 63.47 -0.69 15.48
CA ASN E 206 62.61 -1.41 14.56
C ASN E 206 63.27 -1.64 13.21
N TYR E 207 63.99 -0.65 12.69
CA TYR E 207 64.66 -0.77 11.41
C TYR E 207 65.99 -1.48 11.61
N THR E 208 65.91 -2.75 12.00
CA THR E 208 67.10 -3.53 12.22
C THR E 208 67.27 -4.47 11.05
N ALA E 209 68.51 -4.91 10.89
CA ALA E 209 68.95 -5.63 9.71
C ALA E 209 68.17 -6.92 9.57
N ASP E 210 67.81 -7.52 10.70
CA ASP E 210 67.15 -8.81 10.66
C ASP E 210 65.68 -8.63 10.31
N ARG E 211 65.24 -7.36 10.20
CA ARG E 211 63.86 -7.07 9.88
C ARG E 211 63.74 -6.42 8.52
N MET E 212 64.84 -6.37 7.78
CA MET E 212 64.85 -5.62 6.54
C MET E 212 65.23 -6.56 5.41
N VAL E 213 64.74 -6.24 4.23
CA VAL E 213 65.09 -7.00 3.06
C VAL E 213 65.44 -6.01 1.98
N LEU E 214 66.65 -6.12 1.42
CA LEU E 214 66.98 -5.31 0.27
C LEU E 214 66.58 -6.09 -0.97
N VAL E 215 65.73 -5.49 -1.78
CA VAL E 215 65.12 -6.19 -2.89
C VAL E 215 65.55 -5.49 -4.16
N GLY E 216 65.94 -6.28 -5.16
CA GLY E 216 66.18 -5.71 -6.47
C GLY E 216 65.36 -6.48 -7.50
N ALA E 217 64.64 -5.74 -8.32
CA ALA E 217 63.97 -6.35 -9.45
C ALA E 217 64.29 -5.57 -10.73
N GLY E 218 64.41 -6.31 -11.83
CA GLY E 218 64.65 -5.71 -13.13
C GLY E 218 66.09 -5.92 -13.54
N ALA E 219 66.72 -4.86 -14.02
CA ALA E 219 68.08 -4.96 -14.51
C ALA E 219 69.07 -4.82 -13.35
N VAL E 220 69.09 -5.82 -12.47
CA VAL E 220 70.03 -5.87 -11.38
C VAL E 220 70.78 -7.19 -11.46
N ASP E 221 72.08 -7.17 -11.19
CA ASP E 221 72.77 -8.42 -10.92
C ASP E 221 72.74 -8.66 -9.42
N HIS E 222 72.41 -9.90 -9.03
CA HIS E 222 72.36 -10.26 -7.62
C HIS E 222 73.70 -10.03 -6.93
N ASP E 223 74.80 -10.47 -7.56
CA ASP E 223 76.10 -10.43 -6.91
C ASP E 223 76.56 -8.99 -6.73
N ALA E 224 76.13 -8.13 -7.66
CA ALA E 224 76.43 -6.71 -7.63
C ALA E 224 75.65 -6.02 -6.51
N LEU E 225 74.41 -6.47 -6.30
CA LEU E 225 73.53 -5.92 -5.29
C LEU E 225 73.99 -6.32 -3.90
N VAL E 226 74.54 -7.54 -3.79
CA VAL E 226 75.03 -8.01 -2.51
C VAL E 226 76.29 -7.23 -2.14
N GLU E 227 77.10 -6.84 -3.14
CA GLU E 227 78.29 -6.05 -2.91
C GLU E 227 77.89 -4.64 -2.44
N LEU E 228 76.82 -4.10 -3.03
CA LEU E 228 76.31 -2.79 -2.67
C LEU E 228 75.75 -2.82 -1.24
N ALA E 229 75.25 -3.98 -0.82
CA ALA E 229 74.69 -4.12 0.51
C ALA E 229 75.81 -4.26 1.53
N GLU E 230 76.92 -4.86 1.09
CA GLU E 230 78.09 -5.05 1.93
C GLU E 230 78.82 -3.73 2.12
N LYS E 231 78.55 -2.79 1.21
CA LYS E 231 79.22 -1.50 1.22
C LYS E 231 78.42 -0.50 2.05
N TYR E 232 77.08 -0.66 2.06
CA TYR E 232 76.25 0.43 2.55
C TYR E 232 75.43 0.00 3.75
N PHE E 233 75.01 -1.26 3.75
CA PHE E 233 74.16 -1.70 4.83
C PHE E 233 74.90 -2.60 5.79
N SER E 234 76.23 -2.50 5.87
CA SER E 234 76.94 -3.42 6.72
C SER E 234 76.90 -2.97 8.19
N HIS E 235 76.92 -1.65 8.41
CA HIS E 235 76.83 -1.12 9.76
C HIS E 235 75.37 -0.82 10.11
N LEU E 236 74.46 -1.79 9.87
CA LEU E 236 73.10 -1.70 10.37
C LEU E 236 73.03 -2.40 11.72
N PRO E 237 72.28 -1.86 12.70
CA PRO E 237 72.07 -2.54 13.98
C PRO E 237 71.37 -3.87 13.76
N SER E 238 71.80 -4.89 14.50
CA SER E 238 71.04 -6.12 14.62
C SER E 238 70.25 -6.06 15.92
N SER E 239 69.03 -6.61 15.89
CA SER E 239 68.22 -6.69 17.10
C SER E 239 68.82 -7.72 18.07
N GLN E 240 68.53 -7.56 19.36
CA GLN E 240 69.05 -8.40 20.43
C GLN E 240 68.55 -9.84 20.27
N SER E 241 67.25 -9.97 19.93
CA SER E 241 66.57 -11.24 19.74
C SER E 241 66.10 -11.39 18.30
N PRO E 242 66.96 -11.88 17.38
CA PRO E 242 66.59 -12.04 15.97
C PRO E 242 65.59 -13.17 15.74
N VAL E 243 64.32 -12.78 15.58
CA VAL E 243 63.26 -13.69 15.17
C VAL E 243 63.27 -13.81 13.63
N PRO E 244 62.67 -14.87 13.03
CA PRO E 244 62.56 -14.96 11.57
C PRO E 244 61.65 -13.88 10.99
N LEU E 245 61.78 -13.60 9.70
CA LEU E 245 60.94 -12.60 9.06
C LEU E 245 59.50 -13.09 9.01
N GLY E 246 58.58 -12.15 9.23
CA GLY E 246 57.14 -12.36 9.23
C GLY E 246 56.65 -13.07 10.50
N THR E 247 57.34 -12.82 11.62
CA THR E 247 56.95 -13.29 12.93
C THR E 247 56.10 -12.19 13.57
N PRO E 248 54.94 -12.55 14.17
CA PRO E 248 54.06 -11.58 14.84
C PRO E 248 54.74 -10.60 15.82
N ILE E 260 47.51 -9.88 21.10
CA ILE E 260 47.20 -11.07 20.23
C ILE E 260 45.79 -10.94 19.67
N PRO E 261 45.59 -10.74 18.34
CA PRO E 261 44.39 -10.07 17.85
C PRO E 261 43.08 -10.76 18.16
N ASN E 262 42.14 -9.99 18.66
CA ASN E 262 40.88 -10.54 19.09
C ASN E 262 39.84 -9.66 18.41
N PHE E 263 39.32 -10.15 17.31
CA PHE E 263 38.44 -9.37 16.45
C PHE E 263 37.16 -8.99 17.20
N VAL E 264 36.66 -7.79 16.93
CA VAL E 264 35.44 -7.36 17.58
C VAL E 264 34.39 -7.20 16.49
N GLY E 265 33.32 -7.99 16.61
CA GLY E 265 32.19 -7.75 15.72
C GLY E 265 31.55 -6.44 16.13
N SER E 266 31.39 -5.55 15.17
CA SER E 266 31.07 -4.20 15.57
C SER E 266 30.63 -3.40 14.37
N GLU E 267 30.04 -2.24 14.59
CA GLU E 267 29.82 -1.43 13.41
C GLU E 267 30.25 0.00 13.67
N VAL E 268 30.68 0.67 12.59
CA VAL E 268 30.77 2.10 12.64
C VAL E 268 29.85 2.61 11.56
N ARG E 269 28.93 3.51 11.89
CA ARG E 269 28.23 4.18 10.83
C ARG E 269 28.63 5.63 10.84
N LEU E 270 28.99 6.12 9.65
CA LEU E 270 29.38 7.50 9.52
C LEU E 270 28.43 8.06 8.51
N ARG E 271 27.20 8.24 8.97
CA ARG E 271 26.17 8.65 8.04
C ARG E 271 26.42 10.08 7.62
N ASP E 272 26.37 10.30 6.31
CA ASP E 272 26.62 11.61 5.73
C ASP E 272 25.68 11.74 4.54
N ASP E 273 24.54 12.38 4.79
CA ASP E 273 23.50 12.41 3.79
C ASP E 273 23.92 13.25 2.60
N THR E 274 24.91 14.12 2.80
CA THR E 274 25.33 15.02 1.74
C THR E 274 26.15 14.29 0.67
N MET E 275 26.79 13.17 1.05
CA MET E 275 27.52 12.34 0.12
C MET E 275 26.53 11.63 -0.81
N PRO E 276 26.84 11.55 -2.12
CA PRO E 276 26.01 10.83 -3.07
C PRO E 276 26.14 9.30 -3.09
N VAL E 277 27.34 8.79 -2.74
CA VAL E 277 27.61 7.37 -2.83
C VAL E 277 27.84 6.82 -1.43
N ALA E 278 27.24 5.67 -1.14
CA ALA E 278 27.47 5.02 0.14
C ALA E 278 28.63 4.05 -0.01
N HIS E 279 29.54 4.03 0.95
CA HIS E 279 30.62 3.06 0.92
C HIS E 279 30.44 2.18 2.14
N ILE E 280 30.40 0.88 1.92
CA ILE E 280 30.16 -0.01 3.03
C ILE E 280 31.26 -1.06 2.95
N ALA E 281 31.91 -1.34 4.05
CA ALA E 281 32.76 -2.50 4.05
C ALA E 281 32.20 -3.48 5.06
N ILE E 282 32.30 -4.77 4.79
CA ILE E 282 31.90 -5.73 5.78
C ILE E 282 33.06 -6.68 5.86
N ALA E 283 33.48 -7.10 7.03
CA ALA E 283 34.61 -7.98 7.00
C ALA E 283 34.45 -8.93 8.16
N VAL E 284 35.01 -10.12 8.02
CA VAL E 284 35.14 -10.96 9.18
C VAL E 284 36.62 -11.11 9.46
N GLU E 285 36.94 -11.72 10.60
CA GLU E 285 38.33 -12.02 10.87
C GLU E 285 38.80 -13.00 9.80
N GLY E 286 39.85 -12.62 9.08
CA GLY E 286 40.35 -13.41 7.97
C GLY E 286 41.60 -14.13 8.41
N VAL E 287 42.53 -14.24 7.47
CA VAL E 287 43.56 -15.23 7.65
C VAL E 287 44.89 -14.52 7.61
N SER E 288 45.85 -15.08 8.33
CA SER E 288 47.17 -14.49 8.34
C SER E 288 47.91 -14.97 7.11
N TRP E 289 49.10 -14.43 6.89
CA TRP E 289 49.84 -14.79 5.71
C TRP E 289 50.21 -16.25 5.75
N THR E 290 50.41 -16.76 6.97
CA THR E 290 50.95 -18.09 7.08
C THR E 290 49.87 -19.10 7.43
N SER E 291 48.60 -18.66 7.44
CA SER E 291 47.54 -19.61 7.72
C SER E 291 47.55 -20.78 6.74
N GLU E 292 47.08 -21.93 7.21
CA GLU E 292 46.83 -23.09 6.37
C GLU E 292 45.65 -22.82 5.44
N ASP E 293 44.86 -21.79 5.76
CA ASP E 293 43.67 -21.51 4.98
C ASP E 293 43.90 -20.32 4.07
N TYR E 294 45.15 -19.89 3.92
CA TYR E 294 45.41 -18.64 3.21
C TYR E 294 44.93 -18.75 1.78
N TYR E 295 45.19 -19.89 1.13
CA TYR E 295 44.78 -20.01 -0.25
C TYR E 295 43.30 -20.28 -0.33
N THR E 296 42.78 -20.99 0.67
CA THR E 296 41.35 -21.23 0.68
C THR E 296 40.61 -19.89 0.78
N ALA E 297 41.10 -18.98 1.61
CA ALA E 297 40.45 -17.69 1.72
C ALA E 297 40.60 -16.89 0.43
N LEU E 298 41.68 -17.07 -0.32
CA LEU E 298 41.79 -16.31 -1.55
C LEU E 298 40.82 -16.87 -2.57
N VAL E 299 40.71 -18.19 -2.59
CA VAL E 299 39.77 -18.80 -3.51
C VAL E 299 38.40 -18.27 -3.17
N ALA E 300 38.09 -18.25 -1.87
CA ALA E 300 36.73 -17.87 -1.51
C ALA E 300 36.51 -16.45 -1.99
N GLN E 301 37.52 -15.61 -1.82
CA GLN E 301 37.39 -14.22 -2.21
C GLN E 301 37.14 -14.13 -3.71
N ALA E 302 37.75 -15.00 -4.50
CA ALA E 302 37.59 -14.96 -5.95
C ALA E 302 36.20 -15.45 -6.38
N ILE E 303 35.57 -16.29 -5.55
CA ILE E 303 34.25 -16.75 -5.88
C ILE E 303 33.24 -15.59 -5.81
N ILE E 304 33.46 -14.66 -4.88
CA ILE E 304 32.54 -13.56 -4.74
C ILE E 304 32.96 -12.51 -5.74
N GLY E 305 34.25 -12.24 -5.78
CA GLY E 305 34.78 -11.50 -6.89
C GLY E 305 34.62 -9.99 -6.71
N ASN E 306 34.93 -9.30 -7.79
CA ASN E 306 34.85 -7.87 -7.80
C ASN E 306 33.87 -7.51 -8.88
N TYR E 307 33.38 -6.28 -8.84
CA TYR E 307 32.47 -5.82 -9.86
C TYR E 307 32.65 -4.32 -9.96
N ASP E 308 32.55 -3.75 -11.16
CA ASP E 308 32.60 -2.30 -11.28
C ASP E 308 31.78 -1.92 -12.49
N ARG E 309 30.72 -1.14 -12.32
CA ARG E 309 29.82 -0.91 -13.45
C ARG E 309 30.54 -0.15 -14.56
N ALA E 310 31.66 0.48 -14.25
CA ALA E 310 32.36 1.28 -15.24
C ALA E 310 33.20 0.42 -16.16
N VAL E 311 33.46 -0.82 -15.76
CA VAL E 311 34.20 -1.71 -16.64
C VAL E 311 33.20 -2.43 -17.53
N GLY E 312 33.49 -2.51 -18.84
CA GLY E 312 32.56 -3.09 -19.81
C GLY E 312 32.21 -4.55 -19.54
N THR E 313 33.23 -5.33 -19.16
CA THR E 313 33.10 -6.76 -19.04
C THR E 313 32.35 -7.18 -17.77
N SER E 314 32.18 -6.26 -16.81
CA SER E 314 31.80 -6.67 -15.46
C SER E 314 30.37 -7.17 -15.42
N ARG E 315 29.54 -6.73 -16.37
CA ARG E 315 28.18 -7.22 -16.34
C ARG E 315 28.11 -8.70 -16.72
N HIS E 316 29.22 -9.25 -17.21
CA HIS E 316 29.15 -10.61 -17.71
C HIS E 316 29.96 -11.58 -16.85
N GLN E 317 30.50 -11.10 -15.75
CA GLN E 317 31.23 -11.98 -14.85
C GLN E 317 30.34 -13.09 -14.30
N GLY E 318 31.02 -14.19 -13.96
CA GLY E 318 30.41 -15.45 -13.55
C GLY E 318 29.86 -15.41 -12.13
N SER E 319 30.51 -14.58 -11.30
CA SER E 319 30.16 -14.40 -9.89
C SER E 319 28.66 -14.19 -9.71
N ARG E 320 28.06 -14.94 -8.76
CA ARG E 320 26.63 -14.85 -8.56
C ARG E 320 26.23 -13.46 -8.09
N LEU E 321 27.02 -12.91 -7.16
CA LEU E 321 26.75 -11.60 -6.62
C LEU E 321 26.85 -10.57 -7.73
N SER E 322 27.82 -10.73 -8.63
CA SER E 322 28.03 -9.81 -9.74
C SER E 322 26.76 -9.79 -10.58
N ASN E 323 26.17 -10.97 -10.83
CA ASN E 323 24.96 -11.02 -11.62
C ASN E 323 23.82 -10.32 -10.91
N ILE E 324 23.68 -10.55 -9.61
CA ILE E 324 22.55 -9.98 -8.88
C ILE E 324 22.70 -8.45 -8.89
N VAL E 325 23.91 -8.00 -8.63
CA VAL E 325 24.16 -6.60 -8.47
C VAL E 325 24.00 -5.89 -9.81
N SER E 326 24.50 -6.48 -10.89
CA SER E 326 24.43 -5.76 -12.14
C SER E 326 23.00 -5.73 -12.65
N GLU E 327 22.25 -6.83 -12.54
CA GLU E 327 20.89 -6.89 -13.07
C GLU E 327 20.00 -5.90 -12.33
N ASN E 328 20.29 -5.69 -11.05
CA ASN E 328 19.40 -4.89 -10.22
C ASN E 328 19.93 -3.49 -9.98
N ASN E 329 21.07 -3.14 -10.58
CA ASN E 329 21.78 -1.88 -10.36
C ASN E 329 21.89 -1.60 -8.85
N LEU E 330 22.36 -2.60 -8.11
CA LEU E 330 22.41 -2.39 -6.68
C LEU E 330 23.65 -1.64 -6.27
N ALA E 331 24.71 -1.70 -7.07
CA ALA E 331 25.93 -1.08 -6.59
C ALA E 331 26.65 -0.46 -7.77
N ASN E 332 27.54 0.47 -7.46
CA ASN E 332 28.47 0.94 -8.45
C ASN E 332 29.60 -0.05 -8.55
N SER E 333 29.93 -0.65 -7.41
CA SER E 333 31.08 -1.53 -7.40
C SER E 333 31.06 -2.35 -6.13
N PHE E 334 31.71 -3.49 -6.21
CA PHE E 334 32.14 -4.12 -4.99
C PHE E 334 33.48 -4.78 -5.25
N GLN E 335 34.21 -4.99 -4.18
CA GLN E 335 35.56 -5.46 -4.29
C GLN E 335 35.73 -6.35 -3.08
N SER E 336 35.91 -7.63 -3.31
CA SER E 336 36.20 -8.49 -2.20
C SER E 336 37.64 -8.23 -1.82
N PHE E 337 37.94 -8.35 -0.54
CA PHE E 337 39.34 -8.29 -0.21
C PHE E 337 39.65 -9.38 0.79
N SER E 338 40.92 -9.77 0.82
CA SER E 338 41.40 -10.55 1.94
C SER E 338 42.73 -9.96 2.33
N THR E 339 42.69 -9.04 3.27
CA THR E 339 43.89 -8.43 3.83
C THR E 339 44.48 -9.34 4.90
N SER E 340 45.76 -9.66 4.77
CA SER E 340 46.34 -10.54 5.77
C SER E 340 47.36 -9.77 6.58
N TYR E 341 47.53 -10.17 7.83
CA TYR E 341 48.62 -9.67 8.65
C TYR E 341 49.39 -10.87 9.17
N SER E 342 50.38 -10.60 10.01
CA SER E 342 51.22 -11.69 10.48
C SER E 342 50.40 -12.66 11.32
N ASP E 343 49.38 -12.18 12.03
CA ASP E 343 48.73 -13.07 12.99
C ASP E 343 47.21 -13.06 12.87
N THR E 344 46.68 -12.29 11.92
CA THR E 344 45.25 -12.23 11.72
C THR E 344 45.02 -11.68 10.33
N GLY E 345 43.79 -11.29 10.03
CA GLY E 345 43.52 -10.63 8.77
C GLY E 345 42.09 -10.14 8.77
N LEU E 346 41.69 -9.50 7.68
CA LEU E 346 40.28 -9.26 7.49
C LEU E 346 39.90 -9.78 6.13
N TRP E 347 38.73 -10.36 6.04
CA TRP E 347 38.31 -10.88 4.77
C TRP E 347 36.95 -10.25 4.58
N GLY E 348 36.70 -9.66 3.45
CA GLY E 348 35.39 -9.04 3.46
C GLY E 348 35.08 -8.43 2.11
N ILE E 349 34.26 -7.41 2.11
CA ILE E 349 33.89 -6.92 0.82
C ILE E 349 33.68 -5.44 1.00
N TYR E 350 33.97 -4.69 -0.03
CA TYR E 350 33.81 -3.26 0.06
C TYR E 350 32.88 -2.85 -1.06
N LEU E 351 31.77 -2.18 -0.73
CA LEU E 351 30.72 -1.92 -1.72
C LEU E 351 30.60 -0.43 -1.90
N THR E 352 30.28 0.01 -3.10
CA THR E 352 29.87 1.40 -3.23
C THR E 352 28.56 1.41 -3.97
N SER E 353 27.66 2.28 -3.58
CA SER E 353 26.36 2.30 -4.19
C SER E 353 25.74 3.69 -4.12
N GLU E 354 25.08 4.06 -5.20
CA GLU E 354 24.33 5.29 -5.25
C GLU E 354 22.86 4.96 -5.04
N ASN E 355 22.54 3.66 -5.06
CA ASN E 355 21.17 3.22 -4.91
C ASN E 355 20.85 3.21 -3.43
N THR E 356 20.45 4.36 -2.90
CA THR E 356 20.49 4.51 -1.47
C THR E 356 19.29 3.85 -0.80
N THR E 357 18.26 3.54 -1.59
CA THR E 357 17.06 2.95 -1.05
C THR E 357 17.12 1.43 -1.17
N GLN E 358 18.19 0.93 -1.80
CA GLN E 358 18.23 -0.51 -1.94
C GLN E 358 19.54 -1.02 -1.38
N ILE E 359 20.10 -0.28 -0.45
CA ILE E 359 21.30 -0.75 0.20
C ILE E 359 20.95 -1.99 1.02
N ASP E 360 19.74 -2.04 1.55
CA ASP E 360 19.32 -3.21 2.30
C ASP E 360 19.47 -4.44 1.40
N ASP E 361 18.97 -4.36 0.15
CA ASP E 361 19.06 -5.47 -0.78
C ASP E 361 20.52 -5.75 -1.09
N LEU E 362 21.30 -4.71 -1.29
CA LEU E 362 22.69 -4.92 -1.64
C LEU E 362 23.39 -5.69 -0.53
N VAL E 363 23.17 -5.30 0.71
CA VAL E 363 23.87 -5.99 1.76
C VAL E 363 23.27 -7.38 1.91
N HIS E 364 21.95 -7.46 1.86
CA HIS E 364 21.28 -8.74 1.94
C HIS E 364 21.85 -9.73 0.94
N PHE E 365 21.91 -9.35 -0.34
CA PHE E 365 22.36 -10.27 -1.38
C PHE E 365 23.83 -10.60 -1.22
N THR E 366 24.62 -9.63 -0.80
CA THR E 366 26.01 -9.90 -0.61
C THR E 366 26.16 -10.96 0.47
N LEU E 367 25.48 -10.79 1.60
CA LEU E 367 25.80 -11.75 2.65
C LEU E 367 25.20 -13.10 2.34
N LYS E 368 24.12 -13.12 1.56
CA LYS E 368 23.56 -14.38 1.14
C LYS E 368 24.53 -15.11 0.20
N GLU E 369 25.33 -14.37 -0.60
CA GLU E 369 26.39 -14.97 -1.40
C GLU E 369 27.51 -15.53 -0.55
N TRP E 370 27.86 -14.84 0.52
CA TRP E 370 28.79 -15.46 1.44
C TRP E 370 28.21 -16.71 2.09
N ASN E 371 26.92 -16.69 2.44
CA ASN E 371 26.35 -17.88 3.05
C ASN E 371 26.55 -19.06 2.12
N ARG E 372 26.42 -18.84 0.82
CA ARG E 372 26.52 -19.97 -0.08
C ARG E 372 27.93 -20.54 -0.21
N LEU E 373 28.93 -19.78 0.25
CA LEU E 373 30.24 -20.38 0.40
C LEU E 373 30.21 -21.53 1.41
N SER E 374 29.30 -21.44 2.38
CA SER E 374 29.18 -22.47 3.40
C SER E 374 28.23 -23.55 2.94
N THR E 375 27.19 -23.19 2.18
CA THR E 375 26.11 -24.15 2.07
C THR E 375 26.11 -24.83 0.71
N SER E 376 26.62 -24.14 -0.32
CA SER E 376 26.27 -24.50 -1.67
C SER E 376 27.48 -24.74 -2.56
N VAL E 377 28.65 -24.21 -2.21
CA VAL E 377 29.71 -24.24 -3.22
C VAL E 377 30.13 -25.66 -3.51
N SER E 378 30.41 -25.87 -4.78
CA SER E 378 30.74 -27.17 -5.30
C SER E 378 31.93 -26.96 -6.19
N ASN E 379 32.25 -28.02 -6.92
CA ASN E 379 33.36 -27.97 -7.84
C ASN E 379 33.17 -26.93 -8.91
N LEU E 380 31.93 -26.51 -9.12
CA LEU E 380 31.66 -25.61 -10.22
C LEU E 380 32.28 -24.25 -9.96
N GLN E 381 32.07 -23.72 -8.74
CA GLN E 381 32.54 -22.38 -8.41
C GLN E 381 34.02 -22.47 -8.06
N VAL E 382 34.37 -23.46 -7.24
CA VAL E 382 35.74 -23.60 -6.80
C VAL E 382 36.69 -23.73 -7.98
N GLU E 383 36.40 -24.60 -8.97
CA GLU E 383 37.36 -24.78 -10.06
C GLU E 383 37.46 -23.52 -10.92
N ARG E 384 36.34 -22.81 -11.09
CA ARG E 384 36.32 -21.57 -11.84
C ARG E 384 37.20 -20.52 -11.17
N ALA E 385 37.09 -20.40 -9.84
CA ALA E 385 37.83 -19.42 -9.07
C ALA E 385 39.30 -19.81 -9.00
N LYS E 386 39.59 -21.11 -8.95
CA LYS E 386 40.97 -21.53 -8.94
C LYS E 386 41.61 -21.16 -10.27
N SER E 387 40.88 -21.32 -11.37
CA SER E 387 41.45 -21.00 -12.68
C SER E 387 41.77 -19.51 -12.77
N GLN E 388 40.88 -18.68 -12.24
CA GLN E 388 41.01 -17.25 -12.25
C GLN E 388 42.13 -16.78 -11.34
N LEU E 389 42.51 -17.58 -10.33
CA LEU E 389 43.54 -17.20 -9.37
C LEU E 389 44.91 -17.66 -9.85
N LYS E 390 44.94 -18.84 -10.48
CA LYS E 390 46.14 -19.45 -10.99
C LYS E 390 46.80 -18.46 -11.94
N ALA E 391 45.98 -17.71 -12.68
CA ALA E 391 46.50 -16.65 -13.53
C ALA E 391 46.74 -15.37 -12.71
N GLY E 392 45.76 -14.99 -11.87
CA GLY E 392 45.71 -13.72 -11.15
C GLY E 392 46.95 -13.44 -10.30
N LEU E 393 47.46 -14.50 -9.67
CA LEU E 393 48.61 -14.41 -8.77
C LEU E 393 49.89 -14.14 -9.53
N LEU E 394 49.90 -14.51 -10.81
CA LEU E 394 51.05 -14.24 -11.67
C LEU E 394 50.83 -12.95 -12.48
N LEU E 395 49.58 -12.60 -12.85
CA LEU E 395 49.24 -11.39 -13.61
C LEU E 395 49.67 -10.13 -12.89
N SER E 396 49.38 -10.08 -11.58
CA SER E 396 49.75 -8.97 -10.71
C SER E 396 51.17 -8.47 -10.98
N LEU E 397 52.14 -9.38 -11.24
CA LEU E 397 53.54 -9.03 -11.37
C LEU E 397 53.85 -8.70 -12.83
N ASP E 398 53.63 -7.43 -13.19
CA ASP E 398 53.80 -7.06 -14.59
C ASP E 398 54.86 -5.98 -14.83
N GLY E 399 55.39 -5.32 -13.79
CA GLY E 399 56.48 -4.35 -13.91
C GLY E 399 57.49 -4.52 -12.77
N THR E 400 58.65 -3.89 -12.87
CA THR E 400 59.72 -4.15 -11.90
C THR E 400 59.29 -3.73 -10.50
N THR E 401 58.43 -2.72 -10.41
CA THR E 401 58.01 -2.27 -9.10
C THR E 401 57.03 -3.27 -8.51
N TYR E 402 56.19 -3.89 -9.35
CA TYR E 402 55.29 -4.88 -8.82
C TYR E 402 56.02 -6.15 -8.42
N VAL E 403 57.06 -6.48 -9.19
CA VAL E 403 57.86 -7.66 -8.90
C VAL E 403 58.56 -7.41 -7.58
N ALA E 404 59.11 -6.22 -7.42
CA ALA E 404 59.85 -5.94 -6.20
C ALA E 404 58.90 -5.95 -5.02
N GLU E 405 57.68 -5.48 -5.24
CA GLU E 405 56.72 -5.42 -4.17
C GLU E 405 56.31 -6.84 -3.80
N ASP E 406 56.29 -7.74 -4.79
CA ASP E 406 55.94 -9.11 -4.51
C ASP E 406 57.09 -9.81 -3.79
N ILE E 407 58.32 -9.56 -4.22
CA ILE E 407 59.44 -10.20 -3.56
C ILE E 407 59.48 -9.70 -2.13
N GLY E 408 59.29 -8.39 -1.98
CA GLY E 408 59.47 -7.77 -0.68
C GLY E 408 58.37 -8.20 0.27
N ARG E 409 57.15 -8.28 -0.25
CA ARG E 409 56.00 -8.61 0.57
C ARG E 409 56.21 -10.05 1.03
N GLN E 410 56.48 -10.95 0.10
CA GLN E 410 56.65 -12.35 0.48
C GLN E 410 57.81 -12.56 1.43
N LEU E 411 58.91 -11.82 1.27
CA LEU E 411 60.07 -12.08 2.11
C LEU E 411 59.78 -11.55 3.52
N THR E 412 58.93 -10.53 3.63
CA THR E 412 58.73 -9.94 4.94
C THR E 412 57.54 -10.54 5.67
N THR E 413 56.81 -11.42 4.98
CA THR E 413 55.63 -11.98 5.59
C THR E 413 55.79 -13.49 5.74
N LEU E 414 56.58 -14.10 4.87
CA LEU E 414 56.69 -15.54 4.85
C LEU E 414 58.13 -15.99 5.09
N GLY E 415 59.07 -15.07 4.86
CA GLY E 415 60.47 -15.36 5.07
C GLY E 415 61.14 -15.97 3.85
N ARG E 416 60.36 -16.16 2.78
CA ARG E 416 60.86 -16.71 1.55
C ARG E 416 59.98 -16.23 0.40
N ARG E 417 60.54 -16.25 -0.80
CA ARG E 417 59.73 -16.08 -2.00
C ARG E 417 59.15 -17.44 -2.35
N VAL E 418 57.84 -17.49 -2.50
CA VAL E 418 57.20 -18.70 -2.95
C VAL E 418 57.15 -18.68 -4.48
N THR E 419 57.76 -19.72 -5.10
CA THR E 419 57.84 -19.88 -6.54
C THR E 419 56.45 -20.09 -7.14
N PRO E 420 56.17 -19.70 -8.40
CA PRO E 420 54.88 -19.95 -9.04
C PRO E 420 54.41 -21.41 -9.03
N ALA E 421 55.37 -22.34 -9.06
CA ALA E 421 55.07 -23.75 -9.06
C ALA E 421 54.50 -24.19 -7.72
N GLU E 422 55.04 -23.64 -6.62
CA GLU E 422 54.55 -23.94 -5.28
C GLU E 422 53.19 -23.29 -5.07
N VAL E 423 53.00 -22.08 -5.60
CA VAL E 423 51.73 -21.37 -5.51
C VAL E 423 50.66 -22.12 -6.29
N GLU E 424 51.06 -22.71 -7.40
CA GLU E 424 50.11 -23.44 -8.22
C GLU E 424 49.73 -24.73 -7.52
N ALA E 425 50.66 -25.31 -6.73
CA ALA E 425 50.41 -26.53 -6.00
C ALA E 425 49.49 -26.30 -4.81
N LYS E 426 49.70 -25.18 -4.10
CA LYS E 426 48.87 -24.80 -2.97
C LYS E 426 47.45 -24.49 -3.42
N LEU E 427 47.29 -23.84 -4.58
CA LEU E 427 45.97 -23.58 -5.11
C LEU E 427 45.30 -24.87 -5.56
N GLU E 428 46.07 -25.78 -6.15
CA GLU E 428 45.47 -27.01 -6.62
C GLU E 428 44.97 -27.86 -5.47
N ALA E 429 45.59 -27.66 -4.30
CA ALA E 429 45.20 -28.40 -3.12
C ALA E 429 43.88 -27.89 -2.55
N VAL E 430 43.40 -26.73 -2.99
CA VAL E 430 42.15 -26.21 -2.44
C VAL E 430 41.00 -26.95 -3.09
N THR E 431 40.20 -27.67 -2.31
CA THR E 431 39.07 -28.38 -2.90
C THR E 431 37.80 -27.65 -2.53
N GLU E 432 36.68 -28.05 -3.15
CA GLU E 432 35.39 -27.49 -2.78
C GLU E 432 35.10 -27.76 -1.31
N HIS E 433 35.56 -28.92 -0.83
CA HIS E 433 35.30 -29.29 0.54
C HIS E 433 36.06 -28.36 1.48
N ASP E 434 37.27 -27.95 1.09
CA ASP E 434 38.08 -27.05 1.89
C ASP E 434 37.43 -25.68 1.96
N VAL E 435 36.88 -25.22 0.84
CA VAL E 435 36.30 -23.90 0.86
C VAL E 435 35.08 -23.93 1.77
N ARG E 436 34.23 -24.97 1.64
CA ARG E 436 33.06 -25.06 2.50
C ARG E 436 33.50 -25.14 3.96
N ALA E 437 34.53 -25.95 4.24
CA ALA E 437 34.98 -26.07 5.62
C ALA E 437 35.47 -24.71 6.15
N TRP E 438 36.23 -23.98 5.32
CA TRP E 438 36.77 -22.71 5.76
C TRP E 438 35.63 -21.73 5.99
N ALA E 439 34.67 -21.67 5.06
CA ALA E 439 33.60 -20.69 5.15
C ALA E 439 32.73 -20.99 6.37
N GLN E 440 32.57 -22.28 6.68
CA GLN E 440 31.71 -22.64 7.78
C GLN E 440 32.33 -22.30 9.12
N LYS E 441 33.66 -22.17 9.16
CA LYS E 441 34.28 -21.82 10.42
C LYS E 441 34.62 -20.34 10.50
N THR E 442 34.58 -19.63 9.38
CA THR E 442 35.13 -18.29 9.35
C THR E 442 34.07 -17.26 9.00
N LEU E 443 33.09 -17.68 8.21
CA LEU E 443 32.09 -16.75 7.76
C LEU E 443 30.76 -17.06 8.41
N TYR E 444 30.43 -18.35 8.49
CA TYR E 444 29.04 -18.68 8.71
C TYR E 444 28.65 -18.30 10.12
N ASP E 445 27.63 -17.45 10.26
CA ASP E 445 27.10 -17.08 11.56
C ASP E 445 28.21 -16.46 12.41
N LYS E 446 29.04 -15.62 11.81
CA LYS E 446 30.14 -15.04 12.56
C LYS E 446 29.87 -13.58 12.71
N ASP E 447 30.52 -12.95 13.68
CA ASP E 447 30.41 -11.52 13.87
C ASP E 447 31.12 -10.81 12.74
N ILE E 448 30.57 -9.68 12.32
CA ILE E 448 31.17 -8.97 11.21
C ILE E 448 31.59 -7.61 11.73
N ALA E 449 32.55 -7.00 11.04
CA ALA E 449 32.87 -5.62 11.30
C ALA E 449 32.24 -4.89 10.14
N LEU E 450 31.43 -3.89 10.39
CA LEU E 450 30.67 -3.31 9.31
C LEU E 450 30.95 -1.82 9.36
N VAL E 451 31.33 -1.25 8.25
CA VAL E 451 31.51 0.19 8.31
C VAL E 451 30.70 0.76 7.19
N GLY E 452 29.95 1.79 7.51
CA GLY E 452 29.13 2.38 6.49
C GLY E 452 29.45 3.85 6.47
N LEU E 453 29.62 4.36 5.29
CA LEU E 453 29.97 5.76 5.23
C LEU E 453 29.10 6.36 4.16
N GLY E 454 28.41 7.43 4.51
CA GLY E 454 27.68 8.11 3.46
C GLY E 454 26.20 7.97 3.69
N PRO E 455 25.39 7.96 2.62
CA PRO E 455 23.95 7.96 2.80
C PRO E 455 23.45 6.55 3.09
N ILE E 456 23.63 6.13 4.33
CA ILE E 456 23.45 4.73 4.66
C ILE E 456 22.23 4.63 5.58
N GLU E 457 21.31 5.59 5.48
CA GLU E 457 20.09 5.52 6.27
C GLU E 457 19.45 4.15 6.05
N GLY E 458 19.49 3.67 4.78
CA GLY E 458 18.91 2.44 4.30
C GLY E 458 19.65 1.18 4.76
N LEU E 459 20.82 1.34 5.35
CA LEU E 459 21.52 0.17 5.85
C LEU E 459 20.86 -0.19 7.18
N TYR E 460 20.38 -1.43 7.35
CA TYR E 460 19.70 -1.74 8.60
C TYR E 460 20.70 -1.80 9.75
N ASP E 461 20.19 -1.87 10.98
CA ASP E 461 20.96 -1.98 12.20
C ASP E 461 21.79 -3.25 12.23
N TYR E 462 22.72 -3.35 13.20
CA TYR E 462 23.70 -4.40 13.19
C TYR E 462 23.06 -5.78 13.25
N ASN E 463 22.06 -5.96 14.10
CA ASN E 463 21.45 -7.27 14.15
C ASN E 463 20.98 -7.76 12.79
N ARG E 464 20.24 -6.93 12.06
CA ARG E 464 19.68 -7.44 10.82
C ARG E 464 20.76 -7.76 9.80
N ILE E 465 21.87 -7.05 9.83
CA ILE E 465 22.96 -7.38 8.94
C ILE E 465 23.54 -8.69 9.43
N ARG E 466 23.86 -8.78 10.71
CA ARG E 466 24.49 -9.99 11.19
C ARG E 466 23.57 -11.21 11.04
N ASN E 467 22.26 -11.01 11.04
CA ASN E 467 21.38 -12.16 10.84
C ASN E 467 21.56 -12.77 9.46
N ASP E 468 22.04 -11.98 8.50
CA ASP E 468 22.23 -12.52 7.16
C ASP E 468 23.49 -13.35 7.08
N MET E 469 24.20 -13.51 8.18
CA MET E 469 25.43 -14.26 8.07
C MET E 469 25.12 -15.74 8.23
N SER E 470 23.84 -16.07 8.39
CA SER E 470 23.47 -17.48 8.38
C SER E 470 22.21 -17.64 7.56
N MET E 471 21.87 -18.87 7.21
CA MET E 471 20.64 -19.10 6.50
C MET E 471 19.77 -19.97 7.37
N MET E 472 18.56 -19.53 7.66
CA MET E 472 17.68 -20.38 8.44
C MET E 472 17.27 -21.61 7.64
N ARG E 473 17.41 -21.54 6.32
CA ARG E 473 16.96 -22.62 5.46
C ARG E 473 17.99 -23.74 5.46
N TRP E 474 19.15 -23.48 6.03
CA TRP E 474 20.19 -24.49 6.03
C TRP E 474 20.35 -25.05 7.44
N PHE F 15 61.53 -6.27 -29.85
CA PHE F 15 60.31 -6.60 -30.67
C PHE F 15 60.71 -6.89 -32.12
N SER F 16 60.79 -8.18 -32.45
CA SER F 16 61.00 -8.54 -33.85
C SER F 16 59.74 -8.29 -34.66
N THR F 17 59.76 -7.14 -35.36
CA THR F 17 58.75 -6.72 -36.33
C THR F 17 58.78 -7.69 -37.51
N ALA F 18 57.62 -8.26 -37.84
CA ALA F 18 57.43 -9.08 -39.03
C ALA F 18 56.05 -8.84 -39.64
N GLU F 19 55.67 -9.74 -40.56
CA GLU F 19 54.44 -9.63 -41.31
C GLU F 19 53.81 -11.00 -41.46
N ALA F 20 52.51 -11.06 -41.18
CA ALA F 20 51.78 -12.31 -41.22
C ALA F 20 50.42 -12.06 -41.87
N ALA F 21 50.28 -12.62 -43.08
CA ALA F 21 49.13 -12.41 -43.94
C ALA F 21 48.76 -10.93 -44.04
N GLY F 22 49.76 -10.06 -44.24
CA GLY F 22 49.52 -8.66 -44.54
C GLY F 22 49.30 -7.80 -43.29
N VAL F 23 49.36 -8.45 -42.13
CA VAL F 23 49.24 -7.80 -40.85
C VAL F 23 50.65 -7.74 -40.26
N LYS F 24 51.01 -6.54 -39.78
CA LYS F 24 52.25 -6.31 -39.07
C LYS F 24 52.17 -6.81 -37.63
N VAL F 25 53.11 -7.70 -37.27
CA VAL F 25 53.13 -8.40 -36.00
C VAL F 25 54.48 -8.16 -35.37
N ALA F 26 54.48 -7.63 -34.15
CA ALA F 26 55.71 -7.40 -33.40
C ALA F 26 55.67 -8.18 -32.10
N ALA F 27 56.68 -9.01 -31.86
CA ALA F 27 56.65 -9.74 -30.62
C ALA F 27 58.05 -9.80 -30.03
N GLN F 28 58.09 -9.87 -28.70
CA GLN F 28 59.31 -9.95 -27.95
C GLN F 28 59.09 -11.08 -26.94
N ASP F 29 59.84 -12.16 -27.13
CA ASP F 29 59.77 -13.24 -26.17
C ASP F 29 60.50 -12.85 -24.89
N GLY F 30 59.99 -13.36 -23.77
CA GLY F 30 60.48 -13.05 -22.44
C GLY F 30 60.49 -14.30 -21.57
N GLN F 31 60.86 -14.11 -20.31
CA GLN F 31 60.87 -15.22 -19.37
C GLN F 31 59.90 -14.87 -18.25
N SER F 32 58.62 -15.02 -18.57
CA SER F 32 57.55 -14.67 -17.64
C SER F 32 56.38 -15.57 -17.95
N PRO F 33 55.45 -15.85 -17.00
CA PRO F 33 54.27 -16.64 -17.32
C PRO F 33 53.14 -15.80 -17.94
N ILE F 34 53.42 -14.53 -18.22
CA ILE F 34 52.37 -13.59 -18.56
C ILE F 34 52.61 -13.03 -19.95
N SER F 35 51.66 -13.25 -20.86
CA SER F 35 51.75 -12.66 -22.18
C SER F 35 50.74 -11.53 -22.31
N ASP F 36 51.16 -10.42 -22.90
CA ASP F 36 50.25 -9.36 -23.26
C ASP F 36 50.18 -9.31 -24.77
N LEU F 37 49.00 -9.55 -25.33
CA LEU F 37 48.82 -9.41 -26.76
C LEU F 37 47.92 -8.22 -27.04
N SER F 38 48.39 -7.32 -27.90
CA SER F 38 47.73 -6.04 -28.07
C SER F 38 47.47 -5.85 -29.55
N VAL F 39 46.22 -5.57 -29.90
CA VAL F 39 45.97 -5.15 -31.25
C VAL F 39 45.92 -3.63 -31.28
N VAL F 40 46.89 -2.99 -31.94
CA VAL F 40 46.89 -1.55 -32.06
C VAL F 40 46.26 -1.19 -33.39
N LEU F 41 45.21 -0.38 -33.35
CA LEU F 41 44.47 0.03 -34.53
C LEU F 41 44.78 1.48 -34.83
N ARG F 42 44.98 1.78 -36.11
CA ARG F 42 45.15 3.16 -36.51
C ARG F 42 43.75 3.74 -36.53
N GLY F 43 43.23 4.02 -35.37
CA GLY F 43 41.83 4.36 -35.31
C GLY F 43 41.60 5.32 -34.17
N GLY F 44 42.67 6.00 -33.75
CA GLY F 44 42.49 6.96 -32.69
C GLY F 44 41.61 8.13 -33.12
N SER F 45 41.51 9.12 -32.24
CA SER F 45 40.55 10.18 -32.46
C SER F 45 40.92 11.12 -33.60
N ARG F 46 42.18 11.10 -34.03
CA ARG F 46 42.54 12.03 -35.09
C ARG F 46 41.96 11.55 -36.42
N TYR F 47 41.57 10.29 -36.44
CA TYR F 47 41.08 9.67 -37.64
C TYR F 47 39.56 9.62 -37.59
N ALA F 48 39.02 9.98 -36.42
CA ALA F 48 37.59 9.94 -36.16
C ALA F 48 36.81 10.69 -37.23
N THR F 49 35.85 9.98 -37.79
CA THR F 49 34.93 10.55 -38.75
C THR F 49 34.00 11.55 -38.06
N VAL F 50 33.39 11.10 -36.96
CA VAL F 50 32.53 11.93 -36.13
C VAL F 50 33.12 11.97 -34.73
N PRO F 51 32.78 12.99 -33.93
CA PRO F 51 33.37 13.15 -32.60
C PRO F 51 33.03 12.00 -31.66
N GLY F 52 34.08 11.35 -31.18
CA GLY F 52 33.99 10.35 -30.13
C GLY F 52 33.91 8.93 -30.66
N VAL F 53 33.99 8.78 -31.98
CA VAL F 53 33.61 7.50 -32.51
C VAL F 53 34.71 6.48 -32.19
N SER F 54 35.93 6.96 -32.00
CA SER F 54 37.03 6.05 -31.78
C SER F 54 36.93 5.51 -30.36
N HIS F 55 36.44 6.33 -29.43
CA HIS F 55 36.21 5.85 -28.07
C HIS F 55 35.11 4.79 -28.06
N ILE F 56 34.06 5.04 -28.83
CA ILE F 56 32.94 4.12 -28.88
C ILE F 56 33.42 2.82 -29.50
N LEU F 57 34.21 2.89 -30.57
CA LEU F 57 34.71 1.70 -31.23
C LEU F 57 35.59 0.90 -30.27
N GLU F 58 36.41 1.58 -29.47
CA GLU F 58 37.24 0.90 -28.49
C GLU F 58 36.35 0.14 -27.49
N LYS F 59 35.26 0.77 -27.02
CA LYS F 59 34.41 0.17 -26.01
C LYS F 59 33.49 -0.83 -26.67
N PHE F 60 33.43 -0.84 -28.01
CA PHE F 60 32.61 -1.84 -28.69
C PHE F 60 33.44 -3.05 -29.03
N ALA F 61 34.72 -3.05 -28.63
CA ALA F 61 35.50 -4.26 -28.84
C ALA F 61 35.07 -5.28 -27.79
N PHE F 62 35.05 -6.55 -28.21
CA PHE F 62 34.69 -7.67 -27.36
C PHE F 62 33.24 -7.56 -26.91
N GLN F 63 32.43 -6.94 -27.75
CA GLN F 63 30.98 -7.08 -27.61
C GLN F 63 30.59 -8.34 -28.35
N ASN F 64 29.33 -8.42 -28.79
CA ASN F 64 28.93 -9.67 -29.38
C ASN F 64 29.60 -9.77 -30.75
N THR F 65 30.29 -10.88 -30.98
CA THR F 65 30.67 -11.23 -32.33
C THR F 65 29.69 -12.30 -32.81
N VAL F 66 29.77 -12.64 -34.10
CA VAL F 66 28.92 -13.66 -34.66
C VAL F 66 29.32 -15.04 -34.12
N PRO F 67 30.63 -15.40 -34.05
CA PRO F 67 31.03 -16.68 -33.47
C PRO F 67 30.82 -16.81 -31.96
N LYS F 68 30.95 -15.69 -31.24
CA LYS F 68 31.00 -15.79 -29.79
C LYS F 68 30.42 -14.52 -29.18
N SER F 69 29.41 -14.71 -28.32
CA SER F 69 28.77 -13.59 -27.64
C SER F 69 29.73 -12.94 -26.64
N ALA F 70 29.48 -11.66 -26.33
CA ALA F 70 30.28 -10.96 -25.35
C ALA F 70 30.27 -11.73 -24.06
N LEU F 71 29.10 -12.28 -23.71
CA LEU F 71 28.94 -12.98 -22.45
C LEU F 71 29.86 -14.18 -22.47
N ARG F 72 29.80 -14.95 -23.56
CA ARG F 72 30.57 -16.18 -23.57
C ARG F 72 32.05 -15.85 -23.56
N PHE F 73 32.44 -14.77 -24.25
CA PHE F 73 33.84 -14.39 -24.29
C PHE F 73 34.33 -14.08 -22.89
N VAL F 74 33.58 -13.26 -22.17
CA VAL F 74 34.01 -12.85 -20.86
C VAL F 74 34.08 -14.05 -19.94
N ARG F 75 33.11 -14.96 -20.00
CA ARG F 75 33.14 -16.07 -19.06
C ARG F 75 34.29 -17.01 -19.38
N GLU F 76 34.69 -17.11 -20.64
CA GLU F 76 35.77 -18.02 -20.99
C GLU F 76 37.11 -17.38 -20.68
N LEU F 77 37.19 -16.07 -20.86
CA LEU F 77 38.39 -15.31 -20.53
C LEU F 77 38.68 -15.46 -19.04
N GLU F 78 37.64 -15.56 -18.22
CA GLU F 78 37.83 -15.67 -16.78
C GLU F 78 38.24 -17.09 -16.40
N LEU F 79 38.03 -18.06 -17.29
CA LEU F 79 38.50 -19.42 -17.05
C LEU F 79 39.99 -19.56 -17.33
N PHE F 80 40.54 -18.65 -18.13
CA PHE F 80 41.95 -18.62 -18.43
C PHE F 80 42.65 -17.60 -17.53
N GLY F 81 41.81 -16.88 -16.79
CA GLY F 81 42.17 -15.81 -15.88
C GLY F 81 42.79 -14.63 -16.62
N GLY F 82 42.55 -14.51 -17.93
CA GLY F 82 42.95 -13.34 -18.70
C GLY F 82 42.26 -12.07 -18.23
N LYS F 83 42.84 -10.92 -18.59
CA LYS F 83 42.23 -9.62 -18.39
C LYS F 83 42.23 -8.92 -19.72
N LEU F 84 41.37 -7.93 -19.82
CA LEU F 84 41.23 -7.22 -21.07
C LEU F 84 41.34 -5.73 -20.76
N TYR F 85 42.15 -5.03 -21.55
CA TYR F 85 42.27 -3.62 -21.31
C TYR F 85 42.28 -2.91 -22.64
N THR F 86 41.55 -1.82 -22.70
CA THR F 86 41.40 -1.16 -23.98
C THR F 86 41.57 0.33 -23.68
N HIS F 87 42.20 1.06 -24.59
CA HIS F 87 42.12 2.51 -24.50
C HIS F 87 42.21 3.13 -25.88
N THR F 88 41.81 4.37 -25.96
CA THR F 88 41.88 5.15 -27.17
C THR F 88 42.88 6.25 -26.92
N THR F 89 43.76 6.50 -27.90
CA THR F 89 44.55 7.71 -27.86
C THR F 89 44.10 8.62 -29.00
N ARG F 90 44.93 9.60 -29.31
CA ARG F 90 44.59 10.44 -30.42
C ARG F 90 45.04 9.75 -31.69
N GLU F 91 45.97 8.82 -31.50
CA GLU F 91 46.58 8.16 -32.63
C GLU F 91 46.05 6.73 -32.78
N HIS F 92 45.85 6.02 -31.68
CA HIS F 92 45.52 4.61 -31.84
C HIS F 92 44.39 4.19 -30.92
N ILE F 93 43.79 3.05 -31.24
CA ILE F 93 43.00 2.32 -30.28
C ILE F 93 43.84 1.11 -29.94
N VAL F 94 43.94 0.79 -28.65
CA VAL F 94 44.73 -0.34 -28.23
C VAL F 94 43.80 -1.28 -27.48
N LEU F 95 43.84 -2.56 -27.87
CA LEU F 95 43.09 -3.56 -27.16
C LEU F 95 44.12 -4.56 -26.67
N ARG F 96 44.24 -4.70 -25.37
CA ARG F 96 45.31 -5.51 -24.88
C ARG F 96 44.71 -6.62 -24.04
N THR F 97 45.23 -7.82 -24.24
CA THR F 97 44.80 -8.89 -23.37
C THR F 97 46.01 -9.37 -22.61
N GLN F 98 45.81 -9.67 -21.35
CA GLN F 98 46.88 -10.18 -20.55
C GLN F 98 46.47 -11.59 -20.16
N PHE F 99 47.30 -12.58 -20.42
CA PHE F 99 46.88 -13.95 -20.13
C PHE F 99 48.11 -14.77 -19.82
N LEU F 100 47.93 -16.06 -19.65
CA LEU F 100 49.09 -16.89 -19.42
C LEU F 100 49.64 -17.35 -20.77
N LYS F 101 50.96 -17.59 -20.85
CA LYS F 101 51.65 -17.75 -22.11
C LYS F 101 50.90 -18.77 -22.97
N GLN F 102 50.53 -19.88 -22.34
CA GLN F 102 50.01 -21.05 -23.01
C GLN F 102 48.71 -20.75 -23.75
N ASP F 103 47.94 -19.76 -23.28
CA ASP F 103 46.60 -19.56 -23.81
C ASP F 103 46.62 -18.65 -25.03
N LEU F 104 47.77 -18.50 -25.67
CA LEU F 104 47.92 -17.54 -26.75
C LEU F 104 46.92 -17.75 -27.88
N PRO F 105 46.76 -18.98 -28.41
CA PRO F 105 45.86 -19.21 -29.54
C PRO F 105 44.45 -18.67 -29.35
N TYR F 106 43.87 -18.90 -28.17
CA TYR F 106 42.55 -18.40 -27.84
C TYR F 106 42.47 -16.89 -28.04
N PHE F 107 43.43 -16.14 -27.51
CA PHE F 107 43.34 -14.68 -27.60
C PHE F 107 43.63 -14.16 -28.99
N VAL F 108 44.43 -14.88 -29.77
CA VAL F 108 44.63 -14.45 -31.14
C VAL F 108 43.29 -14.58 -31.85
N ASP F 109 42.64 -15.72 -31.65
CA ASP F 109 41.40 -16.01 -32.33
C ASP F 109 40.31 -15.06 -31.89
N ALA F 110 40.37 -14.58 -30.64
CA ALA F 110 39.36 -13.69 -30.10
C ALA F 110 39.48 -12.32 -30.74
N PHE F 111 40.72 -11.85 -30.92
CA PHE F 111 40.93 -10.60 -31.61
C PHE F 111 40.50 -10.73 -33.07
N ALA F 112 40.76 -11.89 -33.67
CA ALA F 112 40.32 -12.10 -35.04
C ALA F 112 38.80 -11.96 -35.11
N ASN F 113 38.08 -12.51 -34.13
CA ASN F 113 36.63 -12.46 -34.13
C ASN F 113 36.15 -11.03 -33.99
N VAL F 114 36.90 -10.23 -33.23
CA VAL F 114 36.49 -8.87 -32.97
C VAL F 114 36.65 -8.02 -34.21
N LEU F 115 37.71 -8.26 -34.97
CA LEU F 115 37.98 -7.41 -36.12
C LEU F 115 37.15 -7.83 -37.31
N LYS F 116 36.79 -9.13 -37.37
CA LYS F 116 36.12 -9.65 -38.54
C LYS F 116 34.60 -9.63 -38.38
N GLU F 117 34.12 -9.90 -37.16
CA GLU F 117 32.74 -10.38 -37.04
C GLU F 117 31.99 -9.72 -35.89
N THR F 118 32.42 -8.52 -35.48
CA THR F 118 31.65 -7.81 -34.48
C THR F 118 30.28 -7.44 -35.08
N LYS F 119 29.21 -7.90 -34.41
CA LYS F 119 27.84 -7.50 -34.74
C LYS F 119 27.62 -6.18 -34.04
N PHE F 120 27.60 -5.06 -34.76
CA PHE F 120 27.42 -3.83 -34.02
C PHE F 120 25.92 -3.64 -33.89
N GLN F 121 25.39 -4.00 -32.72
CA GLN F 121 23.95 -4.07 -32.57
C GLN F 121 23.55 -2.82 -31.85
N GLN F 122 22.38 -2.28 -32.21
CA GLN F 122 22.05 -0.96 -31.72
C GLN F 122 21.82 -1.02 -30.22
N PHE F 123 21.35 -2.17 -29.72
CA PHE F 123 21.10 -2.24 -28.30
C PHE F 123 22.41 -2.20 -27.52
N GLU F 124 23.50 -2.75 -28.07
CA GLU F 124 24.77 -2.75 -27.37
C GLU F 124 25.20 -1.31 -27.26
N LEU F 125 24.94 -0.54 -28.30
CA LEU F 125 25.42 0.81 -28.23
C LEU F 125 24.58 1.58 -27.21
N THR F 126 23.28 1.38 -27.20
CA THR F 126 22.42 2.14 -26.30
C THR F 126 22.62 1.73 -24.84
N GLU F 127 22.73 0.42 -24.60
CA GLU F 127 22.60 -0.09 -23.24
C GLU F 127 23.97 -0.40 -22.65
N ARG F 128 24.94 -0.72 -23.50
CA ARG F 128 26.19 -1.20 -22.94
C ARG F 128 27.33 -0.23 -23.22
N VAL F 129 27.56 0.03 -24.49
CA VAL F 129 28.74 0.73 -24.93
C VAL F 129 28.62 2.21 -24.56
N ALA F 130 27.57 2.91 -24.98
CA ALA F 130 27.48 4.32 -24.68
C ALA F 130 27.50 4.64 -23.18
N PRO F 131 26.73 3.96 -22.31
CA PRO F 131 26.78 4.23 -20.86
C PRO F 131 28.14 4.01 -20.22
N VAL F 132 28.89 3.02 -20.73
CA VAL F 132 30.21 2.73 -20.20
C VAL F 132 31.18 3.78 -20.74
N ALA F 133 31.01 4.20 -21.99
CA ALA F 133 31.86 5.26 -22.49
C ALA F 133 31.62 6.53 -21.69
N GLU F 134 30.38 6.73 -21.25
CA GLU F 134 30.09 7.95 -20.51
C GLU F 134 30.69 7.91 -19.11
N LEU F 135 30.67 6.74 -18.47
CA LEU F 135 31.31 6.55 -17.17
C LEU F 135 32.81 6.67 -17.26
N ASP F 136 33.39 6.22 -18.38
CA ASP F 136 34.83 6.27 -18.58
C ASP F 136 35.25 7.73 -18.56
N LEU F 137 34.52 8.54 -19.32
CA LEU F 137 34.91 9.92 -19.44
C LEU F 137 34.63 10.69 -18.15
N LEU F 138 33.53 10.40 -17.45
CA LEU F 138 33.27 11.11 -16.20
C LEU F 138 34.34 10.82 -15.16
N LYS F 139 34.86 9.59 -15.16
CA LYS F 139 35.89 9.22 -14.22
C LYS F 139 37.18 9.98 -14.55
N ARG F 140 37.42 10.24 -15.83
CA ARG F 140 38.62 10.95 -16.23
C ARG F 140 38.52 12.43 -15.91
N GLU F 141 37.31 12.97 -16.04
CA GLU F 141 37.08 14.40 -15.86
C GLU F 141 37.08 14.75 -14.39
N SER F 142 37.02 13.75 -13.51
CA SER F 142 37.14 14.03 -12.09
C SER F 142 38.45 14.77 -11.81
N ASP F 143 39.46 14.49 -12.64
CA ASP F 143 40.73 15.19 -12.63
C ASP F 143 40.64 16.41 -13.52
N PRO F 144 40.68 17.64 -12.98
CA PRO F 144 40.55 18.83 -13.83
C PRO F 144 41.74 19.01 -14.77
N ALA F 145 42.87 18.33 -14.49
CA ALA F 145 44.09 18.46 -15.28
C ALA F 145 43.88 17.78 -16.62
N PHE F 146 43.12 16.69 -16.57
CA PHE F 146 42.77 15.95 -17.75
C PHE F 146 41.94 16.84 -18.66
N THR F 147 40.88 17.43 -18.11
CA THR F 147 40.01 18.31 -18.86
C THR F 147 40.78 19.48 -19.46
N ALA F 148 41.70 20.06 -18.70
CA ALA F 148 42.46 21.21 -19.19
C ALA F 148 43.33 20.80 -20.37
N LEU F 149 43.92 19.61 -20.28
CA LEU F 149 44.81 19.23 -21.37
C LEU F 149 44.01 18.78 -22.58
N GLU F 150 42.79 18.25 -22.38
CA GLU F 150 41.90 17.93 -23.47
C GLU F 150 41.43 19.20 -24.18
N ALA F 151 41.02 20.19 -23.38
CA ALA F 151 40.57 21.47 -23.90
C ALA F 151 41.71 22.10 -24.69
N ALA F 152 42.95 21.89 -24.25
CA ALA F 152 44.09 22.55 -24.87
C ALA F 152 44.30 21.97 -26.25
N HIS F 153 44.15 20.66 -26.37
CA HIS F 153 44.29 20.07 -27.69
C HIS F 153 43.21 20.59 -28.63
N GLU F 154 42.05 20.93 -28.08
CA GLU F 154 40.90 21.27 -28.92
C GLU F 154 41.14 22.64 -29.53
N VAL F 155 41.70 23.54 -28.72
CA VAL F 155 42.02 24.89 -29.12
C VAL F 155 43.15 24.87 -30.13
N ALA F 156 44.12 24.00 -29.84
CA ALA F 156 45.37 24.04 -30.56
C ALA F 156 45.19 23.47 -31.96
N PHE F 157 44.32 22.47 -32.09
CA PHE F 157 44.31 21.76 -33.36
C PHE F 157 42.97 21.85 -34.07
N ARG F 158 41.90 22.15 -33.33
CA ARG F 158 40.55 22.28 -33.85
C ARG F 158 39.96 20.94 -34.29
N THR F 159 40.48 20.40 -35.39
CA THR F 159 40.03 19.11 -35.86
C THR F 159 41.22 18.16 -35.84
N GLY F 160 40.98 16.92 -36.24
CA GLY F 160 42.05 15.94 -36.25
C GLY F 160 42.52 15.65 -34.84
N LEU F 161 43.71 16.14 -34.52
CA LEU F 161 44.23 16.06 -33.17
C LEU F 161 43.33 16.82 -32.19
N GLY F 162 42.53 17.72 -32.75
CA GLY F 162 41.71 18.57 -31.91
C GLY F 162 40.36 17.92 -31.58
N ASN F 163 40.01 16.83 -32.29
CA ASN F 163 38.78 16.11 -31.96
C ASN F 163 38.91 15.58 -30.54
N SER F 164 37.78 15.49 -29.83
CA SER F 164 37.85 14.91 -28.49
C SER F 164 38.13 13.42 -28.60
N VAL F 165 38.86 12.91 -27.61
CA VAL F 165 39.28 11.52 -27.64
C VAL F 165 38.08 10.69 -27.25
N TYR F 166 37.28 11.27 -26.36
CA TYR F 166 36.25 10.51 -25.68
C TYR F 166 34.92 10.96 -26.19
N ALA F 167 33.96 10.04 -26.11
CA ALA F 167 32.61 10.30 -26.54
C ALA F 167 31.90 11.14 -25.47
N GLN F 168 31.25 12.21 -25.88
CA GLN F 168 30.53 13.01 -24.91
C GLN F 168 29.06 12.99 -25.26
N GLY F 169 28.20 13.44 -24.33
CA GLY F 169 26.75 13.29 -24.45
C GLY F 169 26.15 14.27 -25.45
N TYR F 170 26.81 15.41 -25.56
CA TYR F 170 26.36 16.53 -26.34
C TYR F 170 26.47 16.24 -27.84
N SER F 171 27.42 15.37 -28.23
CA SER F 171 27.49 14.90 -29.60
C SER F 171 27.35 13.39 -29.66
N PRO F 172 26.15 12.86 -30.01
CA PRO F 172 25.89 11.43 -29.97
C PRO F 172 26.49 10.72 -31.18
N VAL F 173 27.11 9.57 -30.91
CA VAL F 173 27.62 8.69 -31.94
C VAL F 173 26.51 7.70 -32.22
N THR F 174 26.18 7.50 -33.51
CA THR F 174 25.09 6.62 -33.87
C THR F 174 25.70 5.31 -34.29
N LEU F 175 24.86 4.29 -34.40
CA LEU F 175 25.38 2.99 -34.74
C LEU F 175 25.87 2.97 -36.19
N GLU F 176 25.32 3.85 -37.02
CA GLU F 176 25.79 3.96 -38.39
C GLU F 176 27.19 4.56 -38.44
N ASP F 177 27.44 5.61 -37.65
CA ASP F 177 28.75 6.21 -37.48
C ASP F 177 29.78 5.19 -37.00
N VAL F 178 29.45 4.40 -35.98
CA VAL F 178 30.46 3.49 -35.48
C VAL F 178 30.70 2.38 -36.50
N LYS F 179 29.64 1.93 -37.18
CA LYS F 179 29.81 0.83 -38.13
C LYS F 179 30.65 1.28 -39.32
N GLU F 180 30.48 2.55 -39.73
CA GLU F 180 31.23 3.12 -40.84
C GLU F 180 32.71 3.19 -40.49
N PHE F 181 32.97 3.76 -39.33
CA PHE F 181 34.33 3.89 -38.87
C PHE F 181 34.98 2.52 -38.74
N ALA F 182 34.24 1.54 -38.22
CA ALA F 182 34.85 0.24 -38.03
C ALA F 182 35.10 -0.47 -39.36
N ARG F 183 34.35 -0.09 -40.40
CA ARG F 183 34.57 -0.65 -41.73
C ARG F 183 35.95 -0.23 -42.24
N GLN F 184 36.32 1.02 -41.94
CA GLN F 184 37.61 1.54 -42.33
C GLN F 184 38.70 0.96 -41.43
N VAL F 185 38.47 0.99 -40.12
CA VAL F 185 39.55 0.73 -39.19
C VAL F 185 39.84 -0.76 -39.11
N TYR F 186 38.82 -1.59 -39.09
CA TYR F 186 39.10 -2.99 -38.85
C TYR F 186 39.51 -3.67 -40.16
N ALA F 187 40.75 -3.40 -40.57
CA ALA F 187 41.25 -3.79 -41.87
C ALA F 187 42.74 -4.04 -41.73
N LYS F 188 43.30 -4.94 -42.56
CA LYS F 188 44.69 -5.34 -42.43
C LYS F 188 45.62 -4.15 -42.38
N GLN F 189 45.18 -3.05 -43.01
CA GLN F 189 46.06 -1.93 -43.23
C GLN F 189 46.17 -1.08 -41.97
N ASN F 190 45.29 -1.32 -40.99
CA ASN F 190 45.25 -0.42 -39.86
C ASN F 190 45.44 -1.19 -38.57
N VAL F 191 45.91 -2.43 -38.68
CA VAL F 191 46.01 -3.29 -37.53
C VAL F 191 47.45 -3.73 -37.37
N ALA F 192 47.90 -3.65 -36.14
CA ALA F 192 49.19 -4.16 -35.72
C ALA F 192 48.94 -5.03 -34.51
N VAL F 193 49.53 -6.21 -34.53
CA VAL F 193 49.49 -7.08 -33.38
C VAL F 193 50.84 -6.98 -32.67
N VAL F 194 50.82 -6.69 -31.38
CA VAL F 194 52.04 -6.56 -30.61
C VAL F 194 51.97 -7.54 -29.44
N GLY F 195 52.89 -8.49 -29.37
CA GLY F 195 52.91 -9.44 -28.27
C GLY F 195 54.13 -9.25 -27.36
N ASN F 196 53.89 -8.82 -26.12
CA ASN F 196 54.88 -8.81 -25.08
C ASN F 196 54.90 -10.16 -24.37
N ASN F 197 56.08 -10.80 -24.35
CA ASN F 197 56.29 -12.13 -23.77
C ASN F 197 55.53 -13.17 -24.59
N VAL F 198 55.61 -13.00 -25.90
CA VAL F 198 55.00 -13.94 -26.82
C VAL F 198 56.11 -14.40 -27.73
N VAL F 199 56.19 -15.71 -27.99
CA VAL F 199 57.22 -16.24 -28.87
C VAL F 199 56.92 -15.75 -30.28
N PRO F 200 57.81 -14.95 -30.91
CA PRO F 200 57.49 -14.29 -32.18
C PRO F 200 57.16 -15.23 -33.34
N ALA F 201 57.74 -16.44 -33.34
CA ALA F 201 57.53 -17.40 -34.41
C ALA F 201 56.10 -17.95 -34.34
N ASP F 202 55.65 -18.14 -33.10
CA ASP F 202 54.37 -18.77 -32.80
C ASP F 202 53.22 -17.81 -33.08
N LEU F 203 53.46 -16.54 -32.78
CA LEU F 203 52.45 -15.54 -33.03
C LEU F 203 52.26 -15.34 -34.53
N GLN F 204 53.35 -15.30 -35.31
CA GLN F 204 53.23 -15.07 -36.74
C GLN F 204 52.38 -16.15 -37.37
N GLN F 205 52.57 -17.38 -36.90
CA GLN F 205 51.87 -18.53 -37.43
C GLN F 205 50.37 -18.41 -37.11
N LEU F 206 50.04 -17.88 -35.93
CA LEU F 206 48.66 -17.86 -35.47
C LEU F 206 47.93 -16.70 -36.11
N VAL F 207 48.58 -15.55 -36.17
CA VAL F 207 47.96 -14.37 -36.77
C VAL F 207 47.77 -14.63 -38.25
N GLY F 208 48.66 -15.46 -38.82
CA GLY F 208 48.63 -15.69 -40.24
C GLY F 208 47.45 -16.57 -40.64
N THR F 209 46.89 -17.29 -39.67
CA THR F 209 45.79 -18.17 -39.97
C THR F 209 44.48 -17.48 -39.59
N ALA F 210 44.57 -16.61 -38.58
CA ALA F 210 43.39 -16.02 -37.96
C ALA F 210 42.98 -14.73 -38.66
N PHE F 211 43.96 -13.93 -39.08
CA PHE F 211 43.65 -12.66 -39.70
C PHE F 211 43.90 -12.71 -41.20
N ALA F 212 43.73 -13.90 -41.80
CA ALA F 212 43.92 -14.05 -43.23
C ALA F 212 42.70 -13.53 -43.97
N ASP F 213 41.53 -13.62 -43.33
CA ASP F 213 40.24 -13.34 -43.93
C ASP F 213 39.76 -11.94 -43.55
N LEU F 214 40.63 -11.20 -42.87
CA LEU F 214 40.35 -9.81 -42.55
C LEU F 214 40.43 -8.99 -43.84
N GLN F 215 39.55 -7.99 -44.00
CA GLN F 215 39.60 -7.09 -45.16
C GLN F 215 41.00 -6.54 -45.28
N GLU F 216 41.43 -6.25 -46.51
CA GLU F 216 42.67 -5.50 -46.67
C GLU F 216 42.42 -4.03 -46.33
N GLY F 217 41.32 -3.48 -46.88
CA GLY F 217 40.89 -2.12 -46.64
C GLY F 217 41.94 -1.10 -47.08
N SER F 218 41.85 0.10 -46.50
CA SER F 218 42.79 1.15 -46.83
C SER F 218 43.33 1.78 -45.55
N LYS F 219 44.52 2.40 -45.64
CA LYS F 219 45.03 3.24 -44.57
C LYS F 219 44.03 4.36 -44.28
N VAL F 220 43.63 4.40 -43.02
CA VAL F 220 42.82 5.48 -42.49
C VAL F 220 43.67 6.73 -42.47
N THR F 221 43.06 7.84 -42.89
CA THR F 221 43.77 9.09 -42.94
C THR F 221 42.97 10.14 -42.18
N GLN F 222 43.71 11.17 -41.76
CA GLN F 222 43.13 12.32 -41.10
C GLN F 222 42.44 13.14 -42.18
N ALA F 223 41.15 13.43 -41.95
CA ALA F 223 40.45 14.41 -42.75
C ALA F 223 41.08 15.80 -42.52
N GLY F 224 41.87 16.26 -43.50
CA GLY F 224 42.54 17.55 -43.49
C GLY F 224 43.94 17.46 -42.89
N THR F 225 44.83 18.38 -43.28
CA THR F 225 46.13 18.38 -42.63
C THR F 225 46.04 19.14 -41.31
N THR F 226 46.99 18.81 -40.44
CA THR F 226 47.07 19.38 -39.10
C THR F 226 47.44 20.86 -39.18
N THR F 227 46.51 21.69 -38.71
CA THR F 227 46.72 23.13 -38.62
C THR F 227 46.79 23.50 -37.15
N LEU F 228 47.73 24.39 -36.83
CA LEU F 228 47.91 24.83 -35.46
C LEU F 228 47.30 26.21 -35.30
N HIS F 229 46.77 26.44 -34.11
CA HIS F 229 46.09 27.67 -33.79
C HIS F 229 46.35 27.97 -32.33
N GLY F 230 46.25 29.24 -31.96
CA GLY F 230 46.35 29.65 -30.57
C GLY F 230 44.95 29.93 -30.03
N GLY F 231 44.89 30.41 -28.79
CA GLY F 231 43.60 30.79 -28.22
C GLY F 231 43.44 30.42 -26.75
N GLU F 232 42.18 30.33 -26.32
CA GLU F 232 41.83 30.10 -24.93
C GLU F 232 40.61 29.22 -24.88
N ALA F 233 40.58 28.39 -23.84
CA ALA F 233 39.43 27.56 -23.57
C ALA F 233 39.12 27.74 -22.10
N ARG F 234 37.84 27.87 -21.78
CA ARG F 234 37.46 28.22 -20.44
C ARG F 234 36.30 27.31 -20.01
N VAL F 235 36.67 26.08 -19.69
CA VAL F 235 35.69 25.12 -19.24
C VAL F 235 35.35 25.38 -17.77
N ARG F 236 34.18 25.96 -17.51
CA ARG F 236 33.69 26.17 -16.14
C ARG F 236 33.23 24.88 -15.51
N THR F 237 34.01 24.38 -14.54
CA THR F 237 33.58 23.24 -13.74
C THR F 237 33.50 23.69 -12.28
N SER F 238 32.98 22.81 -11.42
CA SER F 238 32.91 23.07 -10.00
C SER F 238 33.75 22.05 -9.23
N THR F 239 34.50 21.24 -9.99
CA THR F 239 35.16 20.05 -9.46
C THR F 239 36.66 20.18 -9.67
N GLY F 240 37.27 21.22 -9.08
CA GLY F 240 38.70 21.41 -9.12
C GLY F 240 39.08 22.42 -10.19
N ASN F 241 40.32 22.86 -10.15
CA ASN F 241 40.75 23.94 -11.00
C ASN F 241 42.03 23.50 -11.67
N ALA F 242 42.18 23.81 -12.94
CA ALA F 242 43.43 23.50 -13.59
C ALA F 242 43.69 24.52 -14.68
N LEU F 243 44.91 24.53 -15.18
CA LEU F 243 45.29 25.47 -16.20
C LEU F 243 46.36 24.81 -17.04
N THR F 244 46.09 24.70 -18.33
CA THR F 244 47.14 24.23 -19.20
C THR F 244 47.67 25.42 -19.99
N ILE F 245 48.98 25.47 -20.16
CA ILE F 245 49.56 26.44 -21.05
C ILE F 245 50.20 25.63 -22.16
N ALA F 246 49.52 25.51 -23.28
CA ALA F 246 50.07 24.64 -24.29
C ALA F 246 50.70 25.47 -25.40
N LEU F 247 51.73 24.93 -26.05
CA LEU F 247 52.34 25.60 -27.19
C LEU F 247 52.42 24.58 -28.31
N PRO F 248 51.56 24.68 -29.31
CA PRO F 248 51.65 23.78 -30.46
C PRO F 248 52.99 23.88 -31.18
N ILE F 249 53.53 22.71 -31.56
CA ILE F 249 54.79 22.62 -32.29
C ILE F 249 54.47 22.15 -33.71
N ALA F 250 54.98 22.91 -34.69
CA ALA F 250 54.78 22.61 -36.11
C ALA F 250 55.83 21.61 -36.59
N GLU F 251 57.04 21.71 -36.02
CA GLU F 251 58.12 20.78 -36.31
C GLU F 251 58.44 20.01 -35.03
N PRO F 252 57.80 18.85 -34.78
CA PRO F 252 58.08 18.06 -33.58
C PRO F 252 59.54 17.60 -33.60
N LYS F 253 60.24 17.91 -32.51
CA LYS F 253 61.64 17.54 -32.37
C LYS F 253 61.81 16.81 -31.05
N PRO F 254 62.76 15.87 -30.93
CA PRO F 254 62.95 15.09 -29.70
C PRO F 254 63.49 15.91 -28.53
N VAL F 255 63.97 17.11 -28.80
CA VAL F 255 64.48 17.97 -27.74
C VAL F 255 63.34 18.41 -26.83
N TYR F 256 62.08 18.37 -27.29
CA TYR F 256 61.01 18.82 -26.42
C TYR F 256 60.76 17.82 -25.30
N HIS F 257 61.11 16.54 -25.53
CA HIS F 257 61.05 15.55 -24.46
C HIS F 257 62.03 15.94 -23.38
N ALA F 258 63.25 16.27 -23.80
CA ALA F 258 64.26 16.66 -22.84
C ALA F 258 63.80 17.91 -22.09
N LEU F 259 63.21 18.85 -22.82
CA LEU F 259 62.78 20.08 -22.16
C LEU F 259 61.65 19.77 -21.20
N ALA F 260 60.73 18.88 -21.58
CA ALA F 260 59.62 18.54 -20.71
C ALA F 260 60.13 17.93 -19.40
N SER F 261 61.12 17.06 -19.51
CA SER F 261 61.63 16.36 -18.34
C SER F 261 62.50 17.29 -17.50
N PHE F 262 63.29 18.15 -18.16
CA PHE F 262 64.06 19.17 -17.47
C PHE F 262 63.13 20.06 -16.64
N LEU F 263 62.17 20.73 -17.32
CA LEU F 263 61.24 21.62 -16.64
C LEU F 263 60.53 20.85 -15.55
N GLY F 264 60.21 19.58 -15.85
CA GLY F 264 59.72 18.62 -14.88
C GLY F 264 58.37 19.06 -14.32
N GLY F 265 58.32 19.11 -12.99
CA GLY F 265 57.13 19.54 -12.28
C GLY F 265 56.75 18.58 -11.16
N PRO F 266 56.63 17.25 -11.45
CA PRO F 266 56.39 16.24 -10.41
C PRO F 266 57.63 16.07 -9.54
N ALA F 267 57.42 15.59 -8.31
CA ALA F 267 58.50 15.39 -7.37
C ALA F 267 59.07 13.98 -7.54
N SER F 268 60.37 13.86 -7.29
CA SER F 268 61.08 12.63 -7.59
C SER F 268 61.29 11.87 -6.28
N MET F 269 60.55 12.33 -5.27
CA MET F 269 60.74 11.93 -3.89
C MET F 269 59.42 12.21 -3.20
N PRO F 270 58.93 11.34 -2.28
CA PRO F 270 57.69 11.62 -1.56
C PRO F 270 57.79 12.86 -0.68
N TRP F 271 56.63 13.55 -0.51
CA TRP F 271 56.49 14.69 0.39
C TRP F 271 57.54 15.76 0.11
N SER F 272 57.94 15.94 -1.14
CA SER F 272 58.91 16.96 -1.49
C SER F 272 58.34 17.87 -2.55
N VAL F 273 59.12 18.89 -2.90
CA VAL F 273 58.70 19.77 -3.98
C VAL F 273 59.36 19.33 -5.28
N GLY F 274 60.66 19.01 -5.22
CA GLY F 274 61.45 18.71 -6.41
C GLY F 274 62.47 19.81 -6.70
N ALA F 275 63.46 19.49 -7.53
CA ALA F 275 64.53 20.42 -7.83
C ALA F 275 64.40 20.91 -9.27
N SER F 276 63.31 20.49 -9.93
CA SER F 276 62.99 20.94 -11.28
C SER F 276 62.46 22.38 -11.22
N PRO F 277 62.75 23.24 -12.23
CA PRO F 277 62.27 24.62 -12.25
C PRO F 277 60.76 24.79 -12.03
N LEU F 278 59.96 23.93 -12.67
CA LEU F 278 58.51 24.04 -12.54
C LEU F 278 58.07 23.59 -11.17
N ALA F 279 58.81 22.65 -10.59
CA ALA F 279 58.49 22.16 -9.26
C ALA F 279 58.76 23.26 -8.24
N GLN F 280 59.79 24.09 -8.48
CA GLN F 280 60.20 25.16 -7.59
C GLN F 280 59.26 26.36 -7.75
N ALA F 281 58.40 26.30 -8.77
CA ALA F 281 57.39 27.33 -9.00
C ALA F 281 56.18 27.12 -8.10
N THR F 282 56.10 25.96 -7.44
CA THR F 282 54.93 25.59 -6.67
C THR F 282 55.22 25.75 -5.18
N VAL F 283 56.35 26.35 -4.83
CA VAL F 283 56.66 26.50 -3.42
C VAL F 283 55.72 27.53 -2.79
N GLY F 284 55.11 27.12 -1.68
CA GLY F 284 54.18 27.96 -0.95
C GLY F 284 52.74 27.63 -1.28
N THR F 285 52.56 26.69 -2.23
CA THR F 285 51.24 26.38 -2.77
C THR F 285 51.02 24.87 -2.80
N HIS F 286 49.75 24.47 -2.59
CA HIS F 286 49.33 23.08 -2.77
C HIS F 286 48.84 22.91 -4.20
N THR F 287 49.77 23.12 -5.12
CA THR F 287 49.52 22.97 -6.55
C THR F 287 50.56 22.01 -7.09
N SER F 288 50.17 21.28 -8.14
CA SER F 288 51.14 20.53 -8.90
C SER F 288 51.21 21.07 -10.32
N VAL F 289 52.31 20.72 -10.96
CA VAL F 289 52.66 21.16 -12.28
C VAL F 289 53.20 19.94 -12.99
N LYS F 290 53.03 19.88 -14.30
CA LYS F 290 53.62 18.80 -15.07
C LYS F 290 53.84 19.33 -16.47
N ALA F 291 55.09 19.34 -16.91
CA ALA F 291 55.31 19.65 -18.31
C ALA F 291 55.24 18.36 -19.13
N THR F 292 54.50 18.39 -20.21
CA THR F 292 54.48 17.20 -21.03
C THR F 292 54.62 17.57 -22.49
N TYR F 293 55.24 16.67 -23.23
CA TYR F 293 55.30 16.90 -24.65
C TYR F 293 54.64 15.73 -25.35
N HIS F 294 53.80 16.04 -26.32
CA HIS F 294 53.11 15.01 -27.07
C HIS F 294 53.51 15.12 -28.52
N ASN F 295 54.22 14.10 -28.99
CA ASN F 295 54.55 14.04 -30.40
C ASN F 295 53.39 13.34 -31.09
N TYR F 296 52.93 13.89 -32.22
CA TYR F 296 51.89 13.24 -33.01
C TYR F 296 52.37 13.04 -34.45
N GLY F 297 53.68 13.16 -34.64
CA GLY F 297 54.30 12.89 -35.91
C GLY F 297 54.48 14.18 -36.71
N ASP F 298 53.34 14.83 -36.98
CA ASP F 298 53.33 15.95 -37.92
C ASP F 298 53.03 17.23 -37.15
N ALA F 299 52.61 17.07 -35.89
CA ALA F 299 52.44 18.20 -35.00
C ALA F 299 52.72 17.75 -33.58
N GLY F 300 52.88 18.70 -32.69
CA GLY F 300 53.31 18.33 -31.36
C GLY F 300 52.67 19.29 -30.39
N LEU F 301 52.60 18.90 -29.13
CA LEU F 301 52.05 19.85 -28.19
C LEU F 301 52.89 19.86 -26.93
N PHE F 302 53.40 21.03 -26.61
CA PHE F 302 54.12 21.12 -25.38
C PHE F 302 53.20 21.79 -24.38
N ALA F 303 52.92 21.08 -23.30
CA ALA F 303 51.97 21.62 -22.35
C ALA F 303 52.61 21.75 -20.97
N ILE F 304 52.15 22.74 -20.21
CA ILE F 304 52.48 22.86 -18.81
C ILE F 304 51.14 22.95 -18.09
N THR F 305 50.83 21.95 -17.31
CA THR F 305 49.51 21.86 -16.74
C THR F 305 49.67 22.07 -15.24
N ILE F 306 48.75 22.85 -14.68
CA ILE F 306 48.86 23.22 -13.28
C ILE F 306 47.51 22.92 -12.67
N LYS F 307 47.45 22.00 -11.70
CA LYS F 307 46.19 21.86 -10.99
C LYS F 307 46.37 22.32 -9.56
N GLY F 308 45.27 22.56 -8.86
CA GLY F 308 45.31 23.05 -7.49
C GLY F 308 43.91 23.47 -7.09
N ASP F 309 43.71 23.78 -5.82
CA ASP F 309 42.35 24.03 -5.34
C ASP F 309 42.07 25.52 -5.31
N SER F 310 43.15 26.30 -5.23
CA SER F 310 43.05 27.73 -5.20
C SER F 310 43.32 28.31 -6.58
N PRO F 311 42.38 29.09 -7.15
CA PRO F 311 42.62 29.77 -8.41
C PRO F 311 43.67 30.86 -8.25
N ALA F 312 43.76 31.43 -7.04
CA ALA F 312 44.76 32.46 -6.77
C ALA F 312 46.16 31.88 -6.82
N GLU F 313 46.31 30.65 -6.30
CA GLU F 313 47.59 29.97 -6.28
C GLU F 313 47.96 29.55 -7.69
N ILE F 314 46.96 29.09 -8.47
CA ILE F 314 47.22 28.63 -9.81
C ILE F 314 47.72 29.80 -10.63
N SER F 315 47.11 30.98 -10.46
CA SER F 315 47.48 32.18 -11.18
C SER F 315 48.91 32.58 -10.85
N GLN F 316 49.23 32.49 -9.56
CA GLN F 316 50.55 32.76 -9.03
C GLN F 316 51.59 31.81 -9.65
N VAL F 317 51.25 30.53 -9.73
CA VAL F 317 52.17 29.55 -10.27
C VAL F 317 52.33 29.78 -11.76
N ALA F 318 51.24 30.16 -12.43
CA ALA F 318 51.25 30.25 -13.88
C ALA F 318 52.22 31.31 -14.35
N HIS F 319 52.30 32.42 -13.58
CA HIS F 319 53.26 33.48 -13.84
C HIS F 319 54.68 32.95 -13.71
N LYS F 320 54.94 32.20 -12.62
CA LYS F 320 56.26 31.65 -12.34
C LYS F 320 56.63 30.61 -13.40
N ALA F 321 55.62 29.90 -13.89
CA ALA F 321 55.82 28.85 -14.86
C ALA F 321 56.26 29.45 -16.19
N VAL F 322 55.63 30.52 -16.64
CA VAL F 322 56.05 31.02 -17.93
C VAL F 322 57.39 31.72 -17.79
N GLN F 323 57.64 32.30 -16.62
CA GLN F 323 58.93 32.88 -16.31
C GLN F 323 60.02 31.82 -16.41
N ALA F 324 59.77 30.65 -15.79
CA ALA F 324 60.69 29.52 -15.77
C ALA F 324 61.08 29.12 -17.20
N LEU F 325 60.09 29.11 -18.09
CA LEU F 325 60.34 28.73 -19.47
C LEU F 325 61.22 29.80 -20.17
N LYS F 326 60.99 31.09 -19.86
CA LYS F 326 61.78 32.19 -20.43
C LYS F 326 63.21 32.13 -19.89
N ASP F 327 63.35 31.91 -18.58
CA ASP F 327 64.63 31.75 -17.91
C ASP F 327 65.40 30.57 -18.50
N THR F 328 64.68 29.53 -18.93
CA THR F 328 65.37 28.40 -19.54
C THR F 328 65.91 28.81 -20.90
N GLY F 329 65.14 29.63 -21.61
CA GLY F 329 65.53 30.14 -22.92
C GLY F 329 66.82 30.95 -22.85
N ALA F 330 67.07 31.56 -21.68
CA ALA F 330 68.29 32.31 -21.42
C ALA F 330 69.47 31.34 -21.28
N GLU F 331 69.47 30.56 -20.19
CA GLU F 331 70.63 29.77 -19.85
C GLU F 331 70.29 28.50 -19.08
N VAL F 332 70.82 27.39 -19.59
CA VAL F 332 70.81 26.11 -18.91
C VAL F 332 72.25 25.80 -18.54
N THR F 333 72.42 25.20 -17.35
CA THR F 333 73.74 24.77 -16.89
C THR F 333 73.99 23.37 -17.44
N GLU F 334 75.25 22.95 -17.39
CA GLU F 334 75.64 21.62 -17.85
C GLU F 334 75.02 20.56 -16.94
N GLU F 335 75.02 20.84 -15.63
CA GLU F 335 74.40 19.97 -14.63
C GLU F 335 72.93 19.74 -14.97
N GLN F 336 72.23 20.84 -15.32
CA GLN F 336 70.80 20.82 -15.60
C GLN F 336 70.54 20.04 -16.88
N ALA F 337 71.45 20.18 -17.84
CA ALA F 337 71.28 19.49 -19.10
C ALA F 337 71.49 17.99 -18.90
N ALA F 338 72.35 17.63 -17.94
CA ALA F 338 72.62 16.21 -17.71
C ALA F 338 71.45 15.58 -16.97
N ARG F 339 70.90 16.35 -16.02
CA ARG F 339 69.70 16.01 -15.27
C ARG F 339 68.54 15.80 -16.24
N ALA F 340 68.59 16.46 -17.41
CA ALA F 340 67.48 16.37 -18.34
C ALA F 340 67.62 15.08 -19.11
N TYR F 341 68.86 14.77 -19.44
CA TYR F 341 69.14 13.57 -20.20
C TYR F 341 68.75 12.36 -19.38
N ALA F 342 69.03 12.45 -18.09
CA ALA F 342 68.78 11.34 -17.19
C ALA F 342 67.28 11.16 -17.00
N LYS F 343 66.56 12.27 -16.76
CA LYS F 343 65.14 12.17 -16.53
C LYS F 343 64.44 11.73 -17.81
N SER F 344 65.05 12.06 -18.97
CA SER F 344 64.37 11.75 -20.21
C SER F 344 64.59 10.30 -20.59
N LYS F 345 65.82 9.79 -20.40
CA LYS F 345 66.13 8.39 -20.64
C LYS F 345 65.21 7.55 -19.77
N PHE F 346 65.05 7.99 -18.52
CA PHE F 346 64.24 7.24 -17.59
C PHE F 346 62.80 7.22 -18.05
N ALA F 347 62.30 8.38 -18.52
CA ALA F 347 60.92 8.42 -18.93
C ALA F 347 60.70 7.49 -20.12
N ALA F 348 61.68 7.44 -21.03
CA ALA F 348 61.58 6.59 -22.21
C ALA F 348 61.56 5.12 -21.79
N ALA F 349 62.36 4.77 -20.78
CA ALA F 349 62.48 3.40 -20.35
C ALA F 349 61.16 2.92 -19.72
N GLU F 350 60.62 3.69 -18.78
CA GLU F 350 59.41 3.27 -18.07
C GLU F 350 58.20 3.26 -18.99
N ALA F 351 58.26 4.06 -20.08
CA ALA F 351 57.19 4.06 -21.06
C ALA F 351 57.20 2.74 -21.83
N PHE F 352 58.40 2.26 -22.15
CA PHE F 352 58.54 1.04 -22.92
C PHE F 352 58.28 -0.18 -22.04
N GLU F 353 58.20 0.04 -20.72
CA GLU F 353 57.93 -1.04 -19.77
C GLU F 353 56.42 -1.15 -19.53
N ASN F 354 55.75 -0.02 -19.25
CA ASN F 354 54.30 -0.01 -19.04
C ASN F 354 53.59 -0.58 -20.27
N PRO F 355 52.81 -1.68 -20.14
CA PRO F 355 52.18 -2.33 -21.29
C PRO F 355 51.31 -1.43 -22.17
N ASP F 356 50.52 -0.52 -21.56
CA ASP F 356 49.66 0.34 -22.35
C ASP F 356 50.48 1.18 -23.32
N SER F 357 51.49 1.88 -22.78
CA SER F 357 52.28 2.78 -23.59
C SER F 357 53.18 1.97 -24.52
N SER F 358 53.71 0.83 -24.03
CA SER F 358 54.59 -0.01 -24.84
C SER F 358 53.91 -0.34 -26.16
N ALA F 359 52.70 -0.91 -26.08
CA ALA F 359 51.95 -1.31 -27.24
C ALA F 359 51.83 -0.17 -28.26
N SER F 360 51.54 1.06 -27.79
CA SER F 360 51.37 2.19 -28.71
C SER F 360 52.70 2.68 -29.29
N VAL F 361 53.81 2.49 -28.55
CA VAL F 361 55.13 2.85 -29.02
C VAL F 361 55.48 2.02 -30.25
N ILE F 362 55.36 0.70 -30.12
CA ILE F 362 55.65 -0.21 -31.21
C ILE F 362 54.55 -0.11 -32.26
N GLY F 363 53.33 0.13 -31.80
CA GLY F 363 52.22 0.42 -32.68
C GLY F 363 52.55 1.53 -33.66
N MET F 364 53.11 2.62 -33.15
CA MET F 364 53.52 3.73 -33.98
C MET F 364 54.54 3.26 -35.03
N GLU F 365 55.54 2.51 -34.55
CA GLU F 365 56.64 2.04 -35.38
C GLU F 365 56.09 1.16 -36.50
N LEU F 366 55.18 0.25 -36.13
CA LEU F 366 54.59 -0.66 -37.10
C LEU F 366 53.64 0.05 -38.05
N LEU F 367 52.77 0.91 -37.50
CA LEU F 367 51.66 1.37 -38.31
C LEU F 367 52.10 2.55 -39.15
N SER F 368 52.85 3.45 -38.54
CA SER F 368 53.44 4.55 -39.29
C SER F 368 54.78 4.06 -39.84
N GLY F 369 55.88 4.67 -39.46
CA GLY F 369 57.13 4.04 -39.84
C GLY F 369 58.22 4.58 -38.94
N VAL F 370 57.77 5.39 -37.98
CA VAL F 370 58.60 6.10 -37.02
C VAL F 370 59.28 5.07 -36.13
N SER F 371 60.56 4.76 -36.41
CA SER F 371 61.38 3.90 -35.56
C SER F 371 61.31 4.35 -34.11
N ARG F 372 61.09 3.38 -33.22
CA ARG F 372 61.06 3.64 -31.80
C ARG F 372 62.46 4.05 -31.38
N ILE F 373 62.53 5.10 -30.56
CA ILE F 373 63.78 5.47 -29.96
C ILE F 373 63.91 4.68 -28.65
N ALA F 374 64.77 3.66 -28.71
CA ALA F 374 65.11 2.83 -27.57
C ALA F 374 65.71 3.72 -26.48
N PRO F 375 65.35 3.49 -25.19
CA PRO F 375 65.87 4.29 -24.07
C PRO F 375 67.38 4.46 -24.00
N GLU F 376 68.10 3.48 -24.54
CA GLU F 376 69.55 3.43 -24.57
C GLU F 376 70.11 4.30 -25.70
N ASN F 377 69.23 4.92 -26.49
CA ASN F 377 69.65 5.64 -27.68
C ASN F 377 69.11 7.06 -27.65
N VAL F 378 68.48 7.42 -26.53
CA VAL F 378 67.92 8.75 -26.32
C VAL F 378 69.08 9.73 -26.40
N GLN F 379 68.94 10.75 -27.26
CA GLN F 379 69.98 11.72 -27.54
C GLN F 379 70.27 12.59 -26.31
N LYS F 380 71.55 12.87 -26.04
CA LYS F 380 71.93 13.80 -24.98
C LYS F 380 71.95 15.21 -25.56
N PHE F 381 71.10 16.08 -25.00
CA PHE F 381 70.97 17.45 -25.49
C PHE F 381 71.87 18.39 -24.68
N THR F 382 72.68 19.20 -25.39
CA THR F 382 73.59 20.16 -24.81
C THR F 382 72.79 21.33 -24.22
N PRO F 383 73.34 22.14 -23.30
CA PRO F 383 72.61 23.29 -22.78
C PRO F 383 72.21 24.27 -23.88
N ALA F 384 72.98 24.28 -24.99
CA ALA F 384 72.74 25.16 -26.12
C ALA F 384 71.42 24.80 -26.80
N GLU F 385 71.24 23.49 -27.03
CA GLU F 385 70.11 22.94 -27.76
C GLU F 385 68.84 23.07 -26.92
N LEU F 386 68.98 22.99 -25.59
CA LEU F 386 67.82 23.01 -24.73
C LEU F 386 67.31 24.43 -24.58
N SER F 387 68.26 25.38 -24.46
CA SER F 387 67.94 26.78 -24.24
C SER F 387 67.27 27.31 -25.50
N GLU F 388 67.73 26.79 -26.64
CA GLU F 388 67.25 27.17 -27.97
C GLU F 388 65.80 26.71 -28.12
N ALA F 389 65.52 25.51 -27.60
CA ALA F 389 64.20 24.91 -27.66
C ALA F 389 63.25 25.66 -26.74
N ALA F 390 63.73 26.16 -25.61
CA ALA F 390 62.85 26.85 -24.69
C ALA F 390 62.55 28.26 -25.20
N ALA F 391 63.49 28.76 -26.01
CA ALA F 391 63.40 30.10 -26.54
C ALA F 391 62.31 30.15 -27.60
N GLN F 392 62.28 29.12 -28.46
CA GLN F 392 61.27 28.94 -29.48
C GLN F 392 59.88 28.86 -28.86
N LEU F 393 59.79 28.25 -27.68
CA LEU F 393 58.49 28.08 -27.05
C LEU F 393 58.03 29.36 -26.35
N SER F 394 58.97 30.08 -25.74
CA SER F 394 58.61 31.35 -25.12
C SER F 394 58.18 32.37 -26.17
N ALA F 395 58.69 32.19 -27.41
CA ALA F 395 58.44 33.09 -28.53
C ALA F 395 57.54 32.41 -29.56
N SER F 396 56.49 31.77 -29.06
CA SER F 396 55.51 31.10 -29.90
C SER F 396 54.38 32.08 -30.22
N ALA F 397 53.95 32.01 -31.48
CA ALA F 397 52.98 32.95 -32.03
C ALA F 397 51.56 32.49 -31.71
N LYS F 398 51.42 31.26 -31.21
CA LYS F 398 50.11 30.66 -31.07
C LYS F 398 49.98 29.99 -29.71
N PRO F 399 50.14 30.70 -28.58
CA PRO F 399 50.01 30.05 -27.28
C PRO F 399 48.55 29.81 -26.93
N VAL F 400 48.32 28.62 -26.38
CA VAL F 400 47.00 28.18 -25.99
C VAL F 400 46.98 28.15 -24.48
N VAL F 401 45.84 28.54 -23.90
CA VAL F 401 45.68 28.49 -22.48
C VAL F 401 44.29 27.96 -22.17
N ALA F 402 44.25 26.81 -21.51
CA ALA F 402 42.97 26.21 -21.21
C ALA F 402 42.76 26.26 -19.71
N ALA F 403 41.70 26.93 -19.29
CA ALA F 403 41.44 27.10 -17.87
C ALA F 403 40.22 26.25 -17.55
N VAL F 404 40.30 25.52 -16.43
CA VAL F 404 39.20 24.69 -15.99
C VAL F 404 38.89 25.02 -14.54
N GLY F 405 37.61 25.19 -14.19
CA GLY F 405 37.26 25.45 -12.81
C GLY F 405 36.69 26.85 -12.65
N GLN F 406 37.20 27.60 -11.68
CA GLN F 406 36.72 28.95 -11.48
C GLN F 406 37.42 29.82 -12.52
N VAL F 407 36.84 29.87 -13.71
CA VAL F 407 37.57 30.38 -14.85
C VAL F 407 37.71 31.90 -14.78
N HIS F 408 36.82 32.55 -14.03
CA HIS F 408 36.85 33.99 -13.85
C HIS F 408 38.10 34.40 -13.07
N ALA F 409 38.70 33.43 -12.35
CA ALA F 409 39.80 33.75 -11.46
C ALA F 409 41.10 33.13 -11.95
N LEU F 410 41.04 32.45 -13.10
CA LEU F 410 42.28 31.92 -13.64
C LEU F 410 42.86 32.88 -14.67
N PRO F 411 44.16 32.76 -15.00
CA PRO F 411 44.79 33.64 -15.99
C PRO F 411 44.28 33.49 -17.41
N PHE F 412 44.54 34.50 -18.24
CA PHE F 412 44.23 34.48 -19.64
C PHE F 412 45.52 34.48 -20.42
N ALA F 413 45.43 34.19 -21.72
CA ALA F 413 46.63 34.02 -22.53
C ALA F 413 47.46 35.31 -22.59
N ASP F 414 46.76 36.45 -22.69
CA ASP F 414 47.41 37.75 -22.87
C ASP F 414 48.04 38.23 -21.57
N GLU F 415 47.63 37.65 -20.44
CA GLU F 415 48.24 37.94 -19.15
C GLU F 415 49.57 37.19 -19.02
N LEU F 416 49.78 36.14 -19.82
CA LEU F 416 50.92 35.24 -19.66
C LEU F 416 51.98 35.51 -20.74
N MET G 85 -24.89 -0.63 52.95
CA MET G 85 -26.16 -1.23 53.47
C MET G 85 -25.92 -1.55 54.93
N THR G 86 -27.01 -1.87 55.64
CA THR G 86 -26.94 -2.43 56.98
C THR G 86 -26.23 -3.78 56.92
N ALA G 87 -25.58 -4.16 58.02
CA ALA G 87 -24.88 -5.44 58.10
C ALA G 87 -25.85 -6.58 57.80
N ALA G 88 -27.06 -6.43 58.39
CA ALA G 88 -28.19 -7.33 58.28
C ALA G 88 -28.47 -7.63 56.81
N GLU G 89 -28.56 -6.55 56.03
CA GLU G 89 -28.99 -6.67 54.66
C GLU G 89 -27.90 -7.35 53.83
N HIS G 90 -26.63 -7.16 54.23
CA HIS G 90 -25.54 -7.80 53.52
C HIS G 90 -25.37 -9.26 53.91
N GLY G 91 -25.69 -9.56 55.17
CA GLY G 91 -25.23 -10.82 55.71
C GLY G 91 -23.83 -10.65 56.28
N LEU G 92 -23.57 -11.38 57.34
CA LEU G 92 -22.22 -11.42 57.84
C LEU G 92 -21.34 -12.10 56.80
N HIS G 93 -20.13 -11.56 56.58
CA HIS G 93 -19.24 -12.20 55.64
C HIS G 93 -18.61 -13.41 56.32
N PRO G 94 -18.60 -14.58 55.66
CA PRO G 94 -18.07 -15.80 56.25
C PRO G 94 -16.58 -15.69 56.52
N ALA G 95 -16.16 -16.39 57.57
CA ALA G 95 -14.76 -16.59 57.91
C ALA G 95 -14.04 -17.30 56.77
N GLU G 96 -12.73 -17.07 56.65
CA GLU G 96 -11.98 -17.80 55.63
C GLU G 96 -11.41 -19.04 56.28
N TYR G 97 -12.00 -20.19 55.95
CA TYR G 97 -11.57 -21.42 56.55
C TYR G 97 -10.41 -21.97 55.73
N PRO G 98 -9.44 -22.66 56.34
CA PRO G 98 -8.34 -23.26 55.58
C PRO G 98 -8.72 -24.59 54.93
N TRP G 99 -9.42 -24.51 53.80
CA TRP G 99 -9.85 -25.68 53.08
C TRP G 99 -8.63 -26.42 52.54
N PRO G 100 -8.68 -27.75 52.41
CA PRO G 100 -7.60 -28.50 51.77
C PRO G 100 -7.27 -28.00 50.37
N GLN G 101 -8.31 -27.55 49.65
CA GLN G 101 -8.12 -27.12 48.28
C GLN G 101 -7.61 -25.68 48.19
N ASN G 102 -7.55 -24.93 49.29
CA ASN G 102 -6.95 -23.61 49.19
C ASN G 102 -5.45 -23.79 49.11
N GLY G 103 -4.82 -23.04 48.22
CA GLY G 103 -3.41 -23.28 48.03
C GLY G 103 -3.15 -23.73 46.60
N MET G 104 -2.15 -23.09 46.01
CA MET G 104 -2.03 -23.17 44.58
C MET G 104 -1.83 -24.62 44.16
N LEU G 105 -1.23 -25.45 45.02
CA LEU G 105 -0.87 -26.76 44.54
C LEU G 105 -1.73 -27.83 45.18
N SER G 106 -2.88 -27.45 45.75
CA SER G 106 -3.61 -28.35 46.61
C SER G 106 -4.85 -28.88 45.90
N THR G 107 -5.08 -30.19 45.98
CA THR G 107 -6.30 -30.72 45.40
C THR G 107 -7.39 -30.67 46.47
N PHE G 108 -8.60 -31.09 46.12
CA PHE G 108 -9.59 -31.49 47.10
C PHE G 108 -9.11 -32.72 47.84
N ASP G 109 -9.56 -32.88 49.09
CA ASP G 109 -9.38 -34.13 49.79
C ASP G 109 -10.51 -35.05 49.33
N HIS G 110 -10.16 -36.12 48.60
CA HIS G 110 -11.22 -36.88 47.96
C HIS G 110 -11.99 -37.69 48.98
N ALA G 111 -11.35 -37.97 50.11
CA ALA G 111 -12.04 -38.68 51.16
C ALA G 111 -13.16 -37.81 51.71
N SER G 112 -12.89 -36.51 51.76
CA SER G 112 -13.86 -35.55 52.25
C SER G 112 -14.96 -35.38 51.22
N LEU G 113 -14.61 -35.42 49.94
CA LEU G 113 -15.62 -35.35 48.89
C LEU G 113 -16.59 -36.51 49.03
N ARG G 114 -16.06 -37.72 49.23
CA ARG G 114 -16.90 -38.89 49.35
C ARG G 114 -17.83 -38.76 50.55
N ARG G 115 -17.29 -38.31 51.68
CA ARG G 115 -18.09 -38.11 52.88
C ARG G 115 -19.16 -37.06 52.63
N GLY G 116 -18.79 -36.02 51.88
CA GLY G 116 -19.70 -34.94 51.59
C GLY G 116 -20.81 -35.40 50.65
N TYR G 117 -20.48 -36.33 49.75
CA TYR G 117 -21.55 -36.82 48.92
C TYR G 117 -22.55 -37.51 49.81
N GLN G 118 -22.06 -38.22 50.81
CA GLN G 118 -22.96 -38.98 51.65
C GLN G 118 -23.86 -38.04 52.44
N VAL G 119 -23.35 -36.86 52.79
CA VAL G 119 -24.18 -35.85 53.44
C VAL G 119 -25.20 -35.29 52.46
N TYR G 120 -24.79 -35.06 51.21
CA TYR G 120 -25.73 -34.54 50.25
C TYR G 120 -26.87 -35.54 50.06
N LYS G 121 -26.50 -36.80 49.92
CA LYS G 121 -27.45 -37.84 49.58
C LYS G 121 -28.44 -38.02 50.73
N GLU G 122 -27.98 -37.87 51.98
CA GLU G 122 -28.80 -38.23 53.12
C GLU G 122 -29.45 -37.03 53.79
N VAL G 123 -29.06 -35.82 53.42
CA VAL G 123 -29.67 -34.66 54.05
C VAL G 123 -30.23 -33.73 52.98
N CYS G 124 -29.34 -33.17 52.17
CA CYS G 124 -29.69 -32.10 51.25
C CYS G 124 -30.54 -32.60 50.11
N ALA G 125 -30.40 -33.86 49.70
CA ALA G 125 -31.07 -34.28 48.47
C ALA G 125 -32.59 -34.33 48.68
N ALA G 126 -33.01 -34.27 49.94
CA ALA G 126 -34.43 -34.20 50.20
C ALA G 126 -35.02 -32.95 49.56
N CYS G 127 -34.24 -31.87 49.45
CA CYS G 127 -34.83 -30.62 49.04
C CYS G 127 -34.10 -30.01 47.86
N HIS G 128 -32.85 -30.43 47.65
CA HIS G 128 -32.05 -29.69 46.70
C HIS G 128 -31.66 -30.63 45.60
N SER G 129 -31.72 -30.15 44.38
CA SER G 129 -31.26 -30.98 43.28
C SER G 129 -29.77 -30.78 43.05
N LEU G 130 -29.20 -31.70 42.29
CA LEU G 130 -27.83 -31.58 41.85
C LEU G 130 -27.83 -31.98 40.38
N ASP G 131 -28.47 -31.15 39.57
CA ASP G 131 -28.92 -31.56 38.26
C ASP G 131 -27.77 -31.61 37.27
N ARG G 132 -26.66 -30.99 37.60
CA ARG G 132 -25.64 -30.84 36.58
C ARG G 132 -24.56 -31.89 36.76
N ILE G 133 -24.80 -32.79 37.70
CA ILE G 133 -23.80 -33.80 38.01
C ILE G 133 -24.39 -35.11 37.53
N ALA G 134 -23.60 -35.88 36.79
CA ALA G 134 -24.11 -37.16 36.34
C ALA G 134 -23.45 -38.21 37.21
N TRP G 135 -23.94 -39.44 37.19
CA TRP G 135 -23.32 -40.45 38.02
C TRP G 135 -21.88 -40.65 37.61
N ARG G 136 -21.60 -40.48 36.33
CA ARG G 136 -20.26 -40.74 35.85
C ARG G 136 -19.30 -39.72 36.44
N ASN G 137 -19.83 -38.58 36.89
CA ASN G 137 -18.95 -37.54 37.41
C ASN G 137 -18.34 -37.96 38.74
N LEU G 138 -19.07 -38.77 39.53
CA LEU G 138 -18.54 -39.26 40.79
C LEU G 138 -17.45 -40.29 40.55
N VAL G 139 -17.41 -40.90 39.37
CA VAL G 139 -16.53 -42.03 39.18
C VAL G 139 -15.08 -41.57 39.17
N GLY G 140 -14.26 -42.17 40.04
CA GLY G 140 -12.85 -41.87 40.04
C GLY G 140 -12.60 -40.51 40.69
N VAL G 141 -13.63 -40.04 41.38
CA VAL G 141 -13.49 -38.86 42.19
C VAL G 141 -13.83 -39.30 43.60
N THR G 142 -15.03 -39.87 43.76
CA THR G 142 -15.51 -40.20 45.09
C THR G 142 -15.84 -41.68 45.16
N HIS G 143 -16.18 -42.28 44.02
CA HIS G 143 -16.70 -43.63 44.01
C HIS G 143 -16.08 -44.41 42.87
N THR G 144 -16.04 -45.71 43.01
CA THR G 144 -15.55 -46.50 41.89
C THR G 144 -16.66 -46.58 40.86
N THR G 145 -16.34 -47.09 39.66
CA THR G 145 -17.34 -47.26 38.61
C THR G 145 -18.50 -48.07 39.15
N ASP G 146 -18.18 -49.09 39.96
CA ASP G 146 -19.17 -50.07 40.38
C ASP G 146 -20.14 -49.47 41.37
N GLU G 147 -19.60 -48.67 42.30
CA GLU G 147 -20.44 -48.04 43.31
C GLU G 147 -21.38 -47.04 42.68
N ALA G 148 -20.89 -46.33 41.65
CA ALA G 148 -21.73 -45.33 41.01
C ALA G 148 -22.75 -46.04 40.13
N LYS G 149 -22.38 -47.17 39.54
CA LYS G 149 -23.36 -47.90 38.75
C LYS G 149 -24.46 -48.40 39.67
N ALA G 150 -24.08 -48.84 40.87
CA ALA G 150 -25.06 -49.27 41.85
C ALA G 150 -26.01 -48.13 42.23
N PHE G 151 -25.48 -46.91 42.40
CA PHE G 151 -26.35 -45.77 42.70
C PHE G 151 -27.29 -45.46 41.55
N ALA G 152 -26.80 -45.52 40.32
CA ALA G 152 -27.65 -45.24 39.17
C ALA G 152 -28.74 -46.31 39.02
N GLU G 153 -28.36 -47.59 39.14
CA GLU G 153 -29.23 -48.72 38.89
C GLU G 153 -30.36 -48.83 39.92
N GLU G 154 -30.27 -48.10 41.03
CA GLU G 154 -31.33 -48.10 42.04
C GLU G 154 -32.50 -47.24 41.60
N LEU G 155 -32.26 -46.38 40.61
CA LEU G 155 -33.29 -45.44 40.23
C LEU G 155 -33.93 -45.87 38.94
N GLU G 156 -35.10 -45.29 38.67
CA GLU G 156 -35.77 -45.46 37.40
C GLU G 156 -35.73 -44.14 36.66
N TYR G 157 -35.40 -44.22 35.38
CA TYR G 157 -35.38 -43.05 34.53
C TYR G 157 -36.25 -43.32 33.32
N ASP G 158 -36.68 -42.24 32.67
CA ASP G 158 -37.50 -42.37 31.47
C ASP G 158 -36.70 -42.99 30.33
N ASP G 159 -37.21 -44.13 29.84
CA ASP G 159 -36.66 -44.79 28.67
C ASP G 159 -37.33 -44.23 27.42
N GLU G 160 -36.89 -44.68 26.24
CA GLU G 160 -37.60 -44.47 25.00
C GLU G 160 -38.89 -45.27 25.04
N PRO G 161 -40.01 -44.81 24.45
CA PRO G 161 -41.25 -45.58 24.47
C PRO G 161 -41.05 -46.97 23.87
N ASP G 162 -41.88 -47.92 24.32
CA ASP G 162 -41.83 -49.29 23.84
C ASP G 162 -42.40 -49.33 22.42
N ASP G 163 -42.65 -50.53 21.94
CA ASP G 163 -42.92 -50.74 20.53
C ASP G 163 -44.36 -50.33 20.19
N GLU G 164 -45.24 -50.32 21.19
CA GLU G 164 -46.60 -49.81 21.04
C GLU G 164 -46.63 -48.31 21.33
N GLY G 165 -45.45 -47.74 21.61
CA GLY G 165 -45.31 -46.33 21.93
C GLY G 165 -45.85 -45.96 23.31
N ASN G 166 -45.91 -46.93 24.21
CA ASN G 166 -46.29 -46.67 25.60
C ASN G 166 -45.05 -46.22 26.37
N PRO G 167 -45.11 -45.27 27.33
CA PRO G 167 -43.93 -44.87 28.09
C PRO G 167 -43.36 -46.01 28.93
N ARG G 168 -42.04 -45.96 29.10
CA ARG G 168 -41.32 -46.96 29.88
C ARG G 168 -40.29 -46.26 30.76
N LYS G 169 -39.93 -46.96 31.84
CA LYS G 169 -38.82 -46.60 32.68
C LYS G 169 -37.71 -47.63 32.48
N ARG G 170 -36.47 -47.20 32.70
CA ARG G 170 -35.33 -48.10 32.73
C ARG G 170 -34.55 -47.85 34.01
N PRO G 171 -33.68 -48.78 34.43
CA PRO G 171 -32.72 -48.51 35.50
C PRO G 171 -31.66 -47.55 34.98
N GLY G 172 -31.18 -46.68 35.89
CA GLY G 172 -30.25 -45.63 35.57
C GLY G 172 -28.91 -46.17 35.11
N LYS G 173 -28.19 -45.36 34.35
CA LYS G 173 -26.88 -45.69 33.85
C LYS G 173 -25.95 -44.56 34.25
N LEU G 174 -24.66 -44.76 34.01
CA LEU G 174 -23.73 -43.77 34.50
C LEU G 174 -23.88 -42.43 33.80
N ALA G 175 -24.38 -42.41 32.56
CA ALA G 175 -24.49 -41.13 31.89
C ALA G 175 -25.69 -40.32 32.36
N ASP G 176 -26.57 -40.91 33.19
CA ASP G 176 -27.75 -40.24 33.66
C ASP G 176 -27.37 -39.23 34.73
N TYR G 177 -28.19 -38.20 34.88
CA TYR G 177 -27.94 -37.15 35.84
C TYR G 177 -28.59 -37.51 37.17
N ILE G 178 -27.94 -37.15 38.27
CA ILE G 178 -28.53 -37.37 39.58
C ILE G 178 -29.87 -36.65 39.63
N PRO G 179 -30.97 -37.39 39.90
CA PRO G 179 -32.30 -36.82 39.78
C PRO G 179 -32.65 -35.96 40.99
N GLY G 180 -33.50 -34.96 40.75
CA GLY G 180 -33.93 -34.02 41.76
C GLY G 180 -35.06 -34.58 42.62
N PRO G 181 -35.29 -34.01 43.81
CA PRO G 181 -36.44 -34.40 44.62
C PRO G 181 -37.80 -33.92 44.12
N TYR G 182 -37.79 -32.88 43.27
CA TYR G 182 -39.04 -32.27 42.87
C TYR G 182 -39.15 -32.22 41.37
N PRO G 183 -40.38 -32.47 40.83
CA PRO G 183 -40.61 -32.43 39.39
C PRO G 183 -40.55 -31.04 38.75
N ASN G 184 -40.81 -30.00 39.54
CA ASN G 184 -40.76 -28.65 39.02
C ASN G 184 -40.57 -27.66 40.17
N GLU G 185 -40.43 -26.37 39.83
CA GLU G 185 -40.24 -25.31 40.80
C GLU G 185 -41.43 -25.21 41.75
N GLN G 186 -42.62 -25.44 41.21
CA GLN G 186 -43.81 -25.14 41.97
C GLN G 186 -43.93 -26.18 43.08
N ALA G 187 -43.57 -27.42 42.75
CA ALA G 187 -43.61 -28.51 43.72
C ALA G 187 -42.52 -28.27 44.76
N ALA G 188 -41.43 -27.64 44.33
CA ALA G 188 -40.35 -27.41 45.26
C ALA G 188 -40.80 -26.39 46.28
N ARG G 189 -41.45 -25.32 45.80
CA ARG G 189 -41.92 -24.23 46.64
C ARG G 189 -43.02 -24.71 47.57
N ALA G 190 -43.83 -25.65 47.08
CA ALA G 190 -44.97 -26.11 47.86
C ALA G 190 -44.48 -26.83 49.11
N ALA G 191 -43.33 -27.48 48.96
CA ALA G 191 -42.80 -28.30 50.02
C ALA G 191 -41.95 -27.46 50.97
N ASN G 192 -41.72 -26.21 50.63
CA ASN G 192 -40.76 -25.40 51.35
C ASN G 192 -41.36 -24.06 51.74
N GLN G 193 -42.66 -24.06 52.06
CA GLN G 193 -43.35 -22.87 52.55
C GLN G 193 -43.00 -21.68 51.65
N GLY G 194 -42.99 -21.96 50.34
CA GLY G 194 -42.97 -20.92 49.33
C GLY G 194 -41.57 -20.67 48.81
N ALA G 195 -40.55 -21.04 49.60
CA ALA G 195 -39.16 -20.77 49.25
C ALA G 195 -38.64 -21.82 48.28
N LEU G 196 -37.73 -21.43 47.39
CA LEU G 196 -37.29 -22.41 46.42
C LEU G 196 -35.88 -22.82 46.76
N PRO G 197 -35.63 -24.09 47.12
CA PRO G 197 -34.27 -24.53 47.41
C PRO G 197 -33.49 -24.61 46.11
N PRO G 198 -32.40 -23.85 45.95
CA PRO G 198 -31.71 -23.76 44.67
C PRO G 198 -31.01 -25.07 44.36
N ASP G 199 -30.71 -25.23 43.08
CA ASP G 199 -29.89 -26.33 42.66
C ASP G 199 -28.50 -26.13 43.24
N LEU G 200 -27.86 -27.20 43.71
CA LEU G 200 -26.61 -27.00 44.41
C LEU G 200 -25.40 -27.24 43.53
N SER G 201 -25.60 -27.60 42.27
CA SER G 201 -24.48 -27.93 41.41
C SER G 201 -23.56 -26.73 41.25
N LEU G 202 -24.11 -25.53 41.41
CA LEU G 202 -23.31 -24.38 41.07
C LEU G 202 -23.19 -23.44 42.26
N ILE G 203 -23.76 -23.87 43.37
CA ILE G 203 -23.93 -22.92 44.45
C ILE G 203 -22.61 -22.43 45.01
N ALA G 204 -21.56 -23.25 44.90
CA ALA G 204 -20.28 -22.79 45.41
C ALA G 204 -19.70 -21.70 44.53
N LYS G 205 -20.15 -21.60 43.28
CA LYS G 205 -19.62 -20.53 42.44
C LYS G 205 -20.60 -19.36 42.42
N ALA G 206 -21.82 -19.63 42.85
CA ALA G 206 -22.88 -18.68 42.66
C ALA G 206 -23.04 -17.77 43.86
N ARG G 207 -22.21 -17.94 44.88
CA ARG G 207 -22.37 -17.08 46.05
C ARG G 207 -20.99 -16.56 46.39
N HIS G 208 -20.90 -15.27 46.79
CA HIS G 208 -19.64 -14.73 47.31
C HIS G 208 -19.23 -15.56 48.50
N GLY G 209 -17.98 -16.01 48.49
CA GLY G 209 -17.55 -16.81 49.62
C GLY G 209 -17.39 -18.28 49.25
N GLY G 210 -18.27 -18.83 48.39
CA GLY G 210 -18.08 -20.19 47.91
C GLY G 210 -18.16 -21.21 49.04
N ALA G 211 -17.15 -22.09 49.16
CA ALA G 211 -17.14 -23.10 50.20
C ALA G 211 -17.37 -22.47 51.57
N ASP G 212 -16.76 -21.31 51.80
CA ASP G 212 -16.79 -20.74 53.12
C ASP G 212 -18.22 -20.31 53.42
N TYR G 213 -18.92 -19.87 52.39
CA TYR G 213 -20.27 -19.42 52.62
C TYR G 213 -21.14 -20.63 52.93
N ILE G 214 -20.91 -21.72 52.22
CA ILE G 214 -21.75 -22.87 52.47
C ILE G 214 -21.43 -23.38 53.86
N PHE G 215 -20.16 -23.42 54.24
CA PHE G 215 -19.88 -23.95 55.56
C PHE G 215 -20.43 -23.02 56.63
N ALA G 216 -20.27 -21.71 56.41
CA ALA G 216 -20.70 -20.77 57.42
C ALA G 216 -22.22 -20.82 57.59
N LEU G 217 -22.92 -20.95 56.48
CA LEU G 217 -24.36 -20.98 56.49
C LEU G 217 -24.88 -22.22 57.20
N LEU G 218 -24.28 -23.36 56.92
CA LEU G 218 -24.85 -24.59 57.42
C LEU G 218 -24.61 -24.73 58.91
N THR G 219 -23.56 -24.07 59.38
CA THR G 219 -23.17 -24.21 60.76
C THR G 219 -23.56 -22.96 61.54
N GLY G 220 -24.20 -22.00 60.87
CA GLY G 220 -24.29 -20.70 61.48
C GLY G 220 -25.70 -20.34 61.95
N TYR G 221 -26.49 -21.35 62.29
CA TYR G 221 -27.79 -21.05 62.84
C TYR G 221 -27.63 -20.95 64.35
N PRO G 222 -27.84 -19.76 64.94
CA PRO G 222 -27.72 -19.59 66.37
C PRO G 222 -28.95 -20.24 66.99
N ASP G 223 -28.81 -20.65 68.26
CA ASP G 223 -29.92 -21.25 68.98
C ASP G 223 -31.05 -20.23 69.10
N GLU G 224 -30.68 -18.97 69.34
CA GLU G 224 -31.66 -17.91 69.45
C GLU G 224 -31.30 -16.79 68.48
N PRO G 225 -32.27 -16.24 67.70
CA PRO G 225 -32.00 -15.04 66.92
C PRO G 225 -31.61 -13.86 67.82
N PRO G 226 -30.61 -13.05 67.43
CA PRO G 226 -30.28 -11.81 68.12
C PRO G 226 -31.54 -11.03 68.48
N ALA G 227 -31.58 -10.56 69.73
CA ALA G 227 -32.74 -9.86 70.25
C ALA G 227 -33.10 -8.69 69.34
N GLY G 228 -34.35 -8.69 68.89
CA GLY G 228 -34.89 -7.55 68.16
C GLY G 228 -35.17 -7.88 66.69
N VAL G 229 -34.60 -9.00 66.23
CA VAL G 229 -34.84 -9.50 64.88
C VAL G 229 -36.25 -10.07 64.81
N VAL G 230 -37.05 -9.54 63.87
CA VAL G 230 -38.36 -10.09 63.61
C VAL G 230 -38.28 -10.91 62.32
N LEU G 231 -38.38 -12.22 62.48
CA LEU G 231 -38.36 -13.08 61.32
C LEU G 231 -39.74 -13.10 60.68
N ALA G 232 -39.77 -13.01 59.33
CA ALA G 232 -40.93 -13.35 58.52
C ALA G 232 -41.38 -14.80 58.77
N PRO G 233 -42.68 -15.17 58.59
CA PRO G 233 -43.11 -16.53 58.93
C PRO G 233 -42.42 -17.56 58.05
N GLY G 234 -41.93 -18.64 58.68
CA GLY G 234 -41.30 -19.77 58.01
C GLY G 234 -39.84 -19.50 57.66
N MET G 235 -39.30 -18.41 58.22
CA MET G 235 -37.90 -18.04 58.10
C MET G 235 -37.19 -18.37 59.40
N ASN G 236 -35.90 -18.64 59.24
CA ASN G 236 -35.03 -19.04 60.34
C ASN G 236 -33.91 -18.03 60.33
N TYR G 237 -33.38 -17.74 61.51
CA TYR G 237 -32.39 -16.70 61.52
C TYR G 237 -31.05 -17.33 61.20
N ASN G 238 -30.35 -16.75 60.22
CA ASN G 238 -28.99 -17.19 59.96
C ASN G 238 -28.22 -15.97 59.51
N PRO G 239 -27.21 -15.51 60.27
CA PRO G 239 -26.60 -14.23 60.00
C PRO G 239 -25.88 -14.20 58.66
N TYR G 240 -25.49 -15.36 58.15
CA TYR G 240 -24.69 -15.36 56.96
C TYR G 240 -25.55 -15.13 55.73
N PHE G 241 -26.84 -15.41 55.88
CA PHE G 241 -27.68 -15.24 54.73
C PHE G 241 -28.12 -13.78 54.69
N PRO G 242 -28.02 -13.10 53.54
CA PRO G 242 -28.43 -11.69 53.46
C PRO G 242 -29.87 -11.45 53.85
N GLY G 243 -30.07 -10.53 54.80
CA GLY G 243 -31.42 -10.30 55.27
C GLY G 243 -31.64 -10.99 56.60
N GLY G 244 -30.94 -12.11 56.79
CA GLY G 244 -30.92 -12.81 58.07
C GLY G 244 -31.94 -13.94 58.11
N GLY G 245 -32.96 -13.86 57.25
CA GLY G 245 -34.08 -14.76 57.38
C GLY G 245 -34.03 -15.74 56.22
N ILE G 246 -33.70 -16.99 56.51
CA ILE G 246 -33.55 -17.92 55.41
C ILE G 246 -34.63 -18.98 55.52
N GLY G 247 -35.11 -19.43 54.37
CA GLY G 247 -36.24 -20.33 54.37
C GLY G 247 -35.79 -21.74 54.68
N MET G 248 -34.47 -21.93 54.79
CA MET G 248 -33.94 -23.25 55.07
C MET G 248 -33.69 -23.31 56.56
N ALA G 249 -34.22 -24.33 57.22
CA ALA G 249 -34.01 -24.48 58.65
C ALA G 249 -32.65 -25.11 58.89
N ARG G 250 -32.16 -25.08 60.13
CA ARG G 250 -30.98 -25.86 60.44
C ARG G 250 -31.24 -27.34 60.19
N THR G 251 -30.28 -28.00 59.52
CA THR G 251 -30.52 -29.36 59.08
C THR G 251 -29.41 -30.31 59.53
N LEU G 252 -28.23 -29.76 59.82
CA LEU G 252 -27.17 -30.63 60.28
C LEU G 252 -27.15 -30.65 61.79
N PHE G 253 -27.34 -31.85 62.34
CA PHE G 253 -27.21 -32.07 63.76
C PHE G 253 -26.29 -33.27 63.95
N ASP G 254 -25.55 -33.25 65.06
CA ASP G 254 -24.61 -34.31 65.36
C ASP G 254 -25.31 -35.66 65.19
N GLY G 255 -24.79 -36.43 64.21
CA GLY G 255 -25.16 -37.81 63.96
C GLY G 255 -26.42 -37.98 63.10
N VAL G 256 -26.68 -37.06 62.17
CA VAL G 256 -27.78 -37.25 61.22
C VAL G 256 -27.33 -38.17 60.09
N VAL G 257 -26.02 -38.20 59.88
CA VAL G 257 -25.39 -39.11 58.94
C VAL G 257 -24.53 -40.06 59.73
N GLU G 258 -24.45 -41.31 59.26
CA GLU G 258 -23.48 -42.23 59.81
C GLU G 258 -22.43 -42.50 58.74
N TYR G 259 -21.25 -41.90 58.91
CA TYR G 259 -20.24 -41.98 57.86
C TYR G 259 -19.75 -43.41 57.73
N GLU G 260 -19.42 -43.81 56.51
CA GLU G 260 -19.07 -45.20 56.26
C GLU G 260 -17.59 -45.47 56.55
N ASP G 261 -16.85 -44.41 56.91
CA ASP G 261 -15.42 -44.49 57.17
C ASP G 261 -15.13 -44.29 58.65
N GLY G 262 -16.19 -44.12 59.45
CA GLY G 262 -16.15 -44.08 60.91
C GLY G 262 -15.75 -42.72 61.50
N THR G 263 -15.59 -41.71 60.63
CA THR G 263 -15.37 -40.32 61.00
C THR G 263 -16.54 -39.86 61.89
N PRO G 264 -16.29 -39.19 63.04
CA PRO G 264 -17.37 -38.66 63.86
C PRO G 264 -18.18 -37.62 63.09
N ALA G 265 -19.50 -37.86 62.97
CA ALA G 265 -20.34 -37.02 62.13
C ALA G 265 -20.89 -35.88 62.96
N THR G 266 -20.02 -34.92 63.26
CA THR G 266 -20.43 -33.74 63.99
C THR G 266 -20.97 -32.72 62.98
N THR G 267 -21.77 -31.78 63.48
CA THR G 267 -22.28 -30.73 62.63
C THR G 267 -21.14 -30.12 61.83
N SER G 268 -20.03 -29.79 62.50
CA SER G 268 -18.97 -29.13 61.78
C SER G 268 -18.33 -30.05 60.75
N GLN G 269 -18.22 -31.34 61.09
CA GLN G 269 -17.55 -32.26 60.18
C GLN G 269 -18.42 -32.43 58.94
N MET G 270 -19.73 -32.54 59.15
CA MET G 270 -20.60 -32.77 58.02
C MET G 270 -20.67 -31.52 57.15
N ALA G 271 -20.66 -30.35 57.78
CA ALA G 271 -20.72 -29.12 57.00
C ALA G 271 -19.44 -28.99 56.18
N LYS G 272 -18.30 -29.33 56.76
CA LYS G 272 -17.05 -29.20 56.04
C LYS G 272 -17.09 -30.18 54.87
N ASP G 273 -17.57 -31.39 55.10
CA ASP G 273 -17.53 -32.38 54.06
C ASP G 273 -18.48 -32.00 52.93
N VAL G 274 -19.68 -31.57 53.28
CA VAL G 274 -20.65 -31.29 52.26
C VAL G 274 -20.25 -30.01 51.54
N ALA G 275 -19.67 -29.06 52.25
CA ALA G 275 -19.20 -27.84 51.61
C ALA G 275 -18.12 -28.17 50.60
N ALA G 276 -17.24 -29.12 50.97
CA ALA G 276 -16.18 -29.49 50.07
C ALA G 276 -16.79 -30.15 48.85
N PHE G 277 -17.74 -31.06 49.10
CA PHE G 277 -18.35 -31.82 48.03
C PHE G 277 -19.04 -30.85 47.07
N LEU G 278 -19.75 -29.85 47.61
CA LEU G 278 -20.47 -28.95 46.75
C LEU G 278 -19.49 -28.08 45.96
N THR G 279 -18.34 -27.78 46.55
CA THR G 279 -17.38 -26.97 45.84
C THR G 279 -16.81 -27.77 44.69
N TRP G 280 -16.58 -29.06 44.94
CA TRP G 280 -16.21 -29.91 43.83
C TRP G 280 -17.31 -29.93 42.80
N ALA G 281 -18.57 -29.99 43.23
CA ALA G 281 -19.67 -30.08 42.28
C ALA G 281 -19.62 -28.85 41.38
N ALA G 282 -19.24 -27.71 41.95
CA ALA G 282 -19.33 -26.53 41.16
C ALA G 282 -18.16 -26.46 40.20
N GLU G 283 -17.00 -26.96 40.62
CA GLU G 283 -15.86 -26.82 39.73
C GLU G 283 -15.10 -28.12 39.71
N PRO G 284 -15.57 -29.14 38.98
CA PRO G 284 -14.99 -30.47 39.08
C PRO G 284 -13.61 -30.62 38.43
N GLU G 285 -13.27 -29.63 37.60
CA GLU G 285 -12.02 -29.62 36.87
C GLU G 285 -10.92 -29.12 37.77
N HIS G 286 -11.29 -28.63 38.96
CA HIS G 286 -10.42 -27.96 39.90
C HIS G 286 -9.07 -28.67 39.99
N ASP G 287 -9.08 -29.98 40.22
CA ASP G 287 -7.81 -30.64 40.46
C ASP G 287 -6.93 -30.58 39.23
N GLU G 288 -7.47 -30.92 38.06
CA GLU G 288 -6.73 -30.92 36.81
C GLU G 288 -6.22 -29.50 36.50
N ARG G 289 -7.10 -28.53 36.71
CA ARG G 289 -6.84 -27.14 36.39
C ARG G 289 -5.61 -26.69 37.16
N LYS G 290 -5.54 -27.04 38.44
CA LYS G 290 -4.44 -26.48 39.20
C LYS G 290 -3.16 -27.17 38.83
N LYS G 291 -3.24 -28.42 38.43
CA LYS G 291 -2.03 -29.13 38.07
C LYS G 291 -1.51 -28.56 36.75
N LEU G 292 -2.39 -28.29 35.80
CA LEU G 292 -1.91 -27.81 34.52
C LEU G 292 -1.38 -26.42 34.73
N GLY G 293 -1.99 -25.67 35.64
CA GLY G 293 -1.50 -24.34 35.92
C GLY G 293 -0.09 -24.40 36.53
N LEU G 294 0.19 -25.45 37.30
CA LEU G 294 1.50 -25.54 37.89
C LEU G 294 2.50 -25.73 36.76
N LYS G 295 2.20 -26.65 35.83
CA LYS G 295 3.09 -26.90 34.71
C LYS G 295 3.23 -25.63 33.90
N ALA G 296 2.12 -24.92 33.68
CA ALA G 296 2.15 -23.71 32.90
C ALA G 296 2.99 -22.66 33.61
N ILE G 297 2.83 -22.52 34.92
CA ILE G 297 3.56 -21.47 35.62
C ILE G 297 5.05 -21.72 35.45
N ILE G 298 5.46 -22.99 35.51
CA ILE G 298 6.87 -23.31 35.45
C ILE G 298 7.39 -23.01 34.06
N VAL G 299 6.69 -23.49 33.02
CA VAL G 299 7.14 -23.27 31.65
C VAL G 299 7.14 -21.79 31.32
N ILE G 300 6.07 -21.11 31.70
CA ILE G 300 5.93 -19.72 31.34
C ILE G 300 6.96 -18.89 32.10
N SER G 301 7.26 -19.20 33.36
CA SER G 301 8.34 -18.56 34.09
C SER G 301 9.68 -18.71 33.37
N ALA G 302 10.04 -19.94 33.01
CA ALA G 302 11.28 -20.19 32.29
C ALA G 302 11.30 -19.42 30.97
N MET G 303 10.19 -19.44 30.23
CA MET G 303 10.15 -18.74 28.95
C MET G 303 10.24 -17.25 29.19
N LEU G 304 9.73 -16.77 30.32
CA LEU G 304 9.78 -15.35 30.53
C LEU G 304 11.21 -14.94 30.84
N GLY G 305 11.89 -15.71 31.69
CA GLY G 305 13.30 -15.52 31.98
C GLY G 305 14.15 -15.56 30.70
N LEU G 306 13.94 -16.57 29.87
CA LEU G 306 14.73 -16.68 28.65
C LEU G 306 14.39 -15.55 27.68
N SER G 307 13.11 -15.19 27.62
CA SER G 307 12.74 -14.16 26.67
C SER G 307 13.42 -12.85 27.07
N VAL G 308 13.67 -12.70 28.36
CA VAL G 308 14.29 -11.45 28.77
C VAL G 308 15.77 -11.48 28.44
N TYR G 309 16.41 -12.64 28.63
CA TYR G 309 17.79 -12.80 28.21
C TYR G 309 17.87 -12.52 26.72
N ILE G 310 16.98 -13.12 25.92
CA ILE G 310 17.08 -12.97 24.48
C ILE G 310 16.81 -11.52 24.10
N LYS G 311 15.82 -10.88 24.72
CA LYS G 311 15.60 -9.50 24.36
C LYS G 311 16.83 -8.66 24.68
N LYS G 312 17.38 -8.81 25.89
CA LYS G 312 18.54 -8.00 26.23
C LYS G 312 19.68 -8.31 25.29
N PHE G 313 19.81 -9.57 24.91
CA PHE G 313 20.90 -9.95 24.05
C PHE G 313 20.71 -9.26 22.72
N LYS G 314 19.51 -9.30 22.14
CA LYS G 314 19.35 -8.77 20.80
C LYS G 314 19.42 -7.26 20.86
N TRP G 315 18.97 -6.66 21.96
CA TRP G 315 18.98 -5.21 22.02
C TRP G 315 20.34 -4.63 22.38
N SER G 316 21.31 -5.46 22.79
CA SER G 316 22.52 -4.90 23.33
C SER G 316 23.23 -3.99 22.32
N PRO G 317 23.26 -4.26 21.00
CA PRO G 317 23.86 -3.30 20.08
C PRO G 317 23.23 -1.93 20.18
N ILE G 318 21.93 -1.88 20.46
CA ILE G 318 21.31 -0.58 20.43
C ILE G 318 21.59 0.06 21.77
N LYS G 319 21.52 -0.71 22.85
CA LYS G 319 21.71 -0.07 24.13
C LYS G 319 23.15 0.42 24.25
N ASN G 320 24.08 -0.31 23.66
CA ASN G 320 25.48 -0.07 23.87
C ASN G 320 26.03 0.92 22.84
N ARG G 321 25.20 1.37 21.89
CA ARG G 321 25.58 2.29 20.82
C ARG G 321 26.17 3.57 21.37
N LYS G 322 27.25 4.04 20.77
CA LYS G 322 27.88 5.26 21.24
C LYS G 322 28.05 6.19 20.04
N PHE G 323 28.01 7.50 20.30
CA PHE G 323 28.07 8.48 19.23
C PHE G 323 29.27 9.38 19.43
N ILE G 324 29.89 9.75 18.32
CA ILE G 324 30.88 10.80 18.35
C ILE G 324 30.36 11.84 17.39
N TYR G 325 30.24 13.07 17.88
CA TYR G 325 29.70 14.10 17.01
C TYR G 325 30.81 15.09 16.71
N ASN G 326 31.07 15.31 15.44
CA ASN G 326 31.92 16.41 15.06
C ASN G 326 31.10 17.42 14.28
N PRO G 327 30.74 18.57 14.85
CA PRO G 327 29.85 19.50 14.15
C PRO G 327 30.55 19.91 12.86
N PRO G 328 29.87 19.79 11.70
CA PRO G 328 30.50 19.97 10.38
C PRO G 328 31.03 21.38 10.02
N TYR H 7 4.81 12.10 6.50
CA TYR H 7 5.76 12.58 7.66
C TYR H 7 6.82 11.58 8.10
N MET H 8 6.60 10.29 7.93
CA MET H 8 7.73 9.40 8.03
C MET H 8 7.88 8.69 6.68
N GLY H 9 9.12 8.51 6.24
CA GLY H 9 9.28 7.87 4.96
C GLY H 9 9.51 6.38 5.16
N TRP H 10 10.59 5.91 4.55
CA TRP H 10 10.95 4.53 4.67
C TRP H 10 12.46 4.48 4.63
N TRP H 11 13.04 3.30 4.85
CA TRP H 11 14.48 3.17 4.82
C TRP H 11 15.03 3.83 3.56
N GLY H 12 16.00 4.71 3.74
CA GLY H 12 16.63 5.32 2.59
C GLY H 12 16.14 6.75 2.41
N HIS H 13 14.89 6.99 2.80
CA HIS H 13 14.30 8.30 2.66
C HIS H 13 13.36 8.53 3.84
N MET H 14 13.92 8.41 5.05
CA MET H 14 13.12 8.37 6.27
C MET H 14 12.54 9.74 6.55
N GLY H 15 13.25 10.77 6.11
CA GLY H 15 12.79 12.14 6.25
C GLY H 15 13.47 12.84 7.42
N SER H 16 14.61 12.28 7.86
CA SER H 16 15.51 12.95 8.79
C SER H 16 16.03 14.20 8.11
N PRO H 17 16.19 15.33 8.85
CA PRO H 17 16.95 16.47 8.32
C PRO H 17 18.32 15.87 8.04
N PRO H 18 19.09 16.40 7.07
CA PRO H 18 20.33 15.72 6.65
C PRO H 18 21.21 15.54 7.87
N GLN H 19 21.77 14.34 8.01
CA GLN H 19 22.70 14.12 9.11
C GLN H 19 24.11 14.20 8.59
N LYS H 20 24.95 14.83 9.38
CA LYS H 20 26.35 14.84 9.05
C LYS H 20 27.07 14.90 10.38
N GLY H 21 28.16 14.16 10.46
CA GLY H 21 29.08 14.39 11.55
C GLY H 21 28.75 13.55 12.77
N ILE H 22 27.75 12.67 12.67
CA ILE H 22 27.53 11.73 13.76
C ILE H 22 28.17 10.40 13.39
N ALA H 23 29.10 9.93 14.20
CA ALA H 23 29.63 8.61 13.98
C ALA H 23 28.98 7.73 15.03
N GLY H 24 28.41 6.62 14.61
CA GLY H 24 27.76 5.76 15.59
C GLY H 24 28.51 4.46 15.71
N TYR H 25 28.75 4.00 16.91
CA TYR H 25 29.51 2.79 16.98
C TYR H 25 28.75 1.85 17.87
N THR H 26 28.74 0.59 17.50
CA THR H 26 28.24 -0.35 18.47
C THR H 26 28.99 -1.65 18.31
N ILE H 27 28.80 -2.52 19.28
CA ILE H 27 29.41 -3.83 19.10
C ILE H 27 28.35 -4.90 18.92
N SER H 28 28.83 -6.05 18.45
CA SER H 28 28.00 -7.21 18.20
C SER H 28 27.32 -7.65 19.48
N PRO H 29 26.09 -8.18 19.42
CA PRO H 29 25.44 -8.74 20.60
C PRO H 29 26.28 -9.87 21.17
N PHE H 30 26.98 -10.63 20.31
CA PHE H 30 27.81 -11.72 20.79
C PHE H 30 29.06 -11.24 21.49
N ALA H 31 29.47 -10.00 21.22
CA ALA H 31 30.70 -9.48 21.77
C ALA H 31 30.43 -8.78 23.09
N ALA H 32 29.16 -8.46 23.37
CA ALA H 32 28.80 -7.67 24.53
C ALA H 32 28.26 -8.58 25.62
N ARG H 33 28.44 -8.19 26.88
CA ARG H 33 27.73 -8.86 27.95
C ARG H 33 26.36 -8.20 28.07
N PRO H 34 25.24 -8.92 27.78
CA PRO H 34 23.92 -8.29 27.72
C PRO H 34 23.52 -7.77 29.10
N PHE H 35 24.01 -8.45 30.15
CA PHE H 35 23.71 -8.12 31.53
C PHE H 35 24.86 -7.40 32.22
N ALA H 36 25.74 -6.76 31.45
CA ALA H 36 26.80 -5.99 32.10
C ALA H 36 26.16 -4.85 32.89
N GLY H 37 26.61 -4.70 34.14
CA GLY H 37 26.19 -3.63 35.03
C GLY H 37 24.72 -3.71 35.39
N VAL H 38 24.16 -4.93 35.39
CA VAL H 38 22.75 -5.13 35.63
C VAL H 38 22.45 -4.85 37.10
N VAL H 39 23.37 -5.20 37.99
CA VAL H 39 23.25 -5.04 39.42
C VAL H 39 23.19 -3.55 39.74
N HIS H 40 24.16 -2.82 39.21
CA HIS H 40 24.19 -1.38 39.34
C HIS H 40 22.89 -0.75 38.83
N ALA H 41 22.47 -1.15 37.63
CA ALA H 41 21.27 -0.56 37.05
C ALA H 41 20.03 -0.92 37.87
N ALA H 42 19.90 -2.19 38.23
CA ALA H 42 18.71 -2.68 38.89
C ALA H 42 18.53 -1.94 40.22
N ILE H 43 19.64 -1.53 40.84
CA ILE H 43 19.54 -0.92 42.15
C ILE H 43 19.56 0.59 41.99
N PHE H 44 20.64 1.13 41.44
CA PHE H 44 20.86 2.56 41.49
C PHE H 44 20.07 3.27 40.41
N ASN H 45 20.06 2.73 39.19
CA ASN H 45 19.32 3.36 38.13
C ASN H 45 17.83 3.31 38.41
N THR H 46 17.31 2.15 38.84
CA THR H 46 15.87 2.08 39.10
C THR H 46 15.49 2.96 40.28
N PHE H 47 16.38 3.10 41.27
CA PHE H 47 16.05 4.00 42.35
C PHE H 47 15.99 5.44 41.83
N ARG H 48 16.96 5.84 41.01
CA ARG H 48 16.94 7.15 40.38
C ARG H 48 15.64 7.35 39.64
N ARG H 49 15.27 6.41 38.75
CA ARG H 49 14.09 6.66 37.94
C ARG H 49 12.81 6.67 38.76
N THR H 50 12.76 5.91 39.86
CA THR H 50 11.58 5.81 40.69
C THR H 50 11.46 7.07 41.53
N LYS H 51 12.57 7.49 42.12
CA LYS H 51 12.54 8.70 42.91
C LYS H 51 12.01 9.86 42.08
N ASN H 52 12.43 9.94 40.81
CA ASN H 52 12.12 11.13 40.05
C ASN H 52 10.65 11.17 39.67
N GLN H 53 9.98 10.02 39.69
CA GLN H 53 8.60 9.95 39.24
C GLN H 53 7.65 9.77 40.40
N ALA H 54 8.20 9.66 41.62
CA ALA H 54 7.44 9.15 42.75
C ALA H 54 6.27 10.07 43.04
N LEU H 55 6.50 11.38 43.02
CA LEU H 55 5.48 12.33 43.46
C LEU H 55 4.27 12.33 42.54
N PHE H 56 4.49 12.02 41.26
CA PHE H 56 3.45 11.98 40.23
C PHE H 56 2.48 10.82 40.44
N VAL H 57 2.93 9.82 41.19
CA VAL H 57 2.07 8.70 41.51
C VAL H 57 1.53 8.88 42.91
N ILE H 58 2.42 9.24 43.84
CA ILE H 58 2.07 9.28 45.24
C ILE H 58 0.98 10.33 45.47
N LEU H 59 1.10 11.53 44.86
CA LEU H 59 0.15 12.58 45.19
C LEU H 59 -1.28 12.21 44.83
N PRO H 60 -1.59 11.81 43.58
CA PRO H 60 -2.97 11.42 43.28
C PRO H 60 -3.39 10.13 43.97
N VAL H 61 -2.49 9.16 44.15
CA VAL H 61 -2.95 7.95 44.80
C VAL H 61 -3.31 8.26 46.25
N SER H 62 -2.45 9.01 46.93
CA SER H 62 -2.69 9.28 48.33
C SER H 62 -3.93 10.14 48.51
N PHE H 63 -4.19 11.04 47.56
CA PHE H 63 -5.34 11.90 47.72
C PHE H 63 -6.62 11.11 47.49
N PHE H 64 -6.64 10.29 46.44
CA PHE H 64 -7.87 9.57 46.17
C PHE H 64 -8.04 8.42 47.14
N TYR H 65 -6.95 7.95 47.76
CA TYR H 65 -7.13 6.92 48.77
C TYR H 65 -7.69 7.57 50.03
N TYR H 66 -7.26 8.79 50.33
CA TYR H 66 -7.83 9.51 51.45
C TYR H 66 -9.31 9.76 51.24
N VAL H 67 -9.68 10.23 50.05
CA VAL H 67 -11.07 10.53 49.72
C VAL H 67 -11.94 9.27 49.82
N TRP H 68 -11.43 8.15 49.32
CA TRP H 68 -12.16 6.90 49.35
C TRP H 68 -12.33 6.44 50.80
N THR H 69 -11.23 6.50 51.55
CA THR H 69 -11.21 6.13 52.95
C THR H 69 -12.22 6.94 53.74
N GLN H 70 -12.31 8.25 53.51
CA GLN H 70 -13.22 9.08 54.26
C GLN H 70 -14.65 8.71 53.93
N ALA H 71 -14.90 8.46 52.63
CA ALA H 71 -16.23 8.19 52.14
C ALA H 71 -16.65 6.81 52.62
N SER H 72 -15.75 5.82 52.55
CA SER H 72 -16.12 4.48 52.99
C SER H 72 -16.31 4.44 54.50
N GLU H 73 -15.56 5.26 55.26
CA GLU H 73 -15.74 5.26 56.70
C GLU H 73 -17.05 5.93 57.09
N LYS H 74 -17.41 6.98 56.35
CA LYS H 74 -18.66 7.67 56.61
C LYS H 74 -19.82 6.74 56.26
N ASN H 75 -19.68 6.03 55.14
CA ASN H 75 -20.76 5.18 54.69
C ASN H 75 -20.96 4.08 55.71
N GLU H 76 -19.85 3.56 56.22
CA GLU H 76 -19.97 2.47 57.17
C GLU H 76 -20.71 2.96 58.42
N TRP H 77 -20.36 4.18 58.82
CA TRP H 77 -20.82 4.75 60.07
C TRP H 77 -22.30 5.11 59.96
N LEU H 78 -22.76 5.49 58.76
CA LEU H 78 -24.12 5.92 58.56
C LEU H 78 -25.08 4.74 58.74
N TYR H 79 -24.57 3.54 58.52
CA TYR H 79 -25.43 2.37 58.55
C TYR H 79 -25.19 1.61 59.85
N THR H 80 -24.69 2.31 60.87
CA THR H 80 -24.66 1.79 62.23
C THR H 80 -25.82 2.40 62.99
N LYS H 81 -26.00 1.99 64.25
CA LYS H 81 -27.06 2.50 65.08
C LYS H 81 -26.79 3.96 65.43
N ALA H 82 -25.52 4.25 65.70
CA ALA H 82 -25.06 5.60 66.03
C ALA H 82 -25.30 6.59 64.89
N GLY H 83 -25.35 6.07 63.65
CA GLY H 83 -25.41 6.89 62.45
C GLY H 83 -26.83 7.01 61.90
N ARG H 84 -27.80 6.55 62.70
CA ARG H 84 -29.21 6.53 62.35
C ARG H 84 -29.69 7.91 61.94
N HIS H 85 -29.31 8.91 62.73
CA HIS H 85 -29.90 10.23 62.62
C HIS H 85 -29.33 10.94 61.41
N GLU H 86 -28.02 10.74 61.21
CA GLU H 86 -27.29 11.37 60.12
C GLU H 86 -27.70 10.70 58.81
N LEU H 87 -28.11 9.44 58.90
CA LEU H 87 -28.57 8.77 57.69
C LEU H 87 -29.98 9.24 57.33
N ALA H 88 -30.78 9.55 58.35
CA ALA H 88 -32.14 9.97 58.13
C ALA H 88 -32.16 11.34 57.44
N LYS H 89 -31.17 12.19 57.77
CA LYS H 89 -31.00 13.51 57.19
C LYS H 89 -30.51 13.38 55.75
N ALA H 90 -29.61 12.42 55.53
CA ALA H 90 -29.04 12.22 54.19
C ALA H 90 -30.13 11.76 53.22
N LEU H 91 -31.09 10.97 53.72
CA LEU H 91 -32.26 10.62 52.92
C LEU H 91 -33.45 11.54 53.29
N ALA I 4 33.65 -28.76 22.24
CA ALA I 4 32.65 -27.56 22.33
C ALA I 4 32.33 -26.86 20.98
N THR I 5 33.39 -26.64 20.19
CA THR I 5 33.29 -26.37 18.77
C THR I 5 32.52 -27.49 18.08
N THR I 6 32.88 -28.73 18.42
CA THR I 6 32.26 -29.91 17.88
C THR I 6 30.77 -29.87 18.17
N PHE I 7 30.38 -29.61 19.41
CA PHE I 7 28.98 -29.54 19.76
C PHE I 7 28.26 -28.45 18.97
N TYR I 8 28.90 -27.28 18.84
CA TYR I 8 28.32 -26.22 18.01
C TYR I 8 28.13 -26.70 16.56
N ASN I 9 29.17 -27.31 15.99
CA ASN I 9 29.18 -27.76 14.60
C ASN I 9 28.10 -28.79 14.31
N VAL I 10 27.82 -29.66 15.29
CA VAL I 10 26.88 -30.73 15.07
C VAL I 10 25.47 -30.23 15.28
N PHE I 11 25.22 -29.51 16.36
CA PHE I 11 23.83 -29.36 16.72
C PHE I 11 23.30 -27.97 16.45
N VAL I 12 24.20 -27.02 16.20
CA VAL I 12 23.74 -25.65 16.20
C VAL I 12 24.03 -25.02 14.84
N LYS I 13 25.15 -25.35 14.23
CA LYS I 13 25.54 -24.61 13.03
C LYS I 13 24.47 -24.68 11.96
N ARG I 14 24.03 -25.89 11.59
CA ARG I 14 22.99 -25.99 10.58
C ARG I 14 21.66 -25.71 11.26
N ASN I 15 20.85 -24.82 10.69
CA ASN I 15 19.57 -24.53 11.30
C ASN I 15 18.66 -25.76 11.27
N SER I 16 18.74 -26.53 10.18
CA SER I 16 18.03 -27.78 10.14
C SER I 16 18.33 -28.60 11.38
N ALA I 17 19.63 -28.65 11.77
CA ALA I 17 20.05 -29.49 12.89
C ALA I 17 19.60 -28.88 14.22
N PHE I 18 19.68 -27.57 14.28
CA PHE I 18 19.32 -26.85 15.49
C PHE I 18 17.82 -27.00 15.71
N VAL I 19 17.02 -26.90 14.66
CA VAL I 19 15.59 -26.99 14.87
C VAL I 19 15.24 -28.44 15.22
N ALA I 20 15.92 -29.39 14.57
CA ALA I 20 15.68 -30.80 14.88
C ALA I 20 16.02 -31.07 16.35
N THR I 21 17.11 -30.46 16.84
CA THR I 21 17.56 -30.63 18.21
C THR I 21 16.56 -30.01 19.17
N ILE I 22 16.01 -28.84 18.82
CA ILE I 22 15.07 -28.15 19.68
C ILE I 22 13.79 -28.97 19.77
N LEU I 23 13.31 -29.50 18.65
CA LEU I 23 12.09 -30.29 18.66
C LEU I 23 12.29 -31.62 19.37
N ALA I 24 13.45 -32.26 19.19
CA ALA I 24 13.73 -33.49 19.92
C ALA I 24 13.88 -33.21 21.42
N SER I 25 14.47 -32.07 21.78
CA SER I 25 14.57 -31.66 23.17
C SER I 25 13.18 -31.36 23.74
N ALA I 26 12.33 -30.75 22.91
CA ALA I 26 10.98 -30.44 23.35
C ALA I 26 10.23 -31.74 23.63
N PHE I 27 10.47 -32.77 22.79
CA PHE I 27 9.87 -34.08 22.96
C PHE I 27 10.30 -34.63 24.31
N VAL I 28 11.61 -34.63 24.58
CA VAL I 28 12.16 -35.21 25.78
C VAL I 28 11.62 -34.43 26.97
N PHE I 29 11.73 -33.11 26.90
CA PHE I 29 11.28 -32.25 27.98
C PHE I 29 9.80 -32.55 28.26
N ASP I 30 8.98 -32.53 27.21
CA ASP I 30 7.55 -32.74 27.33
C ASP I 30 7.23 -34.04 28.07
N MET I 31 7.95 -35.11 27.74
CA MET I 31 7.66 -36.41 28.33
C MET I 31 8.15 -36.47 29.77
N THR I 32 9.34 -35.92 30.02
CA THR I 32 9.91 -36.00 31.35
C THR I 32 9.23 -35.00 32.29
N PHE I 33 8.89 -33.81 31.79
CA PHE I 33 8.23 -32.81 32.61
C PHE I 33 6.88 -33.32 33.09
N GLU I 34 6.13 -33.93 32.19
CA GLU I 34 4.84 -34.53 32.51
C GLU I 34 5.00 -35.51 33.66
N THR I 35 5.94 -36.46 33.51
CA THR I 35 6.19 -37.49 34.49
C THR I 35 6.65 -36.90 35.82
N ALA I 36 7.49 -35.86 35.75
CA ALA I 36 8.07 -35.27 36.94
C ALA I 36 7.00 -34.51 37.72
N ILE I 37 6.12 -33.81 37.00
CA ILE I 37 5.10 -33.04 37.69
C ILE I 37 4.08 -34.01 38.25
N ASP I 38 3.70 -35.04 37.49
CA ASP I 38 2.81 -36.06 38.00
C ASP I 38 3.30 -36.58 39.35
N ASN I 39 4.59 -36.94 39.47
CA ASN I 39 5.08 -37.49 40.73
C ASN I 39 5.09 -36.42 41.81
N PHE I 40 5.43 -35.21 41.43
CA PHE I 40 5.51 -34.13 42.39
C PHE I 40 4.12 -33.81 42.92
N TRP I 41 3.14 -33.80 42.04
CA TRP I 41 1.77 -33.44 42.36
C TRP I 41 1.15 -34.47 43.31
N ASP I 42 1.54 -35.73 43.10
CA ASP I 42 1.09 -36.83 43.95
C ASP I 42 1.72 -36.78 45.34
N ARG I 43 2.96 -36.25 45.44
CA ARG I 43 3.65 -36.16 46.72
C ARG I 43 3.12 -34.99 47.55
N ILE I 44 2.80 -33.88 46.90
CA ILE I 44 2.33 -32.75 47.69
C ILE I 44 0.87 -32.92 48.09
N ASN I 45 0.14 -33.75 47.35
CA ASN I 45 -1.25 -33.98 47.67
C ASN I 45 -1.35 -35.46 47.98
N ALA I 46 -0.58 -35.89 48.98
CA ALA I 46 -0.51 -37.29 49.31
C ALA I 46 -1.66 -37.63 50.24
N GLY I 47 -2.34 -38.74 49.94
CA GLY I 47 -3.48 -39.21 50.70
C GLY I 47 -4.77 -38.45 50.38
N LYS I 48 -4.69 -37.51 49.43
CA LYS I 48 -5.82 -36.64 49.17
C LYS I 48 -6.60 -37.16 47.97
N GLN I 49 -5.87 -37.70 47.00
CA GLN I 49 -6.42 -37.83 45.66
C GLN I 49 -7.11 -39.17 45.57
N TRP I 50 -7.87 -39.36 44.50
CA TRP I 50 -8.68 -40.56 44.41
C TRP I 50 -7.79 -41.79 44.41
N LYS I 51 -6.68 -41.74 43.66
CA LYS I 51 -5.72 -42.83 43.59
C LYS I 51 -5.22 -43.25 44.98
N ASP I 52 -5.30 -42.36 45.97
CA ASP I 52 -4.80 -42.66 47.30
C ASP I 52 -5.85 -43.30 48.19
N ILE I 53 -7.14 -43.17 47.85
CA ILE I 53 -8.21 -43.73 48.67
C ILE I 53 -8.91 -44.85 47.92
N ARG I 54 -8.63 -44.94 46.63
CA ARG I 54 -9.20 -45.94 45.74
C ARG I 54 -9.01 -47.35 46.31
N HIS I 55 -7.91 -47.59 47.04
CA HIS I 55 -7.57 -48.94 47.43
C HIS I 55 -8.59 -49.52 48.40
N LYS I 56 -9.33 -48.62 49.08
CA LYS I 56 -10.34 -49.03 50.04
C LYS I 56 -11.56 -49.67 49.36
N TYR I 57 -11.67 -49.53 48.03
CA TYR I 57 -12.88 -49.94 47.33
C TYR I 57 -12.64 -50.91 46.13
N TYR J 8 50.69 -25.48 -25.89
CA TYR J 8 49.65 -24.36 -26.07
C TYR J 8 48.22 -24.85 -25.96
N VAL J 9 47.34 -23.99 -25.38
CA VAL J 9 45.93 -24.29 -25.19
C VAL J 9 45.13 -23.49 -26.23
N LYS J 10 44.29 -24.18 -27.01
CA LYS J 10 43.57 -23.55 -28.13
C LYS J 10 42.17 -23.09 -27.74
N LYS J 11 41.54 -23.82 -26.81
CA LYS J 11 40.19 -23.56 -26.35
C LYS J 11 40.12 -23.90 -24.87
N PRO J 12 39.32 -23.20 -24.04
CA PRO J 12 39.19 -23.58 -22.62
C PRO J 12 38.46 -24.91 -22.57
N SER J 13 38.74 -25.71 -21.54
CA SER J 13 38.23 -27.08 -21.55
C SER J 13 37.14 -27.22 -20.50
N TYR J 14 35.88 -27.30 -20.96
CA TYR J 14 34.74 -27.34 -20.06
C TYR J 14 33.54 -28.03 -20.70
N LYS J 15 32.62 -28.40 -19.81
CA LYS J 15 31.28 -28.80 -20.19
C LYS J 15 30.29 -27.97 -19.40
N ILE J 16 29.07 -27.95 -19.93
CA ILE J 16 27.93 -27.48 -19.20
C ILE J 16 27.31 -28.68 -18.50
N VAL J 17 27.19 -28.58 -17.18
CA VAL J 17 26.51 -29.64 -16.43
C VAL J 17 25.02 -29.50 -16.66
N PRO J 18 24.26 -30.61 -16.70
CA PRO J 18 22.81 -30.50 -16.81
C PRO J 18 22.24 -29.71 -15.63
N HIS J 19 21.28 -28.86 -15.95
CA HIS J 19 20.69 -28.00 -14.95
C HIS J 19 19.22 -27.83 -15.29
N PHE J 20 18.46 -27.42 -14.28
CA PHE J 20 17.03 -27.29 -14.44
C PHE J 20 16.56 -26.29 -13.41
N LEU J 21 15.88 -25.24 -13.87
CA LEU J 21 15.39 -24.15 -13.02
C LEU J 21 16.52 -23.58 -12.16
N GLY J 22 17.74 -23.61 -12.70
CA GLY J 22 18.91 -23.07 -12.01
C GLY J 22 19.43 -23.96 -10.87
N PHE J 23 19.01 -25.22 -10.88
CA PHE J 23 19.59 -26.19 -9.98
C PHE J 23 20.44 -27.12 -10.82
N ASN J 24 21.56 -27.50 -10.25
CA ASN J 24 22.34 -28.47 -10.96
C ASN J 24 22.61 -29.55 -9.94
N ILE J 25 23.07 -30.70 -10.44
CA ILE J 25 23.29 -31.81 -9.54
C ILE J 25 24.40 -31.51 -8.54
N PRO J 26 25.56 -30.91 -8.90
CA PRO J 26 26.55 -30.52 -7.89
C PRO J 26 25.95 -29.79 -6.68
N THR J 27 25.18 -28.73 -6.93
CA THR J 27 24.60 -27.90 -5.88
C THR J 27 23.60 -28.67 -5.04
N VAL J 28 22.66 -29.35 -5.69
CA VAL J 28 21.60 -30.08 -5.00
C VAL J 28 22.22 -31.16 -4.14
N SER J 29 23.25 -31.81 -4.62
CA SER J 29 23.85 -32.89 -3.85
C SER J 29 24.43 -32.37 -2.53
N LYS J 30 24.85 -31.11 -2.51
CA LYS J 30 25.35 -30.54 -1.27
C LYS J 30 24.24 -30.28 -0.26
N TRP J 31 23.00 -30.16 -0.72
CA TRP J 31 21.86 -29.89 0.13
C TRP J 31 21.13 -31.15 0.55
N ILE J 32 21.48 -32.31 -0.04
CA ILE J 32 20.82 -33.57 0.27
C ILE J 32 20.87 -33.84 1.77
N PRO J 33 22.04 -33.78 2.45
CA PRO J 33 22.08 -33.86 3.90
C PRO J 33 21.12 -32.94 4.63
N ILE J 34 21.00 -31.69 4.18
CA ILE J 34 20.17 -30.74 4.87
C ILE J 34 18.70 -31.12 4.75
N PHE J 35 18.27 -31.62 3.58
CA PHE J 35 16.89 -32.08 3.49
C PHE J 35 16.69 -33.22 4.45
N GLY J 36 17.72 -34.07 4.58
CA GLY J 36 17.69 -35.15 5.54
C GLY J 36 17.35 -34.65 6.94
N ILE J 37 18.11 -33.65 7.40
CA ILE J 37 17.92 -33.13 8.74
C ILE J 37 16.55 -32.45 8.84
N TRP J 38 16.16 -31.70 7.82
CA TRP J 38 14.86 -31.07 7.89
C TRP J 38 13.74 -32.11 7.87
N GLY J 39 14.02 -33.27 7.26
CA GLY J 39 13.02 -34.33 7.21
C GLY J 39 12.87 -34.98 8.58
N ALA J 40 14.02 -35.15 9.25
CA ALA J 40 14.07 -35.55 10.64
C ALA J 40 13.34 -34.53 11.50
N ALA J 41 13.61 -33.23 11.32
CA ALA J 41 12.94 -32.21 12.10
C ALA J 41 11.44 -32.27 11.88
N ALA J 42 11.01 -32.52 10.63
CA ALA J 42 9.59 -32.62 10.31
C ALA J 42 9.01 -33.90 10.91
N GLY J 43 9.78 -34.99 10.87
CA GLY J 43 9.40 -36.26 11.47
C GLY J 43 9.24 -36.16 12.98
N ILE J 44 10.31 -35.69 13.65
CA ILE J 44 10.33 -35.50 15.09
C ILE J 44 9.15 -34.59 15.44
N GLY J 45 9.01 -33.50 14.69
CA GLY J 45 8.07 -32.45 15.06
C GLY J 45 6.64 -32.92 14.86
N ALA J 46 6.42 -33.65 13.77
CA ALA J 46 5.09 -34.12 13.44
C ALA J 46 4.68 -35.16 14.49
N LEU J 47 5.63 -36.05 14.82
CA LEU J 47 5.35 -37.14 15.75
C LEU J 47 5.10 -36.57 17.13
N PHE J 48 5.83 -35.51 17.46
CA PHE J 48 5.65 -34.77 18.69
C PHE J 48 4.27 -34.14 18.76
N LEU J 49 3.76 -33.61 17.65
CA LEU J 49 2.44 -32.98 17.59
C LEU J 49 1.33 -33.99 17.84
N ILE J 50 1.55 -35.23 17.41
CA ILE J 50 0.46 -36.18 17.48
C ILE J 50 0.75 -37.21 18.55
N GLU J 51 1.69 -36.90 19.45
CA GLU J 51 2.04 -37.80 20.52
C GLU J 51 0.80 -38.07 21.37
N GLY J 52 -0.12 -37.09 21.42
CA GLY J 52 -1.32 -37.21 22.22
C GLY J 52 -2.34 -38.14 21.59
N VAL J 53 -2.39 -38.17 20.26
CA VAL J 53 -3.32 -39.04 19.54
C VAL J 53 -3.15 -40.48 20.05
N PRO J 54 -4.23 -41.14 20.52
CA PRO J 54 -4.12 -42.49 21.06
C PRO J 54 -3.54 -43.53 20.12
N ARG J 55 -3.86 -43.41 18.83
CA ARG J 55 -3.32 -44.30 17.81
C ARG J 55 -1.80 -44.19 17.71
N THR J 56 -1.28 -42.97 17.87
CA THR J 56 0.16 -42.72 17.80
C THR J 56 0.86 -43.43 18.94
N ARG J 57 0.23 -43.47 20.11
CA ARG J 57 0.83 -44.16 21.24
C ARG J 57 0.75 -45.66 21.02
N GLN J 58 -0.47 -46.11 20.71
CA GLN J 58 -0.77 -47.51 20.50
C GLN J 58 0.17 -48.12 19.46
N ASP J 59 0.34 -47.46 18.31
CA ASP J 59 0.98 -48.06 17.15
C ASP J 59 2.44 -47.67 17.00
N ILE J 60 2.84 -46.51 17.55
CA ILE J 60 4.21 -46.06 17.36
C ILE J 60 4.94 -46.10 18.69
N LEU J 61 4.47 -45.26 19.62
CA LEU J 61 5.32 -44.80 20.69
C LEU J 61 5.50 -45.87 21.75
N SER J 62 4.48 -46.73 21.94
CA SER J 62 4.57 -47.76 22.96
C SER J 62 5.49 -48.91 22.54
N LYS J 63 5.84 -48.95 21.23
CA LYS J 63 6.63 -50.02 20.65
C LYS J 63 8.13 -49.75 20.80
N ILE J 64 8.50 -48.48 21.06
CA ILE J 64 9.88 -48.09 21.25
C ILE J 64 10.47 -48.80 22.45
N PRO J 65 11.67 -49.45 22.33
CA PRO J 65 12.28 -50.17 23.44
C PRO J 65 12.71 -49.24 24.58
N ILE J 66 12.48 -49.70 25.82
CA ILE J 66 12.82 -49.04 27.08
C ILE J 66 11.85 -47.88 27.33
N ILE J 67 11.89 -46.89 26.43
CA ILE J 67 11.18 -45.63 26.54
C ILE J 67 9.67 -45.85 26.38
N GLY J 68 9.31 -46.92 25.65
CA GLY J 68 7.96 -47.14 25.19
C GLY J 68 6.97 -47.38 26.31
N GLU J 69 7.48 -47.62 27.52
CA GLU J 69 6.61 -47.94 28.64
C GLU J 69 5.98 -46.66 29.17
N HIS J 70 6.51 -45.53 28.74
CA HIS J 70 5.96 -44.24 29.08
C HIS J 70 4.53 -44.10 28.57
N TRP J 71 4.21 -44.82 27.48
CA TRP J 71 2.94 -44.64 26.80
C TRP J 71 2.02 -45.85 27.01
N ILE J 72 2.46 -46.80 27.83
CA ILE J 72 1.60 -47.90 28.22
C ILE J 72 1.01 -47.53 29.58
N ARG J 73 -0.16 -46.92 29.50
CA ARG J 73 -0.92 -46.57 30.70
C ARG J 73 -2.34 -47.08 30.52
N GLU J 74 -2.78 -47.90 31.49
CA GLU J 74 -4.15 -48.35 31.58
C GLU J 74 -4.83 -47.63 32.75
N ILE J 75 -6.01 -47.06 32.48
CA ILE J 75 -6.89 -46.57 33.53
C ILE J 75 -7.50 -47.80 34.19
N PRO J 76 -7.40 -47.94 35.54
CA PRO J 76 -8.03 -49.06 36.23
C PRO J 76 -9.54 -49.01 35.99
N ALA J 77 -10.15 -50.18 35.76
CA ALA J 77 -11.54 -50.25 35.35
C ALA J 77 -12.46 -49.77 36.48
N SER J 78 -11.91 -49.63 37.69
CA SER J 78 -12.61 -49.10 38.85
C SER J 78 -12.84 -47.59 38.74
N ASP J 79 -12.07 -46.92 37.88
CA ASP J 79 -12.09 -45.46 37.81
C ASP J 79 -12.52 -45.02 36.42
N ASN J 80 -13.03 -45.97 35.63
CA ASN J 80 -13.32 -45.67 34.24
C ASN J 80 -14.81 -45.83 34.01
N PRO J 81 -15.57 -44.73 33.79
CA PRO J 81 -17.02 -44.86 33.61
C PRO J 81 -17.35 -45.50 32.26
N PHE J 82 -16.46 -45.27 31.28
CA PHE J 82 -16.69 -45.73 29.92
C PHE J 82 -15.96 -47.08 29.72
N MET K 1 -2.86 18.49 -3.54
CA MET K 1 -3.17 17.04 -3.84
C MET K 1 -4.51 16.62 -3.23
N ALA K 2 -5.29 15.85 -4.02
CA ALA K 2 -6.67 15.47 -3.72
C ALA K 2 -6.70 14.67 -2.44
N LEU K 3 -7.70 14.92 -1.59
CA LEU K 3 -7.82 14.20 -0.35
C LEU K 3 -7.80 12.69 -0.58
N ARG K 4 -8.46 12.26 -1.66
CA ARG K 4 -8.59 10.84 -1.92
C ARG K 4 -7.20 10.22 -2.13
N LYS K 5 -6.20 11.06 -2.42
CA LYS K 5 -4.87 10.56 -2.68
C LYS K 5 -3.97 10.78 -1.46
N LYS K 6 -4.30 11.80 -0.65
CA LYS K 6 -3.47 12.27 0.44
C LYS K 6 -3.62 11.35 1.63
N ASN K 7 -4.89 11.11 1.99
CA ASN K 7 -5.25 10.38 3.19
C ASN K 7 -4.98 8.90 2.98
N SER K 8 -4.23 8.27 3.91
CA SER K 8 -3.78 6.90 3.71
C SER K 8 -4.95 5.93 3.56
N LEU K 9 -5.99 6.09 4.38
CA LEU K 9 -7.09 5.15 4.32
C LEU K 9 -7.85 5.34 3.00
N LEU K 10 -8.25 6.57 2.68
CA LEU K 10 -8.98 6.86 1.47
C LEU K 10 -8.15 6.40 0.29
N ASN K 11 -6.82 6.50 0.40
CA ASN K 11 -5.95 6.21 -0.72
C ASN K 11 -6.00 4.73 -1.05
N MET K 12 -6.16 3.91 -0.02
CA MET K 12 -6.32 2.51 -0.30
C MET K 12 -7.65 2.24 -0.99
N ALA K 13 -8.75 2.86 -0.53
CA ALA K 13 -10.03 2.65 -1.18
C ALA K 13 -9.95 3.16 -2.62
N ASN K 14 -9.37 4.34 -2.76
CA ASN K 14 -9.22 5.00 -4.04
C ASN K 14 -8.52 4.06 -5.00
N SER K 15 -7.47 3.41 -4.51
CA SER K 15 -6.69 2.63 -5.42
C SER K 15 -7.44 1.39 -5.89
N TYR K 16 -8.55 1.06 -5.24
CA TYR K 16 -9.24 -0.17 -5.58
C TYR K 16 -10.51 0.13 -6.33
N VAL K 17 -11.17 1.23 -5.97
CA VAL K 17 -12.53 1.33 -6.50
C VAL K 17 -12.70 2.61 -7.30
N LEU K 18 -11.68 3.46 -7.30
CA LEU K 18 -11.95 4.70 -7.99
C LEU K 18 -10.86 4.96 -9.03
N ASP K 19 -9.65 5.27 -8.60
CA ASP K 19 -8.60 5.55 -9.56
C ASP K 19 -8.00 4.28 -10.17
N SER K 20 -8.39 3.10 -9.70
CA SER K 20 -7.71 1.89 -10.17
C SER K 20 -7.65 1.87 -11.69
N PRO K 21 -6.50 1.83 -12.38
CA PRO K 21 -6.51 1.90 -13.83
C PRO K 21 -6.80 0.53 -14.41
N GLN K 22 -7.88 0.46 -15.18
CA GLN K 22 -8.27 -0.81 -15.76
C GLN K 22 -8.13 -0.75 -17.26
N PRO K 23 -7.99 -1.90 -17.95
CA PRO K 23 -7.90 -1.88 -19.41
C PRO K 23 -9.22 -1.33 -19.93
N SER K 24 -9.21 -0.78 -21.13
CA SER K 24 -10.42 -0.08 -21.50
C SER K 24 -11.38 -1.03 -22.19
N ASN K 25 -10.95 -2.26 -22.43
CA ASN K 25 -11.77 -3.07 -23.28
C ASN K 25 -12.30 -4.30 -22.54
N LEU K 26 -12.43 -4.29 -21.21
CA LEU K 26 -12.92 -5.48 -20.53
C LEU K 26 -14.35 -5.73 -20.97
N ASN K 27 -14.71 -6.98 -21.22
CA ASN K 27 -16.05 -7.27 -21.71
C ASN K 27 -16.91 -7.72 -20.54
N TYR K 28 -18.12 -8.23 -20.77
CA TYR K 28 -19.02 -8.50 -19.66
C TYR K 28 -18.56 -9.65 -18.80
N PHE K 29 -17.66 -10.47 -19.31
CA PHE K 29 -17.18 -11.52 -18.45
C PHE K 29 -16.27 -10.99 -17.36
N TRP K 30 -15.89 -9.71 -17.41
CA TRP K 30 -15.10 -9.16 -16.33
C TRP K 30 -16.04 -8.71 -15.22
N ASN K 31 -17.34 -8.96 -15.39
CA ASN K 31 -18.23 -8.46 -14.38
C ASN K 31 -18.48 -9.47 -13.28
N PHE K 32 -17.96 -10.70 -13.42
CA PHE K 32 -18.30 -11.70 -12.43
C PHE K 32 -17.62 -11.41 -11.12
N GLY K 33 -16.48 -10.76 -11.19
CA GLY K 33 -15.72 -10.44 -10.00
C GLY K 33 -16.58 -9.59 -9.08
N SER K 34 -17.20 -8.55 -9.64
CA SER K 34 -18.07 -7.76 -8.79
C SER K 34 -19.36 -8.51 -8.46
N LEU K 35 -19.87 -9.38 -9.32
CA LEU K 35 -21.03 -10.13 -8.85
C LEU K 35 -20.64 -11.02 -7.70
N LEU K 36 -19.46 -11.64 -7.73
CA LEU K 36 -19.08 -12.47 -6.62
C LEU K 36 -18.94 -11.61 -5.41
N ALA K 37 -18.51 -10.36 -5.58
CA ALA K 37 -18.48 -9.48 -4.42
C ALA K 37 -19.89 -9.20 -3.90
N LEU K 38 -20.82 -8.97 -4.80
CA LEU K 38 -22.20 -8.77 -4.39
C LEU K 38 -22.79 -10.02 -3.74
N CYS K 39 -22.51 -11.21 -4.29
CA CYS K 39 -22.99 -12.42 -3.66
C CYS K 39 -22.41 -12.49 -2.27
N LEU K 40 -21.13 -12.13 -2.14
CA LEU K 40 -20.51 -12.29 -0.85
C LEU K 40 -21.16 -11.32 0.12
N VAL K 41 -21.48 -10.12 -0.33
CA VAL K 41 -22.17 -9.20 0.56
C VAL K 41 -23.60 -9.67 0.87
N ILE K 42 -24.32 -10.21 -0.10
CA ILE K 42 -25.65 -10.70 0.20
C ILE K 42 -25.58 -11.86 1.20
N GLN K 43 -24.64 -12.76 0.96
CA GLN K 43 -24.50 -13.89 1.84
C GLN K 43 -24.15 -13.41 3.23
N LEU K 44 -23.30 -12.38 3.35
CA LEU K 44 -23.00 -11.99 4.72
C LEU K 44 -24.25 -11.39 5.34
N ALA K 45 -25.02 -10.61 4.59
CA ALA K 45 -26.13 -9.94 5.23
C ALA K 45 -27.18 -10.97 5.57
N THR K 46 -27.52 -11.82 4.61
CA THR K 46 -28.59 -12.74 4.93
C THR K 46 -28.09 -13.78 5.94
N GLY K 47 -26.83 -14.17 5.80
CA GLY K 47 -26.28 -15.18 6.69
C GLY K 47 -26.29 -14.70 8.13
N ILE K 48 -25.78 -13.49 8.38
CA ILE K 48 -25.71 -13.04 9.76
C ILE K 48 -27.12 -12.92 10.25
N THR K 49 -28.04 -12.50 9.38
CA THR K 49 -29.42 -12.42 9.80
C THR K 49 -30.00 -13.78 10.14
N LEU K 50 -29.74 -14.80 9.33
CA LEU K 50 -30.23 -16.12 9.70
C LEU K 50 -29.58 -16.56 10.99
N ALA K 51 -28.32 -16.20 11.21
CA ALA K 51 -27.69 -16.62 12.44
C ALA K 51 -28.38 -15.99 13.63
N MET K 52 -29.09 -14.90 13.43
CA MET K 52 -29.80 -14.35 14.56
C MET K 52 -31.05 -15.15 14.89
N HIS K 53 -31.39 -16.15 14.08
CA HIS K 53 -32.69 -16.78 14.24
C HIS K 53 -32.53 -18.28 14.28
N TYR K 54 -31.32 -18.73 13.99
CA TYR K 54 -31.13 -20.14 13.78
C TYR K 54 -30.55 -20.76 15.03
N THR K 55 -30.91 -21.99 15.33
CA THR K 55 -30.36 -22.57 16.54
C THR K 55 -29.53 -23.75 16.13
N SER K 56 -28.30 -23.83 16.63
CA SER K 56 -27.34 -24.78 16.08
C SER K 56 -27.52 -26.16 16.67
N HIS K 57 -28.27 -26.25 17.76
CA HIS K 57 -28.46 -27.53 18.43
C HIS K 57 -29.22 -28.47 17.50
N ALA K 58 -28.81 -29.73 17.39
CA ALA K 58 -29.42 -30.66 16.44
C ALA K 58 -30.89 -30.92 16.73
N SER K 59 -31.28 -30.76 17.99
CA SER K 59 -32.66 -31.01 18.36
C SER K 59 -33.55 -29.87 17.88
N LEU K 60 -32.93 -28.75 17.52
CA LEU K 60 -33.71 -27.55 17.24
C LEU K 60 -33.40 -26.98 15.86
N ALA K 61 -32.39 -27.48 15.16
CA ALA K 61 -31.81 -26.78 14.02
C ALA K 61 -32.83 -26.77 12.92
N PHE K 62 -33.32 -27.97 12.56
CA PHE K 62 -34.27 -28.05 11.48
C PHE K 62 -35.52 -27.25 11.82
N ASP K 63 -35.95 -27.34 13.06
CA ASP K 63 -37.13 -26.62 13.48
C ASP K 63 -36.85 -25.13 13.46
N SER K 64 -35.61 -24.71 13.71
CA SER K 64 -35.37 -23.27 13.73
C SER K 64 -35.40 -22.77 12.31
N VAL K 65 -35.05 -23.63 11.36
CA VAL K 65 -35.15 -23.19 10.00
C VAL K 65 -36.61 -23.11 9.60
N GLU K 66 -37.45 -24.01 10.09
CA GLU K 66 -38.87 -23.88 9.80
C GLU K 66 -39.44 -22.64 10.46
N HIS K 67 -38.93 -22.31 11.64
CA HIS K 67 -39.43 -21.16 12.35
C HIS K 67 -39.04 -19.92 11.57
N ILE K 68 -37.86 -19.96 10.94
CA ILE K 68 -37.42 -18.83 10.14
C ILE K 68 -38.37 -18.67 8.97
N MET K 69 -38.68 -19.78 8.30
CA MET K 69 -39.57 -19.73 7.15
C MET K 69 -40.94 -19.20 7.55
N ARG K 70 -41.42 -19.60 8.73
CA ARG K 70 -42.83 -19.44 9.02
C ARG K 70 -43.14 -18.24 9.91
N ASP K 71 -42.27 -17.92 10.89
CA ASP K 71 -42.66 -17.04 11.97
C ASP K 71 -41.92 -15.70 11.91
N VAL K 72 -40.63 -15.76 11.59
CA VAL K 72 -39.82 -14.56 11.45
C VAL K 72 -40.33 -13.69 10.30
N ASN K 73 -40.49 -12.39 10.52
CA ASN K 73 -40.97 -11.53 9.43
C ASN K 73 -39.94 -11.50 8.33
N PHE K 74 -40.38 -11.79 7.10
CA PHE K 74 -39.51 -11.86 5.95
C PHE K 74 -38.48 -12.97 6.10
N GLY K 75 -38.76 -13.91 6.99
CA GLY K 75 -37.79 -14.96 7.17
C GLY K 75 -37.67 -15.77 5.90
N TRP K 76 -38.79 -15.91 5.20
CA TRP K 76 -38.78 -16.73 4.02
C TRP K 76 -37.82 -16.12 3.01
N PHE K 77 -37.86 -14.79 2.95
CA PHE K 77 -37.06 -14.12 1.96
C PHE K 77 -35.61 -14.33 2.35
N ILE K 78 -35.30 -14.08 3.61
CA ILE K 78 -33.92 -14.12 4.02
C ILE K 78 -33.40 -15.52 3.81
N ARG K 79 -34.23 -16.52 4.08
CA ARG K 79 -33.71 -17.87 3.98
C ARG K 79 -33.49 -18.21 2.52
N TYR K 80 -34.48 -17.91 1.68
CA TYR K 80 -34.35 -18.31 0.30
C TYR K 80 -33.29 -17.47 -0.39
N ALA K 81 -33.13 -16.23 0.04
CA ALA K 81 -32.14 -15.39 -0.56
C ALA K 81 -30.79 -16.00 -0.23
N HIS K 82 -30.65 -16.50 1.00
CA HIS K 82 -29.35 -17.01 1.37
C HIS K 82 -29.09 -18.28 0.60
N ALA K 83 -30.11 -19.11 0.49
CA ALA K 83 -29.91 -20.38 -0.18
C ALA K 83 -29.68 -20.18 -1.66
N ASN K 84 -30.40 -19.24 -2.26
CA ASN K 84 -30.32 -19.12 -3.68
C ASN K 84 -29.05 -18.40 -4.06
N THR K 85 -28.66 -17.43 -3.24
CA THR K 85 -27.43 -16.74 -3.57
C THR K 85 -26.27 -17.70 -3.49
N ALA K 86 -26.37 -18.73 -2.64
CA ALA K 86 -25.29 -19.69 -2.62
C ALA K 86 -25.20 -20.34 -4.00
N SER K 87 -26.32 -20.58 -4.68
CA SER K 87 -26.28 -21.14 -6.03
C SER K 87 -25.73 -20.12 -7.01
N PHE K 88 -26.13 -18.87 -6.86
CA PHE K 88 -25.67 -17.86 -7.79
C PHE K 88 -24.19 -17.61 -7.60
N PHE K 89 -23.75 -17.72 -6.34
CA PHE K 89 -22.33 -17.59 -6.06
C PHE K 89 -21.59 -18.63 -6.88
N PHE K 90 -22.14 -19.83 -7.03
CA PHE K 90 -21.36 -20.77 -7.76
C PHE K 90 -21.48 -20.59 -9.26
N ILE K 91 -22.62 -20.11 -9.71
CA ILE K 91 -22.67 -19.82 -11.12
C ILE K 91 -21.59 -18.78 -11.36
N CYS K 92 -21.57 -17.74 -10.55
CA CYS K 92 -20.68 -16.64 -10.85
C CYS K 92 -19.24 -17.09 -10.70
N ILE K 93 -18.95 -18.04 -9.82
CA ILE K 93 -17.55 -18.33 -9.57
C ILE K 93 -17.05 -19.28 -10.65
N TYR K 94 -17.93 -20.14 -11.15
CA TYR K 94 -17.51 -20.94 -12.28
C TYR K 94 -17.37 -20.03 -13.48
N ALA K 95 -18.24 -19.03 -13.62
CA ALA K 95 -18.14 -18.08 -14.73
C ALA K 95 -16.81 -17.34 -14.64
N HIS K 96 -16.48 -16.92 -13.43
CA HIS K 96 -15.28 -16.15 -13.22
C HIS K 96 -14.09 -17.04 -13.46
N MET K 97 -14.12 -18.29 -12.99
CA MET K 97 -12.96 -19.12 -13.28
C MET K 97 -12.91 -19.48 -14.75
N GLY K 98 -14.10 -19.65 -15.35
CA GLY K 98 -14.18 -19.86 -16.78
C GLY K 98 -13.50 -18.72 -17.52
N ARG K 99 -13.86 -17.50 -17.16
CA ARG K 99 -13.32 -16.34 -17.84
C ARG K 99 -11.82 -16.41 -17.68
N ASN K 100 -11.37 -16.70 -16.47
CA ASN K 100 -9.94 -16.65 -16.28
C ASN K 100 -9.25 -17.72 -17.10
N ILE K 101 -9.87 -18.89 -17.26
CA ILE K 101 -9.15 -19.93 -17.99
C ILE K 101 -9.18 -19.60 -19.47
N TYR K 102 -10.29 -19.07 -19.95
CA TYR K 102 -10.37 -18.77 -21.36
C TYR K 102 -9.41 -17.64 -21.74
N TYR K 103 -9.29 -16.64 -20.91
CA TYR K 103 -8.46 -15.55 -21.34
C TYR K 103 -7.08 -15.61 -20.73
N GLY K 104 -6.71 -16.76 -20.19
CA GLY K 104 -5.32 -16.94 -19.85
C GLY K 104 -4.97 -16.01 -18.71
N SER K 105 -5.95 -15.74 -17.85
CA SER K 105 -5.66 -14.90 -16.70
C SER K 105 -4.76 -15.64 -15.74
N TYR K 106 -4.60 -16.94 -15.93
CA TYR K 106 -3.75 -17.61 -14.98
C TYR K 106 -2.28 -17.45 -15.38
N LYS K 107 -1.96 -16.92 -16.56
CA LYS K 107 -0.56 -16.91 -16.94
C LYS K 107 0.15 -15.75 -16.24
N THR K 108 1.47 -15.84 -16.18
CA THR K 108 2.31 -14.75 -15.71
C THR K 108 1.87 -13.47 -16.42
N PRO K 109 1.76 -12.32 -15.72
CA PRO K 109 2.20 -12.20 -14.34
C PRO K 109 1.06 -12.35 -13.34
N ARG K 110 0.10 -13.22 -13.64
CA ARG K 110 -1.02 -13.28 -12.71
C ARG K 110 -1.11 -14.65 -12.09
N VAL K 111 0.00 -15.35 -11.93
CA VAL K 111 -0.15 -16.66 -11.36
C VAL K 111 -0.55 -16.54 -9.90
N LEU K 112 -0.12 -15.48 -9.23
CA LEU K 112 -0.44 -15.45 -7.81
C LEU K 112 -1.94 -15.25 -7.59
N PRO K 113 -2.63 -14.27 -8.21
CA PRO K 113 -4.05 -14.11 -7.97
C PRO K 113 -4.76 -15.37 -8.41
N TRP K 114 -4.21 -16.07 -9.40
CA TRP K 114 -4.91 -17.26 -9.84
C TRP K 114 -4.81 -18.31 -8.75
N SER K 115 -3.62 -18.45 -8.18
CA SER K 115 -3.43 -19.52 -7.23
C SER K 115 -4.15 -19.22 -5.92
N ILE K 116 -4.21 -17.96 -5.54
CA ILE K 116 -5.01 -17.61 -4.37
C ILE K 116 -6.47 -17.88 -4.70
N GLY K 117 -6.83 -17.60 -5.94
CA GLY K 117 -8.19 -17.86 -6.35
C GLY K 117 -8.53 -19.33 -6.19
N VAL K 118 -7.59 -20.23 -6.50
CA VAL K 118 -7.94 -21.62 -6.40
C VAL K 118 -8.25 -21.97 -4.96
N ILE K 119 -7.59 -21.29 -4.05
CA ILE K 119 -7.93 -21.55 -2.67
C ILE K 119 -9.28 -20.94 -2.31
N ILE K 120 -9.63 -19.78 -2.88
CA ILE K 120 -10.94 -19.23 -2.60
C ILE K 120 -11.98 -20.23 -3.07
N PHE K 121 -11.69 -20.93 -4.18
CA PHE K 121 -12.67 -21.82 -4.74
C PHE K 121 -12.87 -23.00 -3.80
N LEU K 122 -11.77 -23.52 -3.24
CA LEU K 122 -11.91 -24.56 -2.24
C LEU K 122 -12.62 -24.06 -1.00
N LEU K 123 -12.31 -22.86 -0.53
CA LEU K 123 -13.01 -22.38 0.64
C LEU K 123 -14.47 -22.18 0.35
N LEU K 124 -14.85 -21.80 -0.88
CA LEU K 124 -16.26 -21.58 -1.13
C LEU K 124 -16.95 -22.92 -1.03
N ILE K 125 -16.31 -23.94 -1.57
CA ILE K 125 -16.94 -25.24 -1.55
C ILE K 125 -17.13 -25.61 -0.09
N ILE K 126 -16.11 -25.47 0.75
CA ILE K 126 -16.27 -25.89 2.12
C ILE K 126 -17.28 -25.01 2.85
N THR K 127 -17.31 -23.70 2.56
CA THR K 127 -18.26 -22.82 3.22
C THR K 127 -19.66 -23.26 2.82
N ALA K 128 -19.95 -23.29 1.53
CA ALA K 128 -21.29 -23.57 1.07
C ALA K 128 -21.74 -24.92 1.63
N PHE K 129 -20.82 -25.91 1.71
CA PHE K 129 -21.17 -27.24 2.21
C PHE K 129 -21.49 -27.16 3.69
N MET K 130 -20.61 -26.53 4.43
CA MET K 130 -20.84 -26.42 5.85
C MET K 130 -22.17 -25.75 6.10
N GLY K 131 -22.64 -24.98 5.13
CA GLY K 131 -23.84 -24.22 5.32
C GLY K 131 -25.00 -25.13 4.98
N TYR K 132 -24.78 -25.99 3.99
CA TYR K 132 -25.77 -26.98 3.63
C TYR K 132 -26.13 -27.88 4.81
N VAL K 133 -25.11 -28.24 5.58
CA VAL K 133 -25.32 -29.13 6.67
C VAL K 133 -26.16 -28.45 7.75
N LEU K 134 -26.14 -27.14 7.87
CA LEU K 134 -26.79 -26.58 9.04
C LEU K 134 -28.29 -26.78 9.06
N VAL K 135 -28.93 -26.99 7.92
CA VAL K 135 -30.37 -27.20 7.88
C VAL K 135 -30.73 -28.44 8.68
N PHE K 136 -29.85 -29.45 8.64
CA PHE K 136 -30.02 -30.73 9.30
C PHE K 136 -31.27 -31.45 8.81
N GLY K 137 -31.51 -31.32 7.50
CA GLY K 137 -32.43 -32.19 6.79
C GLY K 137 -31.72 -33.50 6.41
N GLN K 138 -32.37 -34.37 5.63
CA GLN K 138 -31.78 -35.65 5.29
C GLN K 138 -30.52 -35.44 4.49
N MET K 139 -30.57 -34.64 3.43
CA MET K 139 -29.34 -34.47 2.67
C MET K 139 -28.21 -33.86 3.50
N SER K 140 -28.58 -32.93 4.37
CA SER K 140 -27.62 -32.26 5.22
C SER K 140 -26.84 -33.28 6.03
N LEU K 141 -27.53 -34.19 6.69
CA LEU K 141 -26.84 -35.09 7.58
C LEU K 141 -25.99 -36.02 6.76
N TRP K 142 -26.49 -36.45 5.61
CA TRP K 142 -25.69 -37.38 4.85
C TRP K 142 -24.49 -36.71 4.22
N GLY K 143 -24.69 -35.47 3.81
CA GLY K 143 -23.58 -34.77 3.23
C GLY K 143 -22.49 -34.67 4.28
N ALA K 144 -22.88 -34.37 5.52
CA ALA K 144 -21.91 -34.24 6.59
C ALA K 144 -21.12 -35.52 6.74
N THR K 145 -21.84 -36.63 6.79
CA THR K 145 -21.19 -37.92 6.89
C THR K 145 -20.14 -38.11 5.81
N VAL K 146 -20.51 -37.85 4.56
CA VAL K 146 -19.54 -38.12 3.52
C VAL K 146 -18.34 -37.21 3.58
N ILE K 147 -18.48 -35.92 3.85
CA ILE K 147 -17.39 -34.98 3.77
C ILE K 147 -16.45 -35.16 4.91
N CYS K 148 -17.04 -35.62 6.01
CA CYS K 148 -16.21 -35.81 7.15
C CYS K 148 -15.54 -37.16 7.07
N ASN K 149 -15.87 -37.96 6.07
CA ASN K 149 -15.29 -39.27 5.92
C ASN K 149 -14.30 -39.26 4.76
N LEU K 150 -14.11 -38.08 4.18
CA LEU K 150 -13.15 -38.02 3.11
C LEU K 150 -11.77 -38.06 3.72
N VAL K 151 -11.70 -37.76 5.01
CA VAL K 151 -10.42 -37.80 5.67
C VAL K 151 -10.12 -39.24 6.08
N SER K 152 -11.13 -40.12 6.07
CA SER K 152 -10.81 -41.52 6.30
C SER K 152 -9.90 -42.03 5.18
N ALA K 153 -9.98 -41.41 4.01
CA ALA K 153 -9.05 -41.79 2.95
C ALA K 153 -7.60 -41.74 3.42
N ILE K 154 -7.23 -40.66 4.14
CA ILE K 154 -5.93 -40.50 4.78
C ILE K 154 -5.68 -41.74 5.63
N PRO K 155 -4.62 -42.54 5.37
CA PRO K 155 -4.44 -43.84 6.07
C PRO K 155 -4.06 -43.70 7.54
N TRP K 156 -4.32 -44.74 8.35
CA TRP K 156 -3.89 -44.82 9.74
C TRP K 156 -4.64 -43.84 10.65
N LEU K 157 -4.27 -42.55 10.64
CA LEU K 157 -4.85 -41.50 11.47
C LEU K 157 -6.26 -41.16 11.00
N GLY K 158 -6.56 -41.44 9.73
CA GLY K 158 -7.78 -41.05 9.04
C GLY K 158 -9.04 -41.28 9.88
N GLU K 159 -9.27 -42.50 10.35
CA GLU K 159 -10.50 -42.87 11.03
C GLU K 159 -10.68 -42.03 12.31
N ASP K 160 -9.55 -41.79 13.00
CA ASP K 160 -9.57 -41.01 14.22
C ASP K 160 -9.89 -39.55 13.92
N ILE K 161 -9.34 -38.98 12.84
CA ILE K 161 -9.67 -37.63 12.39
C ILE K 161 -11.17 -37.54 12.15
N VAL K 162 -11.75 -38.58 11.54
CA VAL K 162 -13.16 -38.53 11.24
C VAL K 162 -13.95 -38.34 12.52
N HIS K 163 -13.63 -39.16 13.51
CA HIS K 163 -14.32 -39.08 14.80
C HIS K 163 -14.11 -37.73 15.49
N PHE K 164 -12.93 -37.16 15.28
CA PHE K 164 -12.55 -35.89 15.84
C PHE K 164 -13.32 -34.75 15.19
N LEU K 165 -13.64 -34.89 13.89
CA LEU K 165 -14.34 -33.84 13.19
C LEU K 165 -15.82 -33.95 13.46
N TRP K 166 -16.25 -35.12 13.89
CA TRP K 166 -17.65 -35.28 14.19
C TRP K 166 -17.87 -34.95 15.65
N GLY K 167 -16.81 -35.13 16.43
CA GLY K 167 -16.92 -34.97 17.85
C GLY K 167 -17.83 -36.05 18.39
N GLY K 168 -17.77 -37.23 17.78
CA GLY K 168 -18.70 -38.27 18.17
C GLY K 168 -18.40 -39.49 17.32
N PHE K 169 -19.32 -40.44 17.34
CA PHE K 169 -19.13 -41.64 16.54
C PHE K 169 -19.92 -41.53 15.25
N SER K 170 -20.69 -40.47 15.17
CA SER K 170 -21.55 -40.27 14.04
C SER K 170 -21.79 -38.79 13.92
N VAL K 171 -22.37 -38.37 12.81
CA VAL K 171 -22.74 -36.99 12.75
C VAL K 171 -23.94 -36.80 13.65
N GLY K 172 -23.81 -35.82 14.52
CA GLY K 172 -24.84 -35.56 15.48
C GLY K 172 -24.80 -34.11 15.92
N ASN K 173 -25.25 -33.89 17.15
CA ASN K 173 -25.34 -32.53 17.63
C ASN K 173 -23.97 -31.87 17.55
N PRO K 174 -22.91 -32.50 18.08
CA PRO K 174 -21.59 -31.88 18.15
C PRO K 174 -21.15 -31.37 16.79
N THR K 175 -21.50 -32.15 15.78
CA THR K 175 -20.99 -31.88 14.46
C THR K 175 -21.73 -30.66 13.96
N LEU K 176 -23.01 -30.64 14.25
CA LEU K 176 -23.83 -29.59 13.70
C LEU K 176 -23.42 -28.27 14.33
N GLN K 177 -23.14 -28.28 15.62
CA GLN K 177 -22.75 -27.04 16.25
C GLN K 177 -21.38 -26.61 15.76
N ARG K 178 -20.46 -27.55 15.46
CA ARG K 178 -19.17 -27.05 15.00
C ARG K 178 -19.27 -26.62 13.54
N PHE K 179 -20.21 -27.19 12.80
CA PHE K 179 -20.37 -26.71 11.45
C PHE K 179 -20.96 -25.30 11.46
N PHE K 180 -21.80 -25.02 12.44
CA PHE K 180 -22.35 -23.69 12.49
C PHE K 180 -21.25 -22.71 12.75
N ALA K 181 -20.38 -23.02 13.71
CA ALA K 181 -19.31 -22.11 14.07
C ALA K 181 -18.47 -21.86 12.84
N LEU K 182 -18.13 -22.93 12.14
CA LEU K 182 -17.21 -22.76 11.06
C LEU K 182 -17.92 -22.18 9.85
N HIS K 183 -19.19 -22.50 9.65
CA HIS K 183 -19.83 -21.89 8.52
C HIS K 183 -19.92 -20.40 8.75
N TYR K 184 -20.09 -19.95 9.98
CA TYR K 184 -20.13 -18.51 10.16
C TYR K 184 -18.76 -17.94 9.88
N LEU K 185 -17.71 -18.63 10.31
CA LEU K 185 -16.35 -18.13 10.22
C LEU K 185 -15.84 -18.10 8.78
N MET K 186 -15.98 -19.22 8.06
CA MET K 186 -15.39 -19.48 6.75
C MET K 186 -15.60 -18.33 5.77
N PRO K 187 -16.80 -17.75 5.62
CA PRO K 187 -16.98 -16.59 4.79
C PRO K 187 -16.12 -15.39 5.13
N PHE K 188 -15.77 -15.19 6.39
CA PHE K 188 -14.89 -14.06 6.60
C PHE K 188 -13.49 -14.39 6.15
N VAL K 189 -13.08 -15.64 6.32
CA VAL K 189 -11.81 -16.08 5.78
C VAL K 189 -11.83 -15.95 4.27
N LEU K 190 -12.95 -16.29 3.66
CA LEU K 190 -13.08 -16.24 2.22
C LEU K 190 -13.03 -14.79 1.75
N ALA K 191 -13.63 -13.87 2.49
CA ALA K 191 -13.52 -12.48 2.09
C ALA K 191 -12.07 -11.99 2.23
N VAL K 192 -11.31 -12.47 3.21
CA VAL K 192 -9.89 -12.13 3.28
C VAL K 192 -9.20 -12.62 2.02
N PHE K 193 -9.43 -13.87 1.65
CA PHE K 193 -8.71 -14.38 0.52
C PHE K 193 -9.16 -13.69 -0.75
N ALA K 194 -10.43 -13.27 -0.80
CA ALA K 194 -10.91 -12.60 -2.00
C ALA K 194 -10.18 -11.28 -2.09
N LEU K 195 -10.01 -10.64 -0.95
CA LEU K 195 -9.29 -9.38 -0.96
C LEU K 195 -7.85 -9.63 -1.36
N LEU K 196 -7.25 -10.69 -0.81
CA LEU K 196 -5.86 -10.93 -1.11
C LEU K 196 -5.71 -11.21 -2.59
N HIS K 197 -6.64 -11.93 -3.22
CA HIS K 197 -6.26 -12.16 -4.58
C HIS K 197 -6.37 -10.89 -5.40
N LEU K 198 -7.16 -9.93 -4.94
CA LEU K 198 -7.15 -8.64 -5.62
C LEU K 198 -5.87 -7.88 -5.38
N ILE K 199 -5.36 -7.96 -4.16
CA ILE K 199 -4.12 -7.26 -3.88
C ILE K 199 -3.02 -7.88 -4.71
N ALA K 200 -3.06 -9.20 -4.88
CA ALA K 200 -2.05 -9.82 -5.73
C ALA K 200 -2.24 -9.38 -7.17
N LEU K 201 -3.48 -9.19 -7.57
CA LEU K 201 -3.70 -8.80 -8.94
C LEU K 201 -3.28 -7.35 -9.17
N HIS K 202 -3.16 -6.57 -8.11
CA HIS K 202 -3.03 -5.15 -8.35
C HIS K 202 -1.64 -4.82 -8.86
N THR K 203 -0.72 -5.77 -8.74
CA THR K 203 0.58 -5.56 -9.33
C THR K 203 0.55 -5.58 -10.86
N ALA K 204 -0.27 -6.45 -11.45
CA ALA K 204 -0.25 -6.64 -12.90
C ALA K 204 -1.41 -5.91 -13.54
N GLY K 205 -2.44 -5.65 -12.73
CA GLY K 205 -3.69 -5.15 -13.26
C GLY K 205 -4.49 -6.27 -13.93
N SER K 206 -5.74 -5.93 -14.23
CA SER K 206 -6.58 -6.93 -14.85
C SER K 206 -5.97 -7.30 -16.19
N SER K 207 -6.17 -8.56 -16.58
CA SER K 207 -5.94 -8.94 -17.96
C SER K 207 -7.04 -8.32 -18.80
N ASN K 208 -6.99 -8.51 -20.11
CA ASN K 208 -8.08 -8.03 -20.91
C ASN K 208 -8.41 -9.06 -21.96
N PRO K 209 -9.55 -8.94 -22.65
CA PRO K 209 -9.90 -9.99 -23.58
C PRO K 209 -8.95 -10.11 -24.76
N LEU K 210 -8.07 -9.14 -25.02
CA LEU K 210 -7.16 -9.41 -26.14
C LEU K 210 -5.92 -10.15 -25.67
N GLY K 211 -5.67 -10.07 -24.36
CA GLY K 211 -4.46 -10.65 -23.81
C GLY K 211 -3.19 -9.84 -24.12
N ILE K 212 -3.35 -8.63 -24.62
CA ILE K 212 -2.21 -7.77 -24.85
C ILE K 212 -2.09 -6.90 -23.60
N THR K 213 -0.98 -6.17 -23.50
CA THR K 213 -0.86 -5.18 -22.45
C THR K 213 -1.95 -4.12 -22.57
N SER K 214 -2.40 -3.61 -21.43
CA SER K 214 -3.36 -2.52 -21.47
C SER K 214 -2.68 -1.23 -21.00
N ASN K 215 -1.38 -1.32 -20.74
CA ASN K 215 -0.64 -0.19 -20.24
C ASN K 215 -0.73 0.99 -21.19
N VAL K 216 -1.06 0.71 -22.45
CA VAL K 216 -1.14 1.74 -23.47
C VAL K 216 -2.45 2.53 -23.36
N ASP K 217 -3.48 1.98 -22.67
CA ASP K 217 -4.82 2.55 -22.77
C ASP K 217 -5.67 2.21 -21.55
N LYS K 218 -5.58 3.01 -20.50
CA LYS K 218 -6.26 2.63 -19.28
C LYS K 218 -7.44 3.53 -19.02
N LEU K 219 -8.40 3.02 -18.27
CA LEU K 219 -9.60 3.74 -17.91
C LEU K 219 -9.71 3.65 -16.41
N SER K 220 -10.19 4.72 -15.76
CA SER K 220 -10.37 4.65 -14.31
C SER K 220 -11.46 3.65 -14.01
N MET K 221 -11.33 2.92 -12.91
CA MET K 221 -12.35 1.96 -12.50
C MET K 221 -13.70 2.65 -12.43
N HIS K 222 -13.75 3.86 -11.84
CA HIS K 222 -14.99 4.61 -11.83
C HIS K 222 -14.76 5.87 -12.64
N PRO K 223 -15.70 6.34 -13.48
CA PRO K 223 -17.04 5.78 -13.56
C PRO K 223 -17.27 4.60 -14.48
N TYR K 224 -16.27 4.16 -15.24
CA TYR K 224 -16.59 3.27 -16.33
C TYR K 224 -17.00 1.90 -15.85
N TYR K 225 -16.22 1.32 -14.96
CA TYR K 225 -16.58 -0.02 -14.65
C TYR K 225 -17.57 -0.04 -13.52
N SER K 226 -17.63 1.02 -12.72
CA SER K 226 -18.70 1.09 -11.74
C SER K 226 -20.05 1.01 -12.41
N PHE K 227 -20.23 1.78 -13.49
CA PHE K 227 -21.52 1.79 -14.13
C PHE K 227 -21.75 0.55 -14.94
N LYS K 228 -20.64 -0.07 -15.40
CA LYS K 228 -20.75 -1.30 -16.17
C LYS K 228 -21.15 -2.41 -15.25
N ASP K 229 -20.64 -2.40 -14.02
CA ASP K 229 -20.94 -3.41 -13.03
C ASP K 229 -22.38 -3.28 -12.54
N LEU K 230 -22.97 -2.09 -12.56
CA LEU K 230 -24.39 -2.01 -12.24
C LEU K 230 -25.27 -2.77 -13.21
N ILE K 231 -24.91 -2.80 -14.50
CA ILE K 231 -25.76 -3.52 -15.41
C ILE K 231 -25.84 -4.95 -14.94
N THR K 232 -24.70 -5.54 -14.56
CA THR K 232 -24.82 -6.93 -14.19
C THR K 232 -25.40 -7.06 -12.79
N VAL K 233 -25.19 -6.07 -11.91
CA VAL K 233 -25.89 -6.14 -10.64
C VAL K 233 -27.38 -6.28 -10.88
N PHE K 234 -27.96 -5.42 -11.73
CA PHE K 234 -29.39 -5.49 -11.97
C PHE K 234 -29.78 -6.73 -12.75
N ALA K 235 -28.91 -7.23 -13.62
CA ALA K 235 -29.26 -8.44 -14.33
C ALA K 235 -29.21 -9.61 -13.36
N PHE K 236 -28.28 -9.55 -12.42
CA PHE K 236 -28.15 -10.61 -11.45
C PHE K 236 -29.39 -10.58 -10.56
N LEU K 237 -29.79 -9.38 -10.12
CA LEU K 237 -30.94 -9.27 -9.22
C LEU K 237 -32.22 -9.68 -9.91
N LEU K 238 -32.30 -9.54 -11.23
CA LEU K 238 -33.46 -10.02 -11.95
C LEU K 238 -33.51 -11.54 -11.87
N MET K 239 -32.37 -12.19 -12.10
CA MET K 239 -32.32 -13.64 -12.02
C MET K 239 -32.53 -14.07 -10.56
N PHE K 240 -31.95 -13.33 -9.62
CA PHE K 240 -32.11 -13.61 -8.20
C PHE K 240 -33.59 -13.53 -7.86
N THR K 241 -34.27 -12.47 -8.30
CA THR K 241 -35.68 -12.28 -8.02
C THR K 241 -36.50 -13.41 -8.59
N LEU K 242 -36.19 -13.86 -9.81
CA LEU K 242 -36.99 -14.95 -10.36
C LEU K 242 -36.87 -16.22 -9.54
N PHE K 243 -35.71 -16.45 -8.92
CA PHE K 243 -35.58 -17.65 -8.13
C PHE K 243 -36.16 -17.41 -6.76
N VAL K 244 -35.74 -16.33 -6.13
CA VAL K 244 -36.11 -16.12 -4.76
C VAL K 244 -37.61 -15.95 -4.61
N PHE K 245 -38.26 -15.25 -5.53
CA PHE K 245 -39.66 -14.93 -5.26
C PHE K 245 -40.59 -15.89 -5.98
N PHE K 246 -40.14 -16.47 -7.09
CA PHE K 246 -41.08 -17.15 -7.95
C PHE K 246 -40.84 -18.66 -7.90
N SER K 247 -39.59 -19.06 -7.73
CA SER K 247 -39.36 -20.49 -7.73
C SER K 247 -38.29 -20.83 -6.69
N PRO K 248 -38.49 -20.52 -5.39
CA PRO K 248 -37.37 -20.55 -4.46
C PRO K 248 -36.75 -21.93 -4.25
N ASP K 249 -37.45 -22.97 -4.72
CA ASP K 249 -37.06 -24.34 -4.40
C ASP K 249 -36.60 -25.08 -5.65
N LYS K 250 -36.47 -24.37 -6.78
CA LYS K 250 -36.08 -25.03 -8.01
C LYS K 250 -34.67 -25.56 -7.89
N LEU K 251 -33.85 -24.85 -7.12
CA LEU K 251 -32.45 -25.21 -7.12
C LEU K 251 -32.14 -26.14 -5.94
N GLY K 252 -33.18 -26.47 -5.17
CA GLY K 252 -33.06 -27.26 -3.95
C GLY K 252 -33.44 -28.73 -4.13
N HIS K 253 -33.03 -29.53 -3.15
CA HIS K 253 -33.39 -30.93 -3.09
C HIS K 253 -34.52 -31.10 -2.09
N PRO K 254 -35.67 -31.65 -2.53
CA PRO K 254 -36.80 -31.96 -1.65
C PRO K 254 -36.41 -32.63 -0.34
N ASP K 255 -35.37 -33.45 -0.40
CA ASP K 255 -35.06 -34.33 0.72
C ASP K 255 -34.55 -33.51 1.87
N ASN K 256 -34.13 -32.29 1.58
CA ASN K 256 -33.66 -31.49 2.69
C ASN K 256 -34.82 -30.91 3.47
N TYR K 257 -36.06 -31.18 3.07
CA TYR K 257 -37.16 -30.75 3.90
C TYR K 257 -37.67 -31.91 4.72
N ILE K 258 -36.89 -32.97 4.73
CA ILE K 258 -37.18 -34.04 5.65
C ILE K 258 -36.18 -33.91 6.79
N PRO K 259 -36.54 -33.87 8.09
CA PRO K 259 -35.51 -33.81 9.14
C PRO K 259 -34.53 -34.98 9.10
N ALA K 260 -33.28 -34.76 9.55
CA ALA K 260 -32.22 -35.75 9.45
C ALA K 260 -32.57 -37.03 10.21
N ASN K 261 -32.54 -38.15 9.50
CA ASN K 261 -32.77 -39.45 10.12
C ASN K 261 -31.54 -40.31 9.92
N PRO K 262 -30.73 -40.56 10.95
CA PRO K 262 -29.44 -41.20 10.73
C PRO K 262 -29.56 -42.66 10.37
N MET K 263 -30.81 -43.14 10.29
CA MET K 263 -31.05 -44.55 10.10
C MET K 263 -31.26 -44.85 8.62
N VAL K 264 -31.70 -43.86 7.86
CA VAL K 264 -31.88 -44.07 6.43
C VAL K 264 -31.11 -43.02 5.68
N THR K 265 -30.49 -43.40 4.54
CA THR K 265 -30.19 -42.36 3.59
C THR K 265 -31.09 -42.51 2.38
N PRO K 266 -31.58 -41.38 1.85
CA PRO K 266 -32.50 -41.35 0.73
C PRO K 266 -31.94 -42.18 -0.41
N ALA K 267 -32.83 -42.83 -1.14
CA ALA K 267 -32.37 -43.66 -2.22
C ALA K 267 -31.76 -42.81 -3.34
N SER K 268 -32.24 -41.56 -3.47
CA SER K 268 -31.78 -40.66 -4.49
C SER K 268 -30.82 -39.64 -3.88
N ILE K 269 -29.55 -40.01 -3.78
CA ILE K 269 -28.58 -39.08 -3.25
C ILE K 269 -28.02 -38.27 -4.41
N VAL K 270 -28.26 -36.95 -4.38
CA VAL K 270 -27.72 -36.05 -5.40
C VAL K 270 -27.34 -34.75 -4.71
N PRO K 271 -26.05 -34.39 -4.59
CA PRO K 271 -25.65 -33.15 -3.90
C PRO K 271 -26.04 -31.88 -4.66
N GLU K 272 -25.60 -30.73 -4.14
CA GLU K 272 -25.92 -29.44 -4.73
C GLU K 272 -25.47 -29.42 -6.18
N TRP K 273 -26.20 -28.67 -7.03
CA TRP K 273 -25.92 -28.69 -8.45
C TRP K 273 -24.44 -28.37 -8.68
N TYR K 274 -23.83 -27.53 -7.83
CA TYR K 274 -22.46 -27.08 -8.07
C TYR K 274 -21.41 -28.07 -7.62
N LEU K 275 -21.78 -29.01 -6.78
CA LEU K 275 -20.79 -29.98 -6.40
C LEU K 275 -20.88 -31.18 -7.33
N LEU K 276 -21.82 -31.19 -8.29
CA LEU K 276 -22.16 -32.39 -9.02
C LEU K 276 -20.96 -32.82 -9.83
N PRO K 277 -20.23 -31.91 -10.50
CA PRO K 277 -19.10 -32.33 -11.32
C PRO K 277 -18.10 -33.15 -10.53
N PHE K 278 -17.71 -32.67 -9.34
CA PHE K 278 -16.73 -33.37 -8.52
C PHE K 278 -17.33 -34.63 -7.91
N TYR K 279 -18.64 -34.63 -7.68
CA TYR K 279 -19.30 -35.81 -7.16
C TYR K 279 -19.27 -36.92 -8.21
N ALA K 280 -19.46 -36.54 -9.48
CA ALA K 280 -19.39 -37.55 -10.52
C ALA K 280 -17.97 -38.09 -10.62
N ILE K 281 -16.99 -37.20 -10.41
CA ILE K 281 -15.60 -37.63 -10.39
C ILE K 281 -15.39 -38.64 -9.27
N LEU K 282 -15.94 -38.38 -8.09
CA LEU K 282 -15.76 -39.25 -6.96
C LEU K 282 -16.42 -40.61 -7.20
N ARG K 283 -17.63 -40.60 -7.77
CA ARG K 283 -18.28 -41.83 -8.18
C ARG K 283 -17.51 -42.62 -9.22
N ALA K 284 -16.91 -41.92 -10.20
CA ALA K 284 -16.20 -42.57 -11.29
C ALA K 284 -15.11 -43.49 -10.76
N ILE K 285 -14.24 -42.95 -9.90
CA ILE K 285 -13.13 -43.73 -9.40
C ILE K 285 -13.66 -44.78 -8.45
N PRO K 286 -13.39 -46.08 -8.69
CA PRO K 286 -13.83 -47.13 -7.79
C PRO K 286 -12.95 -47.37 -6.56
N ASP K 287 -11.94 -46.52 -6.27
CA ASP K 287 -11.16 -46.72 -5.05
C ASP K 287 -11.51 -45.63 -4.04
N LYS K 288 -11.42 -45.90 -2.72
CA LYS K 288 -11.78 -44.94 -1.68
C LYS K 288 -10.86 -43.76 -1.83
N LEU K 289 -9.58 -44.02 -1.57
CA LEU K 289 -8.54 -43.01 -1.62
C LEU K 289 -8.47 -42.42 -3.02
N GLY K 290 -8.43 -43.28 -4.04
CA GLY K 290 -8.47 -42.85 -5.43
C GLY K 290 -9.54 -41.79 -5.68
N GLY K 291 -10.78 -42.08 -5.25
CA GLY K 291 -11.98 -41.28 -5.55
C GLY K 291 -11.87 -39.91 -4.91
N VAL K 292 -11.31 -39.91 -3.72
CA VAL K 292 -11.16 -38.69 -2.96
C VAL K 292 -10.07 -37.87 -3.60
N ILE K 293 -8.94 -38.51 -3.92
CA ILE K 293 -7.79 -37.81 -4.47
C ILE K 293 -8.23 -37.15 -5.76
N ALA K 294 -8.91 -37.91 -6.61
CA ALA K 294 -9.31 -37.43 -7.92
C ALA K 294 -10.22 -36.21 -7.73
N MET K 295 -11.08 -36.28 -6.73
CA MET K 295 -12.06 -35.23 -6.60
C MET K 295 -11.37 -33.94 -6.16
N VAL K 296 -10.40 -34.07 -5.26
CA VAL K 296 -9.69 -32.90 -4.77
C VAL K 296 -8.76 -32.38 -5.85
N ALA K 297 -8.10 -33.33 -6.52
CA ALA K 297 -7.18 -33.04 -7.60
C ALA K 297 -7.91 -32.31 -8.72
N ALA K 298 -9.22 -32.53 -8.87
CA ALA K 298 -9.93 -31.84 -9.94
C ALA K 298 -9.96 -30.33 -9.70
N ILE K 299 -9.82 -29.96 -8.44
CA ILE K 299 -9.70 -28.55 -8.15
C ILE K 299 -8.24 -28.15 -8.10
N LEU K 300 -7.41 -28.96 -7.46
CA LEU K 300 -6.03 -28.55 -7.28
C LEU K 300 -5.28 -28.53 -8.59
N ILE K 301 -5.78 -29.27 -9.58
CA ILE K 301 -5.07 -29.34 -10.85
C ILE K 301 -5.14 -28.01 -11.58
N LEU K 302 -6.10 -27.16 -11.21
CA LEU K 302 -6.13 -25.84 -11.78
C LEU K 302 -4.85 -25.11 -11.45
N LEU K 303 -4.20 -25.48 -10.34
CA LEU K 303 -2.98 -24.80 -9.96
C LEU K 303 -1.87 -24.99 -10.98
N ILE K 304 -1.98 -25.98 -11.86
CA ILE K 304 -0.87 -26.22 -12.75
C ILE K 304 -1.09 -25.57 -14.11
N LEU K 305 -2.24 -24.95 -14.33
CA LEU K 305 -2.43 -24.31 -15.62
C LEU K 305 -1.27 -23.38 -15.95
N PRO K 306 -0.71 -22.59 -15.00
CA PRO K 306 0.41 -21.71 -15.33
C PRO K 306 1.59 -22.44 -15.96
N ILE K 307 1.76 -23.71 -15.65
CA ILE K 307 2.89 -24.48 -16.14
C ILE K 307 2.55 -25.13 -17.47
N VAL K 308 1.37 -25.75 -17.54
CA VAL K 308 1.07 -26.65 -18.64
C VAL K 308 0.60 -25.88 -19.86
N ASP K 309 0.12 -24.66 -19.69
CA ASP K 309 -0.13 -23.83 -20.86
C ASP K 309 1.21 -23.31 -21.38
N ARG K 310 1.63 -23.81 -22.53
CA ARG K 310 2.95 -23.45 -23.04
C ARG K 310 2.81 -22.33 -24.07
N SER K 311 1.69 -21.62 -24.10
CA SER K 311 1.50 -20.68 -25.18
C SER K 311 2.35 -19.42 -25.01
N ILE K 312 2.75 -18.82 -26.13
CA ILE K 312 3.47 -17.56 -26.05
C ILE K 312 2.46 -16.42 -26.09
N ILE K 313 1.19 -16.80 -26.25
CA ILE K 313 0.14 -15.82 -26.41
C ILE K 313 -0.84 -15.96 -25.26
N ARG K 314 -1.31 -14.83 -24.73
CA ARG K 314 -2.10 -14.94 -23.53
C ARG K 314 -3.55 -15.09 -23.93
N GLY K 315 -4.20 -16.21 -23.53
CA GLY K 315 -5.63 -16.38 -23.68
C GLY K 315 -6.07 -16.83 -25.07
N ASN K 316 -7.38 -17.01 -25.24
CA ASN K 316 -7.86 -17.84 -26.33
C ASN K 316 -8.52 -17.02 -27.40
N ALA K 317 -8.61 -15.70 -27.23
CA ALA K 317 -9.30 -14.93 -28.25
C ALA K 317 -8.74 -15.25 -29.64
N PHE K 318 -7.42 -15.46 -29.70
CA PHE K 318 -6.84 -15.54 -31.03
C PHE K 318 -6.39 -16.95 -31.36
N LYS K 319 -6.84 -17.93 -30.60
CA LYS K 319 -6.36 -19.27 -30.83
C LYS K 319 -7.54 -20.15 -31.15
N PRO K 320 -7.91 -20.31 -32.43
CA PRO K 320 -9.02 -21.17 -32.78
C PRO K 320 -8.93 -22.57 -32.23
N ILE K 321 -7.75 -23.20 -32.25
CA ILE K 321 -7.69 -24.57 -31.76
C ILE K 321 -7.90 -24.62 -30.25
N SER K 322 -7.25 -23.72 -29.51
CA SER K 322 -7.45 -23.67 -28.08
C SER K 322 -8.90 -23.36 -27.74
N LYS K 323 -9.58 -22.54 -28.54
CA LYS K 323 -10.94 -22.22 -28.18
C LYS K 323 -11.80 -23.47 -28.32
N LEU K 324 -11.48 -24.33 -29.30
CA LEU K 324 -12.30 -25.50 -29.51
C LEU K 324 -12.05 -26.47 -28.37
N LEU K 325 -10.78 -26.60 -27.99
CA LEU K 325 -10.42 -27.46 -26.88
C LEU K 325 -11.09 -26.99 -25.60
N PHE K 326 -11.18 -25.68 -25.42
CA PHE K 326 -11.77 -25.12 -24.22
C PHE K 326 -13.27 -25.37 -24.26
N GLY K 327 -13.87 -25.29 -25.45
CA GLY K 327 -15.29 -25.57 -25.56
C GLY K 327 -15.60 -27.01 -25.14
N PHE K 328 -14.77 -27.96 -25.57
CA PHE K 328 -14.98 -29.36 -25.23
C PHE K 328 -14.72 -29.58 -23.76
N PHE K 329 -13.72 -28.89 -23.20
CA PHE K 329 -13.45 -29.02 -21.79
C PHE K 329 -14.63 -28.50 -20.99
N ILE K 330 -15.20 -27.37 -21.40
CA ILE K 330 -16.29 -26.82 -20.61
C ILE K 330 -17.51 -27.73 -20.68
N CYS K 331 -17.77 -28.25 -21.88
CA CYS K 331 -18.93 -29.08 -22.08
C CYS K 331 -18.76 -30.40 -21.35
N ASN K 332 -17.53 -30.86 -21.24
CA ASN K 332 -17.24 -32.06 -20.48
C ASN K 332 -17.45 -31.79 -19.00
N PHE K 333 -17.12 -30.58 -18.55
CA PHE K 333 -17.35 -30.30 -17.15
C PHE K 333 -18.84 -30.25 -16.87
N LEU K 334 -19.63 -29.78 -17.85
CA LEU K 334 -21.09 -29.80 -17.72
C LEU K 334 -21.60 -31.22 -17.81
N LEU K 335 -21.06 -32.05 -18.70
CA LEU K 335 -21.43 -33.46 -18.74
C LEU K 335 -21.17 -34.14 -17.39
N LEU K 336 -19.98 -33.96 -16.80
CA LEU K 336 -19.74 -34.45 -15.45
C LEU K 336 -20.82 -33.97 -14.51
N GLY K 337 -21.18 -32.69 -14.56
CA GLY K 337 -22.27 -32.18 -13.76
C GLY K 337 -23.53 -33.03 -13.95
N VAL K 338 -23.92 -33.29 -15.20
CA VAL K 338 -25.10 -34.06 -15.50
C VAL K 338 -24.97 -35.48 -14.97
N LEU K 339 -23.79 -36.08 -15.12
CA LEU K 339 -23.64 -37.46 -14.72
C LEU K 339 -23.64 -37.60 -13.21
N GLY K 340 -23.49 -36.46 -12.55
CA GLY K 340 -23.48 -36.42 -11.11
C GLY K 340 -24.89 -36.66 -10.60
N GLN K 341 -25.91 -36.50 -11.44
CA GLN K 341 -27.25 -36.53 -10.90
C GLN K 341 -28.10 -37.63 -11.54
N VAL K 342 -27.53 -38.46 -12.43
CA VAL K 342 -28.24 -39.64 -12.91
C VAL K 342 -28.08 -40.75 -11.89
N HIS K 343 -28.74 -41.89 -12.11
CA HIS K 343 -28.54 -43.00 -11.19
C HIS K 343 -27.25 -43.71 -11.54
N ILE K 344 -26.65 -44.33 -10.53
CA ILE K 344 -25.42 -45.05 -10.75
C ILE K 344 -25.73 -46.36 -11.45
N GLU K 345 -25.82 -46.29 -12.76
CA GLU K 345 -26.33 -47.40 -13.54
C GLU K 345 -25.60 -47.42 -14.87
N PRO K 346 -25.63 -48.55 -15.61
CA PRO K 346 -25.16 -48.51 -17.00
C PRO K 346 -26.11 -47.64 -17.83
N PRO K 347 -25.60 -46.89 -18.81
CA PRO K 347 -24.20 -46.95 -19.20
C PRO K 347 -23.43 -45.77 -18.59
N PHE K 348 -23.99 -45.14 -17.58
CA PHE K 348 -23.43 -43.87 -17.18
C PHE K 348 -22.22 -44.09 -16.30
N ILE K 349 -21.98 -45.33 -15.90
CA ILE K 349 -20.82 -45.56 -15.05
C ILE K 349 -19.57 -45.39 -15.90
N VAL K 350 -19.52 -46.05 -17.06
CA VAL K 350 -18.40 -45.98 -18.00
C VAL K 350 -18.28 -44.55 -18.55
N LEU K 351 -19.43 -43.94 -18.90
CA LEU K 351 -19.43 -42.58 -19.42
C LEU K 351 -18.78 -41.62 -18.43
N GLY K 352 -19.09 -41.79 -17.14
CA GLY K 352 -18.60 -40.88 -16.13
C GLY K 352 -17.09 -41.00 -15.99
N GLN K 353 -16.59 -42.20 -16.26
CA GLN K 353 -15.17 -42.47 -16.18
C GLN K 353 -14.48 -41.84 -17.38
N ILE K 354 -15.08 -41.96 -18.55
CA ILE K 354 -14.50 -41.35 -19.73
C ILE K 354 -14.45 -39.84 -19.54
N CYS K 355 -15.55 -39.23 -19.09
CA CYS K 355 -15.55 -37.80 -18.80
C CYS K 355 -14.51 -37.40 -17.75
N THR K 356 -14.28 -38.27 -16.77
CA THR K 356 -13.28 -37.96 -15.76
C THR K 356 -11.89 -37.96 -16.39
N ILE K 357 -11.60 -38.94 -17.24
CA ILE K 357 -10.32 -38.98 -17.90
C ILE K 357 -10.17 -37.77 -18.80
N PHE K 358 -11.23 -37.38 -19.52
CA PHE K 358 -11.11 -36.24 -20.40
C PHE K 358 -10.85 -34.99 -19.58
N TYR K 359 -11.48 -34.89 -18.41
CA TYR K 359 -11.28 -33.70 -17.59
C TYR K 359 -9.81 -33.53 -17.26
N PHE K 360 -9.16 -34.61 -16.84
CA PHE K 360 -7.79 -34.53 -16.40
C PHE K 360 -6.84 -34.41 -17.59
N SER K 361 -7.22 -35.01 -18.71
CA SER K 361 -6.33 -35.01 -19.88
C SER K 361 -6.26 -33.62 -20.51
N TYR K 362 -7.28 -32.80 -20.29
CA TYR K 362 -7.17 -31.41 -20.71
C TYR K 362 -5.95 -30.75 -20.06
N PHE K 363 -5.78 -30.89 -18.75
CA PHE K 363 -4.65 -30.24 -18.11
C PHE K 363 -3.34 -30.94 -18.40
N LEU K 364 -3.37 -32.26 -18.57
CA LEU K 364 -2.13 -32.97 -18.51
C LEU K 364 -1.57 -33.24 -19.89
N ILE K 365 -2.44 -33.26 -20.89
CA ILE K 365 -2.01 -33.74 -22.20
C ILE K 365 -2.37 -32.68 -23.22
N LEU K 366 -3.67 -32.38 -23.31
CA LEU K 366 -4.19 -31.68 -24.47
C LEU K 366 -3.73 -30.24 -24.44
N LEU K 367 -3.88 -29.57 -23.30
CA LEU K 367 -3.51 -28.18 -23.23
C LEU K 367 -2.02 -28.01 -23.54
N PRO K 368 -1.12 -28.75 -22.89
CA PRO K 368 0.29 -28.66 -23.25
C PRO K 368 0.54 -28.93 -24.73
N MET K 369 -0.20 -29.88 -25.33
CA MET K 369 0.11 -30.22 -26.70
C MET K 369 -0.42 -29.16 -27.66
N VAL K 370 -1.66 -28.75 -27.44
CA VAL K 370 -2.32 -27.84 -28.34
C VAL K 370 -1.61 -26.51 -28.27
N SER K 371 -1.22 -26.11 -27.05
CA SER K 371 -0.62 -24.81 -26.90
C SER K 371 0.74 -24.76 -27.57
N THR K 372 1.47 -25.88 -27.55
CA THR K 372 2.73 -26.02 -28.26
C THR K 372 2.56 -25.89 -29.77
N ILE K 373 1.60 -26.64 -30.31
CA ILE K 373 1.30 -26.62 -31.73
C ILE K 373 0.82 -25.26 -32.19
N GLU K 374 0.01 -24.58 -31.38
CA GLU K 374 -0.45 -23.30 -31.87
C GLU K 374 0.65 -22.26 -31.86
N ASN K 375 1.60 -22.38 -30.93
CA ASN K 375 2.76 -21.50 -30.96
C ASN K 375 3.39 -21.61 -32.34
N ILE K 376 3.57 -22.84 -32.80
CA ILE K 376 4.29 -23.08 -34.03
C ILE K 376 3.45 -22.58 -35.20
N PHE K 377 2.13 -22.78 -35.11
CA PHE K 377 1.28 -22.33 -36.19
C PHE K 377 1.27 -20.81 -36.29
N PHE K 378 1.39 -20.10 -35.17
CA PHE K 378 1.43 -18.65 -35.28
C PHE K 378 2.69 -18.18 -35.98
N TYR K 379 3.79 -18.85 -35.68
CA TYR K 379 5.05 -18.40 -36.20
C TYR K 379 5.15 -18.75 -37.67
N ILE K 380 4.82 -20.00 -38.01
CA ILE K 380 4.90 -20.42 -39.39
C ILE K 380 3.85 -19.70 -40.22
N GLY K 381 2.68 -19.56 -39.62
CA GLY K 381 1.54 -19.04 -40.35
C GLY K 381 1.69 -17.56 -40.67
N SER K 382 2.56 -16.87 -39.94
CA SER K 382 2.63 -15.45 -40.20
C SER K 382 3.88 -15.08 -41.00
N LEU K 383 4.81 -16.03 -41.19
CA LEU K 383 6.02 -15.73 -41.94
C LEU K 383 5.65 -15.17 -43.33
N GLY L 39 34.87 12.57 21.11
CA GLY L 39 34.90 14.07 21.11
C GLY L 39 35.29 14.68 19.76
N LYS L 40 36.31 14.08 19.12
CA LYS L 40 36.81 14.53 17.82
C LYS L 40 37.20 13.40 16.89
N SER L 41 38.20 12.58 17.24
CA SER L 41 38.64 11.59 16.25
C SER L 41 37.61 10.48 16.07
N THR L 42 37.25 10.15 14.83
CA THR L 42 36.31 9.06 14.66
C THR L 42 37.01 7.70 14.57
N TYR L 43 38.34 7.70 14.64
CA TYR L 43 39.07 6.45 14.60
C TYR L 43 39.36 5.98 16.00
N LYS L 44 39.11 6.84 16.98
CA LYS L 44 39.23 6.37 18.35
C LYS L 44 37.86 5.85 18.75
N ILE L 45 37.64 4.54 18.59
CA ILE L 45 36.35 3.97 18.91
C ILE L 45 36.06 4.25 20.37
N PRO L 46 34.85 4.70 20.74
CA PRO L 46 34.50 4.92 22.14
C PRO L 46 34.80 3.70 22.99
N ASP L 47 34.92 3.92 24.31
CA ASP L 47 35.30 2.86 25.21
C ASP L 47 34.15 1.85 25.33
N PHE L 48 34.45 0.60 24.94
CA PHE L 48 33.47 -0.46 25.02
C PHE L 48 33.87 -1.53 26.02
N THR L 49 34.94 -1.31 26.79
CA THR L 49 35.51 -2.33 27.64
C THR L 49 34.51 -2.79 28.70
N PRO L 50 33.68 -1.91 29.29
CA PRO L 50 32.61 -2.34 30.19
C PRO L 50 31.62 -3.38 29.66
N TYR L 51 31.59 -3.58 28.33
CA TYR L 51 30.59 -4.46 27.73
C TYR L 51 31.21 -5.62 26.97
N LEU L 52 32.42 -5.42 26.45
CA LEU L 52 33.07 -6.39 25.57
C LEU L 52 33.43 -7.65 26.34
N LYS L 53 33.09 -8.81 25.77
CA LYS L 53 33.50 -10.09 26.30
C LYS L 53 34.90 -10.38 25.80
N LYS L 54 35.75 -10.91 26.68
CA LYS L 54 37.11 -11.21 26.25
C LYS L 54 37.04 -12.38 25.27
N ASP L 55 36.24 -13.41 25.59
CA ASP L 55 36.12 -14.59 24.74
C ASP L 55 34.90 -14.35 23.86
N ARG L 56 35.04 -13.51 22.84
CA ARG L 56 33.86 -13.17 22.08
C ARG L 56 33.86 -13.99 20.80
N ASN L 57 35.05 -14.49 20.43
CA ASN L 57 35.20 -15.16 19.18
C ASN L 57 35.30 -16.67 19.36
N THR L 58 35.13 -17.13 20.60
CA THR L 58 35.13 -18.57 20.83
C THR L 58 33.80 -19.20 20.41
N ASP L 59 33.86 -20.48 20.06
CA ASP L 59 32.64 -21.23 19.80
C ASP L 59 31.83 -21.41 21.07
N ALA L 60 32.51 -21.51 22.21
CA ALA L 60 31.83 -21.59 23.49
C ALA L 60 30.97 -20.35 23.70
N ASN L 61 31.42 -19.20 23.21
CA ASN L 61 30.66 -17.98 23.41
C ASN L 61 29.40 -17.95 22.58
N ARG L 62 29.50 -18.32 21.29
CA ARG L 62 28.30 -18.35 20.45
C ARG L 62 27.33 -19.38 21.02
N LEU L 63 27.90 -20.53 21.41
CA LEU L 63 27.11 -21.67 21.79
C LEU L 63 26.27 -21.32 23.01
N PHE L 64 26.81 -20.50 23.90
CA PHE L 64 26.02 -20.17 25.07
C PHE L 64 24.76 -19.40 24.68
N SER L 65 24.92 -18.41 23.80
CA SER L 65 23.77 -17.64 23.37
C SER L 65 22.77 -18.53 22.65
N TYR L 66 23.26 -19.48 21.86
CA TYR L 66 22.35 -20.35 21.13
C TYR L 66 21.69 -21.35 22.05
N PHE L 67 22.32 -21.61 23.19
CA PHE L 67 21.73 -22.50 24.17
C PHE L 67 20.50 -21.81 24.75
N MET L 68 20.64 -20.51 24.98
CA MET L 68 19.51 -19.72 25.47
C MET L 68 18.38 -19.66 24.44
N ILE L 69 18.74 -19.34 23.20
CA ILE L 69 17.74 -19.26 22.14
C ILE L 69 17.12 -20.62 21.89
N GLY L 70 17.93 -21.68 21.91
CA GLY L 70 17.44 -23.04 21.76
C GLY L 70 16.57 -23.50 22.93
N SER L 71 16.91 -23.13 24.16
CA SER L 71 16.08 -23.46 25.30
C SER L 71 14.73 -22.78 25.17
N PHE L 72 14.76 -21.55 24.67
CA PHE L 72 13.54 -20.80 24.52
C PHE L 72 12.71 -21.42 23.41
N GLY L 73 13.37 -21.91 22.38
CA GLY L 73 12.70 -22.65 21.33
C GLY L 73 12.17 -23.98 21.86
N MET L 74 12.87 -24.57 22.83
CA MET L 74 12.47 -25.87 23.32
C MET L 74 11.23 -25.73 24.19
N LEU L 75 11.22 -24.72 25.06
CA LEU L 75 10.05 -24.49 25.90
C LEU L 75 8.89 -23.97 25.07
N SER L 76 9.16 -23.21 24.01
CA SER L 76 8.10 -22.76 23.12
C SER L 76 7.51 -23.97 22.40
N ALA L 77 8.36 -24.90 22.00
CA ALA L 77 7.87 -26.07 21.30
C ALA L 77 7.09 -26.97 22.26
N ALA L 78 7.56 -27.14 23.50
CA ALA L 78 6.85 -27.97 24.46
C ALA L 78 5.53 -27.32 24.81
N GLY L 79 5.57 -26.01 25.01
CA GLY L 79 4.40 -25.19 25.30
C GLY L 79 3.38 -25.18 24.16
N ALA L 80 3.84 -25.06 22.91
CA ALA L 80 2.99 -25.05 21.73
C ALA L 80 2.28 -26.38 21.61
N LYS L 81 3.08 -27.43 21.73
CA LYS L 81 2.49 -28.74 21.57
C LYS L 81 1.45 -28.95 22.66
N ALA L 82 1.75 -28.60 23.91
CA ALA L 82 0.82 -28.80 25.00
C ALA L 82 -0.43 -27.95 24.80
N THR L 83 -0.24 -26.74 24.30
CA THR L 83 -1.37 -25.83 24.12
C THR L 83 -2.26 -26.39 23.03
N VAL L 84 -1.67 -26.74 21.89
CA VAL L 84 -2.47 -27.21 20.78
C VAL L 84 -3.13 -28.52 21.14
N GLN L 85 -2.42 -29.41 21.81
CA GLN L 85 -2.98 -30.70 22.12
C GLN L 85 -4.17 -30.51 23.05
N ASP L 86 -4.00 -29.71 24.10
CA ASP L 86 -5.06 -29.62 25.09
C ASP L 86 -6.23 -28.87 24.48
N PHE L 87 -5.90 -27.79 23.78
CA PHE L 87 -6.91 -26.93 23.22
C PHE L 87 -7.72 -27.66 22.17
N LEU L 88 -7.09 -28.38 21.24
CA LEU L 88 -7.84 -28.99 20.16
C LEU L 88 -8.62 -30.18 20.66
N SER L 89 -8.23 -30.71 21.82
CA SER L 89 -8.95 -31.86 22.31
C SER L 89 -10.40 -31.50 22.60
N ASN L 90 -10.72 -30.20 22.69
CA ASN L 90 -12.11 -29.82 22.96
C ASN L 90 -13.00 -30.37 21.85
N MET L 91 -12.44 -30.62 20.69
CA MET L 91 -13.27 -30.98 19.57
C MET L 91 -13.52 -32.49 19.54
N SER L 92 -12.67 -33.27 20.23
CA SER L 92 -12.84 -34.69 20.38
C SER L 92 -14.09 -34.97 21.19
N ALA L 93 -14.65 -36.18 21.08
CA ALA L 93 -15.95 -36.46 21.69
C ALA L 93 -15.94 -36.09 23.17
N SER L 94 -16.93 -35.30 23.56
CA SER L 94 -17.06 -34.89 24.94
C SER L 94 -17.52 -36.05 25.81
N ALA L 95 -17.39 -35.86 27.12
CA ALA L 95 -17.63 -36.91 28.09
C ALA L 95 -19.06 -37.42 27.98
N ASP L 96 -19.99 -36.50 27.67
CA ASP L 96 -21.38 -36.87 27.64
C ASP L 96 -21.66 -37.73 26.41
N VAL L 97 -20.90 -37.50 25.34
CA VAL L 97 -21.10 -38.23 24.11
C VAL L 97 -20.52 -39.61 24.31
N LEU L 98 -19.32 -39.69 24.88
CA LEU L 98 -18.71 -40.98 25.10
C LEU L 98 -19.56 -41.73 26.13
N ALA L 99 -20.59 -42.46 25.73
CA ALA L 99 -21.47 -43.20 26.61
C ALA L 99 -21.98 -44.36 25.79
N MET L 100 -21.64 -45.53 26.31
CA MET L 100 -21.76 -46.75 25.53
C MET L 100 -23.14 -47.37 25.74
N ALA L 101 -23.54 -48.11 24.72
CA ALA L 101 -24.93 -48.44 24.49
C ALA L 101 -25.31 -49.76 25.13
N LYS L 102 -24.60 -50.83 24.74
CA LYS L 102 -25.00 -52.19 25.08
C LYS L 102 -26.47 -52.44 24.71
N VAL L 103 -26.81 -52.31 23.42
CA VAL L 103 -28.20 -52.47 23.01
C VAL L 103 -28.57 -53.94 22.85
N GLU L 104 -29.69 -54.29 23.49
CA GLU L 104 -30.26 -55.62 23.41
C GLU L 104 -31.44 -55.59 22.44
N VAL L 105 -31.50 -56.59 21.56
CA VAL L 105 -32.59 -56.72 20.59
C VAL L 105 -33.15 -58.13 20.61
N LYS L 106 -34.49 -58.23 20.49
CA LYS L 106 -35.19 -59.50 20.36
C LYS L 106 -34.99 -60.03 18.94
N LEU L 107 -35.37 -61.29 18.71
CA LEU L 107 -35.25 -61.87 17.39
C LEU L 107 -36.50 -62.63 16.98
N GLY L 108 -37.44 -62.80 17.92
CA GLY L 108 -38.69 -63.48 17.65
C GLY L 108 -39.55 -62.71 16.64
N ALA L 109 -39.43 -61.37 16.70
CA ALA L 109 -40.19 -60.39 15.94
C ALA L 109 -39.87 -60.48 14.45
N ILE L 110 -38.60 -60.79 14.17
CA ILE L 110 -38.00 -60.64 12.85
C ILE L 110 -38.35 -61.87 12.01
N PRO L 111 -39.11 -61.70 10.91
CA PRO L 111 -39.50 -62.82 10.05
C PRO L 111 -38.34 -63.22 9.13
N LEU L 112 -38.45 -64.39 8.49
CA LEU L 112 -37.46 -64.82 7.54
C LEU L 112 -37.45 -63.90 6.32
N GLY L 113 -36.24 -63.60 5.82
CA GLY L 113 -36.03 -62.81 4.61
C GLY L 113 -36.26 -61.32 4.87
N LYS L 114 -35.84 -60.87 6.04
CA LYS L 114 -36.03 -59.47 6.39
C LYS L 114 -34.75 -58.95 7.01
N ASN L 115 -34.57 -57.62 6.92
CA ASN L 115 -33.49 -56.91 7.57
C ASN L 115 -34.07 -55.80 8.46
N VAL L 116 -33.65 -55.79 9.73
CA VAL L 116 -33.99 -54.73 10.66
C VAL L 116 -32.85 -53.71 10.70
N ILE L 117 -33.11 -52.57 11.36
CA ILE L 117 -32.14 -51.53 11.61
C ILE L 117 -32.28 -51.11 13.07
N ILE L 118 -31.27 -51.44 13.85
CA ILE L 118 -31.25 -51.12 15.27
C ILE L 118 -30.27 -49.98 15.48
N LYS L 119 -30.67 -48.88 16.11
CA LYS L 119 -29.64 -47.88 16.35
C LYS L 119 -28.76 -48.30 17.53
N TRP L 120 -27.48 -48.10 17.36
CA TRP L 120 -26.53 -48.48 18.36
C TRP L 120 -25.41 -47.50 18.18
N ARG L 121 -25.24 -46.59 19.13
CA ARG L 121 -24.17 -45.60 19.03
C ARG L 121 -24.41 -44.72 17.80
N GLY L 122 -25.69 -44.42 17.55
CA GLY L 122 -26.16 -43.60 16.45
C GLY L 122 -25.99 -44.26 15.07
N LYS L 123 -25.02 -45.15 14.95
CA LYS L 123 -24.84 -45.94 13.74
C LYS L 123 -25.96 -46.97 13.68
N PRO L 124 -26.52 -47.25 12.50
CA PRO L 124 -27.49 -48.32 12.35
C PRO L 124 -26.85 -49.70 12.30
N ILE L 125 -27.56 -50.67 12.86
CA ILE L 125 -27.19 -52.06 12.83
C ILE L 125 -28.21 -52.79 11.96
N PHE L 126 -27.74 -53.36 10.86
CA PHE L 126 -28.59 -54.20 10.05
C PHE L 126 -28.62 -55.60 10.66
N ILE L 127 -29.83 -56.05 10.98
CA ILE L 127 -30.01 -57.43 11.36
C ILE L 127 -30.92 -58.09 10.35
N ARG L 128 -30.35 -59.05 9.63
CA ARG L 128 -31.09 -59.78 8.64
C ARG L 128 -31.32 -61.21 9.14
N HIS L 129 -32.58 -61.67 9.03
CA HIS L 129 -32.92 -63.06 9.30
C HIS L 129 -32.85 -63.83 7.98
N ARG L 130 -31.65 -64.35 7.69
CA ARG L 130 -31.34 -64.92 6.39
C ARG L 130 -32.00 -66.30 6.27
N THR L 131 -32.55 -66.56 5.08
CA THR L 131 -33.10 -67.87 4.74
C THR L 131 -31.97 -68.83 4.39
N SER L 132 -32.31 -70.11 4.33
CA SER L 132 -31.35 -71.16 4.00
C SER L 132 -30.67 -70.88 2.66
N GLU L 133 -31.45 -70.50 1.62
CA GLU L 133 -30.94 -70.35 0.27
C GLU L 133 -30.12 -69.07 0.12
N GLU L 134 -30.36 -68.09 1.00
CA GLU L 134 -29.57 -66.86 1.07
C GLU L 134 -28.16 -67.19 1.55
N ILE L 135 -28.06 -68.02 2.60
CA ILE L 135 -26.82 -68.47 3.21
C ILE L 135 -26.02 -69.23 2.15
N GLU L 136 -26.72 -70.07 1.37
CA GLU L 136 -26.12 -70.85 0.32
C GLU L 136 -25.50 -69.92 -0.72
N GLU L 137 -26.26 -68.88 -1.12
CA GLU L 137 -25.85 -67.92 -2.13
C GLU L 137 -24.56 -67.23 -1.70
N ALA L 138 -24.44 -66.98 -0.39
CA ALA L 138 -23.32 -66.27 0.21
C ALA L 138 -22.09 -67.16 0.24
N ASN L 139 -22.30 -68.46 0.43
CA ASN L 139 -21.18 -69.38 0.62
C ASN L 139 -20.53 -69.75 -0.72
N GLU L 140 -21.04 -69.18 -1.82
CA GLU L 140 -20.71 -69.61 -3.17
C GLU L 140 -19.48 -68.86 -3.69
N VAL L 141 -19.55 -67.53 -3.68
CA VAL L 141 -18.53 -66.66 -4.25
C VAL L 141 -17.16 -67.17 -3.78
N ASN L 142 -16.23 -67.40 -4.73
CA ASN L 142 -14.87 -67.73 -4.36
C ASN L 142 -14.27 -66.55 -3.61
N VAL L 143 -13.73 -66.83 -2.42
CA VAL L 143 -13.22 -65.82 -1.53
C VAL L 143 -12.08 -65.07 -2.21
N ALA L 144 -11.37 -65.75 -3.12
CA ALA L 144 -10.26 -65.20 -3.86
C ALA L 144 -10.63 -63.84 -4.48
N THR L 145 -11.78 -63.77 -5.16
CA THR L 145 -12.19 -62.57 -5.88
C THR L 145 -13.12 -61.72 -5.01
N LEU L 146 -12.54 -61.00 -4.04
CA LEU L 146 -13.26 -60.21 -3.06
C LEU L 146 -12.30 -59.16 -2.53
N ARG L 147 -12.61 -57.88 -2.78
CA ARG L 147 -11.76 -56.81 -2.29
C ARG L 147 -11.31 -57.14 -0.87
N ASP L 148 -12.29 -57.43 0.01
CA ASP L 148 -12.06 -57.81 1.39
C ASP L 148 -12.39 -59.30 1.52
N PRO L 149 -11.40 -60.22 1.42
CA PRO L 149 -11.68 -61.65 1.37
C PRO L 149 -12.04 -62.20 2.75
N GLN L 150 -13.31 -62.60 2.86
CA GLN L 150 -13.85 -63.18 4.08
C GLN L 150 -14.99 -64.09 3.64
N THR L 151 -15.21 -65.18 4.39
CA THR L 151 -16.36 -66.04 4.17
C THR L 151 -17.39 -65.75 5.24
N ASP L 152 -18.66 -66.12 4.97
CA ASP L 152 -19.78 -65.78 5.83
C ASP L 152 -19.55 -66.27 7.26
N ASP L 153 -18.83 -67.39 7.35
CA ASP L 153 -18.52 -68.09 8.58
C ASP L 153 -17.69 -67.19 9.51
N GLU L 154 -16.84 -66.36 8.90
CA GLU L 154 -15.98 -65.44 9.63
C GLU L 154 -16.81 -64.28 10.14
N ARG L 155 -17.86 -63.90 9.37
CA ARG L 155 -18.66 -62.72 9.60
C ARG L 155 -19.71 -63.00 10.67
N VAL L 156 -20.58 -63.99 10.42
CA VAL L 156 -21.62 -64.31 11.39
C VAL L 156 -21.11 -65.37 12.36
N GLN L 157 -21.65 -65.31 13.58
CA GLN L 157 -21.38 -66.36 14.55
C GLN L 157 -22.55 -67.34 14.57
N LYS L 158 -23.63 -66.96 13.87
CA LYS L 158 -24.80 -67.80 13.70
C LYS L 158 -25.35 -67.55 12.31
N PRO L 159 -25.34 -68.55 11.40
CA PRO L 159 -25.68 -68.32 9.99
C PRO L 159 -27.02 -67.66 9.70
N GLU L 160 -27.91 -67.61 10.71
CA GLU L 160 -29.27 -67.15 10.52
C GLU L 160 -29.38 -65.72 11.01
N TRP L 161 -28.28 -65.18 11.55
CA TRP L 161 -28.29 -63.82 12.04
C TRP L 161 -27.11 -63.01 11.51
N LEU L 162 -27.29 -62.42 10.31
CA LEU L 162 -26.32 -61.46 9.83
C LEU L 162 -26.47 -60.17 10.62
N VAL L 163 -25.47 -59.92 11.47
CA VAL L 163 -25.45 -58.69 12.22
C VAL L 163 -24.28 -57.85 11.72
N MET L 164 -24.58 -56.63 11.24
CA MET L 164 -23.55 -55.74 10.73
C MET L 164 -23.83 -54.32 11.17
N ILE L 165 -22.74 -53.55 11.26
CA ILE L 165 -22.83 -52.11 11.36
C ILE L 165 -23.11 -51.61 9.96
N GLY L 166 -24.34 -51.12 9.81
CA GLY L 166 -24.93 -50.90 8.50
C GLY L 166 -24.48 -49.56 7.93
N VAL L 167 -23.21 -49.24 8.10
CA VAL L 167 -22.69 -48.03 7.54
C VAL L 167 -21.73 -48.47 6.46
N CYS L 168 -21.90 -47.85 5.31
CA CYS L 168 -21.14 -48.23 4.13
C CYS L 168 -19.70 -47.84 4.36
N THR L 169 -18.83 -48.76 4.00
CA THR L 169 -17.45 -48.64 4.37
C THR L 169 -16.75 -47.64 3.46
N HIS L 170 -17.44 -47.15 2.42
CA HIS L 170 -16.84 -46.14 1.57
C HIS L 170 -16.76 -44.79 2.29
N LEU L 171 -17.88 -44.08 2.33
CA LEU L 171 -17.84 -42.76 2.92
C LEU L 171 -18.85 -42.61 4.03
N GLY L 172 -19.86 -43.48 4.10
CA GLY L 172 -20.45 -43.68 5.39
C GLY L 172 -21.95 -43.49 5.32
N CYS L 173 -22.52 -43.76 4.15
CA CYS L 173 -23.96 -43.73 4.10
C CYS L 173 -24.50 -45.05 4.61
N VAL L 174 -25.82 -45.19 4.71
CA VAL L 174 -26.32 -46.50 5.11
C VAL L 174 -26.93 -47.15 3.90
N PRO L 175 -26.43 -48.32 3.49
CA PRO L 175 -26.88 -48.91 2.23
C PRO L 175 -28.34 -49.30 2.35
N ILE L 176 -29.04 -49.21 1.24
CA ILE L 176 -30.43 -49.60 1.16
C ILE L 176 -30.38 -51.10 0.94
N GLY L 177 -30.99 -51.85 1.87
CA GLY L 177 -31.01 -53.29 1.76
C GLY L 177 -31.94 -53.81 0.66
N GLU L 178 -31.73 -55.09 0.31
CA GLU L 178 -32.52 -55.82 -0.67
C GLU L 178 -32.23 -55.32 -2.09
N ALA L 179 -31.92 -54.03 -2.23
CA ALA L 179 -31.35 -53.53 -3.48
C ALA L 179 -29.89 -53.96 -3.64
N GLY L 180 -29.31 -53.63 -4.80
CA GLY L 180 -27.95 -53.99 -5.12
C GLY L 180 -27.87 -54.64 -6.49
N ASP L 181 -26.93 -55.58 -6.65
CA ASP L 181 -26.71 -56.30 -7.89
C ASP L 181 -26.19 -57.65 -7.47
N PHE L 182 -25.99 -57.73 -6.16
CA PHE L 182 -25.55 -58.94 -5.52
C PHE L 182 -26.61 -59.22 -4.47
N GLY L 183 -27.77 -58.61 -4.74
CA GLY L 183 -28.99 -58.55 -3.96
C GLY L 183 -28.79 -58.64 -2.45
N GLY L 184 -28.00 -57.72 -1.88
CA GLY L 184 -27.83 -57.63 -0.44
C GLY L 184 -28.19 -56.24 0.02
N TRP L 185 -27.30 -55.32 -0.33
CA TRP L 185 -27.39 -53.95 0.10
C TRP L 185 -26.71 -53.16 -0.97
N PHE L 186 -27.25 -51.97 -1.21
CA PHE L 186 -26.62 -51.10 -2.16
C PHE L 186 -26.53 -49.74 -1.51
N CYS L 187 -25.31 -49.22 -1.46
CA CYS L 187 -25.13 -47.88 -0.95
C CYS L 187 -25.52 -46.93 -2.07
N PRO L 188 -26.50 -46.07 -1.86
CA PRO L 188 -27.01 -45.23 -2.93
C PRO L 188 -26.07 -44.06 -3.13
N CYS L 189 -25.19 -43.79 -2.18
CA CYS L 189 -24.33 -42.63 -2.31
C CYS L 189 -23.31 -42.76 -3.44
N HIS L 190 -22.55 -43.85 -3.50
CA HIS L 190 -21.58 -43.90 -4.59
C HIS L 190 -21.67 -45.24 -5.28
N GLY L 191 -22.75 -45.95 -5.00
CA GLY L 191 -23.05 -47.14 -5.76
C GLY L 191 -22.06 -48.26 -5.46
N SER L 192 -22.03 -48.67 -4.20
CA SER L 192 -21.26 -49.83 -3.83
C SER L 192 -22.22 -50.94 -3.38
N HIS L 193 -21.95 -52.16 -3.84
CA HIS L 193 -22.92 -53.22 -3.66
C HIS L 193 -22.39 -54.18 -2.61
N TYR L 194 -23.21 -54.47 -1.62
CA TYR L 194 -22.84 -55.44 -0.63
C TYR L 194 -23.65 -56.71 -0.87
N ASP L 195 -23.15 -57.82 -0.30
CA ASP L 195 -23.66 -59.15 -0.54
C ASP L 195 -24.61 -59.56 0.56
N ILE L 196 -24.94 -60.85 0.64
CA ILE L 196 -25.85 -61.31 1.65
C ILE L 196 -25.05 -61.64 2.89
N SER L 197 -23.73 -61.62 2.73
CA SER L 197 -22.83 -61.69 3.86
C SER L 197 -22.51 -60.27 4.24
N GLY L 198 -22.95 -59.33 3.38
CA GLY L 198 -22.55 -57.95 3.58
C GLY L 198 -21.08 -57.73 3.22
N ARG L 199 -20.63 -58.50 2.23
CA ARG L 199 -19.30 -58.31 1.67
C ARG L 199 -19.41 -57.39 0.46
N ILE L 200 -18.37 -56.58 0.27
CA ILE L 200 -18.41 -55.62 -0.81
C ILE L 200 -18.08 -56.36 -2.09
N ARG L 201 -18.85 -56.10 -3.15
CA ARG L 201 -18.64 -56.80 -4.41
C ARG L 201 -18.34 -55.79 -5.51
N ARG L 202 -19.11 -54.71 -5.56
CA ARG L 202 -18.85 -53.74 -6.61
C ARG L 202 -18.96 -52.36 -6.02
N GLY L 203 -18.13 -51.43 -6.54
CA GLY L 203 -18.23 -50.04 -6.13
C GLY L 203 -17.10 -49.61 -5.21
N PRO L 204 -17.02 -48.34 -4.79
CA PRO L 204 -15.80 -47.79 -4.23
C PRO L 204 -15.47 -48.29 -2.84
N ALA L 205 -16.44 -48.87 -2.14
CA ALA L 205 -16.25 -49.23 -0.75
C ALA L 205 -15.12 -50.25 -0.66
N PRO L 206 -14.17 -50.04 0.27
CA PRO L 206 -12.98 -50.86 0.32
C PRO L 206 -13.13 -52.11 1.18
N LEU L 207 -13.93 -51.99 2.23
CA LEU L 207 -14.09 -53.08 3.18
C LEU L 207 -15.52 -53.63 3.19
N ASN L 208 -15.68 -54.81 3.79
CA ASN L 208 -17.01 -55.36 3.94
C ASN L 208 -17.63 -54.69 5.15
N LEU L 209 -18.98 -54.67 5.20
CA LEU L 209 -19.70 -54.00 6.28
C LEU L 209 -19.24 -54.56 7.62
N GLU L 210 -18.70 -53.70 8.49
CA GLU L 210 -18.15 -54.08 9.79
C GLU L 210 -19.15 -54.88 10.63
N ILE L 211 -18.62 -55.79 11.43
CA ILE L 211 -19.46 -56.59 12.30
C ILE L 211 -19.21 -56.09 13.69
N PRO L 212 -20.26 -55.77 14.45
CA PRO L 212 -20.02 -55.27 15.80
C PRO L 212 -19.66 -56.45 16.69
N GLU L 213 -19.33 -56.15 17.95
CA GLU L 213 -19.20 -57.17 18.97
C GLU L 213 -20.58 -57.51 19.51
N TYR L 214 -21.07 -58.67 19.06
CA TYR L 214 -22.40 -59.08 19.46
C TYR L 214 -22.34 -60.49 20.00
N ASP L 215 -23.18 -60.74 21.01
CA ASP L 215 -23.26 -62.02 21.67
C ASP L 215 -24.73 -62.40 21.79
N PHE L 216 -25.02 -63.68 21.52
CA PHE L 216 -26.33 -64.24 21.79
C PHE L 216 -26.40 -64.67 23.26
N ALA L 217 -26.99 -63.80 24.10
CA ALA L 217 -27.25 -64.05 25.51
C ALA L 217 -28.26 -65.20 25.65
N ASP L 218 -29.40 -65.04 24.98
CA ASP L 218 -30.37 -66.09 24.72
C ASP L 218 -30.30 -66.41 23.23
N ALA L 219 -31.07 -67.40 22.79
CA ALA L 219 -31.12 -67.73 21.37
C ALA L 219 -32.12 -66.83 20.64
N GLU L 220 -32.81 -65.98 21.41
CA GLU L 220 -33.89 -65.16 20.89
C GLU L 220 -33.58 -63.67 21.11
N THR L 221 -32.45 -63.40 21.78
CA THR L 221 -31.99 -62.04 22.02
C THR L 221 -30.48 -61.96 21.90
N LEU L 222 -30.02 -60.94 21.17
CA LEU L 222 -28.61 -60.60 21.12
C LEU L 222 -28.38 -59.20 21.68
N VAL L 223 -27.22 -59.03 22.32
CA VAL L 223 -26.73 -57.76 22.82
C VAL L 223 -25.60 -57.29 21.90
N ILE L 224 -25.45 -55.97 21.73
CA ILE L 224 -24.43 -55.43 20.83
C ILE L 224 -23.46 -54.54 21.63
N ALA M 2 6.15 -21.03 -22.52
CA ALA M 2 7.26 -21.48 -23.45
C ALA M 2 8.02 -20.29 -24.02
N SER M 3 9.29 -20.53 -24.37
CA SER M 3 10.14 -19.45 -24.83
C SER M 3 9.98 -19.24 -26.33
N ILE M 4 10.20 -18.01 -26.77
CA ILE M 4 10.11 -17.75 -28.20
C ILE M 4 11.19 -18.55 -28.92
N THR M 5 12.36 -18.71 -28.28
CA THR M 5 13.44 -19.47 -28.87
C THR M 5 12.95 -20.86 -29.24
N SER M 6 12.26 -21.51 -28.29
CA SER M 6 11.73 -22.85 -28.50
C SER M 6 10.87 -22.88 -29.75
N VAL M 7 10.00 -21.89 -29.85
CA VAL M 7 8.98 -21.85 -30.89
C VAL M 7 9.68 -21.61 -32.21
N VAL M 8 10.70 -20.77 -32.20
CA VAL M 8 11.36 -20.43 -33.44
C VAL M 8 12.21 -21.60 -33.90
N LYS M 9 12.89 -22.29 -33.00
CA LYS M 9 13.73 -23.39 -33.46
C LYS M 9 12.88 -24.52 -34.02
N THR M 10 11.78 -24.80 -33.32
CA THR M 10 10.89 -25.87 -33.74
C THR M 10 10.29 -25.54 -35.10
N SER M 11 9.89 -24.29 -35.29
CA SER M 11 9.38 -23.86 -36.59
C SER M 11 10.42 -24.05 -37.68
N GLU M 12 11.70 -23.80 -37.36
CA GLU M 12 12.74 -23.96 -38.35
C GLU M 12 12.96 -25.42 -38.71
N LEU M 13 12.82 -26.33 -37.73
CA LEU M 13 12.89 -27.77 -37.99
C LEU M 13 11.81 -28.18 -38.97
N ILE M 14 10.63 -27.59 -38.83
CA ILE M 14 9.53 -27.92 -39.70
C ILE M 14 9.77 -27.37 -41.10
N LEU M 15 10.22 -26.12 -41.17
CA LEU M 15 10.42 -25.53 -42.49
C LEU M 15 11.56 -26.18 -43.27
N LYS M 16 12.51 -26.84 -42.58
CA LYS M 16 13.60 -27.58 -43.21
C LYS M 16 13.06 -28.83 -43.92
N SER M 17 12.36 -29.69 -43.17
CA SER M 17 11.84 -30.97 -43.67
C SER M 17 10.83 -30.70 -44.77
N PRO M 18 11.07 -31.18 -46.02
CA PRO M 18 10.19 -30.90 -47.14
C PRO M 18 8.77 -31.40 -46.89
N LEU M 19 8.66 -32.67 -46.48
CA LEU M 19 7.41 -33.34 -46.14
C LEU M 19 6.64 -32.50 -45.11
N LEU M 20 7.32 -32.15 -44.01
CA LEU M 20 6.70 -31.44 -42.91
C LEU M 20 6.18 -30.09 -43.38
N SER M 21 7.02 -29.33 -44.08
CA SER M 21 6.59 -28.01 -44.53
C SER M 21 5.40 -28.14 -45.48
N LYS M 22 5.41 -29.18 -46.34
CA LYS M 22 4.36 -29.37 -47.33
C LYS M 22 2.99 -29.53 -46.65
N ILE M 23 2.98 -30.09 -45.45
CA ILE M 23 1.70 -30.37 -44.77
C ILE M 23 1.41 -29.32 -43.70
N VAL M 24 2.46 -28.66 -43.16
CA VAL M 24 2.29 -27.79 -42.00
C VAL M 24 2.09 -26.34 -42.44
N VAL M 25 2.87 -25.88 -43.42
CA VAL M 25 2.77 -24.50 -43.85
C VAL M 25 1.34 -24.15 -44.26
N PRO M 26 0.62 -24.97 -45.08
CA PRO M 26 -0.77 -24.65 -45.40
C PRO M 26 -1.70 -24.66 -44.20
N LEU M 27 -1.47 -25.59 -43.25
CA LEU M 27 -2.24 -25.62 -42.01
C LEU M 27 -2.06 -24.32 -41.24
N ALA M 28 -0.80 -23.89 -41.15
CA ALA M 28 -0.50 -22.76 -40.29
C ALA M 28 -1.06 -21.50 -40.92
N LYS M 29 -1.07 -21.44 -42.25
CA LYS M 29 -1.60 -20.25 -42.91
C LYS M 29 -3.11 -20.18 -42.71
N THR M 30 -3.76 -21.34 -42.73
CA THR M 30 -5.19 -21.31 -42.48
C THR M 30 -5.47 -20.94 -41.04
N TYR M 31 -4.74 -21.56 -40.12
CA TYR M 31 -4.85 -21.25 -38.71
C TYR M 31 -4.74 -19.75 -38.50
N VAL M 32 -3.76 -19.13 -39.14
CA VAL M 32 -3.58 -17.72 -38.91
C VAL M 32 -4.76 -16.91 -39.47
N LYS M 33 -5.34 -17.36 -40.59
CA LYS M 33 -6.48 -16.65 -41.15
C LYS M 33 -7.66 -16.75 -40.18
N PHE M 34 -7.89 -17.95 -39.63
CA PHE M 34 -9.01 -18.13 -38.72
C PHE M 34 -8.74 -17.47 -37.38
N SER M 35 -7.45 -17.33 -37.01
CA SER M 35 -7.11 -16.74 -35.72
C SER M 35 -7.74 -15.38 -35.60
N GLY M 36 -7.56 -14.61 -36.67
CA GLY M 36 -8.32 -13.40 -36.91
C GLY M 36 -7.69 -12.23 -36.17
N TYR M 37 -6.41 -12.38 -35.80
CA TYR M 37 -5.80 -11.24 -35.16
C TYR M 37 -5.57 -10.15 -36.20
N ARG M 38 -5.46 -10.53 -37.46
CA ARG M 38 -5.24 -9.50 -38.47
C ARG M 38 -6.48 -8.62 -38.59
N GLN M 39 -7.64 -9.15 -38.23
CA GLN M 39 -8.87 -8.36 -38.33
C GLN M 39 -8.97 -7.30 -37.24
N LEU M 40 -8.03 -7.28 -36.29
CA LEU M 40 -7.98 -6.16 -35.35
C LEU M 40 -6.74 -5.33 -35.62
N GLY M 41 -6.07 -5.66 -36.72
CA GLY M 41 -4.98 -4.82 -37.18
C GLY M 41 -3.72 -5.13 -36.39
N PHE M 42 -3.66 -6.33 -35.83
CA PHE M 42 -2.46 -6.69 -35.13
C PHE M 42 -1.47 -7.34 -36.08
N LYS M 43 -0.18 -7.21 -35.77
CA LYS M 43 0.79 -8.15 -36.29
C LYS M 43 0.92 -9.30 -35.30
N MET M 44 1.34 -10.47 -35.80
CA MET M 44 1.41 -11.64 -34.93
C MET M 44 2.17 -11.28 -33.68
N ASN M 45 3.25 -10.56 -33.85
CA ASN M 45 4.14 -10.33 -32.73
C ASN M 45 3.51 -9.43 -31.68
N ASP M 46 2.46 -8.67 -32.01
CA ASP M 46 1.80 -7.84 -31.01
C ASP M 46 1.15 -8.69 -29.91
N LEU M 47 0.93 -9.97 -30.21
CA LEU M 47 0.17 -10.81 -29.32
C LEU M 47 1.08 -11.54 -28.37
N ILE M 48 2.40 -11.46 -28.55
CA ILE M 48 3.28 -12.16 -27.62
C ILE M 48 3.21 -11.53 -26.23
N ILE M 49 3.09 -12.39 -25.20
CA ILE M 49 3.03 -12.00 -23.80
C ILE M 49 4.28 -11.18 -23.49
N GLU M 50 4.09 -9.99 -22.95
CA GLU M 50 5.22 -9.11 -22.77
C GLU M 50 5.54 -8.89 -21.29
N GLU M 51 4.68 -9.39 -20.38
CA GLU M 51 4.90 -9.16 -18.97
C GLU M 51 5.85 -10.24 -18.47
N THR M 52 7.11 -10.05 -18.85
CA THR M 52 8.19 -10.95 -18.53
C THR M 52 9.45 -10.09 -18.54
N PRO M 53 10.44 -10.32 -17.66
CA PRO M 53 11.71 -9.60 -17.75
C PRO M 53 12.27 -9.57 -19.18
N ASN M 54 12.28 -10.75 -19.80
CA ASN M 54 12.92 -10.90 -21.10
C ASN M 54 12.20 -10.06 -22.12
N MET M 55 10.87 -10.09 -22.07
CA MET M 55 10.17 -9.41 -23.12
C MET M 55 10.20 -7.90 -22.90
N GLN M 56 10.25 -7.51 -21.63
CA GLN M 56 10.28 -6.10 -21.41
C GLN M 56 11.57 -5.57 -22.00
N LEU M 57 12.64 -6.35 -21.83
CA LEU M 57 13.93 -5.96 -22.35
C LEU M 57 13.90 -5.93 -23.88
N ALA M 58 13.29 -6.94 -24.51
CA ALA M 58 13.19 -6.91 -25.96
C ALA M 58 12.41 -5.69 -26.44
N LEU M 59 11.37 -5.31 -25.71
CA LEU M 59 10.54 -4.24 -26.22
C LEU M 59 11.24 -2.89 -26.09
N ARG M 60 12.10 -2.77 -25.07
CA ARG M 60 12.93 -1.58 -24.90
C ARG M 60 13.98 -1.46 -26.01
N ARG M 61 14.26 -2.56 -26.70
CA ARG M 61 15.27 -2.58 -27.73
C ARG M 61 14.68 -2.21 -29.09
N LEU M 62 13.35 -2.14 -29.17
CA LEU M 62 12.73 -1.82 -30.45
C LEU M 62 13.16 -0.44 -30.92
N PRO M 63 13.41 -0.22 -32.23
CA PRO M 63 13.65 1.13 -32.76
C PRO M 63 12.44 2.00 -32.45
N PRO M 64 12.64 3.30 -32.12
CA PRO M 64 11.54 4.18 -31.75
C PRO M 64 10.36 4.10 -32.70
N THR M 65 10.65 4.06 -33.99
CA THR M 65 9.62 3.96 -35.01
C THR M 65 8.70 2.76 -34.78
N GLU M 66 9.30 1.58 -34.73
CA GLU M 66 8.60 0.33 -34.56
C GLU M 66 7.86 0.32 -33.23
N SER M 67 8.45 0.99 -32.23
CA SER M 67 7.85 0.99 -30.91
C SER M 67 6.61 1.86 -30.93
N TYR M 68 6.70 3.02 -31.59
CA TYR M 68 5.55 3.91 -31.59
C TYR M 68 4.43 3.25 -32.37
N ASP M 69 4.79 2.51 -33.42
CA ASP M 69 3.74 1.96 -34.25
C ASP M 69 3.07 0.85 -33.48
N ARG M 70 3.84 0.13 -32.65
CA ARG M 70 3.28 -0.97 -31.87
C ARG M 70 2.27 -0.39 -30.91
N VAL M 71 2.65 0.70 -30.22
CA VAL M 71 1.72 1.32 -29.30
C VAL M 71 0.45 1.67 -30.05
N TYR M 72 0.58 2.23 -31.24
CA TYR M 72 -0.63 2.62 -31.95
C TYR M 72 -1.45 1.40 -32.28
N ARG M 73 -0.83 0.33 -32.79
CA ARG M 73 -1.67 -0.79 -33.14
C ARG M 73 -2.38 -1.33 -31.92
N LEU M 74 -1.75 -1.27 -30.74
CA LEU M 74 -2.40 -1.86 -29.58
C LEU M 74 -3.52 -0.97 -29.14
N ILE M 75 -3.33 0.35 -29.24
CA ILE M 75 -4.38 1.27 -28.83
C ILE M 75 -5.56 1.09 -29.76
N ARG M 76 -5.27 1.00 -31.04
CA ARG M 76 -6.31 0.91 -32.01
C ARG M 76 -7.03 -0.42 -31.81
N ALA M 77 -6.30 -1.49 -31.53
CA ALA M 77 -6.97 -2.77 -31.38
C ALA M 77 -7.80 -2.77 -30.11
N THR M 78 -7.29 -2.16 -29.05
CA THR M 78 -8.08 -2.07 -27.84
C THR M 78 -9.40 -1.35 -28.12
N GLN M 79 -9.34 -0.33 -28.97
CA GLN M 79 -10.53 0.43 -29.28
C GLN M 79 -11.46 -0.42 -30.11
N PHE M 80 -10.95 -1.23 -31.04
CA PHE M 80 -11.84 -2.09 -31.80
C PHE M 80 -12.50 -3.10 -30.86
N SER M 81 -11.72 -3.61 -29.93
CA SER M 81 -12.21 -4.63 -29.05
C SER M 81 -13.37 -4.08 -28.23
N LEU M 82 -13.19 -2.88 -27.69
CA LEU M 82 -14.22 -2.44 -26.75
C LEU M 82 -15.46 -2.02 -27.51
N SER M 83 -15.31 -1.63 -28.78
CA SER M 83 -16.45 -1.24 -29.58
C SER M 83 -17.14 -2.45 -30.22
N HIS M 84 -16.50 -3.63 -30.13
CA HIS M 84 -16.91 -4.85 -30.77
C HIS M 84 -16.98 -4.67 -32.27
N LYS M 85 -16.06 -3.87 -32.83
CA LYS M 85 -15.94 -3.73 -34.27
C LYS M 85 -14.69 -4.45 -34.73
N LEU M 86 -14.61 -4.69 -36.03
CA LEU M 86 -13.37 -5.19 -36.58
C LEU M 86 -12.71 -4.06 -37.36
N ALA M 87 -11.41 -4.21 -37.65
CA ALA M 87 -10.74 -3.31 -38.56
C ALA M 87 -11.40 -3.35 -39.94
N THR M 88 -11.35 -2.23 -40.65
CA THR M 88 -11.76 -2.24 -42.04
C THR M 88 -10.68 -1.53 -42.85
N GLY M 89 -10.64 -1.85 -44.14
CA GLY M 89 -9.77 -1.13 -45.05
C GLY M 89 -8.29 -1.29 -44.69
N ASN M 90 -7.65 -0.15 -44.43
CA ASN M 90 -6.21 -0.12 -44.27
C ASN M 90 -5.81 -0.60 -42.88
N ASP M 91 -6.79 -0.73 -41.99
CA ASP M 91 -6.50 -1.11 -40.62
C ASP M 91 -6.31 -2.62 -40.55
N ILE M 92 -6.89 -3.35 -41.52
CA ILE M 92 -6.71 -4.79 -41.52
C ILE M 92 -5.26 -5.07 -41.87
N THR M 93 -4.61 -5.97 -41.12
CA THR M 93 -3.24 -6.34 -41.42
C THR M 93 -3.24 -7.25 -42.63
N LYS M 94 -2.59 -6.80 -43.69
CA LYS M 94 -2.42 -7.57 -44.90
C LYS M 94 -1.28 -8.54 -44.62
N PRO M 95 -1.30 -9.76 -45.19
CA PRO M 95 -0.23 -10.74 -44.96
C PRO M 95 1.19 -10.25 -45.14
N GLU M 96 1.39 -9.28 -46.05
CA GLU M 96 2.68 -8.69 -46.38
C GLU M 96 3.17 -7.72 -45.30
N GLU M 97 2.23 -7.22 -44.49
CA GLU M 97 2.58 -6.29 -43.43
C GLU M 97 2.78 -7.07 -42.13
N ASP M 98 2.53 -8.37 -42.11
CA ASP M 98 2.62 -9.09 -40.85
C ASP M 98 4.07 -9.53 -40.63
N ASP M 99 4.93 -8.55 -40.36
CA ASP M 99 6.35 -8.80 -40.22
C ASP M 99 6.67 -9.10 -38.76
N HIS M 100 7.61 -10.02 -38.57
CA HIS M 100 8.08 -10.41 -37.26
C HIS M 100 9.07 -9.36 -36.75
N TYR M 101 8.55 -8.19 -36.38
CA TYR M 101 9.42 -7.08 -36.05
C TYR M 101 10.07 -7.39 -34.72
N LEU M 102 9.45 -8.24 -33.90
CA LEU M 102 9.95 -8.35 -32.55
C LEU M 102 10.80 -9.58 -32.40
N ILE M 103 10.55 -10.58 -33.23
CA ILE M 103 11.21 -11.87 -33.05
C ILE M 103 12.72 -11.72 -32.96
N PRO M 104 13.41 -10.95 -33.84
CA PRO M 104 14.87 -10.78 -33.73
C PRO M 104 15.33 -10.23 -32.39
N TYR M 105 14.56 -9.30 -31.83
CA TYR M 105 14.94 -8.72 -30.57
C TYR M 105 14.77 -9.72 -29.42
N ILE M 106 13.67 -10.46 -29.41
CA ILE M 106 13.45 -11.37 -28.30
C ILE M 106 14.41 -12.55 -28.45
N LEU M 107 14.71 -12.95 -29.68
CA LEU M 107 15.63 -14.05 -29.82
C LEU M 107 17.01 -13.66 -29.32
N ASP M 108 17.39 -12.39 -29.45
CA ASP M 108 18.69 -11.97 -28.95
C ASP M 108 18.69 -11.91 -27.43
N VAL M 109 17.61 -11.39 -26.87
CA VAL M 109 17.47 -11.32 -25.43
C VAL M 109 17.57 -12.70 -24.83
N GLU M 110 16.84 -13.65 -25.43
CA GLU M 110 16.74 -14.97 -24.84
C GLU M 110 18.04 -15.73 -25.11
N ALA M 111 18.67 -15.47 -26.25
CA ALA M 111 19.92 -16.15 -26.54
C ALA M 111 20.89 -15.87 -25.41
N GLU M 112 21.00 -14.60 -25.03
CA GLU M 112 21.89 -14.24 -23.95
C GLU M 112 21.44 -14.85 -22.63
N ALA M 113 20.14 -14.79 -22.33
CA ALA M 113 19.63 -15.32 -21.08
C ALA M 113 19.89 -16.83 -20.97
N PHE M 114 19.78 -17.55 -22.08
CA PHE M 114 19.98 -18.98 -22.00
C PHE M 114 21.46 -19.30 -21.96
N GLU M 115 22.29 -18.49 -22.61
CA GLU M 115 23.73 -18.66 -22.51
C GLU M 115 24.16 -18.42 -21.08
N LYS M 116 23.54 -17.41 -20.45
CA LYS M 116 23.89 -17.06 -19.09
C LYS M 116 23.60 -18.23 -18.16
N ASP M 117 22.41 -18.84 -18.30
CA ASP M 117 22.04 -20.02 -17.54
C ASP M 117 23.00 -21.16 -17.78
N ALA M 118 23.37 -21.38 -19.04
CA ALA M 118 24.29 -22.45 -19.36
C ALA M 118 25.65 -22.20 -18.73
N LEU M 119 26.13 -20.96 -18.82
CA LEU M 119 27.49 -20.73 -18.38
C LEU M 119 27.57 -20.66 -16.87
N ASP M 120 26.43 -20.42 -16.20
CA ASP M 120 26.34 -20.47 -14.75
C ASP M 120 26.54 -21.91 -14.26
N ASN M 121 26.40 -22.86 -15.17
CA ASN M 121 26.49 -24.27 -14.85
C ASN M 121 27.67 -24.93 -15.56
N LEU M 122 28.70 -24.15 -15.88
CA LEU M 122 29.83 -24.77 -16.56
C LEU M 122 30.75 -25.46 -15.55
N GLU M 123 31.40 -26.53 -16.01
CA GLU M 123 32.33 -27.29 -15.20
C GLU M 123 33.68 -27.33 -15.88
N VAL M 124 34.68 -26.71 -15.26
CA VAL M 124 36.04 -26.76 -15.75
C VAL M 124 36.46 -28.23 -15.77
N VAL M 125 37.09 -28.66 -16.86
CA VAL M 125 37.39 -30.07 -17.05
C VAL M 125 38.85 -30.43 -16.69
N PRO N 66 -70.97 -37.58 -9.07
CA PRO N 66 -69.92 -38.60 -9.20
C PRO N 66 -68.58 -38.09 -9.72
N ASP N 67 -67.53 -38.89 -9.49
CA ASP N 67 -66.16 -38.42 -9.62
C ASP N 67 -65.86 -38.13 -11.09
N PRO N 68 -65.54 -36.86 -11.45
CA PRO N 68 -65.32 -36.47 -12.84
C PRO N 68 -64.16 -37.24 -13.44
N ALA N 69 -63.28 -37.77 -12.59
CA ALA N 69 -62.06 -38.38 -13.10
C ALA N 69 -62.35 -39.74 -13.73
N ILE N 70 -63.38 -40.42 -13.22
CA ILE N 70 -63.74 -41.76 -13.66
C ILE N 70 -64.09 -41.73 -15.14
N ALA N 71 -64.88 -40.73 -15.54
CA ALA N 71 -65.36 -40.55 -16.90
C ALA N 71 -64.25 -40.07 -17.82
N LEU N 72 -63.43 -39.14 -17.34
CA LEU N 72 -62.37 -38.57 -18.17
C LEU N 72 -61.30 -39.61 -18.49
N HIS N 73 -60.99 -40.46 -17.51
CA HIS N 73 -59.99 -41.51 -17.64
C HIS N 73 -60.48 -42.56 -18.62
N GLU N 74 -61.79 -42.83 -18.60
CA GLU N 74 -62.33 -43.89 -19.43
C GLU N 74 -62.34 -43.43 -20.89
N ALA N 75 -62.71 -42.16 -21.07
CA ALA N 75 -62.77 -41.47 -22.35
C ALA N 75 -61.39 -41.43 -23.01
N ALA N 76 -60.38 -41.09 -22.20
CA ALA N 76 -59.02 -40.96 -22.69
C ALA N 76 -58.42 -42.31 -22.99
N ALA N 77 -58.92 -43.36 -22.34
CA ALA N 77 -58.37 -44.69 -22.57
C ALA N 77 -58.91 -45.24 -23.89
N GLU N 78 -60.18 -44.99 -24.18
CA GLU N 78 -60.82 -45.53 -25.37
C GLU N 78 -60.40 -44.73 -26.61
N GLY N 79 -60.05 -43.46 -26.38
CA GLY N 79 -59.75 -42.49 -27.41
C GLY N 79 -58.25 -42.33 -27.67
N PRO N 80 -57.62 -41.22 -27.18
CA PRO N 80 -56.22 -40.91 -27.52
C PRO N 80 -55.15 -41.85 -26.98
N CYS N 81 -55.52 -42.70 -26.01
CA CYS N 81 -54.57 -43.61 -25.40
C CYS N 81 -55.04 -45.05 -25.65
N HIS N 82 -55.59 -45.31 -26.85
CA HIS N 82 -56.15 -46.62 -27.16
C HIS N 82 -55.03 -47.62 -27.37
N ASP N 83 -53.92 -47.12 -27.93
CA ASP N 83 -52.79 -47.99 -28.23
C ASP N 83 -52.23 -48.55 -26.92
N PHE N 84 -52.19 -47.69 -25.92
CA PHE N 84 -51.52 -48.04 -24.69
C PHE N 84 -52.47 -48.87 -23.86
N LYS N 85 -53.78 -48.68 -24.08
CA LYS N 85 -54.81 -49.44 -23.40
C LYS N 85 -54.73 -50.91 -23.82
N HIS N 86 -54.56 -51.12 -25.14
CA HIS N 86 -54.40 -52.46 -25.67
C HIS N 86 -53.12 -53.16 -25.22
N HIS N 87 -52.06 -52.35 -25.03
CA HIS N 87 -50.79 -52.91 -24.61
C HIS N 87 -50.93 -53.43 -23.18
N PHE N 88 -51.58 -52.62 -22.35
CA PHE N 88 -51.79 -53.02 -20.98
C PHE N 88 -52.69 -54.26 -20.92
N ASP N 89 -53.76 -54.25 -21.73
CA ASP N 89 -54.69 -55.37 -21.82
C ASP N 89 -53.96 -56.64 -22.23
N GLU N 90 -53.22 -56.59 -23.35
CA GLU N 90 -52.50 -57.76 -23.81
C GLU N 90 -51.58 -58.25 -22.70
N CYS N 91 -50.85 -57.30 -22.08
CA CYS N 91 -49.88 -57.64 -21.05
C CYS N 91 -50.59 -58.44 -19.95
N VAL N 92 -51.69 -57.89 -19.41
CA VAL N 92 -52.34 -58.56 -18.30
C VAL N 92 -52.77 -59.97 -18.69
N GLU N 93 -53.33 -60.11 -19.90
CA GLU N 93 -53.76 -61.41 -20.42
C GLU N 93 -52.62 -62.42 -20.35
N ARG N 94 -51.42 -62.01 -20.80
CA ARG N 94 -50.23 -62.86 -20.88
C ARG N 94 -49.76 -63.25 -19.48
N VAL N 95 -49.75 -62.27 -18.58
CA VAL N 95 -49.18 -62.46 -17.25
C VAL N 95 -50.11 -63.33 -16.41
N THR N 96 -51.42 -63.10 -16.51
CA THR N 96 -52.39 -63.87 -15.76
C THR N 96 -52.34 -65.34 -16.22
N LYS N 97 -52.21 -65.53 -17.53
CA LYS N 97 -52.14 -66.85 -18.14
C LYS N 97 -50.86 -67.54 -17.68
N ALA N 98 -49.80 -66.74 -17.50
CA ALA N 98 -48.50 -67.27 -17.10
C ALA N 98 -48.53 -67.68 -15.64
N GLN N 99 -49.34 -66.98 -14.83
CA GLN N 99 -49.50 -67.24 -13.42
C GLN N 99 -50.35 -68.50 -13.21
N GLU N 100 -51.29 -68.71 -14.16
CA GLU N 100 -52.21 -69.83 -14.18
C GLU N 100 -51.46 -71.15 -14.41
N ALA N 101 -50.43 -71.10 -15.27
CA ALA N 101 -49.58 -72.24 -15.60
C ALA N 101 -48.79 -72.65 -14.36
N GLU N 102 -48.60 -73.96 -14.16
CA GLU N 102 -47.99 -74.46 -12.95
C GLU N 102 -46.47 -74.38 -13.06
N ASP N 103 -45.81 -74.39 -11.89
CA ASP N 103 -44.38 -74.17 -11.74
C ASP N 103 -44.02 -72.76 -12.22
N TYR N 104 -44.94 -71.83 -11.99
CA TYR N 104 -44.69 -70.42 -12.19
C TYR N 104 -43.97 -69.86 -10.97
N ASP N 105 -44.30 -70.39 -9.78
CA ASP N 105 -43.72 -69.94 -8.52
C ASP N 105 -42.23 -70.27 -8.48
N HIS N 106 -41.83 -71.35 -9.17
CA HIS N 106 -40.45 -71.80 -9.25
C HIS N 106 -39.87 -71.44 -10.63
N ALA N 107 -40.18 -70.24 -11.10
CA ALA N 107 -39.59 -69.71 -12.31
C ALA N 107 -38.58 -68.63 -11.93
N GLU N 108 -37.66 -68.34 -12.86
CA GLU N 108 -36.62 -67.35 -12.61
C GLU N 108 -37.22 -65.95 -12.74
N TYR N 109 -37.82 -65.71 -13.92
CA TYR N 109 -38.32 -64.40 -14.30
C TYR N 109 -39.85 -64.39 -14.30
N LYS N 110 -40.41 -63.56 -13.43
CA LYS N 110 -41.84 -63.32 -13.40
C LYS N 110 -42.12 -61.97 -14.05
N GLU N 111 -42.83 -61.98 -15.19
CA GLU N 111 -43.18 -60.78 -15.92
C GLU N 111 -44.28 -60.01 -15.18
N ASP N 112 -44.16 -58.68 -15.13
CA ASP N 112 -45.21 -57.81 -14.61
C ASP N 112 -45.76 -56.97 -15.76
N CYS N 113 -46.69 -56.07 -15.44
CA CYS N 113 -47.26 -55.18 -16.42
C CYS N 113 -47.12 -53.74 -16.00
N VAL N 114 -46.14 -53.49 -15.13
CA VAL N 114 -45.98 -52.17 -14.56
C VAL N 114 -45.61 -51.21 -15.68
N GLU N 115 -44.71 -51.64 -16.57
CA GLU N 115 -44.21 -50.75 -17.60
C GLU N 115 -45.37 -50.25 -18.45
N GLU N 116 -46.23 -51.18 -18.86
CA GLU N 116 -47.32 -50.90 -19.75
C GLU N 116 -48.35 -50.03 -19.05
N PHE N 117 -48.51 -50.30 -17.75
CA PHE N 117 -49.43 -49.54 -16.94
C PHE N 117 -48.94 -48.10 -16.86
N PHE N 118 -47.64 -47.93 -16.62
CA PHE N 118 -47.11 -46.59 -16.53
C PHE N 118 -47.23 -45.89 -17.88
N HIS N 119 -47.02 -46.60 -19.00
CA HIS N 119 -47.15 -45.92 -20.28
C HIS N 119 -48.58 -45.42 -20.45
N LEU N 120 -49.54 -46.26 -20.04
CA LEU N 120 -50.95 -45.93 -20.15
C LEU N 120 -51.29 -44.73 -19.25
N GLN N 121 -50.82 -44.78 -17.99
CA GLN N 121 -51.24 -43.80 -17.01
C GLN N 121 -50.60 -42.48 -17.36
N HIS N 122 -49.34 -42.54 -17.81
CA HIS N 122 -48.64 -41.34 -18.20
C HIS N 122 -49.36 -40.66 -19.35
N CYS N 123 -49.85 -41.48 -20.30
CA CYS N 123 -50.61 -41.00 -21.43
C CYS N 123 -51.93 -40.41 -20.96
N ILE N 124 -52.66 -41.16 -20.12
CA ILE N 124 -53.96 -40.68 -19.69
C ILE N 124 -53.81 -39.36 -18.98
N ASN N 125 -52.73 -39.22 -18.19
CA ASN N 125 -52.55 -38.03 -17.38
C ASN N 125 -52.32 -36.81 -18.27
N ASP N 126 -51.57 -37.01 -19.34
CA ASP N 126 -51.27 -35.95 -20.28
C ASP N 126 -52.54 -35.44 -20.98
N ASN N 127 -53.54 -36.33 -21.14
CA ASN N 127 -54.71 -35.96 -21.91
C ASN N 127 -55.91 -35.59 -21.04
N THR N 128 -55.68 -35.43 -19.74
CA THR N 128 -56.78 -35.40 -18.81
C THR N 128 -56.57 -34.30 -17.80
N ALA N 129 -55.31 -34.13 -17.39
CA ALA N 129 -54.95 -33.24 -16.30
C ALA N 129 -55.71 -31.91 -16.42
N ASP N 130 -55.60 -31.27 -17.59
CA ASP N 130 -56.14 -29.93 -17.80
C ASP N 130 -57.66 -29.97 -17.75
N LYS N 131 -58.23 -31.04 -18.33
CA LYS N 131 -59.67 -31.19 -18.44
C LYS N 131 -60.28 -31.40 -17.05
N LEU N 132 -59.59 -32.18 -16.21
CA LEU N 132 -60.12 -32.53 -14.91
C LEU N 132 -60.16 -31.29 -14.03
N PHE N 133 -59.06 -30.55 -14.01
CA PHE N 133 -58.98 -29.40 -13.13
C PHE N 133 -59.91 -28.28 -13.58
N ARG N 134 -60.37 -28.36 -14.83
CA ARG N 134 -61.28 -27.37 -15.35
C ARG N 134 -62.68 -27.56 -14.77
N VAL N 135 -62.99 -28.78 -14.31
CA VAL N 135 -64.31 -29.10 -13.78
C VAL N 135 -64.32 -29.25 -12.26
N LEU N 136 -63.33 -28.63 -11.59
CA LEU N 136 -63.25 -28.61 -10.14
C LEU N 136 -63.26 -27.16 -9.60
N VAL O 26 -6.70 60.80 -17.31
CA VAL O 26 -7.77 60.87 -18.39
C VAL O 26 -7.12 60.91 -19.77
N SER O 27 -7.38 59.87 -20.55
CA SER O 27 -6.81 59.74 -21.89
C SER O 27 -7.48 60.70 -22.86
N PRO O 28 -6.78 61.21 -23.92
CA PRO O 28 -7.45 62.03 -24.93
C PRO O 28 -8.52 61.23 -25.68
N LYS O 29 -9.53 61.98 -26.14
CA LYS O 29 -10.67 61.51 -26.93
C LYS O 29 -10.21 60.76 -28.18
N THR O 30 -10.85 59.61 -28.43
CA THR O 30 -10.72 58.94 -29.71
C THR O 30 -11.67 59.60 -30.72
N ARG O 31 -11.09 60.25 -31.72
CA ARG O 31 -11.91 60.85 -32.75
C ARG O 31 -12.21 59.81 -33.83
N THR O 32 -13.41 59.92 -34.40
CA THR O 32 -13.92 58.96 -35.38
C THR O 32 -14.57 59.72 -36.52
N SER O 33 -14.15 59.40 -37.75
CA SER O 33 -14.80 59.90 -38.94
C SER O 33 -15.04 58.73 -39.89
N ASN O 34 -16.01 58.94 -40.79
CA ASN O 34 -16.27 58.03 -41.88
C ASN O 34 -15.91 58.70 -43.21
N LEU O 35 -15.67 57.86 -44.21
CA LEU O 35 -15.67 58.28 -45.61
C LEU O 35 -17.02 57.93 -46.23
N LYS O 36 -17.15 58.27 -47.53
CA LYS O 36 -18.34 58.05 -48.32
C LYS O 36 -18.57 56.57 -48.57
N ASN O 37 -17.47 55.85 -48.87
CA ASN O 37 -17.52 54.42 -49.13
C ASN O 37 -17.91 53.67 -47.85
N GLY O 38 -17.54 54.21 -46.69
CA GLY O 38 -17.94 53.61 -45.43
C GLY O 38 -16.74 53.18 -44.60
N LEU O 39 -15.54 53.64 -45.01
CA LEU O 39 -14.33 53.38 -44.26
C LEU O 39 -14.38 54.23 -43.01
N THR O 40 -14.19 53.58 -41.86
CA THR O 40 -14.08 54.28 -40.59
C THR O 40 -12.62 54.68 -40.35
N ILE O 41 -12.43 55.92 -39.92
CA ILE O 41 -11.12 56.40 -39.50
C ILE O 41 -11.23 56.74 -38.03
N ALA O 42 -10.34 56.14 -37.23
CA ALA O 42 -10.39 56.38 -35.80
C ALA O 42 -8.98 56.63 -35.29
N SER O 43 -8.84 57.63 -34.44
CA SER O 43 -7.49 58.00 -34.09
C SER O 43 -7.45 58.44 -32.64
N GLU O 44 -6.34 58.14 -31.97
CA GLU O 44 -6.13 58.72 -30.66
C GLU O 44 -4.73 59.30 -30.60
N SER O 45 -4.67 60.63 -30.59
CA SER O 45 -3.44 61.40 -30.55
C SER O 45 -2.85 61.41 -29.14
N ASN O 46 -1.51 61.35 -29.10
CA ASN O 46 -0.73 61.43 -27.89
C ASN O 46 0.47 62.34 -28.16
N PRO O 47 0.39 63.66 -27.87
CA PRO O 47 1.46 64.58 -28.27
C PRO O 47 2.74 64.47 -27.42
N LEU O 48 2.81 63.42 -26.59
CA LEU O 48 3.95 63.11 -25.73
C LEU O 48 4.95 62.20 -26.45
N VAL O 49 4.46 61.41 -27.42
CA VAL O 49 5.29 60.48 -28.17
C VAL O 49 5.60 61.07 -29.54
N GLN O 50 6.54 60.41 -30.24
CA GLN O 50 7.13 60.96 -31.45
C GLN O 50 6.94 59.97 -32.59
N THR O 51 6.26 58.87 -32.26
CA THR O 51 6.09 57.74 -33.15
C THR O 51 4.61 57.52 -33.30
N ALA O 52 4.20 57.06 -34.48
CA ALA O 52 2.79 56.85 -34.73
C ALA O 52 2.59 55.45 -35.29
N THR O 53 1.44 54.87 -34.99
CA THR O 53 1.09 53.59 -35.57
C THR O 53 -0.21 53.80 -36.34
N VAL O 54 -0.12 53.82 -37.67
CA VAL O 54 -1.33 53.76 -38.48
C VAL O 54 -1.51 52.35 -38.99
N GLY O 55 -2.76 51.93 -39.07
CA GLY O 55 -2.99 50.67 -39.72
C GLY O 55 -4.45 50.48 -40.06
N VAL O 56 -4.72 49.37 -40.73
CA VAL O 56 -6.05 49.03 -41.15
C VAL O 56 -6.47 47.77 -40.42
N TRP O 57 -7.53 47.89 -39.63
CA TRP O 57 -8.10 46.74 -38.97
C TRP O 57 -9.26 46.30 -39.85
N ILE O 58 -9.32 45.02 -40.19
CA ILE O 58 -10.38 44.56 -41.05
C ILE O 58 -11.23 43.57 -40.27
N ASP O 59 -12.54 43.72 -40.35
CA ASP O 59 -13.45 42.77 -39.74
C ASP O 59 -13.63 41.63 -40.73
N ALA O 60 -12.55 40.88 -40.94
CA ALA O 60 -12.54 39.71 -41.81
C ALA O 60 -11.37 38.86 -41.35
N GLY O 61 -11.50 37.55 -41.47
CA GLY O 61 -10.35 36.74 -41.13
C GLY O 61 -10.56 35.35 -41.68
N SER O 62 -9.92 34.36 -41.06
CA SER O 62 -10.04 32.99 -41.52
C SER O 62 -11.49 32.52 -41.51
N ARG O 63 -12.29 33.07 -40.60
CA ARG O 63 -13.67 32.64 -40.46
C ARG O 63 -14.47 32.91 -41.73
N ASN O 64 -13.95 33.78 -42.59
CA ASN O 64 -14.73 34.24 -43.71
C ASN O 64 -14.51 33.37 -44.93
N GLU O 65 -13.60 32.41 -44.77
CA GLU O 65 -13.39 31.41 -45.81
C GLU O 65 -14.45 30.32 -45.67
N ASN O 66 -14.66 29.55 -46.74
CA ASN O 66 -15.32 28.26 -46.63
C ASN O 66 -14.26 27.17 -46.53
N ALA O 67 -14.66 25.91 -46.73
CA ALA O 67 -13.72 24.83 -46.47
C ALA O 67 -12.73 24.67 -47.62
N TYR O 68 -13.11 25.14 -48.82
CA TYR O 68 -12.28 24.98 -50.01
C TYR O 68 -11.18 26.01 -50.08
N ASN O 69 -11.48 27.23 -49.60
CA ASN O 69 -10.47 28.27 -49.64
C ASN O 69 -9.94 28.58 -48.24
N ASN O 70 -10.00 27.61 -47.32
CA ASN O 70 -9.48 27.87 -45.99
C ASN O 70 -7.97 27.97 -46.05
N GLY O 71 -7.45 29.08 -45.56
CA GLY O 71 -6.02 29.34 -45.57
C GLY O 71 -5.70 30.52 -46.47
N THR O 72 -6.73 30.98 -47.20
CA THR O 72 -6.59 32.08 -48.14
C THR O 72 -6.20 33.37 -47.42
N ALA O 73 -6.85 33.63 -46.29
CA ALA O 73 -6.62 34.87 -45.58
C ALA O 73 -5.17 34.94 -45.11
N HIS O 74 -4.64 33.79 -44.68
CA HIS O 74 -3.28 33.83 -44.18
C HIS O 74 -2.32 33.90 -45.37
N PHE O 75 -2.73 33.26 -46.47
CA PHE O 75 -1.94 33.25 -47.67
C PHE O 75 -1.76 34.68 -48.16
N PHE O 76 -2.86 35.44 -48.13
CA PHE O 76 -2.87 36.80 -48.61
C PHE O 76 -1.90 37.64 -47.82
N GLU O 77 -1.88 37.43 -46.50
CA GLU O 77 -1.00 38.17 -45.63
C GLU O 77 0.46 38.05 -46.07
N HIS O 78 0.83 36.93 -46.68
CA HIS O 78 2.21 36.72 -47.13
C HIS O 78 2.44 37.35 -48.48
N LEU O 79 1.36 37.67 -49.18
CA LEU O 79 1.47 38.10 -50.55
C LEU O 79 1.23 39.60 -50.62
N ALA O 80 0.64 40.14 -49.56
CA ALA O 80 0.45 41.57 -49.47
C ALA O 80 1.80 42.26 -49.53
N PHE O 81 2.83 41.52 -49.12
CA PHE O 81 4.14 42.10 -49.04
C PHE O 81 5.02 41.65 -50.21
N LYS O 82 4.41 40.99 -51.20
CA LYS O 82 5.15 40.42 -52.31
C LYS O 82 5.07 41.31 -53.56
N GLY O 83 4.63 42.56 -53.36
CA GLY O 83 4.72 43.57 -54.39
C GLY O 83 3.36 43.94 -54.92
N THR O 84 3.31 45.16 -55.45
CA THR O 84 2.09 45.77 -55.94
C THR O 84 2.28 46.05 -57.42
N ASP O 85 1.27 46.69 -58.01
CA ASP O 85 1.25 47.07 -59.40
C ASP O 85 2.32 48.12 -59.72
N LYS O 86 2.73 48.92 -58.71
CA LYS O 86 3.70 49.99 -58.88
C LYS O 86 5.07 49.54 -58.39
N ARG O 87 5.14 49.20 -57.10
CA ARG O 87 6.39 48.82 -56.47
C ARG O 87 6.54 47.31 -56.52
N SER O 88 7.72 46.85 -56.93
CA SER O 88 8.02 45.43 -56.90
C SER O 88 8.30 45.02 -55.46
N GLN O 89 8.53 43.72 -55.22
CA GLN O 89 8.81 43.27 -53.87
C GLN O 89 9.98 44.04 -53.29
N HIS O 90 10.98 44.30 -54.13
CA HIS O 90 12.23 44.88 -53.70
C HIS O 90 12.04 46.38 -53.42
N GLN O 91 11.31 47.03 -54.31
CA GLN O 91 10.99 48.44 -54.14
C GLN O 91 10.21 48.65 -52.85
N LEU O 92 9.23 47.77 -52.59
CA LEU O 92 8.44 47.81 -51.37
C LEU O 92 9.35 47.77 -50.14
N GLU O 93 10.26 46.78 -50.11
CA GLU O 93 11.22 46.61 -49.03
C GLU O 93 11.97 47.92 -48.79
N LEU O 94 12.51 48.50 -49.88
CA LEU O 94 13.31 49.71 -49.77
C LEU O 94 12.48 50.90 -49.27
N ASP O 95 11.23 51.01 -49.75
CA ASP O 95 10.37 52.14 -49.40
C ASP O 95 10.11 52.18 -47.90
N ILE O 96 9.86 51.00 -47.31
CA ILE O 96 9.63 50.86 -45.89
C ILE O 96 10.93 51.06 -45.12
N GLU O 97 12.03 50.48 -45.61
CA GLU O 97 13.31 50.67 -44.94
C GLU O 97 13.63 52.16 -44.89
N ASN O 98 13.20 52.92 -45.91
CA ASN O 98 13.54 54.33 -46.00
C ASN O 98 12.62 55.18 -45.12
N MET O 99 11.41 54.66 -44.83
CA MET O 99 10.52 55.25 -43.84
C MET O 99 11.25 55.31 -42.51
N GLY O 100 11.75 54.16 -42.08
CA GLY O 100 12.43 54.08 -40.81
C GLY O 100 11.79 53.06 -39.90
N GLY O 101 10.46 53.00 -39.93
CA GLY O 101 9.68 52.10 -39.08
C GLY O 101 9.48 50.73 -39.74
N HIS O 102 8.46 50.02 -39.29
CA HIS O 102 8.21 48.72 -39.87
C HIS O 102 6.72 48.55 -40.16
N LEU O 103 6.43 47.51 -40.93
CA LEU O 103 5.08 47.11 -41.19
C LEU O 103 4.87 45.77 -40.52
N ASN O 104 3.63 45.51 -40.14
CA ASN O 104 3.33 44.25 -39.52
C ASN O 104 1.91 43.87 -39.88
N ALA O 105 1.63 42.57 -39.84
CA ALA O 105 0.32 42.09 -40.16
C ALA O 105 0.03 40.87 -39.29
N TYR O 106 -1.23 40.68 -38.93
CA TYR O 106 -1.61 39.34 -38.52
C TYR O 106 -3.04 39.09 -38.92
N THR O 107 -3.28 37.81 -39.13
CA THR O 107 -4.59 37.33 -39.49
C THR O 107 -5.02 36.43 -38.34
N SER O 108 -6.19 36.73 -37.81
CA SER O 108 -6.76 35.85 -36.82
C SER O 108 -8.03 35.30 -37.42
N ARG O 109 -8.84 34.73 -36.54
CA ARG O 109 -9.98 34.05 -37.08
C ARG O 109 -10.97 35.08 -37.55
N GLU O 110 -11.02 36.22 -36.85
CA GLU O 110 -12.13 37.12 -37.12
C GLU O 110 -11.62 38.50 -37.52
N SER O 111 -10.31 38.65 -37.45
CA SER O 111 -9.75 39.98 -37.62
C SER O 111 -8.49 39.87 -38.45
N THR O 112 -8.26 40.88 -39.28
CA THR O 112 -6.99 40.97 -39.96
C THR O 112 -6.46 42.37 -39.71
N VAL O 113 -5.17 42.47 -39.48
CA VAL O 113 -4.63 43.76 -39.18
C VAL O 113 -3.40 43.97 -40.04
N TYR O 114 -3.23 45.20 -40.53
CA TYR O 114 -2.03 45.57 -41.24
C TYR O 114 -1.66 46.91 -40.69
N TYR O 115 -0.53 47.02 -40.01
CA TYR O 115 -0.21 48.34 -39.50
C TYR O 115 1.25 48.71 -39.78
N ALA O 116 1.50 50.00 -39.65
CA ALA O 116 2.82 50.55 -39.91
C ALA O 116 3.15 51.44 -38.74
N LYS O 117 4.22 51.10 -38.04
CA LYS O 117 4.77 51.95 -36.99
C LYS O 117 5.84 52.81 -37.62
N SER O 118 5.80 54.12 -37.40
CA SER O 118 6.80 54.95 -38.05
C SER O 118 7.12 56.13 -37.14
N PHE O 119 7.79 57.10 -37.76
CA PHE O 119 7.98 58.40 -37.16
C PHE O 119 6.76 59.28 -37.44
N LYS O 120 6.65 60.41 -36.74
CA LYS O 120 5.51 61.30 -36.84
C LYS O 120 5.26 61.76 -38.28
N ASP O 121 6.33 62.08 -39.01
CA ASP O 121 6.20 62.80 -40.26
C ASP O 121 6.36 61.84 -41.44
N ASP O 122 6.45 60.56 -41.08
CA ASP O 122 6.55 59.45 -42.02
C ASP O 122 5.19 58.76 -42.16
N VAL O 123 4.16 59.41 -41.62
CA VAL O 123 2.85 58.76 -41.61
C VAL O 123 2.23 58.81 -43.01
N PRO O 124 2.31 59.93 -43.76
CA PRO O 124 1.80 59.93 -45.14
C PRO O 124 2.41 58.88 -46.07
N LYS O 125 3.67 58.49 -45.80
CA LYS O 125 4.32 57.46 -46.61
C LYS O 125 3.67 56.12 -46.30
N SER O 126 3.50 55.86 -45.00
CA SER O 126 3.04 54.57 -44.51
C SER O 126 1.58 54.33 -44.89
N VAL O 127 0.74 55.38 -44.83
CA VAL O 127 -0.65 55.18 -45.19
C VAL O 127 -0.70 54.85 -46.68
N GLU O 128 0.20 55.46 -47.45
CA GLU O 128 0.25 55.30 -48.89
C GLU O 128 0.68 53.87 -49.21
N ILE O 129 1.65 53.36 -48.44
CA ILE O 129 2.15 52.01 -48.65
C ILE O 129 1.07 51.00 -48.27
N LEU O 130 0.35 51.22 -47.16
CA LEU O 130 -0.70 50.31 -46.73
C LEU O 130 -1.84 50.29 -47.75
N ALA O 131 -2.17 51.46 -48.29
CA ALA O 131 -3.28 51.53 -49.22
C ALA O 131 -2.92 50.78 -50.51
N ASP O 132 -1.63 50.78 -50.83
CA ASP O 132 -1.13 50.16 -52.03
C ASP O 132 -1.15 48.64 -51.90
N ILE O 133 -0.74 48.12 -50.73
CA ILE O 133 -0.58 46.68 -50.58
C ILE O 133 -1.96 46.04 -50.43
N LEU O 134 -2.95 46.83 -50.01
CA LEU O 134 -4.27 46.26 -49.80
C LEU O 134 -5.13 46.33 -51.06
N GLN O 135 -4.92 47.37 -51.86
CA GLN O 135 -5.81 47.57 -52.99
C GLN O 135 -5.20 46.99 -54.26
N HIS O 136 -3.87 47.11 -54.34
CA HIS O 136 -3.21 46.97 -55.62
C HIS O 136 -2.08 45.96 -55.50
N SER O 137 -2.37 44.82 -54.87
CA SER O 137 -1.37 43.79 -54.72
C SER O 137 -1.22 43.00 -56.03
N LYS O 138 -0.01 42.56 -56.37
CA LYS O 138 0.12 41.92 -57.67
C LYS O 138 -0.50 40.53 -57.64
N LEU O 139 -0.17 39.74 -56.62
CA LEU O 139 -0.58 38.34 -56.54
C LEU O 139 -0.20 37.66 -57.84
N ALA O 140 1.09 37.62 -58.12
CA ALA O 140 1.59 37.09 -59.37
C ALA O 140 1.76 35.58 -59.22
N GLU O 141 1.34 34.79 -60.24
CA GLU O 141 1.42 33.33 -60.16
C GLU O 141 2.77 32.87 -59.63
N SER O 142 3.85 33.55 -60.04
CA SER O 142 5.20 33.22 -59.64
C SER O 142 5.41 33.37 -58.12
N ALA O 143 4.72 34.34 -57.51
CA ALA O 143 4.86 34.64 -56.10
C ALA O 143 3.96 33.71 -55.27
N ILE O 144 2.77 33.41 -55.79
CA ILE O 144 1.88 32.43 -55.20
C ILE O 144 2.63 31.12 -55.09
N ASP O 145 3.40 30.76 -56.12
CA ASP O 145 4.05 29.46 -56.19
C ASP O 145 5.22 29.40 -55.23
N ARG O 146 5.91 30.54 -55.08
CA ARG O 146 7.02 30.69 -54.15
C ARG O 146 6.58 30.60 -52.70
N GLU O 147 5.44 31.25 -52.35
CA GLU O 147 4.97 31.33 -50.97
C GLU O 147 4.31 30.01 -50.57
N ARG O 148 3.85 29.26 -51.58
CA ARG O 148 3.16 28.00 -51.39
C ARG O 148 4.09 27.01 -50.69
N GLU O 149 5.40 27.24 -50.81
CA GLU O 149 6.37 26.37 -50.14
C GLU O 149 6.63 26.91 -48.74
N VAL O 150 6.69 28.24 -48.64
CA VAL O 150 7.00 28.93 -47.40
C VAL O 150 5.91 28.65 -46.39
N ILE O 151 4.66 28.69 -46.86
CA ILE O 151 3.51 28.48 -46.00
C ILE O 151 3.39 26.99 -45.70
N THR O 152 3.78 26.15 -46.66
CA THR O 152 3.73 24.73 -46.37
C THR O 152 4.69 24.40 -45.23
N ARG O 153 5.85 25.05 -45.21
CA ARG O 153 6.86 24.84 -44.18
C ARG O 153 6.41 25.43 -42.84
N GLU O 154 5.46 26.37 -42.87
CA GLU O 154 4.98 26.97 -41.63
C GLU O 154 4.06 26.02 -40.88
N LEU O 155 3.42 25.11 -41.61
CA LEU O 155 2.63 24.04 -41.02
C LEU O 155 3.44 23.17 -40.06
N GLU O 156 4.74 23.01 -40.33
CA GLU O 156 5.56 22.10 -39.54
C GLU O 156 6.59 22.84 -38.69
N GLU O 157 6.26 24.08 -38.28
CA GLU O 157 7.13 24.88 -37.44
C GLU O 157 6.33 25.58 -36.32
N VAL O 158 5.01 25.66 -36.53
CA VAL O 158 4.04 26.01 -35.48
C VAL O 158 4.05 24.89 -34.44
N ASN O 159 4.38 23.67 -34.89
CA ASN O 159 4.48 22.43 -34.13
C ASN O 159 5.23 22.66 -32.81
N LYS O 160 6.09 23.68 -32.81
CA LYS O 160 6.98 23.98 -31.69
C LYS O 160 6.28 24.90 -30.68
N GLN O 161 5.44 25.81 -31.18
CA GLN O 161 4.72 26.77 -30.37
C GLN O 161 3.55 26.07 -29.67
N TYR O 162 3.81 25.51 -28.49
CA TYR O 162 2.86 24.57 -27.93
C TYR O 162 1.60 25.30 -27.55
N GLU O 163 1.76 26.53 -27.07
CA GLU O 163 0.56 27.26 -26.73
C GLU O 163 -0.36 27.31 -27.95
N GLU O 164 0.21 27.64 -29.11
CA GLU O 164 -0.62 27.81 -30.28
C GLU O 164 -1.17 26.46 -30.73
N VAL O 165 -0.39 25.38 -30.60
CA VAL O 165 -0.87 24.07 -30.99
C VAL O 165 -2.08 23.71 -30.13
N VAL O 166 -1.98 23.98 -28.84
CA VAL O 166 -3.09 23.69 -27.96
C VAL O 166 -4.27 24.53 -28.37
N PHE O 167 -4.07 25.83 -28.52
CA PHE O 167 -5.27 26.59 -28.83
C PHE O 167 -5.82 26.31 -30.22
N ASP O 168 -4.98 25.91 -31.18
CA ASP O 168 -5.58 25.58 -32.46
C ASP O 168 -6.40 24.33 -32.34
N HIS O 169 -5.94 23.35 -31.56
CA HIS O 169 -6.74 22.15 -31.38
C HIS O 169 -8.00 22.50 -30.59
N LEU O 170 -7.86 23.44 -29.66
CA LEU O 170 -9.00 23.74 -28.82
C LEU O 170 -10.12 24.36 -29.64
N HIS O 171 -9.78 25.20 -30.61
CA HIS O 171 -10.83 25.75 -31.44
C HIS O 171 -11.37 24.67 -32.35
N ALA O 172 -10.47 23.81 -32.82
CA ALA O 172 -10.88 22.80 -33.79
C ALA O 172 -11.91 21.90 -33.13
N THR O 173 -11.73 21.66 -31.83
CA THR O 173 -12.58 20.68 -31.19
C THR O 173 -13.84 21.35 -30.67
N ALA O 174 -13.66 22.50 -30.02
CA ALA O 174 -14.80 23.21 -29.47
C ALA O 174 -15.78 23.57 -30.57
N PHE O 175 -15.28 23.94 -31.74
CA PHE O 175 -16.21 24.32 -32.76
C PHE O 175 -16.07 23.37 -33.92
N MET O 176 -16.26 22.09 -33.62
CA MET O 176 -16.00 21.01 -34.54
C MET O 176 -16.77 21.25 -35.84
N ASN O 177 -16.05 21.20 -36.97
CA ASN O 177 -16.56 21.37 -38.32
C ASN O 177 -17.40 22.64 -38.49
N GLN O 178 -17.03 23.70 -37.78
CA GLN O 178 -17.67 24.98 -37.98
C GLN O 178 -16.61 25.97 -38.40
N PRO O 179 -16.94 27.14 -38.99
CA PRO O 179 -15.94 28.14 -39.40
C PRO O 179 -14.91 28.55 -38.36
N LEU O 180 -15.33 28.76 -37.12
CA LEU O 180 -14.35 29.08 -36.09
C LEU O 180 -13.42 27.91 -35.79
N GLY O 181 -13.78 26.70 -36.22
CA GLY O 181 -12.98 25.54 -35.85
C GLY O 181 -11.79 25.36 -36.79
N ARG O 182 -11.81 26.09 -37.91
CA ARG O 182 -10.75 25.93 -38.88
C ARG O 182 -9.51 26.65 -38.38
N THR O 183 -8.38 26.14 -38.82
CA THR O 183 -7.12 26.79 -38.54
C THR O 183 -6.99 28.04 -39.40
N ILE O 184 -6.03 28.87 -38.99
CA ILE O 184 -5.70 30.04 -39.78
C ILE O 184 -4.88 29.62 -41.00
N LEU O 185 -3.89 28.75 -40.80
CA LEU O 185 -3.07 28.38 -41.93
C LEU O 185 -3.84 27.57 -42.97
N GLY O 186 -4.80 26.78 -42.50
CA GLY O 186 -5.61 25.96 -43.38
C GLY O 186 -4.91 24.63 -43.61
N PRO O 187 -5.59 23.64 -44.24
CA PRO O 187 -4.96 22.34 -44.48
C PRO O 187 -3.92 22.43 -45.59
N ARG O 188 -2.99 21.47 -45.58
CA ARG O 188 -1.95 21.35 -46.58
C ARG O 188 -2.54 21.37 -47.99
N GLU O 189 -3.67 20.68 -48.15
CA GLU O 189 -4.35 20.44 -49.41
C GLU O 189 -4.73 21.76 -50.08
N ASN O 190 -5.14 22.74 -49.26
CA ASN O 190 -5.64 24.01 -49.75
C ASN O 190 -4.45 24.86 -50.16
N ILE O 191 -3.39 24.75 -49.39
CA ILE O 191 -2.24 25.57 -49.68
C ILE O 191 -1.68 25.21 -51.05
N GLN O 192 -1.86 23.95 -51.48
CA GLN O 192 -1.35 23.49 -52.77
C GLN O 192 -2.26 23.91 -53.92
N THR O 193 -3.48 24.39 -53.60
CA THR O 193 -4.48 24.65 -54.63
C THR O 193 -4.98 26.09 -54.59
N ILE O 194 -4.36 26.95 -53.77
CA ILE O 194 -4.78 28.35 -53.72
C ILE O 194 -4.25 29.05 -54.97
N THR O 195 -5.15 29.66 -55.74
CA THR O 195 -4.82 30.36 -56.97
C THR O 195 -4.92 31.86 -56.73
N ASN O 196 -4.31 32.65 -57.63
CA ASN O 196 -4.40 34.10 -57.56
C ASN O 196 -5.85 34.57 -57.73
N THR O 197 -6.66 33.75 -58.40
CA THR O 197 -8.06 34.02 -58.66
C THR O 197 -8.84 34.02 -57.35
N GLU O 198 -8.63 32.96 -56.56
CA GLU O 198 -9.31 32.79 -55.29
C GLU O 198 -8.82 33.85 -54.33
N LEU O 199 -7.53 34.14 -54.37
CA LEU O 199 -7.00 35.18 -53.50
C LEU O 199 -7.64 36.53 -53.80
N ARG O 200 -7.80 36.83 -55.10
CA ARG O 200 -8.30 38.12 -55.54
C ARG O 200 -9.77 38.21 -55.15
N LYS O 201 -10.45 37.08 -55.30
CA LYS O 201 -11.87 37.01 -55.02
C LYS O 201 -12.09 37.22 -53.53
N PHE O 202 -11.16 36.71 -52.71
CA PHE O 202 -11.33 36.76 -51.27
C PHE O 202 -11.22 38.19 -50.81
N ILE O 203 -10.19 38.90 -51.29
CA ILE O 203 -9.93 40.25 -50.80
C ILE O 203 -10.90 41.25 -51.45
N THR O 204 -11.63 40.82 -52.47
CA THR O 204 -12.57 41.70 -53.13
C THR O 204 -13.90 41.61 -52.39
N GLU O 205 -14.18 40.42 -51.89
CA GLU O 205 -15.42 40.15 -51.20
C GLU O 205 -15.33 40.64 -49.76
N ASN O 206 -14.13 40.64 -49.17
CA ASN O 206 -14.04 40.74 -47.72
C ASN O 206 -13.39 42.03 -47.27
N TYR O 207 -12.33 42.46 -47.96
CA TYR O 207 -11.65 43.69 -47.61
C TYR O 207 -12.38 44.88 -48.22
N THR O 208 -13.59 45.11 -47.72
CA THR O 208 -14.40 46.19 -48.21
C THR O 208 -14.38 47.29 -47.16
N ALA O 209 -14.68 48.49 -47.63
CA ALA O 209 -14.49 49.71 -46.89
C ALA O 209 -15.34 49.68 -45.64
N ASP O 210 -16.51 49.04 -45.73
CA ASP O 210 -17.42 49.06 -44.60
C ASP O 210 -16.98 48.05 -43.56
N ARG O 211 -15.92 47.30 -43.87
CA ARG O 211 -15.41 46.29 -42.95
C ARG O 211 -14.03 46.66 -42.46
N MET O 212 -13.57 47.87 -42.77
CA MET O 212 -12.21 48.23 -42.48
C MET O 212 -12.22 49.47 -41.60
N VAL O 213 -11.19 49.58 -40.78
CA VAL O 213 -11.03 50.75 -39.95
C VAL O 213 -9.60 51.21 -40.09
N LEU O 214 -9.40 52.45 -40.51
CA LEU O 214 -8.06 53.00 -40.49
C LEU O 214 -7.84 53.64 -39.13
N VAL O 215 -6.80 53.19 -38.45
CA VAL O 215 -6.60 53.56 -37.07
C VAL O 215 -5.27 54.27 -37.01
N GLY O 216 -5.22 55.38 -36.28
CA GLY O 216 -3.95 56.00 -35.99
C GLY O 216 -3.82 56.19 -34.49
N ALA O 217 -2.66 55.82 -33.95
CA ALA O 217 -2.39 56.16 -32.58
C ALA O 217 -1.00 56.77 -32.46
N GLY O 218 -0.88 57.72 -31.56
CA GLY O 218 0.39 58.36 -31.29
C GLY O 218 0.41 59.76 -31.88
N ALA O 219 1.49 60.09 -32.57
CA ALA O 219 1.64 61.42 -33.11
C ALA O 219 0.96 61.51 -34.47
N VAL O 220 -0.37 61.44 -34.45
CA VAL O 220 -1.17 61.61 -35.65
C VAL O 220 -2.15 62.74 -35.39
N ASP O 221 -2.39 63.59 -36.39
CA ASP O 221 -3.55 64.46 -36.34
C ASP O 221 -4.70 63.74 -37.03
N HIS O 222 -5.87 63.77 -36.40
CA HIS O 222 -7.04 63.11 -36.96
C HIS O 222 -7.42 63.69 -38.32
N ASP O 223 -7.42 65.02 -38.45
CA ASP O 223 -7.87 65.67 -39.67
C ASP O 223 -6.92 65.37 -40.82
N ALA O 224 -5.63 65.19 -40.47
CA ALA O 224 -4.58 64.87 -41.43
C ALA O 224 -4.75 63.43 -41.90
N LEU O 225 -5.17 62.55 -40.98
CA LEU O 225 -5.34 61.13 -41.28
C LEU O 225 -6.57 60.92 -42.15
N VAL O 226 -7.60 61.74 -41.95
CA VAL O 226 -8.81 61.63 -42.75
C VAL O 226 -8.53 62.11 -44.17
N GLU O 227 -7.62 63.08 -44.30
CA GLU O 227 -7.23 63.57 -45.61
C GLU O 227 -6.44 62.50 -46.35
N LEU O 228 -5.58 61.77 -45.61
CA LEU O 228 -4.78 60.69 -46.17
C LEU O 228 -5.68 59.54 -46.58
N ALA O 229 -6.83 59.39 -45.91
CA ALA O 229 -7.76 58.33 -46.21
C ALA O 229 -8.58 58.71 -47.44
N GLU O 230 -8.83 60.01 -47.61
CA GLU O 230 -9.56 60.51 -48.76
C GLU O 230 -8.69 60.44 -50.01
N LYS O 231 -7.38 60.38 -49.79
CA LYS O 231 -6.43 60.39 -50.89
C LYS O 231 -6.17 58.97 -51.36
N TYR O 232 -6.23 58.00 -50.44
CA TYR O 232 -5.68 56.69 -50.72
C TYR O 232 -6.74 55.61 -50.65
N PHE O 233 -7.67 55.78 -49.73
CA PHE O 233 -8.65 54.73 -49.55
C PHE O 233 -10.00 55.14 -50.10
N SER O 234 -10.04 56.08 -51.05
CA SER O 234 -11.34 56.52 -51.51
C SER O 234 -11.94 55.55 -52.53
N HIS O 235 -11.08 54.95 -53.36
CA HIS O 235 -11.53 53.98 -54.34
C HIS O 235 -11.45 52.56 -53.75
N LEU O 236 -11.98 52.37 -52.53
CA LEU O 236 -12.15 51.03 -51.97
C LEU O 236 -13.56 50.54 -52.33
N PRO O 237 -13.73 49.25 -52.66
CA PRO O 237 -15.06 48.68 -52.90
C PRO O 237 -15.90 48.77 -51.63
N SER O 238 -17.18 49.11 -51.80
CA SER O 238 -18.14 48.94 -50.73
C SER O 238 -18.90 47.65 -50.98
N SER O 239 -19.22 46.92 -49.90
CA SER O 239 -20.01 45.70 -50.01
C SER O 239 -21.45 46.06 -50.39
N GLN O 240 -22.16 45.10 -51.02
CA GLN O 240 -23.51 45.26 -51.52
C GLN O 240 -24.47 45.51 -50.35
N SER O 241 -24.29 44.74 -49.26
CA SER O 241 -25.10 44.80 -48.06
C SER O 241 -24.25 45.26 -46.86
N PRO O 242 -24.09 46.58 -46.65
CA PRO O 242 -23.28 47.10 -45.54
C PRO O 242 -23.94 46.87 -44.18
N VAL O 243 -23.46 45.85 -43.48
CA VAL O 243 -23.83 45.60 -42.09
C VAL O 243 -22.94 46.45 -41.17
N PRO O 244 -23.31 46.70 -39.88
CA PRO O 244 -22.44 47.44 -38.96
C PRO O 244 -21.19 46.64 -38.61
N LEU O 245 -20.15 47.32 -38.10
CA LEU O 245 -18.93 46.61 -37.73
C LEU O 245 -19.20 45.72 -36.51
N GLY O 246 -18.57 44.54 -36.54
CA GLY O 246 -18.66 43.52 -35.51
C GLY O 246 -19.96 42.72 -35.55
N THR O 247 -20.55 42.63 -36.75
CA THR O 247 -21.73 41.82 -36.99
C THR O 247 -21.26 40.42 -37.36
N PRO O 248 -21.82 39.37 -36.73
CA PRO O 248 -21.47 37.97 -37.04
C PRO O 248 -21.43 37.60 -38.54
N ILE O 260 -23.85 28.99 -37.28
CA ILE O 260 -24.14 29.69 -35.98
C ILE O 260 -23.63 28.85 -34.82
N PRO O 261 -22.64 29.32 -34.03
CA PRO O 261 -21.71 28.42 -33.33
C PRO O 261 -22.37 27.53 -32.30
N ASN O 262 -22.03 26.25 -32.36
CA ASN O 262 -22.66 25.28 -31.52
C ASN O 262 -21.50 24.50 -30.93
N PHE O 263 -21.13 24.87 -29.72
CA PHE O 263 -19.94 24.35 -29.08
C PHE O 263 -20.06 22.83 -28.87
N VAL O 264 -18.93 22.13 -29.02
CA VAL O 264 -18.95 20.69 -28.82
C VAL O 264 -18.07 20.39 -27.62
N GLY O 265 -18.69 19.83 -26.59
CA GLY O 265 -17.87 19.32 -25.50
C GLY O 265 -17.08 18.13 -26.00
N SER O 266 -15.78 18.16 -25.81
CA SER O 266 -14.97 17.19 -26.54
C SER O 266 -13.57 17.15 -25.97
N GLU O 267 -12.77 16.16 -26.31
CA GLU O 267 -11.36 16.38 -26.00
C GLU O 267 -10.49 15.98 -27.17
N VAL O 268 -9.34 16.63 -27.22
CA VAL O 268 -8.27 16.11 -28.03
C VAL O 268 -7.16 15.76 -27.06
N ARG O 269 -6.63 14.54 -27.14
CA ARG O 269 -5.39 14.30 -26.42
C ARG O 269 -4.31 14.04 -27.43
N LEU O 270 -3.20 14.76 -27.26
CA LEU O 270 -2.09 14.59 -28.16
C LEU O 270 -0.95 14.18 -27.27
N ARG O 271 -1.04 12.93 -26.83
CA ARG O 271 -0.09 12.48 -25.85
C ARG O 271 1.27 12.34 -26.52
N ASP O 272 2.28 12.90 -25.87
CA ASP O 272 3.62 12.87 -26.40
C ASP O 272 4.54 12.74 -25.20
N ASP O 273 4.97 11.50 -24.96
CA ASP O 273 5.67 11.21 -23.74
C ASP O 273 7.07 11.81 -23.78
N THR O 274 7.52 12.21 -24.97
CA THR O 274 8.88 12.71 -25.12
C THR O 274 8.97 14.17 -24.70
N MET O 275 7.84 14.87 -24.66
CA MET O 275 7.77 16.24 -24.19
C MET O 275 7.88 16.24 -22.67
N PRO O 276 8.64 17.19 -22.09
CA PRO O 276 8.76 17.32 -20.64
C PRO O 276 7.60 18.01 -19.94
N VAL O 277 6.91 18.92 -20.65
CA VAL O 277 5.86 19.72 -20.03
C VAL O 277 4.52 19.36 -20.66
N ALA O 278 3.50 19.17 -19.83
CA ALA O 278 2.16 18.95 -20.35
C ALA O 278 1.48 20.30 -20.53
N HIS O 279 0.74 20.48 -21.62
CA HIS O 279 -0.02 21.70 -21.79
C HIS O 279 -1.45 21.27 -21.91
N ILE O 280 -2.31 21.89 -21.13
CA ILE O 280 -3.69 21.46 -21.12
C ILE O 280 -4.51 22.74 -21.23
N ALA O 281 -5.47 22.76 -22.11
CA ALA O 281 -6.40 23.86 -22.06
C ALA O 281 -7.76 23.28 -21.74
N ILE O 282 -8.57 23.98 -20.99
CA ILE O 282 -9.93 23.51 -20.78
C ILE O 282 -10.77 24.73 -21.07
N ALA O 283 -11.87 24.60 -21.78
CA ALA O 283 -12.57 25.82 -22.05
C ALA O 283 -14.04 25.45 -22.10
N VAL O 284 -14.88 26.41 -21.75
CA VAL O 284 -16.29 26.22 -22.04
C VAL O 284 -16.66 27.26 -23.07
N GLU O 285 -17.88 27.15 -23.62
CA GLU O 285 -18.36 28.18 -24.50
C GLU O 285 -18.45 29.47 -23.70
N GLY O 286 -17.76 30.50 -24.18
CA GLY O 286 -17.68 31.76 -23.46
C GLY O 286 -18.58 32.77 -24.12
N VAL O 287 -18.12 34.00 -24.14
CA VAL O 287 -19.05 35.08 -24.39
C VAL O 287 -18.55 35.84 -25.59
N SER O 288 -19.49 36.41 -26.32
CA SER O 288 -19.13 37.19 -27.49
C SER O 288 -18.74 38.58 -27.02
N TRP O 289 -18.26 39.39 -27.95
CA TRP O 289 -17.81 40.71 -27.59
C TRP O 289 -18.97 41.53 -27.08
N THR O 290 -20.15 41.25 -27.62
CA THR O 290 -21.28 42.11 -27.34
C THR O 290 -22.21 41.48 -26.31
N SER O 291 -21.81 40.35 -25.73
CA SER O 291 -22.66 39.75 -24.71
C SER O 291 -22.91 40.73 -23.57
N GLU O 292 -24.08 40.55 -22.92
CA GLU O 292 -24.41 41.25 -21.69
C GLU O 292 -23.53 40.74 -20.56
N ASP O 293 -22.89 39.60 -20.76
CA ASP O 293 -22.11 39.01 -19.69
C ASP O 293 -20.62 39.17 -19.95
N TYR O 294 -20.27 40.03 -20.91
CA TYR O 294 -18.89 40.11 -21.32
C TYR O 294 -18.01 40.54 -20.14
N TYR O 295 -18.50 41.51 -19.36
CA TYR O 295 -17.67 41.95 -18.26
C TYR O 295 -17.74 40.96 -17.12
N THR O 296 -18.90 40.32 -16.98
CA THR O 296 -19.01 39.31 -15.94
C THR O 296 -18.01 38.19 -16.22
N ALA O 297 -17.88 37.78 -17.47
CA ALA O 297 -16.92 36.73 -17.78
C ALA O 297 -15.50 37.21 -17.56
N LEU O 298 -15.20 38.50 -17.76
CA LEU O 298 -13.83 38.93 -17.52
C LEU O 298 -13.55 38.94 -16.03
N VAL O 299 -14.55 39.37 -15.27
CA VAL O 299 -14.36 39.36 -13.84
C VAL O 299 -14.10 37.94 -13.42
N ALA O 300 -14.90 37.01 -13.95
CA ALA O 300 -14.77 35.65 -13.48
C ALA O 300 -13.36 35.18 -13.81
N GLN O 301 -12.89 35.55 -15.00
CA GLN O 301 -11.57 35.12 -15.42
C GLN O 301 -10.52 35.67 -14.46
N ALA O 302 -10.71 36.89 -13.96
CA ALA O 302 -9.73 37.50 -13.06
C ALA O 302 -9.76 36.85 -11.67
N ILE O 303 -10.89 36.26 -11.30
CA ILE O 303 -10.95 35.60 -10.02
C ILE O 303 -10.07 34.36 -10.03
N ILE O 304 -9.96 33.68 -11.17
CA ILE O 304 -9.16 32.48 -11.22
C ILE O 304 -7.74 32.92 -11.48
N GLY O 305 -7.58 33.83 -12.43
CA GLY O 305 -6.33 34.53 -12.54
C GLY O 305 -5.30 33.73 -13.32
N ASN O 306 -4.09 34.26 -13.27
CA ASN O 306 -2.98 33.67 -13.96
C ASN O 306 -1.96 33.34 -12.91
N TYR O 307 -1.01 32.48 -13.26
CA TYR O 307 0.05 32.15 -12.34
C TYR O 307 1.23 31.75 -13.18
N ASP O 308 2.45 32.08 -12.74
CA ASP O 308 3.63 31.63 -13.46
C ASP O 308 4.76 31.50 -12.45
N ARG O 309 5.30 30.29 -12.27
CA ARG O 309 6.26 30.11 -11.19
C ARG O 309 7.51 30.95 -11.41
N ALA O 310 7.72 31.40 -12.65
CA ALA O 310 8.94 32.14 -12.96
C ALA O 310 8.82 33.60 -12.54
N VAL O 311 7.60 34.06 -12.27
CA VAL O 311 7.45 35.42 -11.80
C VAL O 311 7.53 35.40 -10.28
N GLY O 312 8.29 36.33 -9.69
CA GLY O 312 8.52 36.34 -8.24
C GLY O 312 7.25 36.49 -7.40
N THR O 313 6.36 37.37 -7.86
CA THR O 313 5.19 37.76 -7.10
C THR O 313 4.11 36.69 -7.13
N SER O 314 4.20 35.70 -8.03
CA SER O 314 3.04 34.87 -8.33
C SER O 314 2.72 33.95 -7.16
N ARG O 315 3.71 33.65 -6.33
CA ARG O 315 3.39 32.77 -5.21
C ARG O 315 2.50 33.49 -4.19
N HIS O 316 2.33 34.79 -4.34
CA HIS O 316 1.64 35.53 -3.31
C HIS O 316 0.31 36.07 -3.81
N GLN O 317 -0.10 35.71 -5.02
CA GLN O 317 -1.38 36.14 -5.53
C GLN O 317 -2.54 35.61 -4.68
N GLY O 318 -3.63 36.37 -4.75
CA GLY O 318 -4.82 36.18 -3.93
C GLY O 318 -5.68 35.01 -4.40
N SER O 319 -5.60 34.74 -5.71
CA SER O 319 -6.35 33.68 -6.37
C SER O 319 -6.22 32.36 -5.62
N ARG O 320 -7.37 31.69 -5.37
CA ARG O 320 -7.36 30.46 -4.60
C ARG O 320 -6.56 29.38 -5.33
N LEU O 321 -6.79 29.29 -6.65
CA LEU O 321 -6.12 28.29 -7.46
C LEU O 321 -4.62 28.56 -7.43
N SER O 322 -4.23 29.83 -7.48
CA SER O 322 -2.83 30.21 -7.47
C SER O 322 -2.19 29.68 -6.19
N ASN O 323 -2.90 29.80 -5.06
CA ASN O 323 -2.35 29.32 -3.81
C ASN O 323 -2.22 27.81 -3.83
N ILE O 324 -3.23 27.10 -4.34
CA ILE O 324 -3.19 25.65 -4.34
C ILE O 324 -2.03 25.18 -5.23
N VAL O 325 -1.92 25.81 -6.38
CA VAL O 325 -0.96 25.37 -7.36
C VAL O 325 0.45 25.68 -6.88
N SER O 326 0.65 26.86 -6.29
CA SER O 326 2.02 27.17 -5.92
C SER O 326 2.46 26.34 -4.73
N GLU O 327 1.58 26.12 -3.73
CA GLU O 327 1.96 25.39 -2.53
C GLU O 327 2.29 23.94 -2.89
N ASN O 328 1.61 23.42 -3.90
CA ASN O 328 1.73 22.00 -4.21
C ASN O 328 2.62 21.74 -5.42
N ASN O 329 3.21 22.79 -5.99
CA ASN O 329 3.98 22.74 -7.24
C ASN O 329 3.22 21.94 -8.29
N LEU O 330 1.96 22.29 -8.49
CA LEU O 330 1.19 21.49 -9.43
C LEU O 330 1.43 21.94 -10.85
N ALA O 331 1.84 23.19 -11.06
CA ALA O 331 1.93 23.64 -12.43
C ALA O 331 3.11 24.56 -12.56
N ASN O 332 3.58 24.72 -13.79
CA ASN O 332 4.53 25.77 -14.08
C ASN O 332 3.77 27.06 -14.24
N SER O 333 2.55 26.95 -14.78
CA SER O 333 1.81 28.16 -15.06
C SER O 333 0.37 27.80 -15.33
N PHE O 334 -0.48 28.77 -15.11
CA PHE O 334 -1.77 28.70 -15.74
C PHE O 334 -2.18 30.11 -16.12
N GLN O 335 -3.08 30.20 -17.08
CA GLN O 335 -3.44 31.47 -17.64
C GLN O 335 -4.91 31.30 -17.96
N SER O 336 -5.75 32.04 -17.28
CA SER O 336 -7.14 32.01 -17.65
C SER O 336 -7.26 32.82 -18.92
N PHE O 337 -8.19 32.43 -19.76
CA PHE O 337 -8.44 33.30 -20.89
C PHE O 337 -9.94 33.44 -21.07
N SER O 338 -10.33 34.54 -21.71
CA SER O 338 -11.67 34.61 -22.24
C SER O 338 -11.54 35.20 -23.62
N THR O 339 -11.45 34.33 -24.61
CA THR O 339 -11.41 34.73 -26.00
C THR O 339 -12.83 34.97 -26.51
N SER O 340 -13.07 36.12 -27.11
CA SER O 340 -14.42 36.38 -27.57
C SER O 340 -14.41 36.45 -29.09
N TYR O 341 -15.53 36.08 -29.70
CA TYR O 341 -15.73 36.30 -31.12
C TYR O 341 -17.01 37.06 -31.31
N SER O 342 -17.41 37.27 -32.56
CA SER O 342 -18.59 38.09 -32.79
C SER O 342 -19.84 37.41 -32.22
N ASP O 343 -19.86 36.07 -32.18
CA ASP O 343 -21.12 35.42 -31.84
C ASP O 343 -20.95 34.31 -30.80
N THR O 344 -19.73 34.12 -30.31
CA THR O 344 -19.48 33.10 -29.31
C THR O 344 -18.14 33.43 -28.68
N GLY O 345 -17.59 32.51 -27.92
CA GLY O 345 -16.25 32.71 -27.40
C GLY O 345 -15.80 31.44 -26.72
N LEU O 346 -14.58 31.45 -26.19
CA LEU O 346 -14.20 30.37 -25.30
C LEU O 346 -13.69 30.99 -24.02
N TRP O 347 -14.01 30.37 -22.91
CA TRP O 347 -13.56 30.91 -21.66
C TRP O 347 -12.89 29.73 -21.01
N GLY O 348 -11.68 29.90 -20.51
CA GLY O 348 -11.14 28.67 -20.01
C GLY O 348 -9.80 28.90 -19.37
N ILE O 349 -8.97 27.88 -19.37
CA ILE O 349 -7.74 28.09 -18.68
C ILE O 349 -6.72 27.26 -19.41
N TYR O 350 -5.50 27.74 -19.42
CA TYR O 350 -4.45 27.02 -20.11
C TYR O 350 -3.37 26.75 -19.08
N LEU O 351 -3.01 25.46 -18.90
CA LEU O 351 -2.12 25.07 -17.82
C LEU O 351 -0.86 24.51 -18.42
N THR O 352 0.27 24.72 -17.77
CA THR O 352 1.44 23.95 -18.16
C THR O 352 1.99 23.33 -16.89
N SER O 353 2.44 22.10 -16.99
CA SER O 353 2.94 21.42 -15.82
C SER O 353 3.98 20.37 -16.20
N GLU O 354 5.01 20.29 -15.36
CA GLU O 354 6.02 19.27 -15.47
C GLU O 354 5.71 18.17 -14.47
N ASN O 355 4.76 18.44 -13.59
CA ASN O 355 4.40 17.48 -12.55
C ASN O 355 3.46 16.47 -13.17
N THR O 356 4.02 15.46 -13.80
CA THR O 356 3.22 14.68 -14.72
C THR O 356 2.35 13.67 -13.97
N THR O 357 2.68 13.41 -12.71
CA THR O 357 1.96 12.44 -11.92
C THR O 357 0.87 13.13 -11.11
N GLN O 358 0.82 14.46 -11.18
CA GLN O 358 -0.18 15.12 -10.38
C GLN O 358 -1.01 16.02 -11.27
N ILE O 359 -1.07 15.68 -12.54
CA ILE O 359 -1.92 16.43 -13.43
C ILE O 359 -3.37 16.22 -13.03
N ASP O 360 -3.68 15.04 -12.51
CA ASP O 360 -5.04 14.79 -12.06
C ASP O 360 -5.41 15.82 -11.01
N ASP O 361 -4.51 16.07 -10.03
CA ASP O 361 -4.76 17.05 -8.98
C ASP O 361 -4.86 18.43 -9.60
N LEU O 362 -3.98 18.73 -10.53
CA LEU O 362 -4.00 20.05 -11.12
C LEU O 362 -5.34 20.30 -11.79
N VAL O 363 -5.82 19.34 -12.55
CA VAL O 363 -7.08 19.59 -13.23
C VAL O 363 -8.19 19.59 -12.21
N HIS O 364 -8.15 18.64 -11.29
CA HIS O 364 -9.14 18.56 -10.23
C HIS O 364 -9.28 19.91 -9.53
N PHE O 365 -8.17 20.47 -9.05
CA PHE O 365 -8.23 21.71 -8.27
C PHE O 365 -8.67 22.88 -9.13
N THR O 366 -8.25 22.89 -10.38
CA THR O 366 -8.65 23.95 -11.25
C THR O 366 -10.16 23.91 -11.39
N LEU O 367 -10.72 22.75 -11.67
CA LEU O 367 -12.15 22.80 -11.97
C LEU O 367 -12.95 23.03 -10.71
N LYS O 368 -12.39 22.63 -9.57
CA LYS O 368 -13.05 22.90 -8.31
C LYS O 368 -13.05 24.40 -8.04
N GLU O 369 -12.03 25.14 -8.48
CA GLU O 369 -12.04 26.60 -8.40
C GLU O 369 -13.07 27.22 -9.30
N TRP O 370 -13.26 26.67 -10.49
CA TRP O 370 -14.37 27.13 -11.28
C TRP O 370 -15.71 26.83 -10.62
N ASN O 371 -15.85 25.65 -10.00
CA ASN O 371 -17.11 25.36 -9.36
C ASN O 371 -17.42 26.44 -8.34
N ARG O 372 -16.42 26.95 -7.65
CA ARG O 372 -16.71 27.93 -6.62
C ARG O 372 -17.15 29.28 -7.17
N LEU O 373 -16.92 29.52 -8.46
CA LEU O 373 -17.55 30.68 -9.07
C LEU O 373 -19.06 30.56 -9.00
N SER O 374 -19.57 29.33 -9.01
CA SER O 374 -21.00 29.09 -9.00
C SER O 374 -21.50 29.00 -7.56
N THR O 375 -20.67 28.50 -6.65
CA THR O 375 -21.26 28.10 -5.38
C THR O 375 -20.87 29.05 -4.26
N SER O 376 -19.72 29.71 -4.37
CA SER O 376 -19.14 30.34 -3.19
C SER O 376 -18.79 31.81 -3.37
N VAL O 377 -18.67 32.30 -4.60
CA VAL O 377 -18.11 33.65 -4.72
C VAL O 377 -18.98 34.68 -4.01
N SER O 378 -18.30 35.58 -3.32
CA SER O 378 -18.95 36.63 -2.55
C SER O 378 -18.35 37.94 -3.03
N ASN O 379 -18.69 39.08 -2.40
CA ASN O 379 -18.03 40.21 -2.99
C ASN O 379 -16.58 40.31 -2.55
N LEU O 380 -16.18 39.50 -1.59
CA LEU O 380 -14.75 39.38 -1.35
C LEU O 380 -13.95 39.19 -2.65
N GLN O 381 -14.23 38.07 -3.34
CA GLN O 381 -13.52 37.72 -4.57
C GLN O 381 -13.89 38.72 -5.63
N VAL O 382 -15.18 38.98 -5.79
CA VAL O 382 -15.65 39.82 -6.88
C VAL O 382 -15.04 41.21 -6.77
N GLU O 383 -15.02 41.82 -5.57
CA GLU O 383 -14.54 43.19 -5.49
C GLU O 383 -13.03 43.25 -5.64
N ARG O 384 -12.35 42.16 -5.28
CA ARG O 384 -10.92 42.10 -5.48
C ARG O 384 -10.59 42.03 -6.98
N ALA O 385 -11.39 41.25 -7.74
CA ALA O 385 -11.17 41.04 -9.16
C ALA O 385 -11.59 42.27 -9.93
N LYS O 386 -12.64 42.95 -9.47
CA LYS O 386 -13.02 44.16 -10.16
C LYS O 386 -11.90 45.17 -10.02
N SER O 387 -11.31 45.30 -8.83
CA SER O 387 -10.25 46.27 -8.63
C SER O 387 -9.06 45.99 -9.55
N GLN O 388 -8.75 44.71 -9.71
CA GLN O 388 -7.64 44.27 -10.52
C GLN O 388 -7.93 44.46 -12.00
N LEU O 389 -9.21 44.53 -12.39
CA LEU O 389 -9.59 44.68 -13.79
C LEU O 389 -9.71 46.16 -14.16
N LYS O 390 -10.22 46.95 -13.22
CA LYS O 390 -10.43 48.38 -13.39
C LYS O 390 -9.10 49.01 -13.81
N ALA O 391 -8.00 48.47 -13.29
CA ALA O 391 -6.68 48.89 -13.71
C ALA O 391 -6.27 48.13 -14.97
N GLY O 392 -6.50 46.82 -14.98
CA GLY O 392 -5.94 45.91 -15.98
C GLY O 392 -6.38 46.26 -17.40
N LEU O 393 -7.60 46.79 -17.53
CA LEU O 393 -8.18 47.16 -18.81
C LEU O 393 -7.57 48.44 -19.35
N LEU O 394 -6.96 49.22 -18.45
CA LEU O 394 -6.29 50.43 -18.86
C LEU O 394 -4.78 50.21 -18.98
N LEU O 395 -4.18 49.32 -18.14
CA LEU O 395 -2.75 49.04 -18.12
C LEU O 395 -2.22 48.46 -19.42
N SER O 396 -3.06 47.65 -20.08
CA SER O 396 -2.75 47.04 -21.35
C SER O 396 -2.32 48.08 -22.39
N LEU O 397 -2.89 49.29 -22.31
CA LEU O 397 -2.62 50.34 -23.29
C LEU O 397 -1.37 51.13 -22.92
N ASP O 398 -0.21 50.58 -23.31
CA ASP O 398 1.09 51.12 -22.95
C ASP O 398 1.66 51.98 -24.08
N GLY O 399 2.04 51.37 -25.21
CA GLY O 399 2.64 52.07 -26.33
C GLY O 399 1.60 52.32 -27.42
N THR O 400 2.00 52.95 -28.53
CA THR O 400 1.06 53.34 -29.57
C THR O 400 0.49 52.11 -30.28
N THR O 401 1.28 51.04 -30.34
CA THR O 401 0.81 49.87 -31.05
C THR O 401 -0.29 49.20 -30.23
N TYR O 402 -0.18 49.24 -28.91
CA TYR O 402 -1.23 48.66 -28.10
C TYR O 402 -2.49 49.49 -28.13
N VAL O 403 -2.31 50.82 -28.20
CA VAL O 403 -3.44 51.72 -28.26
C VAL O 403 -4.14 51.48 -29.58
N ALA O 404 -3.36 51.35 -30.66
CA ALA O 404 -3.96 51.18 -31.96
C ALA O 404 -4.68 49.84 -32.00
N GLU O 405 -4.11 48.84 -31.34
CA GLU O 405 -4.71 47.53 -31.35
C GLU O 405 -6.00 47.57 -30.55
N ASP O 406 -6.05 48.41 -29.51
CA ASP O 406 -7.25 48.53 -28.72
C ASP O 406 -8.31 49.30 -29.51
N ILE O 407 -7.91 50.36 -30.20
CA ILE O 407 -8.89 51.12 -30.95
C ILE O 407 -9.43 50.20 -32.04
N GLY O 408 -8.52 49.49 -32.69
CA GLY O 408 -8.89 48.71 -33.85
C GLY O 408 -9.77 47.54 -33.45
N ARG O 409 -9.43 46.91 -32.33
CA ARG O 409 -10.14 45.73 -31.88
C ARG O 409 -11.55 46.20 -31.52
N GLN O 410 -11.66 47.25 -30.70
CA GLN O 410 -12.98 47.70 -30.29
C GLN O 410 -13.82 48.19 -31.47
N LEU O 411 -13.21 48.81 -32.47
CA LEU O 411 -14.01 49.36 -33.55
C LEU O 411 -14.50 48.20 -34.43
N THR O 412 -13.75 47.11 -34.47
CA THR O 412 -14.13 46.04 -35.40
C THR O 412 -14.98 44.99 -34.73
N THR O 413 -15.18 45.13 -33.41
CA THR O 413 -15.92 44.12 -32.69
C THR O 413 -17.18 44.74 -32.10
N LEU O 414 -17.13 46.04 -31.80
CA LEU O 414 -18.24 46.68 -31.10
C LEU O 414 -18.81 47.82 -31.94
N GLY O 415 -18.00 48.30 -32.89
CA GLY O 415 -18.45 49.37 -33.76
C GLY O 415 -18.17 50.76 -33.19
N ARG O 416 -17.58 50.79 -31.99
CA ARG O 416 -17.24 52.04 -31.33
C ARG O 416 -16.08 51.77 -30.38
N ARG O 417 -15.35 52.84 -30.04
CA ARG O 417 -14.40 52.77 -28.95
C ARG O 417 -15.18 53.04 -27.67
N VAL O 418 -15.05 52.12 -26.72
CA VAL O 418 -15.64 52.34 -25.41
C VAL O 418 -14.65 53.10 -24.54
N THR O 419 -15.08 54.26 -24.04
CA THR O 419 -14.27 55.14 -23.19
C THR O 419 -13.97 54.46 -21.86
N PRO O 420 -12.84 54.77 -21.18
CA PRO O 420 -12.55 54.21 -19.85
C PRO O 420 -13.64 54.41 -18.81
N ALA O 421 -14.38 55.52 -18.93
CA ALA O 421 -15.45 55.83 -17.99
C ALA O 421 -16.62 54.85 -18.15
N GLU O 422 -16.93 54.48 -19.40
CA GLU O 422 -18.00 53.53 -19.69
C GLU O 422 -17.57 52.14 -19.25
N VAL O 423 -16.28 51.81 -19.47
CA VAL O 423 -15.72 50.52 -19.07
C VAL O 423 -15.73 50.39 -17.56
N GLU O 424 -15.49 51.51 -16.88
CA GLU O 424 -15.46 51.49 -15.43
C GLU O 424 -16.88 51.31 -14.91
N ALA O 425 -17.88 51.84 -15.64
CA ALA O 425 -19.27 51.73 -15.25
C ALA O 425 -19.82 50.32 -15.45
N LYS O 426 -19.42 49.69 -16.57
CA LYS O 426 -19.82 48.33 -16.86
C LYS O 426 -19.21 47.35 -15.87
N LEU O 427 -17.96 47.59 -15.45
CA LEU O 427 -17.34 46.75 -14.43
C LEU O 427 -18.00 46.97 -13.09
N GLU O 428 -18.33 48.21 -12.77
CA GLU O 428 -18.96 48.49 -11.48
C GLU O 428 -20.32 47.83 -11.38
N ALA O 429 -20.96 47.61 -12.53
CA ALA O 429 -22.26 46.98 -12.54
C ALA O 429 -22.17 45.48 -12.29
N VAL O 430 -20.96 44.91 -12.30
CA VAL O 430 -20.84 43.47 -12.09
C VAL O 430 -20.90 43.20 -10.59
N THR O 431 -21.95 42.50 -10.15
CA THR O 431 -22.08 42.19 -8.73
C THR O 431 -21.64 40.75 -8.52
N GLU O 432 -21.55 40.35 -7.26
CA GLU O 432 -21.23 38.97 -6.95
C GLU O 432 -22.34 38.06 -7.44
N HIS O 433 -23.56 38.59 -7.35
CA HIS O 433 -24.72 37.83 -7.73
C HIS O 433 -24.66 37.54 -9.24
N ASP O 434 -24.22 38.54 -10.01
CA ASP O 434 -24.06 38.42 -11.45
C ASP O 434 -23.01 37.37 -11.78
N VAL O 435 -21.89 37.37 -11.06
CA VAL O 435 -20.87 36.39 -11.38
C VAL O 435 -21.42 35.00 -11.08
N ARG O 436 -22.08 34.83 -9.93
CA ARG O 436 -22.62 33.52 -9.62
C ARG O 436 -23.64 33.12 -10.67
N ALA O 437 -24.51 34.05 -11.06
CA ALA O 437 -25.51 33.75 -12.07
C ALA O 437 -24.84 33.31 -13.37
N TRP O 438 -23.81 34.03 -13.82
CA TRP O 438 -23.14 33.73 -15.06
C TRP O 438 -22.47 32.36 -14.97
N ALA O 439 -21.80 32.08 -13.85
CA ALA O 439 -21.04 30.85 -13.73
C ALA O 439 -21.99 29.66 -13.71
N GLN O 440 -23.16 29.85 -13.08
CA GLN O 440 -24.11 28.75 -12.98
C GLN O 440 -24.75 28.44 -14.31
N LYS O 441 -24.67 29.36 -15.25
CA LYS O 441 -25.29 29.18 -16.54
C LYS O 441 -24.25 28.73 -17.55
N THR O 442 -22.98 29.03 -17.29
CA THR O 442 -21.97 28.95 -18.34
C THR O 442 -20.92 27.92 -17.97
N LEU O 443 -20.69 27.74 -16.68
CA LEU O 443 -19.63 26.86 -16.28
C LEU O 443 -20.20 25.62 -15.62
N TYR O 444 -21.21 25.81 -14.78
CA TYR O 444 -21.51 24.75 -13.84
C TYR O 444 -22.11 23.57 -14.58
N ASP O 445 -21.50 22.40 -14.45
CA ASP O 445 -22.04 21.19 -15.04
C ASP O 445 -22.18 21.36 -16.54
N LYS O 446 -21.19 21.99 -17.17
CA LYS O 446 -21.29 22.21 -18.60
C LYS O 446 -20.24 21.36 -19.27
N ASP O 447 -20.44 21.12 -20.56
CA ASP O 447 -19.47 20.39 -21.34
C ASP O 447 -18.23 21.24 -21.53
N ILE O 448 -17.07 20.60 -21.53
CA ILE O 448 -15.85 21.37 -21.67
C ILE O 448 -15.17 20.91 -22.94
N ALA O 449 -14.32 21.74 -23.49
CA ALA O 449 -13.44 21.33 -24.57
C ALA O 449 -12.10 21.19 -23.88
N LEU O 450 -11.46 20.05 -24.03
CA LEU O 450 -10.27 19.81 -23.24
C LEU O 450 -9.18 19.45 -24.22
N VAL O 451 -8.04 20.08 -24.14
CA VAL O 451 -7.02 19.64 -25.04
C VAL O 451 -5.81 19.39 -24.19
N GLY O 452 -5.19 18.25 -24.41
CA GLY O 452 -4.03 17.94 -23.63
C GLY O 452 -2.92 17.62 -24.59
N LEU O 453 -1.78 18.20 -24.32
CA LEU O 453 -0.70 17.95 -25.23
C LEU O 453 0.50 17.61 -24.37
N GLY O 454 1.14 16.50 -24.69
CA GLY O 454 2.37 16.24 -23.97
C GLY O 454 2.21 15.04 -23.08
N PRO O 455 2.93 14.97 -21.96
CA PRO O 455 2.90 13.78 -21.13
C PRO O 455 1.67 13.78 -20.24
N ILE O 456 0.53 13.43 -20.83
CA ILE O 456 -0.73 13.65 -20.17
C ILE O 456 -1.33 12.30 -19.85
N GLU O 457 -0.49 11.28 -19.70
CA GLU O 457 -0.97 9.97 -19.31
C GLU O 457 -1.84 10.11 -18.07
N GLY O 458 -1.40 10.97 -17.14
CA GLY O 458 -1.99 11.25 -15.85
C GLY O 458 -3.29 12.06 -15.92
N LEU O 459 -3.61 12.59 -17.10
CA LEU O 459 -4.87 13.30 -17.22
C LEU O 459 -5.98 12.26 -17.37
N TYR O 460 -6.97 12.26 -16.48
CA TYR O 460 -8.00 11.21 -16.60
C TYR O 460 -8.83 11.41 -17.86
N ASP O 461 -9.65 10.42 -18.19
CA ASP O 461 -10.55 10.42 -19.32
C ASP O 461 -11.61 11.53 -19.21
N TYR O 462 -12.36 11.73 -20.29
CA TYR O 462 -13.23 12.90 -20.37
C TYR O 462 -14.26 12.90 -19.25
N ASN O 463 -14.88 11.76 -18.99
CA ASN O 463 -15.89 11.77 -17.95
C ASN O 463 -15.35 12.31 -16.62
N ARG O 464 -14.21 11.80 -16.17
CA ARG O 464 -13.77 12.21 -14.85
C ARG O 464 -13.42 13.69 -14.82
N ILE O 465 -12.95 14.26 -15.93
CA ILE O 465 -12.70 15.68 -15.94
C ILE O 465 -14.04 16.37 -15.91
N ARG O 466 -14.96 15.98 -16.79
CA ARG O 466 -16.23 16.67 -16.83
C ARG O 466 -17.01 16.52 -15.52
N ASN O 467 -16.79 15.44 -14.78
CA ASN O 467 -17.48 15.32 -13.51
C ASN O 467 -17.07 16.41 -12.53
N ASP O 468 -15.88 16.97 -12.70
CA ASP O 468 -15.43 18.01 -11.80
C ASP O 468 -16.08 19.34 -12.13
N MET O 469 -16.96 19.36 -13.12
CA MET O 469 -17.54 20.65 -13.46
C MET O 469 -18.74 20.90 -12.58
N SER O 470 -19.04 19.97 -11.69
CA SER O 470 -20.08 20.24 -10.71
C SER O 470 -19.60 19.76 -9.35
N MET O 471 -20.30 20.14 -8.29
CA MET O 471 -19.92 19.66 -6.98
C MET O 471 -21.09 18.88 -6.45
N MET O 472 -20.89 17.64 -6.04
CA MET O 472 -22.00 16.88 -5.49
C MET O 472 -22.39 17.46 -4.13
N ARG O 473 -21.50 18.24 -3.51
CA ARG O 473 -21.75 18.74 -2.18
C ARG O 473 -22.67 19.95 -2.26
N TRP O 474 -22.90 20.45 -3.47
CA TRP O 474 -23.74 21.63 -3.61
C TRP O 474 -25.08 21.24 -4.22
N PHE P 15 10.97 64.88 -19.68
CA PHE P 15 11.24 64.57 -18.23
C PHE P 15 11.92 65.77 -17.56
N SER P 16 11.20 66.40 -16.62
CA SER P 16 11.76 67.39 -15.71
C SER P 16 12.61 66.73 -14.64
N THR P 17 13.93 66.80 -14.86
CA THR P 17 14.93 66.38 -13.89
C THR P 17 14.93 67.41 -12.75
N ALA P 18 14.75 66.90 -11.54
CA ALA P 18 14.89 67.68 -10.32
C ALA P 18 15.47 66.79 -9.22
N GLU P 19 15.49 67.36 -8.01
CA GLU P 19 16.12 66.76 -6.86
C GLU P 19 15.20 66.88 -5.66
N ALA P 20 15.04 65.76 -4.95
CA ALA P 20 14.16 65.70 -3.80
C ALA P 20 14.85 64.91 -2.71
N ALA P 21 15.23 65.64 -1.65
CA ALA P 21 15.99 65.14 -0.52
C ALA P 21 17.21 64.33 -0.99
N GLY P 22 17.96 64.85 -1.97
CA GLY P 22 19.22 64.25 -2.34
C GLY P 22 19.06 63.09 -3.34
N VAL P 23 17.82 62.83 -3.73
CA VAL P 23 17.52 61.82 -4.73
C VAL P 23 17.11 62.57 -5.99
N LYS P 24 17.70 62.15 -7.11
CA LYS P 24 17.36 62.63 -8.44
C LYS P 24 16.04 62.04 -8.92
N VAL P 25 15.09 62.92 -9.27
CA VAL P 25 13.74 62.54 -9.65
C VAL P 25 13.45 63.15 -11.01
N ALA P 26 13.02 62.31 -11.95
CA ALA P 26 12.65 62.76 -13.28
C ALA P 26 11.23 62.34 -13.57
N ALA P 27 10.37 63.27 -13.93
CA ALA P 27 9.01 62.88 -14.20
C ALA P 27 8.51 63.64 -15.41
N GLN P 28 7.62 63.00 -16.16
CA GLN P 28 7.01 63.60 -17.33
C GLN P 28 5.52 63.36 -17.17
N ASP P 29 4.77 64.45 -16.98
CA ASP P 29 3.34 64.32 -16.91
C ASP P 29 2.77 64.06 -18.30
N GLY P 30 1.67 63.28 -18.33
CA GLY P 30 1.04 62.83 -19.56
C GLY P 30 -0.48 62.88 -19.42
N GLN P 31 -1.17 62.40 -20.44
CA GLN P 31 -2.62 62.36 -20.40
C GLN P 31 -3.02 60.91 -20.60
N SER P 32 -2.90 60.13 -19.53
CA SER P 32 -3.24 58.72 -19.54
C SER P 32 -3.59 58.32 -18.11
N PRO P 33 -4.36 57.23 -17.89
CA PRO P 33 -4.67 56.79 -16.53
C PRO P 33 -3.56 56.00 -15.83
N ILE P 34 -2.50 55.67 -16.57
CA ILE P 34 -1.49 54.78 -16.01
C ILE P 34 -0.17 55.50 -15.86
N SER P 35 0.39 55.36 -14.65
CA SER P 35 1.68 55.89 -14.32
C SER P 35 2.68 54.76 -14.22
N ASP P 36 3.93 55.06 -14.56
CA ASP P 36 4.98 54.08 -14.41
C ASP P 36 6.07 54.71 -13.57
N LEU P 37 6.15 54.33 -12.31
CA LEU P 37 7.21 54.84 -11.49
C LEU P 37 8.34 53.81 -11.42
N SER P 38 9.55 54.26 -11.68
CA SER P 38 10.67 53.35 -11.82
C SER P 38 11.83 53.86 -10.98
N VAL P 39 12.27 53.05 -10.04
CA VAL P 39 13.52 53.36 -9.38
C VAL P 39 14.66 52.75 -10.19
N VAL P 40 15.62 53.57 -10.60
CA VAL P 40 16.77 53.09 -11.33
C VAL P 40 17.96 53.17 -10.39
N LEU P 41 18.64 52.04 -10.22
CA LEU P 41 19.74 51.93 -9.29
C LEU P 41 21.01 51.76 -10.09
N ARG P 42 22.05 52.48 -9.66
CA ARG P 42 23.34 52.28 -10.26
C ARG P 42 23.88 51.01 -9.63
N GLY P 43 23.34 49.89 -10.09
CA GLY P 43 23.67 48.66 -9.40
C GLY P 43 23.67 47.53 -10.41
N GLY P 44 23.85 47.87 -11.68
CA GLY P 44 23.90 46.82 -12.68
C GLY P 44 25.10 45.91 -12.47
N SER P 45 25.27 44.99 -13.42
CA SER P 45 26.23 43.94 -13.17
C SER P 45 27.68 44.41 -13.29
N ARG P 46 27.90 45.60 -13.85
CA ARG P 46 29.28 46.03 -13.96
C ARG P 46 29.79 46.48 -12.59
N TYR P 47 28.83 46.80 -11.72
CA TYR P 47 29.23 47.36 -10.45
C TYR P 47 29.27 46.22 -9.45
N ALA P 48 28.92 45.02 -9.92
CA ALA P 48 28.73 43.86 -9.07
C ALA P 48 30.06 43.53 -8.39
N THR P 49 29.95 42.97 -7.19
CA THR P 49 31.09 42.72 -6.35
C THR P 49 31.44 41.24 -6.51
N VAL P 50 30.36 40.47 -6.71
CA VAL P 50 30.39 39.04 -6.88
C VAL P 50 29.53 38.73 -8.09
N PRO P 51 29.89 37.70 -8.89
CA PRO P 51 29.11 37.36 -10.07
C PRO P 51 27.66 37.05 -9.74
N GLY P 52 26.78 37.88 -10.32
CA GLY P 52 25.34 37.65 -10.32
C GLY P 52 24.63 38.43 -9.22
N VAL P 53 25.35 39.23 -8.44
CA VAL P 53 24.64 39.74 -7.27
C VAL P 53 23.61 40.76 -7.71
N SER P 54 23.82 41.41 -8.85
CA SER P 54 22.93 42.51 -9.16
C SER P 54 21.62 41.91 -9.65
N HIS P 55 21.69 40.71 -10.24
CA HIS P 55 20.47 40.03 -10.61
C HIS P 55 19.71 39.56 -9.37
N ILE P 56 20.45 39.04 -8.39
CA ILE P 56 19.85 38.62 -7.15
C ILE P 56 19.25 39.82 -6.45
N LEU P 57 19.96 40.94 -6.40
CA LEU P 57 19.45 42.10 -5.72
C LEU P 57 18.18 42.61 -6.40
N GLU P 58 18.10 42.51 -7.72
CA GLU P 58 16.91 42.91 -8.45
C GLU P 58 15.75 42.02 -8.06
N LYS P 59 15.99 40.69 -8.00
CA LYS P 59 14.95 39.72 -7.69
C LYS P 59 14.65 39.78 -6.21
N PHE P 60 15.45 40.48 -5.39
CA PHE P 60 15.16 40.56 -3.97
C PHE P 60 14.39 41.85 -3.69
N ALA P 61 14.09 42.62 -4.73
CA ALA P 61 13.26 43.78 -4.47
C ALA P 61 11.84 43.31 -4.24
N PHE P 62 11.15 43.97 -3.31
CA PHE P 62 9.77 43.68 -2.97
C PHE P 62 9.65 42.29 -2.37
N GLN P 63 10.71 41.84 -1.71
CA GLN P 63 10.59 40.74 -0.78
C GLN P 63 10.21 41.35 0.55
N ASN P 64 10.36 40.59 1.62
CA ASN P 64 9.85 41.08 2.88
C ASN P 64 10.62 42.33 3.26
N THR P 65 9.90 43.41 3.54
CA THR P 65 10.49 44.53 4.23
C THR P 65 10.04 44.46 5.69
N VAL P 66 10.60 45.32 6.53
CA VAL P 66 10.23 45.35 7.93
C VAL P 66 8.81 45.91 8.08
N PRO P 67 8.41 47.01 7.39
CA PRO P 67 7.03 47.49 7.47
C PRO P 67 5.98 46.60 6.82
N LYS P 68 6.36 45.90 5.76
CA LYS P 68 5.36 45.22 4.96
C LYS P 68 5.96 43.97 4.34
N SER P 69 5.32 42.83 4.60
CA SER P 69 5.77 41.55 4.05
C SER P 69 5.56 41.50 2.54
N ALA P 70 6.32 40.64 1.86
CA ALA P 70 6.20 40.48 0.42
C ALA P 70 4.77 40.12 0.11
N LEU P 71 4.21 39.25 0.95
CA LEU P 71 2.87 38.75 0.72
C LEU P 71 1.92 39.92 0.77
N ARG P 72 2.05 40.73 1.81
CA ARG P 72 1.07 41.79 1.96
C ARG P 72 1.22 42.79 0.83
N PHE P 73 2.47 43.03 0.40
CA PHE P 73 2.71 43.98 -0.67
C PHE P 73 2.01 43.51 -1.95
N VAL P 74 2.22 42.25 -2.29
CA VAL P 74 1.66 41.74 -3.52
C VAL P 74 0.14 41.75 -3.46
N ARG P 75 -0.45 41.39 -2.32
CA ARG P 75 -1.90 41.35 -2.29
C ARG P 75 -2.48 42.75 -2.38
N GLU P 76 -1.77 43.75 -1.86
CA GLU P 76 -2.30 45.11 -1.89
C GLU P 76 -2.09 45.72 -3.26
N LEU P 77 -0.97 45.38 -3.90
CA LEU P 77 -0.67 45.84 -5.24
C LEU P 77 -1.78 45.35 -6.19
N GLU P 78 -2.31 44.16 -5.92
CA GLU P 78 -3.36 43.62 -6.77
C GLU P 78 -4.68 44.32 -6.51
N LEU P 79 -4.88 44.92 -5.33
CA LEU P 79 -6.08 45.72 -5.10
C LEU P 79 -6.05 47.04 -5.86
N PHE P 80 -4.86 47.51 -6.19
CA PHE P 80 -4.70 48.72 -6.98
C PHE P 80 -4.57 48.36 -8.45
N GLY P 81 -4.48 47.05 -8.69
CA GLY P 81 -4.26 46.47 -10.01
C GLY P 81 -2.93 46.89 -10.62
N GLY P 82 -2.00 47.36 -9.78
CA GLY P 82 -0.64 47.62 -10.20
C GLY P 82 0.09 46.36 -10.69
N LYS P 83 1.16 46.56 -11.46
CA LYS P 83 2.05 45.49 -11.85
C LYS P 83 3.44 45.93 -11.50
N LEU P 84 4.32 44.94 -11.44
CA LEU P 84 5.65 45.20 -10.98
C LEU P 84 6.62 44.57 -11.95
N TYR P 85 7.63 45.32 -12.37
CA TYR P 85 8.51 44.77 -13.37
C TYR P 85 9.91 45.18 -13.01
N THR P 86 10.82 44.22 -13.06
CA THR P 86 12.15 44.51 -12.60
C THR P 86 13.08 43.92 -13.64
N HIS P 87 14.20 44.58 -13.90
CA HIS P 87 15.25 43.93 -14.67
C HIS P 87 16.59 44.52 -14.30
N THR P 88 17.61 43.78 -14.69
CA THR P 88 18.98 44.17 -14.44
C THR P 88 19.63 44.36 -15.79
N THR P 89 20.40 45.43 -15.95
CA THR P 89 21.24 45.55 -17.12
C THR P 89 22.70 45.53 -16.65
N ARG P 90 23.60 45.92 -17.53
CA ARG P 90 24.97 45.90 -17.10
C ARG P 90 25.26 47.16 -16.30
N GLU P 91 24.40 48.15 -16.53
CA GLU P 91 24.56 49.45 -15.92
C GLU P 91 23.60 49.65 -14.75
N HIS P 92 22.35 49.21 -14.86
CA HIS P 92 21.40 49.58 -13.84
C HIS P 92 20.54 48.41 -13.39
N ILE P 93 19.92 48.54 -12.22
CA ILE P 93 18.79 47.70 -11.88
C ILE P 93 17.61 48.63 -12.01
N VAL P 94 16.55 48.17 -12.65
CA VAL P 94 15.35 48.98 -12.79
C VAL P 94 14.22 48.24 -12.11
N LEU P 95 13.51 48.95 -11.25
CA LEU P 95 12.31 48.40 -10.65
C LEU P 95 11.18 49.32 -11.06
N ARG P 96 10.22 48.79 -11.79
CA ARG P 96 9.21 49.64 -12.35
C ARG P 96 7.87 49.18 -11.83
N THR P 97 7.05 50.14 -11.45
CA THR P 97 5.69 49.77 -11.11
C THR P 97 4.79 50.50 -12.07
N GLN P 98 3.75 49.81 -12.51
CA GLN P 98 2.78 50.42 -13.38
C GLN P 98 1.48 50.42 -12.59
N PHE P 99 0.81 51.57 -12.44
CA PHE P 99 -0.39 51.59 -11.62
C PHE P 99 -1.26 52.76 -12.08
N LEU P 100 -2.42 52.92 -11.47
CA LEU P 100 -3.24 54.04 -11.88
C LEU P 100 -2.71 55.32 -11.26
N LYS P 101 -2.86 56.45 -11.98
CA LYS P 101 -2.26 57.73 -11.62
C LYS P 101 -2.46 57.98 -10.13
N GLN P 102 -3.69 57.76 -9.67
CA GLN P 102 -4.11 58.23 -8.37
C GLN P 102 -3.38 57.50 -7.24
N ASP P 103 -2.85 56.30 -7.51
CA ASP P 103 -2.27 55.46 -6.49
C ASP P 103 -0.81 55.78 -6.22
N LEU P 104 -0.33 56.91 -6.74
CA LEU P 104 1.10 57.21 -6.73
C LEU P 104 1.72 57.11 -5.34
N PRO P 105 1.13 57.72 -4.30
CA PRO P 105 1.75 57.75 -2.98
C PRO P 105 2.05 56.39 -2.38
N TYR P 106 1.23 55.39 -2.70
CA TYR P 106 1.45 54.04 -2.24
C TYR P 106 2.74 53.49 -2.85
N PHE P 107 2.91 53.64 -4.16
CA PHE P 107 4.08 53.06 -4.80
C PHE P 107 5.36 53.79 -4.47
N VAL P 108 5.28 55.10 -4.19
CA VAL P 108 6.47 55.80 -3.76
C VAL P 108 6.91 55.20 -2.43
N ASP P 109 5.95 55.03 -1.53
CA ASP P 109 6.24 54.56 -0.19
C ASP P 109 6.73 53.12 -0.23
N ALA P 110 6.28 52.34 -1.22
CA ALA P 110 6.67 50.94 -1.34
C ALA P 110 8.13 50.85 -1.76
N PHE P 111 8.53 51.71 -2.70
CA PHE P 111 9.92 51.76 -3.10
C PHE P 111 10.78 52.23 -1.95
N ALA P 112 10.27 53.20 -1.17
CA ALA P 112 11.02 53.65 0.00
C ALA P 112 11.26 52.48 0.94
N ASN P 113 10.24 51.62 1.13
CA ASN P 113 10.36 50.50 2.04
C ASN P 113 11.39 49.52 1.53
N VAL P 114 11.47 49.38 0.20
CA VAL P 114 12.37 48.41 -0.39
C VAL P 114 13.81 48.85 -0.24
N LEU P 115 14.05 50.15 -0.37
CA LEU P 115 15.42 50.63 -0.34
C LEU P 115 15.92 50.78 1.08
N LYS P 116 14.98 51.04 2.02
CA LYS P 116 15.38 51.34 3.38
C LYS P 116 15.37 50.08 4.26
N GLU P 117 14.41 49.18 4.03
CA GLU P 117 14.04 48.25 5.09
C GLU P 117 13.85 46.83 4.59
N THR P 118 14.48 46.49 3.46
CA THR P 118 14.43 45.10 3.03
C THR P 118 15.16 44.24 4.04
N LYS P 119 14.44 43.24 4.60
CA LYS P 119 15.04 42.22 5.46
C LYS P 119 15.61 41.17 4.52
N PHE P 120 16.93 41.12 4.37
CA PHE P 120 17.42 40.11 3.43
C PHE P 120 17.55 38.84 4.22
N GLN P 121 16.55 37.96 4.10
CA GLN P 121 16.49 36.80 4.97
C GLN P 121 17.00 35.64 4.16
N GLN P 122 17.72 34.74 4.83
CA GLN P 122 18.43 33.72 4.10
C GLN P 122 17.43 32.79 3.42
N PHE P 123 16.27 32.60 4.05
CA PHE P 123 15.30 31.70 3.45
C PHE P 123 14.75 32.28 2.15
N GLU P 124 14.62 33.60 2.05
CA GLU P 124 14.10 34.20 0.83
C GLU P 124 15.10 33.94 -0.26
N LEU P 125 16.38 33.98 0.09
CA LEU P 125 17.34 33.80 -0.96
C LEU P 125 17.32 32.33 -1.39
N THR P 126 17.24 31.40 -0.46
CA THR P 126 17.28 30.00 -0.80
C THR P 126 16.01 29.55 -1.54
N GLU P 127 14.85 30.00 -1.05
CA GLU P 127 13.60 29.40 -1.47
C GLU P 127 12.90 30.25 -2.53
N ARG P 128 13.14 31.56 -2.50
CA ARG P 128 12.34 32.42 -3.35
C ARG P 128 13.18 33.05 -4.45
N VAL P 129 14.20 33.79 -4.02
CA VAL P 129 14.95 34.64 -4.91
C VAL P 129 15.84 33.78 -5.81
N ALA P 130 16.70 32.94 -5.26
CA ALA P 130 17.61 32.18 -6.11
C ALA P 130 16.89 31.29 -7.13
N PRO P 131 15.86 30.51 -6.77
CA PRO P 131 15.12 29.68 -7.75
C PRO P 131 14.45 30.48 -8.87
N VAL P 132 13.99 31.69 -8.54
CA VAL P 132 13.37 32.54 -9.54
C VAL P 132 14.44 33.16 -10.41
N ALA P 133 15.57 33.53 -9.82
CA ALA P 133 16.67 34.03 -10.63
C ALA P 133 17.13 32.93 -11.59
N GLU P 134 17.07 31.68 -11.15
CA GLU P 134 17.54 30.60 -12.01
C GLU P 134 16.58 30.35 -13.16
N LEU P 135 15.27 30.45 -12.90
CA LEU P 135 14.26 30.33 -13.94
C LEU P 135 14.32 31.48 -14.92
N ASP P 136 14.66 32.68 -14.43
CA ASP P 136 14.75 33.86 -15.28
C ASP P 136 15.84 33.62 -16.31
N LEU P 137 16.98 33.15 -15.83
CA LEU P 137 18.09 32.97 -16.73
C LEU P 137 17.82 31.82 -17.70
N LEU P 138 17.27 30.69 -17.24
CA LEU P 138 17.00 29.57 -18.13
C LEU P 138 16.01 29.94 -19.24
N LYS P 139 15.11 30.86 -18.94
CA LYS P 139 14.14 31.30 -19.94
C LYS P 139 14.87 32.15 -20.98
N ARG P 140 15.87 32.91 -20.55
CA ARG P 140 16.60 33.76 -21.48
C ARG P 140 17.54 32.94 -22.37
N GLU P 141 18.12 31.90 -21.78
CA GLU P 141 19.10 31.08 -22.46
C GLU P 141 18.42 30.15 -23.46
N SER P 142 17.09 30.07 -23.43
CA SER P 142 16.38 29.29 -24.44
C SER P 142 16.69 29.86 -25.82
N ASP P 143 16.93 31.17 -25.87
CA ASP P 143 17.37 31.87 -27.06
C ASP P 143 18.90 31.80 -27.13
N PRO P 144 19.49 31.06 -28.09
CA PRO P 144 20.95 30.97 -28.14
C PRO P 144 21.63 32.30 -28.46
N ALA P 145 20.87 33.26 -29.03
CA ALA P 145 21.42 34.55 -29.43
C ALA P 145 21.77 35.35 -28.19
N PHE P 146 20.92 35.16 -27.17
CA PHE P 146 21.13 35.80 -25.89
C PHE P 146 22.45 35.30 -25.31
N THR P 147 22.60 33.98 -25.26
CA THR P 147 23.81 33.36 -24.74
C THR P 147 25.05 33.81 -25.50
N ALA P 148 24.96 33.90 -26.83
CA ALA P 148 26.11 34.29 -27.62
C ALA P 148 26.50 35.73 -27.31
N LEU P 149 25.51 36.59 -27.12
CA LEU P 149 25.86 37.98 -26.88
C LEU P 149 26.35 38.17 -25.46
N GLU P 150 25.88 37.34 -24.51
CA GLU P 150 26.39 37.36 -23.15
C GLU P 150 27.84 36.89 -23.12
N ALA P 151 28.11 35.78 -23.82
CA ALA P 151 29.45 35.23 -23.89
C ALA P 151 30.38 36.26 -24.51
N ALA P 152 29.86 37.05 -25.47
CA ALA P 152 30.69 37.99 -26.19
C ALA P 152 31.13 39.09 -25.26
N HIS P 153 30.23 39.54 -24.39
CA HIS P 153 30.63 40.55 -23.46
C HIS P 153 31.67 40.02 -22.50
N GLU P 154 31.65 38.72 -22.22
CA GLU P 154 32.51 38.15 -21.20
C GLU P 154 33.93 38.13 -21.72
N VAL P 155 34.06 37.77 -23.00
CA VAL P 155 35.33 37.72 -23.68
C VAL P 155 35.90 39.12 -23.84
N ALA P 156 34.99 40.04 -24.18
CA ALA P 156 35.43 41.35 -24.61
C ALA P 156 35.91 42.15 -23.41
N PHE P 157 35.28 41.95 -22.26
CA PHE P 157 35.54 42.87 -21.17
C PHE P 157 36.14 42.19 -19.94
N ARG P 158 35.95 40.87 -19.84
CA ARG P 158 36.47 40.07 -18.74
C ARG P 158 35.78 40.35 -17.42
N THR P 159 36.04 41.53 -16.85
CA THR P 159 35.38 41.93 -15.62
C THR P 159 34.58 43.18 -15.90
N GLY P 160 33.89 43.69 -14.88
CA GLY P 160 33.10 44.88 -15.06
C GLY P 160 31.95 44.63 -16.01
N LEU P 161 32.05 45.18 -17.21
CA LEU P 161 31.09 44.90 -18.24
C LEU P 161 31.09 43.41 -18.60
N GLY P 162 32.18 42.74 -18.26
CA GLY P 162 32.32 41.35 -18.63
C GLY P 162 31.69 40.41 -17.62
N ASN P 163 31.34 40.92 -16.42
CA ASN P 163 30.65 40.09 -15.45
C ASN P 163 29.32 39.63 -16.04
N SER P 164 28.86 38.43 -15.68
CA SER P 164 27.56 37.99 -16.16
C SER P 164 26.47 38.81 -15.50
N VAL P 165 25.41 39.06 -16.28
CA VAL P 165 24.34 39.92 -15.80
C VAL P 165 23.52 39.11 -14.82
N TYR P 166 23.42 37.82 -15.13
CA TYR P 166 22.49 36.99 -14.41
C TYR P 166 23.27 36.05 -13.53
N ALA P 167 22.61 35.68 -12.44
CA ALA P 167 23.19 34.73 -11.50
C ALA P 167 23.24 33.35 -12.17
N GLN P 168 24.34 32.62 -12.01
CA GLN P 168 24.37 31.25 -12.49
C GLN P 168 24.62 30.31 -11.32
N GLY P 169 24.28 29.03 -11.52
CA GLY P 169 24.38 28.00 -10.50
C GLY P 169 25.81 27.77 -10.02
N TYR P 170 26.75 27.89 -10.98
CA TYR P 170 28.15 27.62 -10.76
C TYR P 170 28.79 28.60 -9.76
N SER P 171 28.29 29.84 -9.67
CA SER P 171 28.81 30.87 -8.76
C SER P 171 27.69 31.33 -7.85
N PRO P 172 27.58 30.67 -6.69
CA PRO P 172 26.52 30.97 -5.72
C PRO P 172 26.72 32.34 -5.08
N VAL P 173 25.69 33.16 -5.21
CA VAL P 173 25.62 34.39 -4.46
C VAL P 173 25.13 34.03 -3.06
N THR P 174 25.80 34.54 -2.02
CA THR P 174 25.41 34.24 -0.65
C THR P 174 24.64 35.44 -0.11
N LEU P 175 23.99 35.24 1.03
CA LEU P 175 23.19 36.32 1.58
C LEU P 175 24.08 37.45 2.09
N GLU P 176 25.31 37.12 2.45
CA GLU P 176 26.25 38.17 2.86
C GLU P 176 26.66 39.04 1.67
N ASP P 177 26.94 38.41 0.53
CA ASP P 177 27.21 39.09 -0.72
C ASP P 177 26.07 40.03 -1.10
N VAL P 178 24.82 39.54 -1.06
CA VAL P 178 23.76 40.39 -1.52
C VAL P 178 23.55 41.53 -0.54
N LYS P 179 23.70 41.26 0.76
CA LYS P 179 23.48 42.31 1.75
C LYS P 179 24.55 43.39 1.63
N GLU P 180 25.79 43.01 1.30
CA GLU P 180 26.89 43.94 1.15
C GLU P 180 26.65 44.86 -0.03
N PHE P 181 26.30 44.23 -1.15
CA PHE P 181 26.03 44.98 -2.35
C PHE P 181 24.88 45.95 -2.12
N ALA P 182 23.82 45.49 -1.44
CA ALA P 182 22.67 46.34 -1.25
C ALA P 182 22.97 47.49 -0.29
N ARG P 183 23.97 47.30 0.58
CA ARG P 183 24.39 48.37 1.48
C ARG P 183 24.97 49.53 0.68
N GLN P 184 25.67 49.19 -0.42
CA GLN P 184 26.25 50.20 -1.28
C GLN P 184 25.17 50.76 -2.20
N VAL P 185 24.38 49.88 -2.80
CA VAL P 185 23.50 50.33 -3.87
C VAL P 185 22.29 51.09 -3.32
N TYR P 186 21.71 50.60 -2.22
CA TYR P 186 20.47 51.21 -1.82
C TYR P 186 20.78 52.47 -1.01
N ALA P 187 21.19 53.52 -1.72
CA ALA P 187 21.70 54.73 -1.10
C ALA P 187 21.33 55.89 -2.02
N LYS P 188 21.15 57.08 -1.44
CA LYS P 188 20.65 58.21 -2.21
C LYS P 188 21.51 58.47 -3.44
N GLN P 189 22.76 58.05 -3.38
CA GLN P 189 23.71 58.40 -4.42
C GLN P 189 23.55 57.50 -5.63
N ASN P 190 22.78 56.42 -5.49
CA ASN P 190 22.75 55.46 -6.56
C ASN P 190 21.32 55.23 -7.03
N VAL P 191 20.43 56.11 -6.62
CA VAL P 191 19.02 55.92 -6.87
C VAL P 191 18.50 57.10 -7.67
N ALA P 192 17.76 56.77 -8.72
CA ALA P 192 17.03 57.75 -9.48
C ALA P 192 15.59 57.25 -9.54
N VAL P 193 14.67 58.18 -9.30
CA VAL P 193 13.26 57.88 -9.45
C VAL P 193 12.82 58.52 -10.75
N VAL P 194 12.19 57.71 -11.61
CA VAL P 194 11.72 58.17 -12.90
C VAL P 194 10.23 57.87 -13.00
N GLY P 195 9.42 58.91 -13.18
CA GLY P 195 7.98 58.73 -13.30
C GLY P 195 7.44 59.10 -14.67
N ASN P 196 6.98 58.11 -15.42
CA ASN P 196 6.27 58.31 -16.66
C ASN P 196 4.77 58.47 -16.39
N ASN P 197 4.24 59.62 -16.81
CA ASN P 197 2.84 59.98 -16.60
C ASN P 197 2.61 60.24 -15.12
N VAL P 198 3.57 60.90 -14.51
CA VAL P 198 3.48 61.27 -13.12
C VAL P 198 3.66 62.78 -13.07
N VAL P 199 2.82 63.47 -12.30
CA VAL P 199 2.92 64.91 -12.18
C VAL P 199 4.22 65.24 -11.46
N PRO P 200 5.18 65.94 -12.09
CA PRO P 200 6.51 66.11 -11.51
C PRO P 200 6.56 66.82 -10.17
N ALA P 201 5.61 67.72 -9.92
CA ALA P 201 5.57 68.48 -8.68
C ALA P 201 5.19 67.57 -7.51
N ASP P 202 4.28 66.64 -7.80
CA ASP P 202 3.67 65.75 -6.83
C ASP P 202 4.66 64.66 -6.44
N LEU P 203 5.42 64.19 -7.42
CA LEU P 203 6.40 63.17 -7.15
C LEU P 203 7.53 63.74 -6.29
N GLN P 204 7.99 64.96 -6.59
CA GLN P 204 9.11 65.53 -5.83
C GLN P 204 8.73 65.62 -4.35
N GLN P 205 7.48 65.99 -4.10
CA GLN P 205 6.99 66.17 -2.75
C GLN P 205 6.97 64.82 -2.04
N LEU P 206 6.63 63.75 -2.76
CA LEU P 206 6.42 62.44 -2.14
C LEU P 206 7.76 61.77 -1.91
N VAL P 207 8.64 61.87 -2.90
CA VAL P 207 9.95 61.25 -2.77
C VAL P 207 10.74 61.97 -1.68
N GLY P 208 10.41 63.26 -1.51
CA GLY P 208 11.15 64.09 -0.58
C GLY P 208 10.80 63.72 0.87
N THR P 209 9.66 63.07 1.06
CA THR P 209 9.24 62.71 2.40
C THR P 209 9.60 61.26 2.66
N ALA P 210 9.61 60.46 1.60
CA ALA P 210 9.72 59.02 1.69
C ALA P 210 11.18 58.58 1.68
N PHE P 211 12.01 59.24 0.87
CA PHE P 211 13.40 58.83 0.75
C PHE P 211 14.31 59.83 1.46
N ALA P 212 13.79 60.47 2.51
CA ALA P 212 14.59 61.41 3.28
C ALA P 212 15.53 60.68 4.21
N ASP P 213 15.11 59.47 4.64
CA ASP P 213 15.79 58.70 5.67
C ASP P 213 16.64 57.60 5.04
N LEU P 214 16.73 57.63 3.71
CA LEU P 214 17.59 56.72 2.98
C LEU P 214 19.04 57.13 3.23
N GLN P 215 19.96 56.16 3.37
CA GLN P 215 21.38 56.44 3.53
C GLN P 215 21.81 57.36 2.41
N GLU P 216 22.81 58.21 2.67
CA GLU P 216 23.42 58.91 1.55
C GLU P 216 24.33 57.98 0.76
N GLY P 217 25.19 57.25 1.50
CA GLY P 217 26.11 56.29 0.95
C GLY P 217 27.09 56.93 -0.04
N SER P 218 27.64 56.12 -0.92
CA SER P 218 28.59 56.61 -1.90
C SER P 218 28.21 56.13 -3.29
N LYS P 219 28.66 56.84 -4.32
CA LYS P 219 28.57 56.34 -5.70
C LYS P 219 29.30 55.02 -5.80
N VAL P 220 28.56 54.03 -6.27
CA VAL P 220 29.07 52.72 -6.60
C VAL P 220 29.97 52.88 -7.81
N THR P 221 31.13 52.21 -7.75
CA THR P 221 32.08 52.30 -8.84
C THR P 221 32.44 50.89 -9.29
N GLN P 222 32.90 50.84 -10.53
CA GLN P 222 33.38 49.62 -11.14
C GLN P 222 34.74 49.34 -10.51
N ALA P 223 34.90 48.12 -9.98
CA ALA P 223 36.20 47.63 -9.59
C ALA P 223 37.07 47.46 -10.84
N GLY P 224 38.01 48.41 -11.03
CA GLY P 224 38.95 48.41 -12.14
C GLY P 224 38.43 49.21 -13.34
N THR P 225 39.33 49.72 -14.18
CA THR P 225 38.83 50.38 -15.38
C THR P 225 38.57 49.34 -16.45
N THR P 226 37.71 49.75 -17.39
CA THR P 226 37.28 48.89 -18.49
C THR P 226 38.43 48.64 -19.44
N THR P 227 38.82 47.36 -19.54
CA THR P 227 39.85 46.93 -20.47
C THR P 227 39.18 46.07 -21.53
N LEU P 228 39.60 46.31 -22.78
CA LEU P 228 39.04 45.56 -23.89
C LEU P 228 40.02 44.49 -24.30
N HIS P 229 39.46 43.37 -24.74
CA HIS P 229 40.23 42.22 -25.13
C HIS P 229 39.47 41.55 -26.25
N GLY P 230 40.19 40.76 -27.04
CA GLY P 230 39.59 39.96 -28.10
C GLY P 230 39.61 38.49 -27.72
N GLY P 231 39.15 37.63 -28.63
CA GLY P 231 39.17 36.20 -28.31
C GLY P 231 37.95 35.46 -28.83
N GLU P 232 37.69 34.30 -28.21
CA GLU P 232 36.64 33.40 -28.64
C GLU P 232 35.99 32.79 -27.41
N ALA P 233 34.70 32.56 -27.54
CA ALA P 233 33.94 31.87 -26.53
C ALA P 233 33.18 30.80 -27.26
N ARG P 234 33.17 29.61 -26.68
CA ARG P 234 32.56 28.49 -27.36
C ARG P 234 31.74 27.75 -26.31
N VAL P 235 30.46 28.05 -26.35
CA VAL P 235 29.51 27.50 -25.40
C VAL P 235 28.74 26.38 -26.07
N ARG P 236 29.03 25.13 -25.72
CA ARG P 236 28.29 23.99 -26.24
C ARG P 236 26.93 23.92 -25.58
N THR P 237 25.90 24.22 -26.36
CA THR P 237 24.52 23.92 -26.01
C THR P 237 23.97 22.92 -27.02
N SER P 238 22.85 22.29 -26.66
CA SER P 238 22.15 21.42 -27.59
C SER P 238 20.87 22.10 -28.04
N THR P 239 20.73 23.38 -27.66
CA THR P 239 19.46 24.09 -27.79
C THR P 239 19.63 25.29 -28.71
N GLY P 240 19.93 25.01 -29.98
CA GLY P 240 20.03 26.03 -31.01
C GLY P 240 21.44 26.57 -31.13
N ASN P 241 21.69 27.27 -32.22
CA ASN P 241 23.03 27.68 -32.55
C ASN P 241 23.03 29.18 -32.74
N ALA P 242 24.09 29.84 -32.29
CA ALA P 242 24.19 31.25 -32.58
C ALA P 242 25.66 31.62 -32.66
N LEU P 243 25.92 32.80 -33.19
CA LEU P 243 27.27 33.27 -33.34
C LEU P 243 27.25 34.77 -33.22
N THR P 244 28.01 35.28 -32.26
CA THR P 244 28.16 36.72 -32.20
C THR P 244 29.53 37.08 -32.72
N ILE P 245 29.61 38.14 -33.50
CA ILE P 245 30.90 38.67 -33.88
C ILE P 245 30.95 40.05 -33.25
N ALA P 246 31.62 40.15 -32.13
CA ALA P 246 31.57 41.43 -31.46
C ALA P 246 32.88 42.18 -31.71
N LEU P 247 32.82 43.52 -31.70
CA LEU P 247 34.01 44.32 -31.77
C LEU P 247 33.93 45.33 -30.65
N PRO P 248 34.76 45.22 -29.62
CA PRO P 248 34.77 46.22 -28.56
C PRO P 248 35.18 47.59 -29.12
N ILE P 249 34.61 48.63 -28.50
CA ILE P 249 34.89 50.00 -28.89
C ILE P 249 35.48 50.71 -27.67
N ALA P 250 36.66 51.29 -27.86
CA ALA P 250 37.36 51.99 -26.79
C ALA P 250 36.87 53.43 -26.69
N GLU P 251 36.49 54.01 -27.83
CA GLU P 251 35.90 55.34 -27.88
C GLU P 251 34.48 55.21 -28.41
N PRO P 252 33.46 55.02 -27.52
CA PRO P 252 32.08 54.92 -27.97
C PRO P 252 31.64 56.21 -28.64
N LYS P 253 31.11 56.08 -29.86
CA LYS P 253 30.72 57.20 -30.69
C LYS P 253 29.30 56.93 -31.18
N PRO P 254 28.44 57.98 -31.32
CA PRO P 254 27.05 57.76 -31.71
C PRO P 254 26.88 57.24 -33.14
N VAL P 255 27.95 57.27 -33.92
CA VAL P 255 27.89 56.79 -35.29
C VAL P 255 27.68 55.28 -35.31
N TYR P 256 28.05 54.57 -34.24
CA TYR P 256 27.88 53.13 -34.27
C TYR P 256 26.40 52.74 -34.22
N HIS P 257 25.56 53.61 -33.64
CA HIS P 257 24.11 53.38 -33.68
C HIS P 257 23.67 53.43 -35.13
N ALA P 258 24.13 54.45 -35.85
CA ALA P 258 23.75 54.57 -37.24
C ALA P 258 24.25 53.35 -38.02
N LEU P 259 25.47 52.92 -37.73
CA LEU P 259 26.00 51.79 -38.45
C LEU P 259 25.21 50.53 -38.10
N ALA P 260 24.82 50.39 -36.84
CA ALA P 260 24.07 49.21 -36.43
C ALA P 260 22.74 49.15 -37.17
N SER P 261 22.09 50.30 -37.29
CA SER P 261 20.78 50.34 -37.91
C SER P 261 20.88 50.22 -39.42
N PHE P 262 21.92 50.82 -40.02
CA PHE P 262 22.21 50.65 -41.43
C PHE P 262 22.41 49.18 -41.76
N LEU P 263 23.41 48.55 -41.11
CA LEU P 263 23.71 47.14 -41.35
C LEU P 263 22.45 46.32 -41.10
N GLY P 264 21.69 46.72 -40.08
CA GLY P 264 20.36 46.20 -39.79
C GLY P 264 20.40 44.72 -39.49
N GLY P 265 19.59 43.98 -40.24
CA GLY P 265 19.53 42.53 -40.10
C GLY P 265 18.09 42.02 -39.95
N PRO P 266 17.27 42.60 -39.02
CA PRO P 266 15.86 42.25 -38.92
C PRO P 266 15.10 42.81 -40.12
N ALA P 267 14.00 42.12 -40.47
CA ALA P 267 13.16 42.55 -41.57
C ALA P 267 12.19 43.62 -41.07
N SER P 268 11.86 44.54 -41.97
CA SER P 268 11.07 45.69 -41.61
C SER P 268 9.68 45.50 -42.21
N MET P 269 9.41 44.27 -42.64
CA MET P 269 8.07 43.86 -42.98
C MET P 269 7.94 42.35 -42.84
N PRO P 270 6.74 41.81 -42.55
CA PRO P 270 6.56 40.38 -42.31
C PRO P 270 6.93 39.51 -43.51
N TRP P 271 7.42 38.30 -43.22
CA TRP P 271 7.70 37.26 -44.21
C TRP P 271 8.65 37.74 -45.30
N SER P 272 9.49 38.72 -44.99
CA SER P 272 10.41 39.20 -45.99
C SER P 272 11.84 39.07 -45.48
N VAL P 273 12.81 39.46 -46.30
CA VAL P 273 14.21 39.37 -45.88
C VAL P 273 14.67 40.72 -45.32
N GLY P 274 14.36 41.81 -46.04
CA GLY P 274 14.85 43.12 -45.69
C GLY P 274 15.88 43.63 -46.71
N ALA P 275 16.05 44.94 -46.77
CA ALA P 275 16.92 45.52 -47.77
C ALA P 275 18.26 45.92 -47.14
N SER P 276 18.40 45.63 -45.84
CA SER P 276 19.62 45.95 -45.10
C SER P 276 20.75 45.00 -45.52
N PRO P 277 22.02 45.43 -45.64
CA PRO P 277 23.11 44.55 -46.07
C PRO P 277 23.26 43.24 -45.30
N LEU P 278 22.90 43.24 -44.01
CA LEU P 278 23.05 42.02 -43.22
C LEU P 278 21.86 41.12 -43.42
N ALA P 279 20.73 41.71 -43.83
CA ALA P 279 19.52 40.94 -44.05
C ALA P 279 19.68 40.16 -45.35
N GLN P 280 20.35 40.80 -46.33
CA GLN P 280 20.60 40.24 -47.65
C GLN P 280 21.68 39.16 -47.58
N ALA P 281 22.29 39.03 -46.39
CA ALA P 281 23.32 38.03 -46.14
C ALA P 281 22.66 36.70 -45.75
N THR P 282 21.36 36.77 -45.45
CA THR P 282 20.66 35.60 -44.96
C THR P 282 19.87 34.92 -46.08
N VAL P 283 19.95 35.47 -47.29
CA VAL P 283 19.17 34.90 -48.38
C VAL P 283 19.61 33.47 -48.65
N GLY P 284 18.62 32.57 -48.68
CA GLY P 284 18.86 31.16 -48.92
C GLY P 284 18.90 30.37 -47.62
N THR P 285 18.80 31.08 -46.49
CA THR P 285 18.99 30.49 -45.18
C THR P 285 17.86 30.89 -44.22
N HIS P 286 17.51 29.97 -43.32
CA HIS P 286 16.58 30.27 -42.23
C HIS P 286 17.40 30.70 -41.03
N THR P 287 18.09 31.83 -41.20
CA THR P 287 18.91 32.42 -40.17
C THR P 287 18.45 33.86 -40.02
N SER P 288 18.62 34.40 -38.82
CA SER P 288 18.46 35.81 -38.62
C SER P 288 19.79 36.40 -38.15
N VAL P 289 19.87 37.71 -38.32
CA VAL P 289 21.04 38.50 -38.04
C VAL P 289 20.52 39.75 -37.36
N LYS P 290 21.35 40.33 -36.50
CA LYS P 290 20.98 41.59 -35.87
C LYS P 290 22.29 42.28 -35.55
N ALA P 291 22.51 43.47 -36.08
CA ALA P 291 23.65 44.23 -35.60
C ALA P 291 23.19 45.05 -34.39
N THR P 292 24.05 45.16 -33.40
CA THR P 292 23.62 45.90 -32.23
C THR P 292 24.78 46.71 -31.72
N TYR P 293 24.46 47.89 -31.20
CA TYR P 293 25.56 48.58 -30.58
C TYR P 293 25.18 48.90 -29.16
N HIS P 294 26.11 48.67 -28.25
CA HIS P 294 25.84 48.91 -26.85
C HIS P 294 26.84 49.94 -26.38
N ASN P 295 26.31 51.07 -25.95
CA ASN P 295 27.15 52.10 -25.38
C ASN P 295 27.13 51.86 -23.87
N TYR P 296 28.31 51.88 -23.24
CA TYR P 296 28.40 51.74 -21.78
C TYR P 296 29.15 52.92 -21.18
N GLY P 297 29.27 53.98 -21.97
CA GLY P 297 29.86 55.23 -21.52
C GLY P 297 31.34 55.28 -21.88
N ASP P 298 32.09 54.32 -21.33
CA ASP P 298 33.54 54.36 -21.40
C ASP P 298 34.05 53.25 -22.32
N ALA P 299 33.14 52.33 -22.65
CA ALA P 299 33.43 51.31 -23.63
C ALA P 299 32.15 50.95 -24.35
N GLY P 300 32.28 50.25 -25.45
CA GLY P 300 31.12 50.03 -26.28
C GLY P 300 31.26 48.65 -26.88
N LEU P 301 30.17 48.07 -27.36
CA LEU P 301 30.34 46.81 -28.04
C LEU P 301 29.49 46.80 -29.28
N PHE P 302 30.12 46.56 -30.41
CA PHE P 302 29.33 46.44 -31.62
C PHE P 302 29.23 44.97 -31.91
N ALA P 303 28.02 44.47 -31.98
CA ALA P 303 27.88 43.04 -32.19
C ALA P 303 27.08 42.76 -33.45
N ILE P 304 27.37 41.63 -34.08
CA ILE P 304 26.56 41.10 -35.15
C ILE P 304 26.24 39.68 -34.74
N THR P 305 24.98 39.42 -34.46
CA THR P 305 24.63 38.15 -33.88
C THR P 305 23.82 37.41 -34.93
N ILE P 306 24.11 36.12 -35.07
CA ILE P 306 23.49 35.33 -36.10
C ILE P 306 22.94 34.09 -35.43
N LYS P 307 21.63 33.88 -35.46
CA LYS P 307 21.16 32.61 -34.95
C LYS P 307 20.53 31.85 -36.11
N GLY P 308 20.29 30.55 -35.91
CA GLY P 308 19.83 29.69 -36.97
C GLY P 308 19.97 28.24 -36.52
N ASP P 309 19.39 27.29 -37.27
CA ASP P 309 19.35 25.93 -36.78
C ASP P 309 20.48 25.12 -37.40
N SER P 310 20.98 25.62 -38.54
CA SER P 310 22.05 24.96 -39.25
C SER P 310 23.36 25.67 -38.94
N PRO P 311 24.37 24.95 -38.43
CA PRO P 311 25.70 25.53 -38.22
C PRO P 311 26.36 25.83 -39.57
N ALA P 312 26.03 25.05 -40.60
CA ALA P 312 26.57 25.27 -41.93
C ALA P 312 26.07 26.59 -42.50
N GLU P 313 24.79 26.91 -42.25
CA GLU P 313 24.20 28.14 -42.73
C GLU P 313 24.77 29.32 -41.95
N ILE P 314 24.97 29.14 -40.65
CA ILE P 314 25.47 30.21 -39.81
C ILE P 314 26.87 30.57 -40.28
N SER P 315 27.68 29.57 -40.61
CA SER P 315 29.04 29.75 -41.09
C SER P 315 29.05 30.52 -42.39
N GLN P 316 28.13 30.14 -43.28
CA GLN P 316 27.91 30.76 -44.56
C GLN P 316 27.55 32.24 -44.38
N VAL P 317 26.63 32.51 -43.45
CA VAL P 317 26.18 33.87 -43.23
C VAL P 317 27.30 34.68 -42.62
N ALA P 318 28.08 34.06 -41.72
CA ALA P 318 29.08 34.79 -40.98
C ALA P 318 30.15 35.32 -41.93
N HIS P 319 30.46 34.55 -42.97
CA HIS P 319 31.39 35.03 -43.99
C HIS P 319 30.84 36.27 -44.68
N LYS P 320 29.56 36.19 -45.09
CA LYS P 320 28.87 37.26 -45.79
C LYS P 320 28.74 38.48 -44.89
N ALA P 321 28.52 38.23 -43.60
CA ALA P 321 28.35 39.30 -42.63
C ALA P 321 29.63 40.09 -42.48
N VAL P 322 30.77 39.39 -42.49
CA VAL P 322 31.99 40.15 -42.25
C VAL P 322 32.33 40.93 -43.51
N GLN P 323 32.09 40.30 -44.65
CA GLN P 323 32.24 40.93 -45.95
C GLN P 323 31.42 42.21 -46.02
N ALA P 324 30.16 42.13 -45.57
CA ALA P 324 29.23 43.25 -45.61
C ALA P 324 29.81 44.44 -44.87
N LEU P 325 30.42 44.16 -43.72
CA LEU P 325 31.00 45.22 -42.91
C LEU P 325 32.21 45.86 -43.64
N LYS P 326 33.01 45.03 -44.34
CA LYS P 326 34.16 45.50 -45.10
C LYS P 326 33.72 46.33 -46.30
N ASP P 327 32.69 45.84 -47.00
CA ASP P 327 32.06 46.54 -48.12
C ASP P 327 31.52 47.89 -47.65
N THR P 328 31.03 47.95 -46.42
CA THR P 328 30.51 49.20 -45.90
C THR P 328 31.68 50.17 -45.68
N GLY P 329 32.83 49.63 -45.29
CA GLY P 329 34.02 50.43 -45.05
C GLY P 329 34.55 51.07 -46.33
N ALA P 330 34.16 50.48 -47.47
CA ALA P 330 34.50 50.97 -48.81
C ALA P 330 33.58 52.14 -49.18
N GLU P 331 32.29 51.83 -49.39
CA GLU P 331 31.35 52.83 -49.83
C GLU P 331 29.96 52.62 -49.21
N VAL P 332 29.37 53.74 -48.78
CA VAL P 332 27.93 53.85 -48.63
C VAL P 332 27.40 54.97 -49.51
N THR P 333 26.27 54.68 -50.15
CA THR P 333 25.58 55.61 -51.02
C THR P 333 24.82 56.62 -50.15
N GLU P 334 24.40 57.72 -50.75
CA GLU P 334 23.68 58.76 -50.02
C GLU P 334 22.32 58.24 -49.56
N GLU P 335 21.68 57.41 -50.40
CA GLU P 335 20.42 56.76 -50.08
C GLU P 335 20.57 55.94 -48.79
N GLN P 336 21.68 55.21 -48.69
CA GLN P 336 21.90 54.24 -47.63
C GLN P 336 22.13 54.98 -46.32
N ALA P 337 22.77 56.14 -46.44
CA ALA P 337 23.08 56.92 -45.26
C ALA P 337 21.81 57.55 -44.74
N ALA P 338 20.87 57.87 -45.63
CA ALA P 338 19.61 58.48 -45.22
C ALA P 338 18.72 57.42 -44.57
N ARG P 339 18.75 56.23 -45.17
CA ARG P 339 18.06 55.07 -44.62
C ARG P 339 18.56 54.80 -43.20
N ALA P 340 19.85 55.09 -42.96
CA ALA P 340 20.45 54.77 -41.67
C ALA P 340 19.95 55.78 -40.67
N TYR P 341 19.86 57.03 -41.12
CA TYR P 341 19.41 58.10 -40.25
C TYR P 341 17.98 57.83 -39.83
N ALA P 342 17.20 57.33 -40.79
CA ALA P 342 15.78 57.10 -40.55
C ALA P 342 15.62 55.93 -39.60
N LYS P 343 16.35 54.84 -39.85
CA LYS P 343 16.21 53.65 -39.01
C LYS P 343 16.74 53.97 -37.62
N SER P 344 17.70 54.90 -37.53
CA SER P 344 18.29 55.16 -36.23
C SER P 344 17.42 56.09 -35.41
N LYS P 345 16.83 57.11 -36.05
CA LYS P 345 15.90 58.01 -35.38
C LYS P 345 14.75 57.18 -34.83
N PHE P 346 14.31 56.21 -35.64
CA PHE P 346 13.18 55.41 -35.25
C PHE P 346 13.55 54.56 -34.05
N ALA P 347 14.72 53.94 -34.09
CA ALA P 347 15.12 53.09 -32.99
C ALA P 347 15.17 53.90 -31.70
N ALA P 348 15.67 55.15 -31.80
CA ALA P 348 15.78 56.01 -30.63
C ALA P 348 14.37 56.33 -30.09
N ALA P 349 13.43 56.61 -30.99
CA ALA P 349 12.10 57.02 -30.58
C ALA P 349 11.39 55.90 -29.83
N GLU P 350 11.40 54.69 -30.41
CA GLU P 350 10.71 53.56 -29.80
C GLU P 350 11.39 53.11 -28.50
N ALA P 351 12.69 53.39 -28.35
CA ALA P 351 13.38 53.08 -27.12
C ALA P 351 12.90 53.99 -26.00
N PHE P 352 12.65 55.25 -26.35
CA PHE P 352 12.20 56.22 -25.38
C PHE P 352 10.73 56.00 -25.08
N GLU P 353 10.05 55.20 -25.89
CA GLU P 353 8.64 54.92 -25.70
C GLU P 353 8.47 53.71 -24.78
N ASN P 354 9.11 52.58 -25.11
CA ASN P 354 9.09 51.38 -24.29
C ASN P 354 9.49 51.72 -22.85
N PRO P 355 8.62 51.50 -21.83
CA PRO P 355 8.90 51.96 -20.47
C PRO P 355 10.13 51.31 -19.86
N ASP P 356 10.43 50.11 -20.33
CA ASP P 356 11.57 49.35 -19.83
C ASP P 356 12.86 50.09 -20.13
N SER P 357 13.06 50.46 -21.40
CA SER P 357 14.28 51.11 -21.83
C SER P 357 14.23 52.60 -21.53
N SER P 358 13.02 53.18 -21.55
CA SER P 358 12.83 54.59 -21.24
C SER P 358 13.46 54.92 -19.90
N ALA P 359 13.17 54.10 -18.90
CA ALA P 359 13.60 54.34 -17.53
C ALA P 359 15.13 54.33 -17.44
N SER P 360 15.78 53.40 -18.15
CA SER P 360 17.23 53.31 -18.12
C SER P 360 17.90 54.44 -18.92
N VAL P 361 17.19 55.00 -19.91
CA VAL P 361 17.70 56.10 -20.71
C VAL P 361 17.84 57.33 -19.82
N ILE P 362 16.77 57.69 -19.09
CA ILE P 362 16.82 58.82 -18.19
C ILE P 362 17.60 58.45 -16.93
N GLY P 363 17.55 57.17 -16.58
CA GLY P 363 18.40 56.66 -15.51
C GLY P 363 19.87 56.96 -15.75
N MET P 364 20.30 56.91 -17.02
CA MET P 364 21.68 57.15 -17.39
C MET P 364 21.99 58.65 -17.34
N GLU P 365 20.94 59.43 -17.56
CA GLU P 365 21.13 60.87 -17.60
C GLU P 365 21.15 61.40 -16.16
N LEU P 366 20.36 60.74 -15.32
CA LEU P 366 20.22 61.14 -13.94
C LEU P 366 21.43 60.70 -13.15
N LEU P 367 21.74 59.41 -13.24
CA LEU P 367 22.78 58.86 -12.40
C LEU P 367 24.14 59.30 -12.91
N SER P 368 24.45 59.00 -14.18
CA SER P 368 25.75 59.36 -14.73
C SER P 368 25.80 60.86 -15.06
N GLY P 369 25.03 61.27 -16.05
CA GLY P 369 25.08 62.67 -16.43
C GLY P 369 25.17 62.84 -17.93
N VAL P 370 25.16 61.69 -18.63
CA VAL P 370 25.11 61.60 -20.08
C VAL P 370 23.73 62.08 -20.52
N SER P 371 23.66 63.34 -20.95
CA SER P 371 22.40 63.93 -21.37
C SER P 371 21.79 63.06 -22.46
N ARG P 372 20.50 62.75 -22.33
CA ARG P 372 19.85 61.87 -23.28
C ARG P 372 19.84 62.53 -24.66
N ILE P 373 19.89 61.71 -25.71
CA ILE P 373 19.76 62.19 -27.08
C ILE P 373 18.32 61.90 -27.52
N ALA P 374 17.55 62.98 -27.52
CA ALA P 374 16.16 62.99 -27.93
C ALA P 374 16.09 62.53 -29.38
N PRO P 375 15.10 61.68 -29.75
CA PRO P 375 14.97 61.17 -31.12
C PRO P 375 14.99 62.25 -32.21
N GLU P 376 14.47 63.44 -31.88
CA GLU P 376 14.42 64.57 -32.77
C GLU P 376 15.80 65.22 -33.00
N ASN P 377 16.82 64.78 -32.25
CA ASN P 377 18.12 65.43 -32.23
C ASN P 377 19.21 64.45 -32.66
N VAL P 378 18.80 63.25 -33.07
CA VAL P 378 19.72 62.22 -33.52
C VAL P 378 20.46 62.76 -34.74
N GLN P 379 21.81 62.71 -34.69
CA GLN P 379 22.66 63.28 -35.71
C GLN P 379 22.52 62.52 -37.03
N LYS P 380 22.50 63.25 -38.15
CA LYS P 380 22.50 62.63 -39.46
C LYS P 380 23.94 62.41 -39.90
N PHE P 381 24.30 61.13 -40.13
CA PHE P 381 25.66 60.77 -40.49
C PHE P 381 25.81 60.68 -42.00
N THR P 382 26.84 61.37 -42.53
CA THR P 382 27.15 61.39 -43.95
C THR P 382 27.71 60.03 -44.37
N PRO P 383 27.70 59.68 -45.68
CA PRO P 383 28.29 58.42 -46.11
C PRO P 383 29.77 58.31 -45.74
N ALA P 384 30.45 59.45 -45.62
CA ALA P 384 31.87 59.50 -45.29
C ALA P 384 32.09 58.99 -43.87
N GLU P 385 31.24 59.47 -42.94
CA GLU P 385 31.37 59.20 -41.52
C GLU P 385 31.00 57.75 -41.24
N LEU P 386 30.08 57.19 -42.04
CA LEU P 386 29.60 55.85 -41.77
C LEU P 386 30.62 54.84 -42.26
N SER P 387 31.22 55.14 -43.42
CA SER P 387 32.17 54.24 -44.06
C SER P 387 33.43 54.19 -43.22
N GLU P 388 33.73 55.33 -42.58
CA GLU P 388 34.90 55.49 -41.74
C GLU P 388 34.74 54.64 -40.48
N ALA P 389 33.50 54.64 -39.96
CA ALA P 389 33.16 53.89 -38.77
C ALA P 389 33.22 52.39 -39.06
N ALA P 390 32.80 51.99 -40.25
CA ALA P 390 32.77 50.58 -40.58
C ALA P 390 34.19 50.09 -40.85
N ALA P 391 35.05 51.00 -41.31
CA ALA P 391 36.41 50.68 -41.69
C ALA P 391 37.22 50.48 -40.42
N GLN P 392 36.83 51.20 -39.39
CA GLN P 392 37.47 51.17 -38.09
C GLN P 392 37.07 49.92 -37.33
N LEU P 393 36.07 49.20 -37.81
CA LEU P 393 35.58 48.01 -37.14
C LEU P 393 36.12 46.76 -37.80
N SER P 394 36.16 46.77 -39.14
CA SER P 394 36.75 45.72 -39.94
C SER P 394 38.25 45.57 -39.65
N ALA P 395 38.86 46.65 -39.16
CA ALA P 395 40.28 46.72 -38.85
C ALA P 395 40.47 46.88 -37.36
N SER P 396 39.70 46.12 -36.57
CA SER P 396 39.89 46.14 -35.14
C SER P 396 40.84 45.01 -34.74
N ALA P 397 41.64 45.30 -33.70
CA ALA P 397 42.75 44.47 -33.30
C ALA P 397 42.29 43.41 -32.30
N LYS P 398 41.03 43.52 -31.86
CA LYS P 398 40.53 42.70 -30.78
C LYS P 398 39.14 42.17 -31.13
N PRO P 399 38.95 41.43 -32.25
CA PRO P 399 37.63 40.91 -32.56
C PRO P 399 37.31 39.69 -31.68
N VAL P 400 36.06 39.70 -31.23
CA VAL P 400 35.54 38.65 -30.38
C VAL P 400 34.55 37.85 -31.19
N VAL P 401 34.55 36.53 -30.98
CA VAL P 401 33.60 35.68 -31.65
C VAL P 401 33.08 34.66 -30.65
N ALA P 402 31.77 34.73 -30.40
CA ALA P 402 31.20 33.82 -29.43
C ALA P 402 30.28 32.86 -30.16
N ALA P 403 30.59 31.57 -30.07
CA ALA P 403 29.82 30.57 -30.77
C ALA P 403 29.02 29.82 -29.73
N VAL P 404 27.75 29.55 -30.03
CA VAL P 404 26.89 28.82 -29.13
C VAL P 404 26.22 27.70 -29.92
N GLY P 405 26.20 26.49 -29.38
CA GLY P 405 25.53 25.41 -30.08
C GLY P 405 26.54 24.36 -30.54
N GLN P 406 26.44 23.92 -31.80
CA GLN P 406 27.37 22.93 -32.28
C GLN P 406 28.66 23.67 -32.62
N VAL P 407 29.50 23.84 -31.61
CA VAL P 407 30.56 24.81 -31.72
C VAL P 407 31.68 24.27 -32.63
N HIS P 408 31.75 22.95 -32.78
CA HIS P 408 32.73 22.35 -33.66
C HIS P 408 32.48 22.73 -35.11
N ALA P 409 31.25 23.19 -35.41
CA ALA P 409 30.86 23.44 -36.79
C ALA P 409 30.63 24.92 -37.02
N LEU P 410 30.84 25.74 -36.00
CA LEU P 410 30.72 27.16 -36.21
C LEU P 410 32.08 27.77 -36.49
N PRO P 411 32.14 28.98 -37.05
CA PRO P 411 33.42 29.62 -37.39
C PRO P 411 34.22 30.04 -36.18
N PHE P 412 35.51 30.31 -36.41
CA PHE P 412 36.42 30.81 -35.40
C PHE P 412 36.85 32.20 -35.81
N ALA P 413 37.48 32.92 -34.87
CA ALA P 413 37.81 34.31 -35.11
C ALA P 413 38.77 34.49 -36.28
N ASP P 414 39.74 33.58 -36.37
CA ASP P 414 40.81 33.68 -37.36
C ASP P 414 40.31 33.29 -38.76
N GLU P 415 39.17 32.60 -38.81
CA GLU P 415 38.53 32.29 -40.07
C GLU P 415 37.80 33.52 -40.62
N LEU P 416 37.49 34.50 -39.75
CA LEU P 416 36.63 35.62 -40.12
C LEU P 416 37.47 36.89 -40.33
N MET Q 85 -33.16 -46.35 -13.22
CA MET Q 85 -33.87 -47.39 -12.43
C MET Q 85 -35.07 -47.83 -13.26
N THR Q 86 -35.72 -48.92 -12.84
CA THR Q 86 -36.99 -49.25 -13.46
C THR Q 86 -38.04 -48.22 -13.08
N ALA Q 87 -39.09 -48.15 -13.89
CA ALA Q 87 -40.16 -47.18 -13.73
C ALA Q 87 -40.78 -47.34 -12.34
N ALA Q 88 -40.98 -48.61 -11.97
CA ALA Q 88 -41.50 -49.07 -10.68
C ALA Q 88 -40.74 -48.39 -9.56
N GLU Q 89 -39.42 -48.52 -9.59
CA GLU Q 89 -38.59 -48.06 -8.49
C GLU Q 89 -38.66 -46.55 -8.37
N HIS Q 90 -38.85 -45.85 -9.51
CA HIS Q 90 -38.94 -44.41 -9.49
C HIS Q 90 -40.32 -43.92 -9.06
N GLY Q 91 -41.34 -44.71 -9.39
CA GLY Q 91 -42.67 -44.16 -9.35
C GLY Q 91 -42.99 -43.44 -10.65
N LEU Q 92 -44.25 -43.53 -11.04
CA LEU Q 92 -44.67 -42.73 -12.17
C LEU Q 92 -44.57 -41.25 -11.80
N HIS Q 93 -44.09 -40.44 -12.73
CA HIS Q 93 -44.03 -39.02 -12.43
C HIS Q 93 -45.43 -38.43 -12.60
N PRO Q 94 -45.89 -37.62 -11.63
CA PRO Q 94 -47.23 -37.06 -11.66
C PRO Q 94 -47.41 -36.10 -12.83
N ALA Q 95 -48.63 -36.07 -13.33
CA ALA Q 95 -49.09 -35.09 -14.31
C ALA Q 95 -48.94 -33.68 -13.77
N GLU Q 96 -48.77 -32.71 -14.66
CA GLU Q 96 -48.70 -31.34 -14.20
C GLU Q 96 -50.11 -30.75 -14.28
N TYR Q 97 -50.73 -30.60 -13.11
CA TYR Q 97 -52.08 -30.11 -13.09
C TYR Q 97 -52.04 -28.58 -13.09
N PRO Q 98 -53.02 -27.90 -13.70
CA PRO Q 98 -53.05 -26.44 -13.66
C PRO Q 98 -53.63 -25.88 -12.36
N TRP Q 99 -52.80 -25.85 -11.33
CA TRP Q 99 -53.21 -25.36 -10.04
C TRP Q 99 -53.48 -23.86 -10.13
N PRO Q 100 -54.42 -23.32 -9.33
CA PRO Q 100 -54.64 -21.88 -9.27
C PRO Q 100 -53.37 -21.10 -8.96
N GLN Q 101 -52.50 -21.68 -8.13
CA GLN Q 101 -51.30 -20.98 -7.71
C GLN Q 101 -50.18 -21.11 -8.73
N ASN Q 102 -50.32 -21.92 -9.78
CA ASN Q 102 -49.29 -21.91 -10.80
C ASN Q 102 -49.46 -20.66 -11.62
N GLY Q 103 -48.34 -19.99 -11.91
CA GLY Q 103 -48.48 -18.73 -12.60
C GLY Q 103 -47.93 -17.62 -11.73
N MET Q 104 -47.12 -16.79 -12.38
CA MET Q 104 -46.26 -15.92 -11.61
C MET Q 104 -47.11 -14.99 -10.75
N LEU Q 105 -48.33 -14.67 -11.18
CA LEU Q 105 -49.04 -13.64 -10.46
C LEU Q 105 -50.22 -14.23 -9.71
N SER Q 106 -50.22 -15.55 -9.49
CA SER Q 106 -51.43 -16.21 -9.03
C SER Q 106 -51.31 -16.58 -7.56
N THR Q 107 -52.34 -16.29 -6.77
CA THR Q 107 -52.30 -16.72 -5.39
C THR Q 107 -52.89 -18.14 -5.32
N PHE Q 108 -52.92 -18.71 -4.11
CA PHE Q 108 -53.80 -19.83 -3.82
C PHE Q 108 -55.24 -19.37 -3.90
N ASP Q 109 -56.14 -20.31 -4.23
CA ASP Q 109 -57.55 -20.05 -4.07
C ASP Q 109 -57.90 -20.33 -2.63
N HIS Q 110 -58.28 -19.29 -1.87
CA HIS Q 110 -58.37 -19.46 -0.43
C HIS Q 110 -59.59 -20.28 -0.08
N ALA Q 111 -60.57 -20.28 -0.98
CA ALA Q 111 -61.76 -21.08 -0.76
C ALA Q 111 -61.38 -22.55 -0.80
N SER Q 112 -60.48 -22.87 -1.73
CA SER Q 112 -59.96 -24.22 -1.86
C SER Q 112 -59.13 -24.55 -0.65
N LEU Q 113 -58.36 -23.59 -0.15
CA LEU Q 113 -57.56 -23.84 1.04
C LEU Q 113 -58.46 -24.23 2.20
N ARG Q 114 -59.56 -23.48 2.38
CA ARG Q 114 -60.47 -23.74 3.47
C ARG Q 114 -61.10 -25.13 3.34
N ARG Q 115 -61.52 -25.48 2.12
CA ARG Q 115 -62.09 -26.78 1.86
C ARG Q 115 -61.07 -27.87 2.13
N GLY Q 116 -59.82 -27.60 1.77
CA GLY Q 116 -58.75 -28.56 1.97
C GLY Q 116 -58.44 -28.73 3.45
N TYR Q 117 -58.58 -27.66 4.22
CA TYR Q 117 -58.36 -27.85 5.63
C TYR Q 117 -59.40 -28.83 6.13
N GLN Q 118 -60.61 -28.70 5.63
CA GLN Q 118 -61.69 -29.54 6.14
C GLN Q 118 -61.43 -31.00 5.78
N VAL Q 119 -60.79 -31.25 4.64
CA VAL Q 119 -60.38 -32.59 4.29
C VAL Q 119 -59.27 -33.08 5.21
N TYR Q 120 -58.30 -32.21 5.52
CA TYR Q 120 -57.23 -32.63 6.40
C TYR Q 120 -57.81 -33.01 7.75
N LYS Q 121 -58.69 -32.17 8.26
CA LYS Q 121 -59.22 -32.32 9.59
C LYS Q 121 -60.04 -33.60 9.68
N GLU Q 122 -60.75 -33.96 8.60
CA GLU Q 122 -61.72 -35.04 8.68
C GLU Q 122 -61.19 -36.35 8.11
N VAL Q 123 -60.05 -36.31 7.42
CA VAL Q 123 -59.54 -37.55 6.86
C VAL Q 123 -58.11 -37.79 7.33
N CYS Q 124 -57.22 -36.89 6.94
CA CYS Q 124 -55.79 -37.09 7.11
C CYS Q 124 -55.39 -36.95 8.56
N ALA Q 125 -56.08 -36.15 9.36
CA ALA Q 125 -55.58 -35.87 10.69
C ALA Q 125 -55.66 -37.11 11.58
N ALA Q 126 -56.40 -38.11 11.12
CA ALA Q 126 -56.44 -39.35 11.85
C ALA Q 126 -55.04 -39.95 11.93
N CYS Q 127 -54.19 -39.72 10.93
CA CYS Q 127 -52.93 -40.43 10.90
C CYS Q 127 -51.77 -39.48 10.76
N HIS Q 128 -52.02 -38.27 10.29
CA HIS Q 128 -50.90 -37.45 9.92
C HIS Q 128 -50.93 -36.22 10.78
N SER Q 129 -49.76 -35.83 11.27
CA SER Q 129 -49.70 -34.59 12.01
C SER Q 129 -49.49 -33.42 11.07
N LEU Q 130 -49.73 -32.23 11.60
CA LEU Q 130 -49.48 -31.01 10.88
C LEU Q 130 -48.78 -30.07 11.84
N ASP Q 131 -47.62 -30.49 12.32
CA ASP Q 131 -47.05 -30.00 13.56
C ASP Q 131 -46.54 -28.58 13.43
N ARG Q 132 -46.33 -28.12 12.20
CA ARG Q 132 -45.62 -26.87 12.08
C ARG Q 132 -46.61 -25.73 11.86
N ILE Q 133 -47.88 -26.07 11.90
CA ILE Q 133 -48.90 -25.08 11.62
C ILE Q 133 -49.54 -24.75 12.95
N ALA Q 134 -49.69 -23.47 13.24
CA ALA Q 134 -50.36 -23.14 14.49
C ALA Q 134 -51.76 -22.66 14.15
N TRP Q 135 -52.68 -22.63 15.12
CA TRP Q 135 -54.01 -22.17 14.78
C TRP Q 135 -53.95 -20.78 14.18
N ARG Q 136 -53.03 -19.95 14.67
CA ARG Q 136 -53.00 -18.59 14.21
C ARG Q 136 -52.66 -18.55 12.72
N ASN Q 137 -52.06 -19.63 12.19
CA ASN Q 137 -51.66 -19.58 10.80
C ASN Q 137 -52.85 -19.68 9.86
N LEU Q 138 -53.95 -20.30 10.32
CA LEU Q 138 -55.16 -20.38 9.53
C LEU Q 138 -55.86 -19.03 9.49
N VAL Q 139 -55.56 -18.15 10.45
CA VAL Q 139 -56.36 -16.96 10.57
C VAL Q 139 -56.08 -16.02 9.42
N GLY Q 140 -57.14 -15.63 8.71
CA GLY Q 140 -56.98 -14.66 7.64
C GLY Q 140 -56.39 -15.33 6.41
N VAL Q 141 -56.41 -16.65 6.44
CA VAL Q 141 -56.05 -17.42 5.28
C VAL Q 141 -57.26 -18.25 4.94
N THR Q 142 -57.73 -19.03 5.92
CA THR Q 142 -58.81 -19.97 5.66
C THR Q 142 -59.97 -19.69 6.59
N HIS Q 143 -59.67 -19.12 7.77
CA HIS Q 143 -60.68 -19.00 8.81
C HIS Q 143 -60.57 -17.64 9.45
N THR Q 144 -61.66 -17.18 10.04
CA THR Q 144 -61.56 -15.92 10.75
C THR Q 144 -60.90 -16.19 12.10
N THR Q 145 -60.53 -15.12 12.81
CA THR Q 145 -59.92 -15.28 14.13
C THR Q 145 -60.84 -16.13 15.01
N ASP Q 146 -62.15 -15.93 14.87
CA ASP Q 146 -63.11 -16.53 15.79
C ASP Q 146 -63.25 -18.02 15.53
N GLU Q 147 -63.23 -18.39 14.26
CA GLU Q 147 -63.39 -19.79 13.90
C GLU Q 147 -62.16 -20.58 14.34
N ALA Q 148 -60.99 -19.94 14.25
CA ALA Q 148 -59.76 -20.62 14.63
C ALA Q 148 -59.66 -20.69 16.14
N LYS Q 149 -60.17 -19.69 16.85
CA LYS Q 149 -60.15 -19.76 18.31
C LYS Q 149 -61.06 -20.89 18.76
N ALA Q 150 -62.21 -21.02 18.06
CA ALA Q 150 -63.12 -22.11 18.34
C ALA Q 150 -62.42 -23.46 18.14
N PHE Q 151 -61.63 -23.61 17.06
CA PHE Q 151 -60.90 -24.86 16.87
C PHE Q 151 -59.88 -25.09 17.96
N ALA Q 152 -59.16 -24.06 18.37
CA ALA Q 152 -58.16 -24.22 19.40
C ALA Q 152 -58.81 -24.56 20.74
N GLU Q 153 -59.89 -23.84 21.09
CA GLU Q 153 -60.54 -23.94 22.38
C GLU Q 153 -61.22 -25.30 22.61
N GLU Q 154 -61.38 -26.09 21.55
CA GLU Q 154 -61.98 -27.42 21.66
C GLU Q 154 -60.97 -28.42 22.22
N LEU Q 155 -59.69 -28.05 22.16
CA LEU Q 155 -58.67 -29.00 22.55
C LEU Q 155 -58.12 -28.64 23.92
N GLU Q 156 -57.44 -29.62 24.52
CA GLU Q 156 -56.72 -29.41 25.75
C GLU Q 156 -55.23 -29.49 25.45
N TYR Q 157 -54.49 -28.55 26.00
CA TYR Q 157 -53.06 -28.54 25.85
C TYR Q 157 -52.43 -28.47 27.23
N ASP Q 158 -51.17 -28.86 27.31
CA ASP Q 158 -50.45 -28.82 28.57
C ASP Q 158 -50.23 -27.38 29.02
N ASP Q 159 -50.75 -27.07 30.22
CA ASP Q 159 -50.54 -25.79 30.86
C ASP Q 159 -49.27 -25.87 31.71
N GLU Q 160 -48.88 -24.75 32.31
CA GLU Q 160 -47.87 -24.72 33.36
C GLU Q 160 -48.44 -25.42 34.58
N PRO Q 161 -47.65 -26.15 35.39
CA PRO Q 161 -48.18 -26.81 36.59
C PRO Q 161 -48.85 -25.81 37.52
N ASP Q 162 -49.83 -26.31 38.30
CA ASP Q 162 -50.56 -25.51 39.25
C ASP Q 162 -49.65 -25.19 40.43
N ASP Q 163 -50.24 -24.66 41.49
CA ASP Q 163 -49.48 -24.05 42.56
C ASP Q 163 -48.87 -25.12 43.46
N GLU Q 164 -49.45 -26.34 43.45
CA GLU Q 164 -48.89 -27.49 44.15
C GLU Q 164 -47.92 -28.23 43.23
N GLY Q 165 -47.74 -27.70 42.02
CA GLY Q 165 -46.88 -28.30 41.01
C GLY Q 165 -47.45 -29.57 40.39
N ASN Q 166 -48.78 -29.72 40.43
CA ASN Q 166 -49.45 -30.82 39.76
C ASN Q 166 -49.67 -30.45 38.30
N PRO Q 167 -49.56 -31.37 37.31
CA PRO Q 167 -49.80 -31.01 35.91
C PRO Q 167 -51.25 -30.58 35.67
N ARG Q 168 -51.40 -29.68 34.69
CA ARG Q 168 -52.71 -29.16 34.32
C ARG Q 168 -52.79 -29.09 32.80
N LYS Q 169 -54.03 -29.12 32.33
CA LYS Q 169 -54.38 -28.84 30.94
C LYS Q 169 -55.09 -27.50 30.89
N ARG Q 170 -54.98 -26.83 29.74
CA ARG Q 170 -55.76 -25.63 29.45
C ARG Q 170 -56.43 -25.80 28.11
N PRO Q 171 -57.47 -25.00 27.80
CA PRO Q 171 -57.99 -24.92 26.44
C PRO Q 171 -56.98 -24.21 25.54
N GLY Q 172 -56.93 -24.64 24.29
CA GLY Q 172 -55.97 -24.17 23.31
C GLY Q 172 -56.17 -22.70 22.99
N LYS Q 173 -55.10 -22.06 22.54
CA LYS Q 173 -55.12 -20.67 22.14
C LYS Q 173 -54.59 -20.61 20.72
N LEU Q 174 -54.63 -19.43 20.12
CA LEU Q 174 -54.23 -19.37 18.73
C LEU Q 174 -52.74 -19.61 18.52
N ALA Q 175 -51.93 -19.37 19.54
CA ALA Q 175 -50.50 -19.60 19.33
C ALA Q 175 -50.14 -21.09 19.40
N ASP Q 176 -51.06 -21.95 19.84
CA ASP Q 176 -50.76 -23.37 19.96
C ASP Q 176 -50.70 -24.01 18.59
N TYR Q 177 -49.94 -25.09 18.50
CA TYR Q 177 -49.79 -25.79 17.25
C TYR Q 177 -50.92 -26.80 17.13
N ILE Q 178 -51.35 -27.07 15.90
CA ILE Q 178 -52.33 -28.10 15.69
C ILE Q 178 -51.76 -29.44 16.15
N PRO Q 179 -52.45 -30.15 17.04
CA PRO Q 179 -51.86 -31.33 17.69
C PRO Q 179 -51.98 -32.55 16.79
N GLY Q 180 -50.98 -33.43 16.93
CA GLY Q 180 -50.89 -34.65 16.14
C GLY Q 180 -51.81 -35.74 16.66
N PRO Q 181 -52.13 -36.76 15.84
CA PRO Q 181 -52.88 -37.92 16.34
C PRO Q 181 -52.11 -38.86 17.28
N TYR Q 182 -50.79 -38.83 17.19
CA TYR Q 182 -49.99 -39.81 17.92
C TYR Q 182 -48.98 -39.12 18.81
N PRO Q 183 -48.75 -39.68 20.03
CA PRO Q 183 -47.78 -39.12 20.96
C PRO Q 183 -46.31 -39.27 20.56
N ASN Q 184 -46.01 -40.28 19.74
CA ASN Q 184 -44.64 -40.49 19.29
C ASN Q 184 -44.64 -41.32 18.01
N GLU Q 185 -43.45 -41.53 17.44
CA GLU Q 185 -43.27 -42.29 16.22
C GLU Q 185 -43.74 -43.73 16.41
N GLN Q 186 -43.49 -44.27 17.59
CA GLN Q 186 -43.69 -45.69 17.77
C GLN Q 186 -45.19 -45.96 17.78
N ALA Q 187 -45.95 -45.04 18.37
CA ALA Q 187 -47.39 -45.17 18.42
C ALA Q 187 -47.95 -44.96 17.01
N ALA Q 188 -47.26 -44.15 16.23
CA ALA Q 188 -47.75 -43.90 14.88
C ALA Q 188 -47.60 -45.17 14.07
N ARG Q 189 -46.43 -45.82 14.20
CA ARG Q 189 -46.11 -47.03 13.46
C ARG Q 189 -47.01 -48.18 13.90
N ALA Q 190 -47.37 -48.18 15.19
CA ALA Q 190 -48.16 -49.27 15.72
C ALA Q 190 -49.54 -49.27 15.08
N ALA Q 191 -50.00 -48.07 14.76
CA ALA Q 191 -51.34 -47.90 14.26
C ALA Q 191 -51.37 -48.07 12.74
N ASN Q 192 -50.20 -48.20 12.13
CA ASN Q 192 -50.11 -48.15 10.68
C ASN Q 192 -49.29 -49.32 10.15
N GLN Q 193 -49.43 -50.49 10.81
CA GLN Q 193 -48.80 -51.72 10.37
C GLN Q 193 -47.33 -51.44 10.03
N GLY Q 194 -46.70 -50.65 10.90
CA GLY Q 194 -45.27 -50.50 10.91
C GLY Q 194 -44.81 -49.25 10.17
N ALA Q 195 -45.66 -48.75 9.27
CA ALA Q 195 -45.31 -47.61 8.42
C ALA Q 195 -45.52 -46.30 9.18
N LEU Q 196 -44.69 -45.29 8.90
CA LEU Q 196 -44.85 -44.08 9.66
C LEU Q 196 -45.46 -43.02 8.77
N PRO Q 197 -46.67 -42.53 9.08
CA PRO Q 197 -47.27 -41.48 8.27
C PRO Q 197 -46.55 -40.18 8.53
N PRO Q 198 -45.93 -39.54 7.53
CA PRO Q 198 -45.07 -38.39 7.76
C PRO Q 198 -45.91 -37.19 8.15
N ASP Q 199 -45.23 -36.23 8.76
CA ASP Q 199 -45.86 -34.96 9.07
C ASP Q 199 -46.16 -34.28 7.74
N LEU Q 200 -47.31 -33.63 7.63
CA LEU Q 200 -47.68 -33.13 6.32
C LEU Q 200 -47.37 -31.66 6.15
N SER Q 201 -46.81 -31.01 7.18
CA SER Q 201 -46.58 -29.58 7.11
C SER Q 201 -45.62 -29.26 5.99
N LEU Q 202 -44.77 -30.22 5.63
CA LEU Q 202 -43.72 -29.86 4.69
C LEU Q 202 -43.76 -30.76 3.46
N ILE Q 203 -44.78 -31.60 3.41
CA ILE Q 203 -44.74 -32.66 2.43
C ILE Q 203 -44.80 -32.12 1.01
N ALA Q 204 -45.41 -30.95 0.82
CA ALA Q 204 -45.47 -30.41 -0.52
C ALA Q 204 -44.09 -29.93 -0.97
N LYS Q 205 -43.18 -29.67 -0.02
CA LYS Q 205 -41.86 -29.24 -0.45
C LYS Q 205 -40.90 -30.42 -0.43
N ALA Q 206 -41.32 -31.47 0.26
CA ALA Q 206 -40.40 -32.55 0.55
C ALA Q 206 -40.48 -33.64 -0.50
N ARG Q 207 -41.31 -33.47 -1.51
CA ARG Q 207 -41.39 -34.53 -2.50
C ARG Q 207 -41.29 -33.86 -3.87
N HIS Q 208 -40.58 -34.50 -4.82
CA HIS Q 208 -40.56 -34.01 -6.19
C HIS Q 208 -41.99 -34.00 -6.69
N GLY Q 209 -42.40 -32.87 -7.26
CA GLY Q 209 -43.76 -32.82 -7.76
C GLY Q 209 -44.66 -31.95 -6.89
N GLY Q 210 -44.47 -31.95 -5.55
CA GLY Q 210 -45.22 -31.05 -4.70
C GLY Q 210 -46.71 -31.31 -4.75
N ALA Q 211 -47.52 -30.26 -5.00
CA ALA Q 211 -48.96 -30.41 -5.07
C ALA Q 211 -49.35 -31.53 -6.02
N ASP Q 212 -48.64 -31.63 -7.15
CA ASP Q 212 -49.06 -32.57 -8.16
C ASP Q 212 -48.85 -33.97 -7.64
N TYR Q 213 -47.80 -34.14 -6.83
CA TYR Q 213 -47.53 -35.47 -6.32
C TYR Q 213 -48.60 -35.83 -5.31
N ILE Q 214 -48.99 -34.86 -4.49
CA ILE Q 214 -49.98 -35.19 -3.50
C ILE Q 214 -51.28 -35.49 -4.21
N PHE Q 215 -51.63 -34.70 -5.21
CA PHE Q 215 -52.90 -34.97 -5.86
C PHE Q 215 -52.85 -36.29 -6.60
N ALA Q 216 -51.72 -36.56 -7.26
CA ALA Q 216 -51.62 -37.79 -8.04
C ALA Q 216 -51.70 -39.01 -7.14
N LEU Q 217 -51.03 -38.91 -5.99
CA LEU Q 217 -50.98 -40.01 -5.05
C LEU Q 217 -52.35 -40.30 -4.47
N LEU Q 218 -53.08 -39.26 -4.10
CA LEU Q 218 -54.31 -39.50 -3.37
C LEU Q 218 -55.38 -40.03 -4.29
N THR Q 219 -55.24 -39.71 -5.57
CA THR Q 219 -56.26 -40.09 -6.53
C THR Q 219 -55.79 -41.27 -7.36
N GLY Q 220 -54.59 -41.77 -7.08
CA GLY Q 220 -53.97 -42.66 -8.04
C GLY Q 220 -53.92 -44.12 -7.58
N TYR Q 221 -54.87 -44.51 -6.74
CA TYR Q 221 -54.93 -45.91 -6.38
C TYR Q 221 -55.83 -46.61 -7.37
N PRO Q 222 -55.28 -47.53 -8.19
CA PRO Q 222 -56.09 -48.24 -9.16
C PRO Q 222 -56.91 -49.26 -8.37
N ASP Q 223 -58.04 -49.66 -8.96
CA ASP Q 223 -58.90 -50.65 -8.34
C ASP Q 223 -58.14 -51.98 -8.21
N GLU Q 224 -57.34 -52.30 -9.23
CA GLU Q 224 -56.55 -53.51 -9.22
C GLU Q 224 -55.09 -53.16 -9.48
N PRO Q 225 -54.12 -53.70 -8.72
CA PRO Q 225 -52.72 -53.54 -9.07
C PRO Q 225 -52.43 -54.17 -10.44
N PRO Q 226 -51.61 -53.50 -11.29
CA PRO Q 226 -51.13 -54.09 -12.54
C PRO Q 226 -50.70 -55.54 -12.34
N ALA Q 227 -51.13 -56.40 -13.25
CA ALA Q 227 -50.88 -57.83 -13.16
C ALA Q 227 -49.37 -58.07 -13.04
N GLY Q 228 -49.01 -58.78 -11.98
CA GLY Q 228 -47.63 -59.24 -11.82
C GLY Q 228 -46.94 -58.58 -10.64
N VAL Q 229 -47.50 -57.48 -10.15
CA VAL Q 229 -47.01 -56.77 -8.99
C VAL Q 229 -47.31 -57.60 -7.76
N VAL Q 230 -46.28 -57.87 -6.97
CA VAL Q 230 -46.47 -58.54 -5.69
C VAL Q 230 -46.25 -57.49 -4.61
N LEU Q 231 -47.33 -57.19 -3.91
CA LEU Q 231 -47.25 -56.23 -2.84
C LEU Q 231 -46.79 -56.93 -1.57
N ALA Q 232 -45.85 -56.29 -0.86
CA ALA Q 232 -45.51 -56.63 0.52
C ALA Q 232 -46.75 -56.54 1.42
N PRO Q 233 -46.84 -57.30 2.53
CA PRO Q 233 -48.08 -57.30 3.33
C PRO Q 233 -48.34 -55.91 3.93
N GLY Q 234 -49.60 -55.46 3.81
CA GLY Q 234 -50.06 -54.19 4.37
C GLY Q 234 -49.72 -52.99 3.48
N MET Q 235 -49.27 -53.30 2.25
CA MET Q 235 -49.00 -52.30 1.24
C MET Q 235 -50.12 -52.30 0.21
N ASN Q 236 -50.30 -51.14 -0.40
CA ASN Q 236 -51.36 -50.89 -1.35
C ASN Q 236 -50.65 -50.42 -2.60
N TYR Q 237 -51.23 -50.73 -3.75
CA TYR Q 237 -50.49 -50.39 -4.94
C TYR Q 237 -50.83 -48.96 -5.29
N ASN Q 238 -49.81 -48.13 -5.51
CA ASN Q 238 -50.04 -46.80 -5.99
C ASN Q 238 -48.88 -46.44 -6.88
N PRO Q 239 -49.08 -46.24 -8.18
CA PRO Q 239 -47.95 -46.12 -9.10
C PRO Q 239 -47.11 -44.89 -8.82
N TYR Q 240 -47.69 -43.89 -8.18
CA TYR Q 240 -46.97 -42.65 -8.03
C TYR Q 240 -45.96 -42.75 -6.90
N PHE Q 241 -46.19 -43.70 -6.01
CA PHE Q 241 -45.26 -43.81 -4.92
C PHE Q 241 -44.11 -44.69 -5.37
N PRO Q 242 -42.85 -44.27 -5.14
CA PRO Q 242 -41.70 -45.08 -5.58
C PRO Q 242 -41.68 -46.48 -4.97
N GLY Q 243 -41.58 -47.48 -5.85
CA GLY Q 243 -41.63 -48.85 -5.37
C GLY Q 243 -43.00 -49.44 -5.62
N GLY Q 244 -44.02 -48.56 -5.62
CA GLY Q 244 -45.38 -48.96 -5.97
C GLY Q 244 -46.22 -49.32 -4.75
N GLY Q 245 -45.54 -49.69 -3.66
CA GLY Q 245 -46.24 -50.25 -2.54
C GLY Q 245 -46.25 -49.24 -1.41
N ILE Q 246 -47.41 -48.67 -1.13
CA ILE Q 246 -47.42 -47.63 -0.13
C ILE Q 246 -48.24 -48.10 1.05
N GLY Q 247 -47.81 -47.69 2.24
CA GLY Q 247 -48.44 -48.21 3.45
C GLY Q 247 -49.74 -47.49 3.72
N MET Q 248 -50.03 -46.47 2.90
CA MET Q 248 -51.25 -45.71 3.10
C MET Q 248 -52.26 -46.27 2.13
N ALA Q 249 -53.44 -46.63 2.63
CA ALA Q 249 -54.48 -47.16 1.77
C ALA Q 249 -55.20 -46.00 1.09
N ARG Q 250 -56.00 -46.28 0.08
CA ARG Q 250 -56.86 -45.24 -0.47
C ARG Q 250 -57.81 -44.74 0.62
N THR Q 251 -57.94 -43.42 0.72
CA THR Q 251 -58.68 -42.85 1.83
C THR Q 251 -59.76 -41.87 1.36
N LEU Q 252 -59.59 -41.34 0.15
CA LEU Q 252 -60.62 -40.44 -0.33
C LEU Q 252 -61.61 -41.21 -1.18
N PHE Q 253 -62.86 -41.19 -0.74
CA PHE Q 253 -63.96 -41.73 -1.50
C PHE Q 253 -65.04 -40.67 -1.58
N ASP Q 254 -65.79 -40.69 -2.68
CA ASP Q 254 -66.85 -39.71 -2.91
C ASP Q 254 -67.72 -39.63 -1.67
N GLY Q 255 -67.71 -38.45 -1.06
CA GLY Q 255 -68.58 -38.06 0.04
C GLY Q 255 -68.08 -38.51 1.42
N VAL Q 256 -66.77 -38.59 1.64
CA VAL Q 256 -66.25 -38.86 2.98
C VAL Q 256 -66.24 -37.58 3.80
N VAL Q 257 -66.21 -36.46 3.09
CA VAL Q 257 -66.32 -35.15 3.70
C VAL Q 257 -67.62 -34.53 3.20
N GLU Q 258 -68.27 -33.75 4.05
CA GLU Q 258 -69.38 -32.94 3.59
C GLU Q 258 -68.97 -31.48 3.66
N TYR Q 259 -68.68 -30.89 2.49
CA TYR Q 259 -68.13 -29.55 2.47
C TYR Q 259 -69.17 -28.56 2.96
N GLU Q 260 -68.70 -27.51 3.65
CA GLU Q 260 -69.62 -26.59 4.30
C GLU Q 260 -70.09 -25.51 3.32
N ASP Q 261 -69.56 -25.54 2.10
CA ASP Q 261 -69.87 -24.55 1.07
C ASP Q 261 -70.69 -25.19 -0.07
N GLY Q 262 -71.02 -26.47 0.08
CA GLY Q 262 -71.91 -27.22 -0.79
C GLY Q 262 -71.28 -27.74 -2.09
N THR Q 263 -69.97 -27.54 -2.23
CA THR Q 263 -69.15 -28.11 -3.29
C THR Q 263 -69.31 -29.63 -3.25
N PRO Q 264 -69.54 -30.30 -4.41
CA PRO Q 264 -69.59 -31.76 -4.49
C PRO Q 264 -68.27 -32.40 -4.08
N ALA Q 265 -68.31 -33.18 -3.00
CA ALA Q 265 -67.09 -33.75 -2.46
C ALA Q 265 -66.76 -35.03 -3.20
N THR Q 266 -66.15 -34.87 -4.36
CA THR Q 266 -65.74 -36.03 -5.12
C THR Q 266 -64.29 -36.32 -4.77
N THR Q 267 -63.86 -37.55 -5.02
CA THR Q 267 -62.48 -37.89 -4.75
C THR Q 267 -61.57 -36.84 -5.36
N SER Q 268 -61.79 -36.47 -6.62
CA SER Q 268 -60.89 -35.53 -7.25
C SER Q 268 -60.97 -34.16 -6.59
N GLN Q 269 -62.17 -33.75 -6.19
CA GLN Q 269 -62.33 -32.42 -5.62
C GLN Q 269 -61.63 -32.38 -4.28
N MET Q 270 -61.77 -33.44 -3.50
CA MET Q 270 -61.17 -33.42 -2.18
C MET Q 270 -59.65 -33.49 -2.31
N ALA Q 271 -59.17 -34.25 -3.28
CA ALA Q 271 -57.73 -34.37 -3.44
C ALA Q 271 -57.18 -33.03 -3.88
N LYS Q 272 -57.92 -32.31 -4.71
CA LYS Q 272 -57.39 -31.06 -5.21
C LYS Q 272 -57.38 -30.09 -4.04
N ASP Q 273 -58.42 -30.12 -3.21
CA ASP Q 273 -58.49 -29.16 -2.13
C ASP Q 273 -57.42 -29.45 -1.09
N VAL Q 274 -57.27 -30.73 -0.75
CA VAL Q 274 -56.33 -31.05 0.30
C VAL Q 274 -54.92 -30.86 -0.21
N ALA Q 275 -54.70 -31.12 -1.50
CA ALA Q 275 -53.37 -30.91 -2.06
C ALA Q 275 -53.04 -29.42 -2.02
N ALA Q 276 -54.05 -28.59 -2.30
CA ALA Q 276 -53.79 -27.17 -2.29
C ALA Q 276 -53.50 -26.76 -0.86
N PHE Q 277 -54.31 -27.25 0.08
CA PHE Q 277 -54.15 -26.88 1.48
C PHE Q 277 -52.76 -27.28 1.95
N LEU Q 278 -52.31 -28.47 1.58
CA LEU Q 278 -51.01 -28.92 2.05
C LEU Q 278 -49.91 -28.10 1.42
N THR Q 279 -50.13 -27.64 0.19
CA THR Q 279 -49.10 -26.84 -0.45
C THR Q 279 -49.03 -25.51 0.25
N TRP Q 280 -50.17 -24.96 0.64
CA TRP Q 280 -50.12 -23.78 1.45
C TRP Q 280 -49.40 -24.06 2.76
N ALA Q 281 -49.65 -25.22 3.35
CA ALA Q 281 -49.03 -25.55 4.64
C ALA Q 281 -47.52 -25.50 4.47
N ALA Q 282 -47.05 -25.95 3.31
CA ALA Q 282 -45.61 -26.03 3.21
C ALA Q 282 -45.02 -24.67 2.95
N GLU Q 283 -45.77 -23.79 2.29
CA GLU Q 283 -45.18 -22.53 1.87
C GLU Q 283 -46.16 -21.42 2.16
N PRO Q 284 -46.43 -21.05 3.41
CA PRO Q 284 -47.55 -20.15 3.67
C PRO Q 284 -47.33 -18.71 3.21
N GLU Q 285 -46.07 -18.39 2.91
CA GLU Q 285 -45.65 -17.07 2.52
C GLU Q 285 -45.91 -16.89 1.02
N HIS Q 286 -46.28 -17.98 0.34
CA HIS Q 286 -46.43 -18.04 -1.10
C HIS Q 286 -47.10 -16.79 -1.64
N ASP Q 287 -48.24 -16.40 -1.08
CA ASP Q 287 -48.98 -15.32 -1.69
C ASP Q 287 -48.19 -14.02 -1.61
N GLU Q 288 -47.66 -13.70 -0.41
CA GLU Q 288 -46.89 -12.49 -0.21
C GLU Q 288 -45.65 -12.48 -1.09
N ARG Q 289 -44.99 -13.64 -1.15
CA ARG Q 289 -43.74 -13.80 -1.86
C ARG Q 289 -43.95 -13.44 -3.30
N LYS Q 290 -45.05 -13.92 -3.90
CA LYS Q 290 -45.17 -13.69 -5.32
C LYS Q 290 -45.54 -12.25 -5.58
N LYS Q 291 -46.25 -11.64 -4.64
CA LYS Q 291 -46.62 -10.26 -4.85
C LYS Q 291 -45.38 -9.39 -4.74
N LEU Q 292 -44.49 -9.69 -3.77
CA LEU Q 292 -43.34 -8.82 -3.61
C LEU Q 292 -42.44 -9.06 -4.80
N GLY Q 293 -42.43 -10.28 -5.33
CA GLY Q 293 -41.62 -10.55 -6.49
C GLY Q 293 -42.11 -9.77 -7.70
N LEU Q 294 -43.42 -9.58 -7.78
CA LEU Q 294 -43.97 -8.83 -8.91
C LEU Q 294 -43.44 -7.40 -8.81
N LYS Q 295 -43.53 -6.81 -7.61
CA LYS Q 295 -43.05 -5.45 -7.44
C LYS Q 295 -41.56 -5.41 -7.73
N ALA Q 296 -40.82 -6.41 -7.25
CA ALA Q 296 -39.39 -6.43 -7.47
C ALA Q 296 -39.10 -6.57 -8.96
N ILE Q 297 -39.83 -7.43 -9.66
CA ILE Q 297 -39.52 -7.64 -11.07
C ILE Q 297 -39.68 -6.32 -11.79
N ILE Q 298 -40.71 -5.55 -11.44
CA ILE Q 298 -41.00 -4.32 -12.14
C ILE Q 298 -39.90 -3.31 -11.85
N VAL Q 299 -39.56 -3.12 -10.58
CA VAL Q 299 -38.55 -2.15 -10.21
C VAL Q 299 -37.20 -2.55 -10.79
N ILE Q 300 -36.85 -3.82 -10.66
CA ILE Q 300 -35.56 -4.27 -11.11
C ILE Q 300 -35.47 -4.20 -12.62
N SER Q 301 -36.54 -4.50 -13.36
CA SER Q 301 -36.58 -4.30 -14.80
C SER Q 301 -36.31 -2.85 -15.18
N ALA Q 302 -37.04 -1.92 -14.57
CA ALA Q 302 -36.84 -0.50 -14.84
C ALA Q 302 -35.41 -0.09 -14.51
N MET Q 303 -34.88 -0.55 -13.38
CA MET Q 303 -33.52 -0.18 -13.00
C MET Q 303 -32.54 -0.80 -13.96
N LEU Q 304 -32.87 -1.96 -14.52
CA LEU Q 304 -31.93 -2.58 -15.41
C LEU Q 304 -31.89 -1.80 -16.72
N GLY Q 305 -33.07 -1.43 -17.23
CA GLY Q 305 -33.19 -0.58 -18.40
C GLY Q 305 -32.45 0.75 -18.21
N LEU Q 306 -32.67 1.41 -17.08
CA LEU Q 306 -32.01 2.69 -16.84
C LEU Q 306 -30.51 2.50 -16.69
N SER Q 307 -30.11 1.42 -16.01
CA SER Q 307 -28.69 1.24 -15.77
C SER Q 307 -28.00 1.05 -17.11
N VAL Q 308 -28.73 0.51 -18.08
CA VAL Q 308 -28.07 0.29 -19.36
C VAL Q 308 -27.97 1.60 -20.11
N TYR Q 309 -29.01 2.44 -20.02
CA TYR Q 309 -28.95 3.77 -20.59
C TYR Q 309 -27.78 4.50 -19.95
N ILE Q 310 -27.67 4.46 -18.63
CA ILE Q 310 -26.63 5.23 -17.96
C ILE Q 310 -25.27 4.67 -18.33
N LYS Q 311 -25.12 3.35 -18.37
CA LYS Q 311 -23.82 2.83 -18.75
C LYS Q 311 -23.46 3.30 -20.15
N LYS Q 312 -24.38 3.14 -21.11
CA LYS Q 312 -24.05 3.54 -22.47
C LYS Q 312 -23.74 5.02 -22.51
N PHE Q 313 -24.47 5.79 -21.73
CA PHE Q 313 -24.27 7.22 -21.75
C PHE Q 313 -22.87 7.51 -21.25
N LYS Q 314 -22.46 6.91 -20.13
CA LYS Q 314 -21.19 7.27 -19.54
C LYS Q 314 -20.08 6.72 -20.41
N TRP Q 315 -20.30 5.59 -21.05
CA TRP Q 315 -19.24 5.01 -21.84
C TRP Q 315 -19.10 5.64 -23.23
N SER Q 316 -20.05 6.48 -23.64
CA SER Q 316 -20.04 6.90 -25.03
C SER Q 316 -18.75 7.62 -25.38
N PRO Q 317 -18.09 8.43 -24.53
CA PRO Q 317 -16.81 9.01 -24.89
C PRO Q 317 -15.79 7.95 -25.26
N ILE Q 318 -15.86 6.79 -24.61
CA ILE Q 318 -14.81 5.84 -24.87
C ILE Q 318 -15.20 5.11 -26.13
N LYS Q 319 -16.48 4.78 -26.28
CA LYS Q 319 -16.83 4.02 -27.47
C LYS Q 319 -16.61 4.86 -28.72
N ASN Q 320 -16.84 6.16 -28.59
CA ASN Q 320 -16.87 7.04 -29.75
C ASN Q 320 -15.49 7.61 -30.03
N ARG Q 321 -14.49 7.30 -29.21
CA ARG Q 321 -13.11 7.79 -29.32
C ARG Q 321 -12.52 7.46 -30.69
N LYS Q 322 -11.84 8.43 -31.29
CA LYS Q 322 -11.25 8.20 -32.60
C LYS Q 322 -9.78 8.59 -32.52
N PHE Q 323 -8.94 7.92 -33.32
CA PHE Q 323 -7.51 8.16 -33.27
C PHE Q 323 -7.02 8.63 -34.62
N ILE Q 324 -6.06 9.54 -34.59
CA ILE Q 324 -5.33 9.88 -35.79
C ILE Q 324 -3.89 9.57 -35.46
N TYR Q 325 -3.26 8.76 -36.30
CA TYR Q 325 -1.89 8.41 -36.00
C TYR Q 325 -1.01 9.04 -37.06
N ASN Q 326 -0.03 9.81 -36.63
CA ASN Q 326 1.01 10.24 -37.54
C ASN Q 326 2.33 9.64 -37.10
N PRO Q 327 2.85 8.62 -37.79
CA PRO Q 327 4.06 7.95 -37.31
C PRO Q 327 5.17 9.00 -37.25
N PRO Q 328 5.86 9.14 -36.10
CA PRO Q 328 6.82 10.23 -35.85
C PRO Q 328 8.08 10.28 -36.73
N TYR R 7 4.78 -4.35 -13.05
CA TYR R 7 4.35 -4.40 -14.56
C TYR R 7 3.24 -3.44 -14.98
N MET R 8 2.38 -3.04 -14.06
CA MET R 8 1.57 -1.87 -14.38
C MET R 8 1.89 -0.80 -13.35
N GLY R 9 1.95 0.45 -13.80
CA GLY R 9 2.29 1.49 -12.85
C GLY R 9 1.01 2.13 -12.33
N TRP R 10 0.98 3.45 -12.44
CA TRP R 10 -0.18 4.19 -12.03
C TRP R 10 -0.28 5.38 -12.96
N TRP R 11 -1.35 6.16 -12.83
CA TRP R 11 -1.52 7.33 -13.67
C TRP R 11 -0.23 8.15 -13.66
N GLY R 12 0.27 8.47 -14.85
CA GLY R 12 1.45 9.32 -14.94
C GLY R 12 2.68 8.48 -15.26
N HIS R 13 2.68 7.23 -14.79
CA HIS R 13 3.80 6.35 -15.02
C HIS R 13 3.27 4.94 -15.20
N MET R 14 2.37 4.77 -16.17
CA MET R 14 1.60 3.55 -16.32
C MET R 14 2.50 2.44 -16.82
N GLY R 15 3.53 2.81 -17.57
CA GLY R 15 4.51 1.86 -18.06
C GLY R 15 4.24 1.50 -19.52
N SER R 16 3.47 2.35 -20.21
CA SER R 16 3.33 2.31 -21.66
C SER R 16 4.70 2.58 -22.26
N PRO R 17 5.09 1.89 -23.36
CA PRO R 17 6.24 2.31 -24.16
C PRO R 17 5.89 3.73 -24.57
N PRO R 18 6.88 4.62 -24.80
CA PRO R 18 6.55 6.04 -25.00
C PRO R 18 5.58 6.15 -26.16
N GLN R 19 4.53 6.96 -25.97
CA GLN R 19 3.62 7.18 -27.07
C GLN R 19 3.93 8.50 -27.73
N LYS R 20 3.85 8.48 -29.05
CA LYS R 20 3.98 9.72 -29.76
C LYS R 20 3.14 9.56 -31.00
N GLY R 21 2.45 10.63 -31.36
CA GLY R 21 1.88 10.68 -32.69
C GLY R 21 0.48 10.10 -32.73
N ILE R 22 -0.07 9.73 -31.57
CA ILE R 22 -1.48 9.35 -31.55
C ILE R 22 -2.29 10.55 -31.05
N ALA R 23 -3.22 11.01 -31.86
CA ALA R 23 -4.13 12.04 -31.39
C ALA R 23 -5.43 11.33 -31.11
N GLY R 24 -5.98 11.54 -29.92
CA GLY R 24 -7.22 10.85 -29.60
C GLY R 24 -8.34 11.87 -29.48
N TYR R 25 -9.48 11.60 -30.07
CA TYR R 25 -10.49 12.61 -29.97
C TYR R 25 -11.73 11.92 -29.49
N THR R 26 -12.45 12.59 -28.61
CA THR R 26 -13.77 12.06 -28.34
C THR R 26 -14.70 13.22 -28.06
N ILE R 27 -15.99 12.91 -28.02
CA ILE R 27 -16.90 13.95 -27.64
C ILE R 27 -17.54 13.65 -26.30
N SER R 28 -18.13 14.70 -25.74
CA SER R 28 -18.82 14.64 -24.47
C SER R 28 -19.94 13.62 -24.52
N PRO R 29 -20.25 12.92 -23.41
CA PRO R 29 -21.39 12.02 -23.37
C PRO R 29 -22.66 12.80 -23.63
N PHE R 30 -22.72 14.07 -23.21
CA PHE R 30 -23.92 14.87 -23.44
C PHE R 30 -24.07 15.27 -24.90
N ALA R 31 -22.97 15.26 -25.64
CA ALA R 31 -23.01 15.71 -27.02
C ALA R 31 -23.30 14.55 -27.96
N ALA R 32 -23.17 13.32 -27.45
CA ALA R 32 -23.29 12.13 -28.29
C ALA R 32 -24.65 11.50 -28.08
N ARG R 33 -25.18 10.82 -29.10
CA ARG R 33 -26.34 9.99 -28.90
C ARG R 33 -25.83 8.62 -28.43
N PRO R 34 -26.13 8.20 -27.17
CA PRO R 34 -25.53 6.98 -26.62
C PRO R 34 -26.02 5.75 -27.40
N PHE R 35 -27.23 5.85 -27.95
CA PHE R 35 -27.85 4.77 -28.70
C PHE R 35 -27.81 5.02 -30.20
N ALA R 36 -26.88 5.84 -30.68
CA ALA R 36 -26.77 6.02 -32.12
C ALA R 36 -26.37 4.68 -32.75
N GLY R 37 -27.09 4.32 -33.82
CA GLY R 37 -26.82 3.12 -34.60
C GLY R 37 -27.02 1.85 -33.82
N VAL R 38 -27.92 1.88 -32.82
CA VAL R 38 -28.15 0.76 -31.94
C VAL R 38 -28.87 -0.35 -32.71
N VAL R 39 -29.77 0.03 -33.62
CA VAL R 39 -30.55 -0.87 -34.44
C VAL R 39 -29.61 -1.65 -35.34
N HIS R 40 -28.77 -0.91 -36.06
CA HIS R 40 -27.76 -1.51 -36.90
C HIS R 40 -26.87 -2.48 -36.11
N ALA R 41 -26.38 -2.02 -34.96
CA ALA R 41 -25.49 -2.86 -34.15
C ALA R 41 -26.22 -4.09 -33.64
N ALA R 42 -27.42 -3.89 -33.09
CA ALA R 42 -28.15 -4.97 -32.45
C ALA R 42 -28.43 -6.07 -33.46
N ILE R 43 -28.58 -5.71 -34.74
CA ILE R 43 -28.95 -6.70 -35.72
C ILE R 43 -27.69 -7.18 -36.43
N PHE R 44 -27.00 -6.26 -37.09
CA PHE R 44 -25.96 -6.68 -38.01
C PHE R 44 -24.66 -6.99 -37.27
N ASN R 45 -24.29 -6.14 -36.30
CA ASN R 45 -23.08 -6.41 -35.56
C ASN R 45 -23.23 -7.67 -34.72
N THR R 46 -24.36 -7.86 -34.03
CA THR R 46 -24.49 -9.05 -33.20
C THR R 46 -24.53 -10.30 -34.08
N PHE R 47 -25.13 -10.20 -35.27
CA PHE R 47 -25.12 -11.35 -36.15
C PHE R 47 -23.69 -11.69 -36.54
N ARG R 48 -22.91 -10.69 -36.95
CA ARG R 48 -21.50 -10.87 -37.26
C ARG R 48 -20.79 -11.55 -36.10
N ARG R 49 -20.89 -11.01 -34.89
CA ARG R 49 -20.12 -11.59 -33.81
C ARG R 49 -20.58 -13.00 -33.47
N THR R 50 -21.89 -13.27 -33.59
CA THR R 50 -22.44 -14.58 -33.28
C THR R 50 -21.98 -15.57 -34.34
N LYS R 51 -22.11 -15.18 -35.61
CA LYS R 51 -21.71 -16.09 -36.65
C LYS R 51 -20.26 -16.51 -36.45
N ASN R 52 -19.41 -15.57 -36.03
CA ASN R 52 -17.99 -15.87 -36.03
C ASN R 52 -17.63 -16.81 -34.90
N GLN R 53 -18.49 -16.89 -33.88
CA GLN R 53 -18.16 -17.68 -32.71
C GLN R 53 -19.00 -18.94 -32.66
N ALA R 54 -19.90 -19.12 -33.64
CA ALA R 54 -20.96 -20.10 -33.52
C ALA R 54 -20.38 -21.49 -33.40
N LEU R 55 -19.37 -21.82 -34.23
CA LEU R 55 -18.88 -23.18 -34.31
C LEU R 55 -18.22 -23.62 -33.02
N PHE R 56 -17.63 -22.67 -32.27
CA PHE R 56 -16.95 -22.91 -31.01
C PHE R 56 -17.91 -23.31 -29.90
N VAL R 57 -19.19 -22.97 -30.09
CA VAL R 57 -20.20 -23.37 -29.14
C VAL R 57 -20.93 -24.59 -29.66
N ILE R 58 -21.31 -24.53 -30.94
CA ILE R 58 -22.15 -25.55 -31.53
C ILE R 58 -21.44 -26.89 -31.50
N LEU R 59 -20.14 -26.94 -31.86
CA LEU R 59 -19.49 -28.24 -31.98
C LEU R 59 -19.47 -28.99 -30.66
N PRO R 60 -18.94 -28.44 -29.55
CA PRO R 60 -18.97 -29.18 -28.30
C PRO R 60 -20.38 -29.37 -27.73
N VAL R 61 -21.28 -28.41 -27.91
CA VAL R 61 -22.61 -28.64 -27.35
C VAL R 61 -23.27 -29.78 -28.10
N SER R 62 -23.19 -29.76 -29.43
CA SER R 62 -23.88 -30.78 -30.20
C SER R 62 -23.25 -32.16 -29.94
N PHE R 63 -21.95 -32.20 -29.71
CA PHE R 63 -21.32 -33.49 -29.50
C PHE R 63 -21.71 -34.05 -28.14
N PHE R 64 -21.66 -33.21 -27.12
CA PHE R 64 -21.96 -33.72 -25.80
C PHE R 64 -23.45 -33.92 -25.63
N TYR R 65 -24.28 -33.23 -26.43
CA TYR R 65 -25.70 -33.50 -26.36
C TYR R 65 -25.99 -34.83 -27.03
N TYR R 66 -25.27 -35.12 -28.12
CA TYR R 66 -25.40 -36.42 -28.75
C TYR R 66 -25.00 -37.54 -27.80
N VAL R 67 -23.85 -37.38 -27.14
CA VAL R 67 -23.33 -38.38 -26.22
C VAL R 67 -24.31 -38.61 -25.08
N TRP R 68 -24.87 -37.54 -24.54
CA TRP R 68 -25.80 -37.63 -23.43
C TRP R 68 -27.08 -38.34 -23.90
N THR R 69 -27.58 -37.92 -25.05
CA THR R 69 -28.76 -38.49 -25.66
C THR R 69 -28.60 -39.98 -25.87
N GLN R 70 -27.44 -40.42 -26.36
CA GLN R 70 -27.24 -41.84 -26.63
C GLN R 70 -27.22 -42.61 -25.34
N ALA R 71 -26.57 -42.03 -24.32
CA ALA R 71 -26.39 -42.69 -23.04
C ALA R 71 -27.72 -42.73 -22.33
N SER R 72 -28.49 -41.64 -22.35
CA SER R 72 -29.77 -41.62 -21.66
C SER R 72 -30.76 -42.54 -22.36
N GLU R 73 -30.67 -42.68 -23.70
CA GLU R 73 -31.59 -43.57 -24.39
C GLU R 73 -31.24 -45.02 -24.12
N LYS R 74 -29.95 -45.32 -24.02
CA LYS R 74 -29.52 -46.67 -23.71
C LYS R 74 -29.93 -47.02 -22.29
N ASN R 75 -29.77 -46.06 -21.38
CA ASN R 75 -30.06 -46.32 -19.99
C ASN R 75 -31.55 -46.58 -19.86
N GLU R 76 -32.34 -45.80 -20.58
CA GLU R 76 -33.77 -45.97 -20.48
C GLU R 76 -34.16 -47.37 -20.96
N TRP R 77 -33.50 -47.78 -22.04
CA TRP R 77 -33.85 -49.00 -22.74
C TRP R 77 -33.41 -50.22 -21.92
N LEU R 78 -32.33 -50.08 -21.15
CA LEU R 78 -31.80 -51.19 -20.38
C LEU R 78 -32.75 -51.56 -19.25
N TYR R 79 -33.57 -50.60 -18.83
CA TYR R 79 -34.43 -50.82 -17.69
C TYR R 79 -35.86 -51.02 -18.17
N THR R 80 -36.00 -51.44 -19.44
CA THR R 80 -37.28 -51.93 -19.94
C THR R 80 -37.23 -53.45 -19.94
N LYS R 81 -38.34 -54.07 -20.32
CA LYS R 81 -38.44 -55.53 -20.36
C LYS R 81 -37.56 -56.06 -21.49
N ALA R 82 -37.58 -55.34 -22.62
CA ALA R 82 -36.80 -55.67 -23.80
C ALA R 82 -35.29 -55.64 -23.51
N GLY R 83 -34.89 -54.83 -22.53
CA GLY R 83 -33.48 -54.56 -22.24
C GLY R 83 -32.96 -55.40 -21.08
N ARG R 84 -33.77 -56.38 -20.66
CA ARG R 84 -33.49 -57.27 -19.55
C ARG R 84 -32.14 -57.96 -19.73
N HIS R 85 -31.91 -58.47 -20.93
CA HIS R 85 -30.79 -59.36 -21.18
C HIS R 85 -29.50 -58.56 -21.24
N GLU R 86 -29.60 -57.38 -21.87
CA GLU R 86 -28.46 -56.49 -22.06
C GLU R 86 -28.10 -55.87 -20.71
N LEU R 87 -29.10 -55.75 -19.84
CA LEU R 87 -28.81 -55.22 -18.52
C LEU R 87 -28.13 -56.28 -17.65
N ALA R 88 -28.51 -57.54 -17.87
CA ALA R 88 -27.97 -58.63 -17.09
C ALA R 88 -26.48 -58.81 -17.40
N LYS R 89 -26.10 -58.55 -18.66
CA LYS R 89 -24.73 -58.63 -19.14
C LYS R 89 -23.93 -57.45 -18.58
N ALA R 90 -24.57 -56.28 -18.53
CA ALA R 90 -23.90 -55.08 -18.05
C ALA R 90 -23.56 -55.22 -16.56
N LEU R 91 -24.42 -55.91 -15.81
CA LEU R 91 -24.11 -56.25 -14.43
C LEU R 91 -23.59 -57.71 -14.35
N ALA S 4 -38.18 25.09 -19.13
CA ALA S 4 -37.27 23.81 -19.18
C ALA S 4 -35.85 24.00 -18.58
N THR S 5 -35.24 25.14 -18.93
CA THR S 5 -34.11 25.70 -18.21
C THR S 5 -34.47 25.90 -16.74
N THR S 6 -35.66 26.47 -16.52
CA THR S 6 -36.18 26.73 -15.20
C THR S 6 -36.25 25.43 -14.41
N PHE S 7 -36.83 24.39 -15.01
CA PHE S 7 -36.92 23.11 -14.33
C PHE S 7 -35.54 22.56 -14.00
N TYR S 8 -34.60 22.67 -14.95
CA TYR S 8 -33.23 22.26 -14.66
C TYR S 8 -32.64 23.05 -13.47
N ASN S 9 -32.80 24.37 -13.50
CA ASN S 9 -32.24 25.27 -12.49
C ASN S 9 -32.78 24.99 -11.09
N VAL S 10 -34.07 24.61 -11.02
CA VAL S 10 -34.69 24.41 -9.74
C VAL S 10 -34.36 23.03 -9.20
N PHE S 11 -34.50 22.00 -10.03
CA PHE S 11 -34.52 20.69 -9.41
C PHE S 11 -33.26 19.89 -9.65
N VAL S 12 -32.43 20.35 -10.58
CA VAL S 12 -31.35 19.48 -10.99
C VAL S 12 -30.01 20.16 -10.74
N LYS S 13 -29.94 21.48 -10.93
CA LYS S 13 -28.64 22.11 -10.92
C LYS S 13 -27.92 21.88 -9.59
N ARG S 14 -28.59 22.18 -8.48
CA ARG S 14 -27.94 21.97 -7.19
C ARG S 14 -28.10 20.49 -6.85
N ASN S 15 -27.02 19.83 -6.47
CA ASN S 15 -27.12 18.42 -6.16
C ASN S 15 -27.98 18.21 -4.91
N SER S 16 -27.87 19.14 -3.95
CA SER S 16 -28.75 19.09 -2.81
C SER S 16 -30.21 18.99 -3.28
N ALA S 17 -30.56 19.79 -4.31
CA ALA S 17 -31.94 19.85 -4.76
C ALA S 17 -32.30 18.58 -5.53
N PHE S 18 -31.35 18.09 -6.31
CA PHE S 18 -31.56 16.92 -7.13
C PHE S 18 -31.74 15.73 -6.21
N VAL S 19 -30.93 15.61 -5.16
CA VAL S 19 -31.05 14.44 -4.31
C VAL S 19 -32.34 14.54 -3.53
N ALA S 20 -32.70 15.77 -3.10
CA ALA S 20 -33.95 15.97 -2.40
C ALA S 20 -35.13 15.58 -3.29
N THR S 21 -35.06 15.91 -4.58
CA THR S 21 -36.09 15.60 -5.56
C THR S 21 -36.17 14.10 -5.78
N ILE S 22 -35.02 13.42 -5.82
CA ILE S 22 -34.99 11.99 -6.06
C ILE S 22 -35.62 11.28 -4.86
N LEU S 23 -35.28 11.71 -3.65
CA LEU S 23 -35.82 11.07 -2.46
C LEU S 23 -37.30 11.38 -2.28
N ALA S 24 -37.74 12.61 -2.61
CA ALA S 24 -39.17 12.90 -2.55
C ALA S 24 -39.93 12.13 -3.64
N SER S 25 -39.32 11.95 -4.82
CA SER S 25 -39.92 11.13 -5.86
C SER S 25 -39.96 9.67 -5.44
N ALA S 26 -38.93 9.22 -4.73
CA ALA S 26 -38.88 7.83 -4.30
C ALA S 26 -39.98 7.61 -3.28
N PHE S 27 -40.30 8.63 -2.48
CA PHE S 27 -41.35 8.58 -1.48
C PHE S 27 -42.68 8.45 -2.18
N VAL S 28 -42.91 9.26 -3.21
CA VAL S 28 -44.16 9.28 -3.92
C VAL S 28 -44.32 7.98 -4.70
N PHE S 29 -43.23 7.57 -5.36
CA PHE S 29 -43.26 6.35 -6.13
C PHE S 29 -43.56 5.19 -5.19
N ASP S 30 -42.86 5.13 -4.07
CA ASP S 30 -43.01 4.03 -3.12
C ASP S 30 -44.46 3.90 -2.65
N MET S 31 -45.10 5.02 -2.37
CA MET S 31 -46.45 4.99 -1.84
C MET S 31 -47.46 4.63 -2.93
N THR S 32 -47.27 5.21 -4.12
CA THR S 32 -48.21 4.98 -5.20
C THR S 32 -48.02 3.60 -5.79
N PHE S 33 -46.77 3.14 -5.93
CA PHE S 33 -46.49 1.82 -6.48
C PHE S 33 -47.11 0.73 -5.62
N GLU S 34 -46.96 0.87 -4.31
CA GLU S 34 -47.55 -0.05 -3.34
C GLU S 34 -49.05 -0.15 -3.58
N THR S 35 -49.73 1.00 -3.61
CA THR S 35 -51.17 1.08 -3.78
C THR S 35 -51.59 0.51 -5.13
N ALA S 36 -50.80 0.79 -6.17
CA ALA S 36 -51.15 0.39 -7.52
C ALA S 36 -51.01 -1.12 -7.67
N ILE S 37 -49.97 -1.68 -7.07
CA ILE S 37 -49.77 -3.11 -7.20
C ILE S 37 -50.80 -3.82 -6.34
N ASP S 38 -51.07 -3.32 -5.13
CA ASP S 38 -52.14 -3.87 -4.32
C ASP S 38 -53.43 -4.01 -5.12
N ASN S 39 -53.86 -2.94 -5.83
CA ASN S 39 -55.12 -3.01 -6.57
C ASN S 39 -54.99 -3.98 -7.73
N PHE S 40 -53.84 -3.98 -8.36
CA PHE S 40 -53.65 -4.83 -9.52
C PHE S 40 -53.66 -6.30 -9.10
N TRP S 41 -53.03 -6.59 -7.97
CA TRP S 41 -52.89 -7.94 -7.46
C TRP S 41 -54.25 -8.51 -7.06
N ASP S 42 -55.10 -7.62 -6.53
CA ASP S 42 -56.45 -7.99 -6.14
C ASP S 42 -57.35 -8.25 -7.36
N ARG S 43 -57.08 -7.56 -8.48
CA ARG S 43 -57.89 -7.73 -9.69
C ARG S 43 -57.49 -9.02 -10.42
N ILE S 44 -56.20 -9.35 -10.44
CA ILE S 44 -55.82 -10.55 -11.16
C ILE S 44 -56.13 -11.81 -10.36
N ASN S 45 -56.25 -11.66 -9.05
CA ASN S 45 -56.54 -12.80 -8.21
C ASN S 45 -57.87 -12.48 -7.54
N ALA S 46 -58.88 -12.25 -8.38
CA ALA S 46 -60.18 -11.83 -7.88
C ALA S 46 -60.96 -13.06 -7.48
N GLY S 47 -61.58 -13.00 -6.30
CA GLY S 47 -62.36 -14.09 -5.75
C GLY S 47 -61.50 -15.19 -5.14
N LYS S 48 -60.17 -15.00 -5.14
CA LYS S 48 -59.27 -16.06 -4.72
C LYS S 48 -58.86 -15.83 -3.29
N GLN S 49 -58.70 -14.56 -2.93
CA GLN S 49 -57.89 -14.23 -1.75
C GLN S 49 -58.81 -14.19 -0.56
N TRP S 50 -58.22 -14.16 0.63
CA TRP S 50 -59.03 -14.27 1.83
C TRP S 50 -60.03 -13.12 1.89
N LYS S 51 -59.56 -11.90 1.58
CA LYS S 51 -60.42 -10.71 1.57
C LYS S 51 -61.67 -10.89 0.68
N ASP S 52 -61.61 -11.81 -0.29
CA ASP S 52 -62.73 -12.00 -1.19
C ASP S 52 -63.72 -13.02 -0.69
N ILE S 53 -63.34 -13.88 0.27
CA ILE S 53 -64.23 -14.91 0.79
C ILE S 53 -64.56 -14.63 2.24
N ARG S 54 -63.81 -13.70 2.84
CA ARG S 54 -63.97 -13.29 4.22
C ARG S 54 -65.42 -12.92 4.51
N HIS S 55 -66.14 -12.36 3.53
CA HIS S 55 -67.44 -11.78 3.80
C HIS S 55 -68.45 -12.85 4.20
N LYS S 56 -68.17 -14.11 3.84
CA LYS S 56 -69.03 -15.24 4.16
C LYS S 56 -69.02 -15.55 5.65
N TYR S 57 -68.05 -15.01 6.40
CA TYR S 57 -67.84 -15.40 7.80
C TYR S 57 -67.82 -14.22 8.81
N TYR T 8 -5.69 61.96 -4.85
CA TYR T 8 -4.67 60.82 -4.69
C TYR T 8 -5.08 59.84 -3.60
N VAL T 9 -4.62 58.57 -3.72
CA VAL T 9 -4.93 57.51 -2.77
C VAL T 9 -3.63 57.07 -2.10
N LYS T 10 -3.59 57.15 -0.76
CA LYS T 10 -2.34 56.98 -0.02
C LYS T 10 -2.16 55.52 0.36
N LYS T 11 -3.27 54.85 0.62
CA LYS T 11 -3.28 53.48 1.11
C LYS T 11 -4.51 52.77 0.56
N PRO T 12 -4.47 51.45 0.25
CA PRO T 12 -5.65 50.76 -0.28
C PRO T 12 -6.67 50.69 0.85
N SER T 13 -7.96 50.62 0.52
CA SER T 13 -8.97 50.76 1.56
C SER T 13 -9.69 49.44 1.74
N TYR T 14 -9.38 48.76 2.85
CA TYR T 14 -9.93 47.44 3.10
C TYR T 14 -9.91 47.12 4.59
N LYS T 15 -10.72 46.13 4.92
CA LYS T 15 -10.68 45.48 6.21
C LYS T 15 -10.62 43.99 5.98
N ILE T 16 -10.25 43.30 7.05
CA ILE T 16 -10.26 41.85 7.11
C ILE T 16 -11.58 41.44 7.74
N VAL T 17 -12.34 40.62 7.03
CA VAL T 17 -13.57 40.12 7.58
C VAL T 17 -13.23 39.04 8.60
N PRO T 18 -14.00 38.92 9.70
CA PRO T 18 -13.76 37.83 10.63
C PRO T 18 -13.90 36.48 9.92
N HIS T 19 -12.98 35.58 10.28
CA HIS T 19 -12.92 34.29 9.66
C HIS T 19 -12.50 33.29 10.71
N PHE T 20 -12.77 32.03 10.42
CA PHE T 20 -12.50 30.96 11.37
C PHE T 20 -12.38 29.69 10.57
N LEU T 21 -11.23 29.00 10.71
CA LEU T 21 -10.94 27.77 9.98
C LEU T 21 -11.13 27.97 8.48
N GLY T 22 -10.87 29.19 7.99
CA GLY T 22 -10.97 29.52 6.58
C GLY T 22 -12.41 29.65 6.07
N PHE T 23 -13.34 29.85 7.00
CA PHE T 23 -14.69 30.18 6.62
C PHE T 23 -14.93 31.61 7.03
N ASN T 24 -15.61 32.34 6.17
CA ASN T 24 -15.94 33.67 6.58
C ASN T 24 -17.44 33.74 6.42
N ILE T 25 -18.04 34.77 6.99
CA ILE T 25 -19.47 34.89 6.93
C ILE T 25 -19.96 35.10 5.49
N PRO T 26 -19.34 35.95 4.64
CA PRO T 26 -19.77 36.06 3.26
C PRO T 26 -19.90 34.72 2.54
N THR T 27 -18.92 33.82 2.71
CA THR T 27 -18.93 32.54 2.03
C THR T 27 -20.01 31.62 2.60
N VAL T 28 -20.05 31.45 3.91
CA VAL T 28 -21.00 30.57 4.57
C VAL T 28 -22.42 30.99 4.24
N SER T 29 -22.66 32.30 4.21
CA SER T 29 -24.01 32.76 3.96
C SER T 29 -24.49 32.33 2.57
N LYS T 30 -23.56 32.15 1.64
CA LYS T 30 -23.94 31.69 0.31
C LYS T 30 -24.32 30.21 0.34
N TRP T 31 -23.86 29.47 1.33
CA TRP T 31 -24.16 28.05 1.43
C TRP T 31 -25.34 27.75 2.33
N ILE T 32 -25.87 28.77 3.02
CA ILE T 32 -26.98 28.58 3.95
C ILE T 32 -28.15 27.92 3.23
N PRO T 33 -28.60 28.43 2.07
CA PRO T 33 -29.62 27.75 1.27
C PRO T 33 -29.33 26.29 0.96
N ILE T 34 -28.08 25.98 0.65
CA ILE T 34 -27.74 24.61 0.29
C ILE T 34 -27.86 23.69 1.51
N PHE T 35 -27.50 24.18 2.70
CA PHE T 35 -27.70 23.34 3.87
C PHE T 35 -29.18 23.13 4.07
N GLY T 36 -29.98 24.16 3.78
CA GLY T 36 -31.42 24.05 3.83
C GLY T 36 -31.92 22.88 2.99
N ILE T 37 -31.48 22.83 1.73
CA ILE T 37 -31.94 21.79 0.83
C ILE T 37 -31.41 20.44 1.29
N TRP T 38 -30.15 20.37 1.73
CA TRP T 38 -29.64 19.10 2.20
C TRP T 38 -30.36 18.67 3.47
N GLY T 39 -30.86 19.63 4.24
CA GLY T 39 -31.58 19.30 5.46
C GLY T 39 -32.96 18.73 5.12
N ALA T 40 -33.59 19.33 4.10
CA ALA T 40 -34.79 18.79 3.51
C ALA T 40 -34.51 17.39 2.95
N ALA T 41 -33.43 17.21 2.21
CA ALA T 41 -33.11 15.88 1.67
C ALA T 41 -32.93 14.88 2.80
N ALA T 42 -32.28 15.30 3.90
CA ALA T 42 -32.08 14.42 5.04
C ALA T 42 -33.42 14.15 5.74
N GLY T 43 -34.26 15.18 5.84
CA GLY T 43 -35.59 15.07 6.42
C GLY T 43 -36.48 14.12 5.61
N ILE T 44 -36.61 14.41 4.31
CA ILE T 44 -37.38 13.60 3.38
C ILE T 44 -36.86 12.17 3.48
N GLY T 45 -35.53 12.03 3.41
CA GLY T 45 -34.91 10.72 3.27
C GLY T 45 -35.07 9.92 4.54
N ALA T 46 -34.90 10.59 5.68
CA ALA T 46 -34.99 9.94 6.96
C ALA T 46 -36.43 9.48 7.17
N LEU T 47 -37.38 10.36 6.86
CA LEU T 47 -38.78 10.09 7.08
C LEU T 47 -39.22 8.95 6.16
N PHE T 48 -38.67 8.93 4.95
CA PHE T 48 -38.91 7.87 3.99
C PHE T 48 -38.39 6.53 4.51
N LEU T 49 -37.24 6.54 5.18
CA LEU T 49 -36.65 5.33 5.73
C LEU T 49 -37.52 4.74 6.83
N ILE T 50 -38.18 5.61 7.60
CA ILE T 50 -38.89 5.10 8.75
C ILE T 50 -40.39 5.16 8.51
N GLU T 51 -40.79 5.27 7.24
CA GLU T 51 -42.19 5.34 6.89
C GLU T 51 -42.86 4.05 7.34
N GLY T 52 -42.09 2.96 7.41
CA GLY T 52 -42.65 1.67 7.77
C GLY T 52 -42.89 1.55 9.27
N VAL T 53 -42.07 2.25 10.07
CA VAL T 53 -42.22 2.21 11.51
C VAL T 53 -43.63 2.65 11.89
N PRO T 54 -44.37 1.81 12.64
CA PRO T 54 -45.76 2.12 12.99
C PRO T 54 -45.98 3.45 13.72
N ARG T 55 -45.00 3.84 14.54
CA ARG T 55 -45.06 5.12 15.24
C ARG T 55 -45.05 6.29 14.25
N THR T 56 -44.21 6.19 13.21
CA THR T 56 -44.10 7.21 12.20
C THR T 56 -45.43 7.38 11.49
N ARG T 57 -46.12 6.27 11.21
CA ARG T 57 -47.41 6.36 10.55
C ARG T 57 -48.43 6.99 11.48
N GLN T 58 -48.42 6.52 12.73
CA GLN T 58 -49.38 6.91 13.74
C GLN T 58 -49.25 8.40 14.04
N ASP T 59 -48.00 8.87 14.25
CA ASP T 59 -47.77 10.20 14.80
C ASP T 59 -47.46 11.24 13.73
N ILE T 60 -46.94 10.81 12.58
CA ILE T 60 -46.55 11.79 11.56
C ILE T 60 -47.48 11.67 10.35
N LEU T 61 -47.40 10.52 9.69
CA LEU T 61 -47.80 10.41 8.31
C LEU T 61 -49.31 10.40 8.17
N SER T 62 -50.03 9.86 9.17
CA SER T 62 -51.48 9.79 9.07
C SER T 62 -52.14 11.15 9.31
N LYS T 63 -51.35 12.10 9.85
CA LYS T 63 -51.84 13.42 10.21
C LYS T 63 -51.82 14.39 9.02
N ILE T 64 -51.04 14.05 7.97
CA ILE T 64 -50.93 14.86 6.78
C ILE T 64 -52.30 14.95 6.09
N PRO T 65 -52.77 16.17 5.74
CA PRO T 65 -54.07 16.34 5.08
C PRO T 65 -54.12 15.72 3.68
N ILE T 66 -55.26 15.07 3.38
CA ILE T 66 -55.59 14.42 2.11
C ILE T 66 -54.81 13.11 1.99
N ILE T 67 -53.48 13.22 1.95
CA ILE T 67 -52.54 12.14 1.69
C ILE T 67 -52.53 11.16 2.87
N GLY T 68 -52.85 11.68 4.06
CA GLY T 68 -52.64 10.97 5.32
C GLY T 68 -53.50 9.73 5.45
N GLU T 69 -54.49 9.58 4.56
CA GLU T 69 -55.40 8.45 4.66
C GLU T 69 -54.74 7.20 4.11
N HIS T 70 -53.61 7.40 3.42
CA HIS T 70 -52.81 6.31 2.91
C HIS T 70 -52.31 5.43 4.05
N TRP T 71 -52.13 6.04 5.23
CA TRP T 71 -51.49 5.34 6.34
C TRP T 71 -52.49 5.00 7.44
N ILE T 72 -53.77 5.26 7.19
CA ILE T 72 -54.81 4.83 8.11
C ILE T 72 -55.36 3.53 7.53
N ARG T 73 -54.79 2.43 8.00
CA ARG T 73 -55.25 1.11 7.64
C ARG T 73 -55.43 0.32 8.93
N GLU T 74 -56.66 -0.21 9.08
CA GLU T 74 -56.99 -1.14 10.15
C GLU T 74 -57.15 -2.54 9.55
N ILE T 75 -56.48 -3.52 10.18
CA ILE T 75 -56.73 -4.93 9.90
C ILE T 75 -58.06 -5.26 10.56
N PRO T 76 -59.03 -5.84 9.82
CA PRO T 76 -60.31 -6.26 10.42
C PRO T 76 -60.02 -7.29 11.51
N ALA T 77 -60.72 -7.19 12.63
CA ALA T 77 -60.45 -8.02 13.78
C ALA T 77 -60.76 -9.49 13.50
N SER T 78 -61.46 -9.75 12.38
CA SER T 78 -61.76 -11.10 11.92
C SER T 78 -60.52 -11.79 11.34
N ASP T 79 -59.49 -11.01 10.97
CA ASP T 79 -58.34 -11.55 10.27
C ASP T 79 -57.08 -11.32 11.10
N ASN T 80 -57.27 -10.94 12.36
CA ASN T 80 -56.13 -10.54 13.17
C ASN T 80 -56.02 -11.50 14.35
N PRO T 81 -54.99 -12.39 14.39
CA PRO T 81 -54.89 -13.34 15.48
C PRO T 81 -54.48 -12.66 16.78
N PHE T 82 -53.75 -11.54 16.65
CA PHE T 82 -53.21 -10.82 17.79
C PHE T 82 -54.15 -9.65 18.12
#